data_7SRV
#
_entry.id   7SRV
#
_cell.length_a   111.542
_cell.length_b   172.670
_cell.length_c   179.395
_cell.angle_alpha   90.000
_cell.angle_beta   90.000
_cell.angle_gamma   90.000
#
_symmetry.space_group_name_H-M   'P 2 21 21'
#
loop_
_entity.id
_entity.type
_entity.pdbx_description
1 polymer 'M17 leucyl aminopeptidase'
2 non-polymer 'ZINC ION'
3 non-polymer 'CARBONATE ION'
4 non-polymer 'ACETATE ION'
5 non-polymer 'CALCIUM ION'
6 non-polymer 1,2-ETHANEDIOL
7 non-polymer 'PHOSPHATE ION'
8 non-polymer GLYCEROL
9 water water
#
_entity_poly.entity_id   1
_entity_poly.type   'polypeptide(L)'
_entity_poly.pdbx_seq_one_letter_code
;ASEVPQVVSLDPTSIPIEYNTPIHDIKVQVYDIKGGCNVEEGLTIFLVNNPGKENGPVKISSKVNDKQVSEFLKDENMEK
FNVKLGTSKHFYMFNDNKNSVAVGYVGCGSVADLSEADMKRVVLSLVTMLHDNKLSKLTVVFEINVDKNLFRFFLETLFY
EYMTDERFKSTDKNVNMEYIKHLGVYINNADTYKEEVEKARVYYFGTYYASQLIAAPSNYCNPVSLSNAAVELAQKLNLE
YKILGVKELEELKMGAYLSVGKGSMYPNKFIHLTYKSKGDVKKKIALVGKGITFDSGGYNLKAAPGSMIDLMKFDMSGCA
AVLGCAYCVGTLKPENVEIHFLSAVCENMVSKNSYRPGDIITASNGKTIEVGNTDAEGRLTLADALVYAEKLGVDYIVDI
ATLTGAMLYSLGTSYAGVFGNNEELINKILQSSKTSNEPVWWLPIINEYRATLNSKYADINQISSSVKASSIVASLFLKE
FVQNTAWAHIDIAGVSWNFKARKPKGFGVRLLTEFVLNDALHHHHHH
;
_entity_poly.pdbx_strand_id   A,B,C,D,E,F
#
loop_
_chem_comp.id
_chem_comp.type
_chem_comp.name
_chem_comp.formula
ACT non-polymer 'ACETATE ION' 'C2 H3 O2 -1'
CA non-polymer 'CALCIUM ION' 'Ca 2'
CO3 non-polymer 'CARBONATE ION' 'C O3 -2'
EDO non-polymer 1,2-ETHANEDIOL 'C2 H6 O2'
GOL non-polymer GLYCEROL 'C3 H8 O3'
PO4 non-polymer 'PHOSPHATE ION' 'O4 P -3'
ZN non-polymer 'ZINC ION' 'Zn 2'
#
# COMPACT_ATOMS: atom_id res chain seq x y z
N SER A 2 -44.34 4.38 6.23
CA SER A 2 -43.93 3.15 5.56
C SER A 2 -43.26 2.18 6.53
N GLU A 3 -43.48 0.89 6.31
CA GLU A 3 -42.90 -0.13 7.18
C GLU A 3 -41.42 -0.32 6.87
N VAL A 4 -40.63 -0.43 7.92
CA VAL A 4 -39.16 -0.58 7.80
C VAL A 4 -38.85 -2.03 7.74
N PRO A 5 -38.22 -2.54 6.67
CA PRO A 5 -37.88 -3.95 6.59
C PRO A 5 -36.77 -4.33 7.55
N GLN A 6 -36.83 -5.57 8.03
CA GLN A 6 -35.87 -6.08 9.00
C GLN A 6 -35.26 -7.38 8.48
N VAL A 7 -34.08 -7.71 9.02
CA VAL A 7 -33.49 -9.02 8.80
C VAL A 7 -33.87 -9.91 9.97
N VAL A 8 -33.55 -9.45 11.18
CA VAL A 8 -33.97 -10.11 12.41
C VAL A 8 -35.01 -9.24 13.09
N SER A 9 -35.75 -9.85 14.01
CA SER A 9 -36.80 -9.11 14.73
C SER A 9 -36.24 -8.06 15.66
N LEU A 10 -34.94 -8.13 16.00
CA LEU A 10 -34.32 -7.13 16.85
C LEU A 10 -33.90 -5.87 16.10
N ASP A 11 -33.99 -5.88 14.78
CA ASP A 11 -33.61 -4.70 14.01
C ASP A 11 -34.55 -3.54 14.32
N PRO A 12 -34.02 -2.38 14.70
CA PRO A 12 -34.90 -1.24 14.99
C PRO A 12 -35.63 -0.77 13.74
N THR A 13 -36.80 -0.16 13.97
CA THR A 13 -37.67 0.26 12.88
C THR A 13 -37.90 1.77 12.85
N SER A 14 -37.24 2.54 13.71
CA SER A 14 -37.39 3.98 13.69
C SER A 14 -36.14 4.63 14.28
N ILE A 15 -35.93 5.89 13.91
CA ILE A 15 -34.84 6.68 14.44
C ILE A 15 -35.34 7.39 15.69
N PRO A 16 -34.77 7.12 16.87
CA PRO A 16 -35.15 7.90 18.06
C PRO A 16 -34.70 9.34 17.91
N ILE A 17 -35.62 10.27 18.13
CA ILE A 17 -35.36 11.70 18.01
C ILE A 17 -35.91 12.40 19.24
N GLU A 18 -35.07 13.18 19.91
CA GLU A 18 -35.48 14.00 21.04
C GLU A 18 -35.84 15.39 20.54
N TYR A 19 -37.12 15.77 20.69
CA TYR A 19 -37.56 17.10 20.29
C TYR A 19 -37.56 18.08 21.45
N ASN A 20 -37.97 17.65 22.63
CA ASN A 20 -38.01 18.49 23.83
C ASN A 20 -36.76 18.20 24.64
N THR A 21 -35.73 19.01 24.45
CA THR A 21 -34.43 18.85 25.08
C THR A 21 -34.33 19.67 26.36
N PRO A 22 -33.39 19.34 27.25
CA PRO A 22 -33.19 20.17 28.45
C PRO A 22 -32.88 21.62 28.14
N ILE A 23 -32.27 21.89 26.98
CA ILE A 23 -32.03 23.28 26.57
C ILE A 23 -33.34 24.03 26.44
N HIS A 24 -34.40 23.35 26.00
CA HIS A 24 -35.70 24.01 25.85
C HIS A 24 -36.31 24.44 27.18
N ASP A 25 -35.86 23.88 28.29
CA ASP A 25 -36.38 24.23 29.61
C ASP A 25 -35.60 25.37 30.26
N ILE A 26 -34.58 25.91 29.59
CA ILE A 26 -33.78 26.98 30.15
C ILE A 26 -34.49 28.31 29.95
N LYS A 27 -34.77 29.00 31.05
CA LYS A 27 -35.31 30.36 30.98
C LYS A 27 -34.16 31.35 30.81
N VAL A 28 -34.26 32.18 29.78
CA VAL A 28 -33.20 33.11 29.42
C VAL A 28 -33.65 34.52 29.78
N GLN A 29 -32.79 35.25 30.48
CA GLN A 29 -33.05 36.65 30.83
C GLN A 29 -31.85 37.49 30.42
N VAL A 30 -32.11 38.56 29.67
CA VAL A 30 -31.08 39.49 29.21
C VAL A 30 -31.25 40.79 29.98
N TYR A 31 -30.19 41.22 30.65
CA TYR A 31 -30.19 42.48 31.38
C TYR A 31 -29.14 43.42 30.79
N ASP A 32 -29.40 44.72 30.91
CA ASP A 32 -28.45 45.74 30.49
C ASP A 32 -27.41 45.97 31.57
N ILE A 33 -26.14 46.08 31.15
CA ILE A 33 -25.07 46.28 32.13
C ILE A 33 -25.18 47.64 32.81
N LYS A 34 -25.89 48.59 32.21
CA LYS A 34 -25.96 49.93 32.78
C LYS A 34 -26.61 49.92 34.16
N GLY A 35 -27.50 48.96 34.42
CA GLY A 35 -28.13 48.84 35.71
C GLY A 35 -27.34 48.08 36.75
N GLY A 36 -26.13 47.64 36.42
CA GLY A 36 -25.34 46.85 37.34
C GLY A 36 -25.72 45.38 37.33
N CYS A 37 -24.77 44.55 37.76
CA CYS A 37 -24.95 43.11 37.76
C CYS A 37 -25.26 42.63 39.16
N ASN A 38 -26.33 41.86 39.30
CA ASN A 38 -26.63 41.17 40.55
C ASN A 38 -25.97 39.80 40.53
N VAL A 39 -25.44 39.39 41.69
CA VAL A 39 -24.73 38.12 41.83
C VAL A 39 -25.37 37.34 42.96
N GLU A 40 -25.84 36.13 42.65
CA GLU A 40 -26.58 35.32 43.62
C GLU A 40 -26.32 33.85 43.36
N GLU A 41 -27.39 33.06 43.22
CA GLU A 41 -27.22 31.62 43.11
C GLU A 41 -26.65 31.23 41.74
N GLY A 42 -26.08 30.04 41.69
CA GLY A 42 -25.49 29.54 40.47
C GLY A 42 -24.05 30.00 40.28
N LEU A 43 -23.66 30.11 39.01
CA LEU A 43 -22.31 30.55 38.63
C LEU A 43 -22.42 31.80 37.76
N THR A 44 -21.65 32.82 38.09
CA THR A 44 -21.60 34.06 37.32
C THR A 44 -20.22 34.19 36.68
N ILE A 45 -20.19 34.30 35.36
CA ILE A 45 -18.96 34.31 34.58
C ILE A 45 -18.84 35.62 33.82
N PHE A 46 -17.69 36.26 33.91
CA PHE A 46 -17.38 37.48 33.17
C PHE A 46 -16.56 37.15 31.94
N LEU A 47 -17.00 37.63 30.77
CA LEU A 47 -16.22 37.50 29.55
C LEU A 47 -15.38 38.77 29.38
N VAL A 48 -14.08 38.66 29.65
CA VAL A 48 -13.20 39.83 29.69
C VAL A 48 -12.06 39.63 28.70
N ASN A 49 -11.61 40.75 28.12
CA ASN A 49 -10.45 40.79 27.24
C ASN A 49 -9.55 41.95 27.65
N ASN A 50 -8.42 42.08 26.94
CA ASN A 50 -7.50 43.20 27.14
C ASN A 50 -6.87 43.52 25.79
N PRO A 51 -7.50 44.41 25.02
CA PRO A 51 -7.02 44.67 23.65
C PRO A 51 -5.59 45.16 23.57
N GLY A 52 -5.06 45.75 24.64
CA GLY A 52 -3.68 46.20 24.64
C GLY A 52 -2.69 45.06 24.70
N LYS A 53 -2.38 44.60 25.90
CA LYS A 53 -1.34 43.61 26.10
C LYS A 53 -1.84 42.21 25.77
N GLU A 54 -1.05 41.46 25.01
CA GLU A 54 -1.26 40.04 24.89
C GLU A 54 -1.07 39.39 26.25
N ASN A 55 -2.05 38.57 26.66
CA ASN A 55 -2.06 37.95 27.98
C ASN A 55 -2.06 39.00 29.09
N GLY A 56 -2.72 40.13 28.86
CA GLY A 56 -2.80 41.19 29.83
C GLY A 56 -3.63 40.81 31.04
N PRO A 57 -3.62 41.65 32.06
CA PRO A 57 -4.34 41.32 33.30
C PRO A 57 -5.85 41.43 33.15
N VAL A 58 -6.54 40.79 34.08
CA VAL A 58 -8.00 40.81 34.13
C VAL A 58 -8.47 42.05 34.88
N LYS A 59 -9.39 42.80 34.28
CA LYS A 59 -9.98 43.98 34.92
C LYS A 59 -11.48 43.96 34.70
N ILE A 60 -12.24 43.90 35.79
CA ILE A 60 -13.69 43.89 35.69
C ILE A 60 -14.18 45.32 35.57
N SER A 61 -14.87 45.63 34.48
CA SER A 61 -15.36 46.97 34.21
C SER A 61 -16.80 47.19 34.65
N SER A 62 -17.60 46.14 34.68
CA SER A 62 -19.03 46.27 34.95
C SER A 62 -19.28 46.58 36.42
N LYS A 63 -20.35 47.31 36.68
CA LYS A 63 -20.77 47.58 38.05
C LYS A 63 -21.50 46.37 38.61
N VAL A 64 -21.15 45.98 39.83
CA VAL A 64 -21.78 44.86 40.52
C VAL A 64 -22.53 45.42 41.71
N ASN A 65 -23.79 45.01 41.86
CA ASN A 65 -24.65 45.53 42.92
C ASN A 65 -24.47 44.75 44.23
N ASP A 66 -23.21 44.58 44.63
CA ASP A 66 -22.89 43.89 45.87
C ASP A 66 -21.52 44.37 46.33
N LYS A 67 -21.44 44.87 47.57
CA LYS A 67 -20.19 45.43 48.06
C LYS A 67 -19.12 44.35 48.21
N GLN A 68 -19.50 43.19 48.75
CA GLN A 68 -18.54 42.11 48.95
C GLN A 68 -18.01 41.58 47.63
N VAL A 69 -18.90 41.37 46.65
CA VAL A 69 -18.46 40.88 45.35
C VAL A 69 -17.63 41.93 44.63
N SER A 70 -17.96 43.22 44.82
CA SER A 70 -17.14 44.28 44.24
C SER A 70 -15.75 44.31 44.85
N GLU A 71 -15.64 44.01 46.14
CA GLU A 71 -14.32 44.03 46.79
C GLU A 71 -13.46 42.86 46.34
N PHE A 72 -14.07 41.71 46.08
CA PHE A 72 -13.32 40.57 45.55
C PHE A 72 -12.82 40.85 44.14
N LEU A 73 -13.66 41.48 43.32
CA LEU A 73 -13.34 41.73 41.91
C LEU A 73 -12.56 43.03 41.69
N LYS A 74 -12.03 43.63 42.75
CA LYS A 74 -11.24 44.84 42.58
C LYS A 74 -9.95 44.55 41.81
N ASP A 75 -9.43 45.58 41.14
CA ASP A 75 -8.29 45.42 40.24
C ASP A 75 -7.09 44.79 40.96
N GLU A 76 -6.85 45.16 42.21
CA GLU A 76 -5.70 44.61 42.93
C GLU A 76 -5.77 43.09 43.01
N ASN A 77 -6.97 42.53 43.15
CA ASN A 77 -7.11 41.08 43.22
C ASN A 77 -7.12 40.42 41.84
N MET A 78 -7.65 41.10 40.83
CA MET A 78 -7.81 40.50 39.51
C MET A 78 -6.59 40.63 38.62
N GLU A 79 -5.66 41.52 38.94
CA GLU A 79 -4.49 41.70 38.09
C GLU A 79 -3.54 40.51 38.14
N LYS A 80 -3.69 39.62 39.13
CA LYS A 80 -2.91 38.40 39.19
C LYS A 80 -3.32 37.38 38.14
N PHE A 81 -4.43 37.61 37.44
CA PHE A 81 -4.93 36.71 36.42
C PHE A 81 -4.87 37.38 35.05
N ASN A 82 -4.70 36.58 34.01
CA ASN A 82 -4.58 37.09 32.65
C ASN A 82 -5.76 36.63 31.80
N VAL A 83 -5.87 37.23 30.62
CA VAL A 83 -7.04 37.09 29.75
C VAL A 83 -6.75 36.18 28.56
N LYS A 84 -5.74 35.32 28.65
CA LYS A 84 -5.41 34.41 27.56
C LYS A 84 -6.66 33.66 27.09
N LEU A 85 -6.88 33.66 25.78
CA LEU A 85 -8.08 33.08 25.20
C LEU A 85 -8.29 31.65 25.66
N GLY A 86 -9.43 31.39 26.30
CA GLY A 86 -9.78 30.08 26.78
C GLY A 86 -9.50 29.84 28.25
N THR A 87 -8.63 30.64 28.86
CA THR A 87 -8.34 30.48 30.28
C THR A 87 -9.56 30.86 31.12
N SER A 88 -9.67 30.25 32.29
CA SER A 88 -10.81 30.47 33.17
C SER A 88 -10.39 30.24 34.62
N LYS A 89 -11.11 30.89 35.53
CA LYS A 89 -10.91 30.74 36.97
C LYS A 89 -12.25 30.76 37.68
N HIS A 90 -12.31 30.07 38.83
CA HIS A 90 -13.48 30.05 39.69
C HIS A 90 -13.19 30.81 40.98
N PHE A 91 -14.16 31.60 41.44
CA PHE A 91 -14.03 32.33 42.69
C PHE A 91 -15.17 31.96 43.64
N TYR A 92 -14.85 31.86 44.93
CA TYR A 92 -15.82 31.62 45.99
C TYR A 92 -15.83 32.79 46.98
N MET A 93 -17.02 33.24 47.37
CA MET A 93 -17.12 34.35 48.33
C MET A 93 -18.53 34.39 48.90
N PHE A 94 -18.69 35.22 49.93
CA PHE A 94 -20.00 35.52 50.52
C PHE A 94 -20.43 36.92 50.10
N ASN A 95 -21.72 37.07 49.78
CA ASN A 95 -22.26 38.35 49.33
C ASN A 95 -22.75 39.19 50.50
N ASP A 96 -23.46 40.28 50.20
CA ASP A 96 -23.93 41.19 51.24
C ASP A 96 -24.93 40.54 52.18
N ASN A 97 -25.64 39.51 51.72
CA ASN A 97 -26.58 38.79 52.56
C ASN A 97 -25.97 37.52 53.16
N LYS A 98 -24.64 37.49 53.30
CA LYS A 98 -23.92 36.39 53.95
C LYS A 98 -24.21 35.05 53.27
N ASN A 99 -24.51 35.06 51.97
CA ASN A 99 -24.71 33.85 51.21
C ASN A 99 -23.53 33.60 50.29
N SER A 100 -23.17 32.33 50.15
CA SER A 100 -22.04 31.93 49.31
C SER A 100 -22.44 32.03 47.84
N VAL A 101 -21.60 32.68 47.04
CA VAL A 101 -21.82 32.79 45.60
C VAL A 101 -20.57 32.33 44.87
N ALA A 102 -20.77 31.91 43.63
CA ALA A 102 -19.68 31.44 42.78
C ALA A 102 -19.55 32.38 41.59
N VAL A 103 -18.34 32.91 41.40
CA VAL A 103 -18.04 33.88 40.36
C VAL A 103 -16.78 33.44 39.63
N GLY A 104 -16.65 33.85 38.38
CA GLY A 104 -15.45 33.53 37.63
C GLY A 104 -15.40 34.32 36.34
N TYR A 105 -14.43 33.95 35.50
CA TYR A 105 -14.25 34.64 34.23
C TYR A 105 -13.73 33.65 33.20
N VAL A 106 -13.89 34.02 31.93
CA VAL A 106 -13.27 33.31 30.82
C VAL A 106 -12.48 34.33 30.00
N GLY A 107 -11.21 34.04 29.77
CA GLY A 107 -10.37 34.96 29.02
C GLY A 107 -10.75 34.96 27.56
N CYS A 108 -10.89 36.16 26.98
CA CYS A 108 -11.24 36.32 25.57
C CYS A 108 -10.09 36.90 24.75
N GLY A 109 -8.88 36.85 25.28
CA GLY A 109 -7.72 37.26 24.51
C GLY A 109 -7.51 38.77 24.44
N SER A 110 -6.77 39.17 23.42
CA SER A 110 -6.40 40.57 23.23
C SER A 110 -6.88 41.14 21.90
N VAL A 111 -7.53 40.35 21.05
CA VAL A 111 -8.13 40.86 19.82
C VAL A 111 -9.55 41.31 20.11
N ALA A 112 -9.89 42.52 19.66
CA ALA A 112 -11.19 43.08 20.00
C ALA A 112 -12.34 42.34 19.33
N ASP A 113 -12.18 41.96 18.07
CA ASP A 113 -13.22 41.29 17.30
C ASP A 113 -12.93 39.80 17.25
N LEU A 114 -13.67 39.02 18.04
CA LEU A 114 -13.48 37.57 18.06
C LEU A 114 -14.07 36.94 16.81
N SER A 115 -13.37 35.96 16.27
CA SER A 115 -13.89 35.18 15.15
C SER A 115 -14.82 34.09 15.66
N GLU A 116 -15.48 33.41 14.72
CA GLU A 116 -16.35 32.29 15.11
C GLU A 116 -15.55 31.21 15.82
N ALA A 117 -14.32 30.95 15.37
CA ALA A 117 -13.48 29.95 16.03
C ALA A 117 -13.09 30.40 17.43
N ASP A 118 -12.81 31.70 17.61
CA ASP A 118 -12.50 32.20 18.94
C ASP A 118 -13.70 32.10 19.86
N MET A 119 -14.88 32.47 19.38
CA MET A 119 -16.10 32.36 20.19
C MET A 119 -16.34 30.93 20.62
N LYS A 120 -16.09 29.96 19.74
CA LYS A 120 -16.22 28.55 20.10
C LYS A 120 -15.31 28.20 21.27
N ARG A 121 -14.07 28.68 21.24
CA ARG A 121 -13.14 28.38 22.34
C ARG A 121 -13.63 28.97 23.64
N VAL A 122 -14.22 30.17 23.60
CA VAL A 122 -14.79 30.76 24.81
C VAL A 122 -15.97 29.93 25.30
N VAL A 123 -16.85 29.51 24.39
CA VAL A 123 -18.01 28.71 24.76
C VAL A 123 -17.57 27.38 25.36
N LEU A 124 -16.55 26.75 24.76
CA LEU A 124 -16.08 25.46 25.27
C LEU A 124 -15.55 25.58 26.68
N SER A 125 -14.88 26.70 26.98
CA SER A 125 -14.44 26.95 28.36
C SER A 125 -15.63 27.09 29.29
N LEU A 126 -16.70 27.75 28.83
CA LEU A 126 -17.90 27.89 29.64
C LEU A 126 -18.53 26.53 29.92
N VAL A 127 -18.65 25.68 28.89
CA VAL A 127 -19.26 24.38 29.07
C VAL A 127 -18.45 23.52 30.03
N THR A 128 -17.13 23.67 30.03
CA THR A 128 -16.30 22.96 31.00
C THR A 128 -16.68 23.36 32.43
N MET A 129 -16.94 24.64 32.65
CA MET A 129 -17.40 25.09 33.95
C MET A 129 -18.80 24.56 34.27
N LEU A 130 -19.65 24.41 33.25
CA LEU A 130 -21.00 23.90 33.47
C LEU A 130 -20.99 22.41 33.81
N HIS A 131 -20.13 21.64 33.15
CA HIS A 131 -20.03 20.21 33.42
C HIS A 131 -19.35 19.94 34.76
N ASP A 132 -19.71 18.80 35.35
CA ASP A 132 -19.20 18.37 36.65
C ASP A 132 -19.46 19.41 37.74
N ASN A 133 -20.51 20.20 37.57
CA ASN A 133 -20.95 21.18 38.55
C ASN A 133 -22.47 21.23 38.48
N LYS A 134 -23.12 21.03 39.63
CA LYS A 134 -24.59 20.92 39.69
C LYS A 134 -25.22 22.29 39.95
N LEU A 135 -25.09 23.15 38.94
CA LEU A 135 -25.61 24.51 39.01
C LEU A 135 -27.06 24.57 38.51
N SER A 136 -27.85 25.44 39.14
CA SER A 136 -29.21 25.70 38.70
C SER A 136 -29.31 26.89 37.77
N LYS A 137 -28.33 27.78 37.79
CA LYS A 137 -28.35 29.00 36.99
C LYS A 137 -26.94 29.35 36.55
N LEU A 138 -26.81 29.82 35.33
CA LEU A 138 -25.57 30.40 34.83
C LEU A 138 -25.84 31.85 34.43
N THR A 139 -24.94 32.74 34.83
CA THR A 139 -25.01 34.15 34.44
C THR A 139 -23.72 34.53 33.72
N VAL A 140 -23.87 35.10 32.53
CA VAL A 140 -22.73 35.48 31.69
C VAL A 140 -22.75 36.99 31.52
N VAL A 141 -21.64 37.64 31.87
CA VAL A 141 -21.51 39.09 31.79
C VAL A 141 -20.59 39.41 30.61
N PHE A 142 -21.12 40.13 29.62
CA PHE A 142 -20.39 40.43 28.40
C PHE A 142 -19.61 41.72 28.59
N GLU A 143 -18.32 41.60 28.92
CA GLU A 143 -17.41 42.74 28.92
C GLU A 143 -16.56 42.77 27.66
N ILE A 144 -17.07 42.20 26.57
CA ILE A 144 -16.46 42.26 25.25
C ILE A 144 -17.50 42.79 24.28
N ASN A 145 -17.04 43.16 23.09
CA ASN A 145 -17.91 43.71 22.06
CA ASN A 145 -17.91 43.72 22.05
C ASN A 145 -18.24 42.63 21.04
N VAL A 146 -19.54 42.37 20.86
CA VAL A 146 -20.03 41.40 19.88
C VAL A 146 -21.25 42.01 19.21
N ASP A 147 -21.39 41.78 17.91
CA ASP A 147 -22.57 42.27 17.22
C ASP A 147 -23.73 41.32 17.47
N LYS A 148 -24.88 41.62 16.87
CA LYS A 148 -26.09 40.84 17.12
C LYS A 148 -25.93 39.41 16.61
N ASN A 149 -25.28 39.23 15.47
CA ASN A 149 -25.11 37.89 14.91
C ASN A 149 -24.15 37.05 15.76
N LEU A 150 -23.07 37.65 16.24
CA LEU A 150 -22.12 36.90 17.07
C LEU A 150 -22.71 36.57 18.42
N PHE A 151 -23.56 37.44 18.97
CA PHE A 151 -24.25 37.13 20.22
C PHE A 151 -25.18 35.94 20.05
N ARG A 152 -25.93 35.91 18.95
CA ARG A 152 -26.76 34.74 18.66
C ARG A 152 -25.90 33.50 18.49
N PHE A 153 -24.78 33.62 17.78
CA PHE A 153 -23.86 32.49 17.61
C PHE A 153 -23.35 32.00 18.94
N PHE A 154 -23.08 32.90 19.89
CA PHE A 154 -22.66 32.51 21.23
C PHE A 154 -23.71 31.61 21.89
N LEU A 155 -24.97 32.02 21.85
CA LEU A 155 -26.03 31.24 22.48
C LEU A 155 -26.24 29.91 21.76
N GLU A 156 -26.28 29.94 20.42
CA GLU A 156 -26.42 28.72 19.64
C GLU A 156 -25.33 27.72 19.99
N THR A 157 -24.07 28.18 20.01
CA THR A 157 -22.96 27.29 20.29
C THR A 157 -22.99 26.81 21.74
N LEU A 158 -23.33 27.70 22.67
CA LEU A 158 -23.48 27.29 24.06
C LEU A 158 -24.54 26.19 24.20
N PHE A 159 -25.71 26.41 23.60
CA PHE A 159 -26.79 25.42 23.68
C PHE A 159 -26.36 24.11 23.04
N TYR A 160 -25.74 24.16 21.86
CA TYR A 160 -25.39 22.95 21.14
C TYR A 160 -24.31 22.16 21.86
N GLU A 161 -23.25 22.83 22.31
CA GLU A 161 -22.16 22.13 22.99
C GLU A 161 -22.57 21.64 24.36
N TYR A 162 -23.51 22.34 25.02
CA TYR A 162 -23.98 21.92 26.33
C TYR A 162 -24.74 20.61 26.25
N MET A 163 -25.53 20.44 25.19
CA MET A 163 -26.38 19.26 25.06
C MET A 163 -25.57 17.99 24.81
N THR A 164 -25.94 16.92 25.51
CA THR A 164 -25.29 15.61 25.38
C THR A 164 -26.27 14.59 24.85
N ASP A 165 -25.90 13.91 23.78
CA ASP A 165 -26.75 12.93 23.11
C ASP A 165 -26.58 11.57 23.80
N GLU A 166 -27.63 11.13 24.50
CA GLU A 166 -27.60 9.85 25.22
C GLU A 166 -28.64 8.86 24.67
N ARG A 167 -29.08 9.05 23.43
CA ARG A 167 -30.13 8.20 22.87
C ARG A 167 -29.72 6.73 22.83
N PHE A 168 -28.41 6.45 22.72
CA PHE A 168 -27.93 5.08 22.51
C PHE A 168 -27.09 4.58 23.67
N LYS A 169 -27.09 5.28 24.80
CA LYS A 169 -26.54 4.76 26.04
C LYS A 169 -27.61 3.94 26.74
N SER A 170 -27.29 2.69 27.08
CA SER A 170 -28.15 1.88 27.93
C SER A 170 -27.64 1.81 29.37
N THR A 171 -26.45 1.23 29.56
CA THR A 171 -25.90 1.01 30.89
C THR A 171 -24.82 2.02 31.26
N ASP A 172 -24.52 2.98 30.38
CA ASP A 172 -23.46 3.95 30.59
C ASP A 172 -24.00 5.38 30.49
N LYS A 173 -25.22 5.59 31.00
CA LYS A 173 -25.75 6.95 31.07
C LYS A 173 -25.02 7.72 32.16
N ASN A 174 -24.70 8.98 31.87
CA ASN A 174 -24.05 9.84 32.85
C ASN A 174 -25.02 10.11 34.00
N VAL A 175 -24.72 9.55 35.17
CA VAL A 175 -25.62 9.69 36.31
C VAL A 175 -25.52 11.06 36.97
N ASN A 176 -24.44 11.81 36.71
CA ASN A 176 -24.26 13.13 37.32
C ASN A 176 -24.72 14.27 36.43
N MET A 177 -25.02 14.00 35.16
CA MET A 177 -25.40 15.03 34.21
C MET A 177 -26.67 15.75 34.63
N GLU A 178 -26.55 17.03 35.00
CA GLU A 178 -27.72 17.87 35.16
C GLU A 178 -27.60 19.07 34.22
N TYR A 179 -28.65 19.90 34.22
CA TYR A 179 -28.72 21.06 33.35
C TYR A 179 -29.22 22.25 34.15
N ILE A 180 -28.64 23.42 33.88
CA ILE A 180 -29.14 24.63 34.50
C ILE A 180 -30.58 24.87 34.05
N LYS A 181 -31.35 25.54 34.88
CA LYS A 181 -32.72 25.89 34.54
C LYS A 181 -32.88 27.36 34.18
N HIS A 182 -31.85 28.18 34.39
CA HIS A 182 -31.91 29.60 34.13
C HIS A 182 -30.59 30.06 33.54
N LEU A 183 -30.66 30.96 32.56
CA LEU A 183 -29.48 31.57 31.96
C LEU A 183 -29.66 33.07 31.96
N GLY A 184 -28.79 33.78 32.68
CA GLY A 184 -28.79 35.23 32.71
C GLY A 184 -27.66 35.78 31.85
N VAL A 185 -27.95 36.87 31.15
CA VAL A 185 -26.98 37.53 30.27
C VAL A 185 -27.00 39.02 30.57
N TYR A 186 -25.84 39.57 30.90
CA TYR A 186 -25.67 41.00 31.07
C TYR A 186 -24.86 41.51 29.88
N ILE A 187 -25.45 42.43 29.11
CA ILE A 187 -24.82 42.93 27.90
C ILE A 187 -25.26 44.38 27.70
N ASN A 188 -24.37 45.17 27.09
CA ASN A 188 -24.70 46.55 26.78
C ASN A 188 -25.74 46.62 25.67
N ASN A 189 -26.67 47.56 25.79
CA ASN A 189 -27.77 47.71 24.83
C ASN A 189 -28.56 46.41 24.70
N ALA A 190 -28.96 45.87 25.86
CA ALA A 190 -29.56 44.54 25.91
C ALA A 190 -30.86 44.46 25.11
N ASP A 191 -31.57 45.58 24.97
CA ASP A 191 -32.84 45.56 24.26
C ASP A 191 -32.68 45.17 22.80
N THR A 192 -31.55 45.53 22.19
CA THR A 192 -31.30 45.19 20.79
C THR A 192 -30.88 43.74 20.59
N TYR A 193 -30.58 43.02 21.67
CA TYR A 193 -30.14 41.63 21.58
C TYR A 193 -31.24 40.63 21.95
N LYS A 194 -32.32 41.11 22.56
CA LYS A 194 -33.40 40.21 22.99
C LYS A 194 -33.97 39.42 21.83
N GLU A 195 -34.13 40.06 20.66
CA GLU A 195 -34.71 39.40 19.50
C GLU A 195 -33.89 38.18 19.06
N GLU A 196 -32.61 38.13 19.42
CA GLU A 196 -31.77 37.00 19.01
C GLU A 196 -31.95 35.77 19.88
N VAL A 197 -32.59 35.90 21.05
CA VAL A 197 -32.64 34.80 22.01
C VAL A 197 -33.43 33.63 21.44
N GLU A 198 -34.68 33.87 21.05
CA GLU A 198 -35.52 32.78 20.55
C GLU A 198 -35.05 32.29 19.19
N LYS A 199 -34.46 33.18 18.38
CA LYS A 199 -33.83 32.75 17.15
C LYS A 199 -32.66 31.82 17.43
N ALA A 200 -31.86 32.13 18.45
CA ALA A 200 -30.77 31.26 18.84
C ALA A 200 -31.28 29.90 19.29
N ARG A 201 -32.40 29.87 20.03
CA ARG A 201 -32.96 28.61 20.48
C ARG A 201 -33.47 27.79 19.31
N VAL A 202 -34.07 28.44 18.31
CA VAL A 202 -34.54 27.73 17.12
C VAL A 202 -33.35 27.22 16.31
N TYR A 203 -32.35 28.08 16.10
CA TYR A 203 -31.17 27.68 15.35
C TYR A 203 -30.43 26.55 16.06
N TYR A 204 -30.41 26.57 17.39
CA TYR A 204 -29.75 25.49 18.13
C TYR A 204 -30.36 24.14 17.80
N PHE A 205 -31.70 24.04 17.88
CA PHE A 205 -32.31 22.73 17.73
C PHE A 205 -32.26 22.24 16.29
N GLY A 206 -32.43 23.15 15.33
CA GLY A 206 -32.23 22.77 13.94
C GLY A 206 -30.85 22.17 13.72
N THR A 207 -29.83 22.76 14.36
CA THR A 207 -28.48 22.20 14.30
C THR A 207 -28.41 20.90 15.07
N TYR A 208 -29.03 20.84 16.25
CA TYR A 208 -29.00 19.61 17.04
C TYR A 208 -29.85 18.52 16.40
N TYR A 209 -30.93 18.89 15.71
CA TYR A 209 -31.74 17.90 14.99
C TYR A 209 -30.93 17.26 13.88
N ALA A 210 -30.21 18.06 13.10
CA ALA A 210 -29.31 17.51 12.09
C ALA A 210 -28.26 16.61 12.72
N SER A 211 -27.72 17.01 13.87
CA SER A 211 -26.73 16.19 14.56
C SER A 211 -27.31 14.85 14.98
N GLN A 212 -28.56 14.84 15.45
CA GLN A 212 -29.20 13.60 15.86
C GLN A 212 -29.37 12.65 14.68
N LEU A 213 -29.65 13.19 13.50
CA LEU A 213 -29.79 12.36 12.31
C LEU A 213 -28.43 11.83 11.85
N ILE A 214 -27.40 12.66 11.89
CA ILE A 214 -26.08 12.24 11.44
C ILE A 214 -25.51 11.18 12.38
N ALA A 215 -25.67 11.37 13.69
CA ALA A 215 -25.13 10.43 14.65
C ALA A 215 -25.97 9.16 14.77
N ALA A 216 -27.14 9.11 14.14
CA ALA A 216 -27.94 7.91 14.17
C ALA A 216 -27.23 6.78 13.45
N PRO A 217 -27.07 5.61 14.05
CA PRO A 217 -26.34 4.51 13.40
C PRO A 217 -27.09 4.00 12.18
N SER A 218 -26.34 3.33 11.31
CA SER A 218 -26.89 2.87 10.04
C SER A 218 -27.92 1.76 10.21
N ASN A 219 -27.94 1.07 11.36
CA ASN A 219 -28.97 0.07 11.62
C ASN A 219 -30.23 0.68 12.23
N TYR A 220 -30.21 1.97 12.58
CA TYR A 220 -31.41 2.72 12.93
C TYR A 220 -31.85 3.61 11.80
N CYS A 221 -30.92 4.26 11.12
CA CYS A 221 -31.20 5.20 10.06
C CYS A 221 -31.04 4.49 8.71
N ASN A 222 -32.12 4.49 7.93
CA ASN A 222 -32.12 3.90 6.61
C ASN A 222 -33.09 4.70 5.76
N PRO A 223 -33.12 4.49 4.43
CA PRO A 223 -34.01 5.30 3.59
C PRO A 223 -35.46 5.32 4.03
N VAL A 224 -35.98 4.21 4.58
CA VAL A 224 -37.37 4.19 5.01
C VAL A 224 -37.53 4.94 6.34
N SER A 225 -36.67 4.63 7.31
CA SER A 225 -36.79 5.28 8.62
C SER A 225 -36.44 6.77 8.55
N LEU A 226 -35.53 7.14 7.65
CA LEU A 226 -35.18 8.56 7.52
C LEU A 226 -36.32 9.35 6.90
N SER A 227 -36.93 8.81 5.83
CA SER A 227 -38.07 9.48 5.23
C SER A 227 -39.26 9.50 6.19
N ASN A 228 -39.40 8.47 7.03
CA ASN A 228 -40.43 8.49 8.07
C ASN A 228 -40.18 9.64 9.05
N ALA A 229 -38.92 9.86 9.43
CA ALA A 229 -38.60 10.97 10.33
C ALA A 229 -38.92 12.31 9.68
N ALA A 230 -38.66 12.43 8.37
CA ALA A 230 -39.00 13.67 7.67
C ALA A 230 -40.50 13.90 7.66
N VAL A 231 -41.28 12.82 7.53
CA VAL A 231 -42.74 12.95 7.56
C VAL A 231 -43.20 13.40 8.94
N GLU A 232 -42.68 12.78 9.98
CA GLU A 232 -42.94 13.23 11.35
C GLU A 232 -42.65 14.72 11.50
N LEU A 233 -41.47 15.15 11.02
CA LEU A 233 -41.11 16.56 11.12
C LEU A 233 -42.10 17.45 10.39
N ALA A 234 -42.49 17.04 9.18
CA ALA A 234 -43.45 17.83 8.41
C ALA A 234 -44.79 17.92 9.12
N GLN A 235 -45.22 16.82 9.75
CA GLN A 235 -46.48 16.83 10.48
C GLN A 235 -46.41 17.74 11.71
N LYS A 236 -45.28 17.74 12.40
CA LYS A 236 -45.12 18.62 13.57
C LYS A 236 -45.17 20.09 13.20
N LEU A 237 -44.70 20.46 12.00
CA LEU A 237 -44.59 21.85 11.61
C LEU A 237 -45.59 22.26 10.54
N ASN A 238 -46.56 21.40 10.22
CA ASN A 238 -47.59 21.69 9.23
C ASN A 238 -46.99 22.02 7.86
N LEU A 239 -45.94 21.29 7.50
CA LEU A 239 -45.37 21.38 6.17
C LEU A 239 -46.02 20.35 5.27
N GLU A 240 -46.13 20.69 3.98
CA GLU A 240 -46.53 19.70 3.01
C GLU A 240 -45.38 18.73 2.77
N TYR A 241 -45.71 17.45 2.57
CA TYR A 241 -44.68 16.45 2.36
C TYR A 241 -45.14 15.46 1.30
N LYS A 242 -44.16 14.93 0.57
CA LYS A 242 -44.38 13.86 -0.38
C LYS A 242 -43.14 12.99 -0.38
N ILE A 243 -43.32 11.69 -0.23
CA ILE A 243 -42.24 10.72 -0.29
C ILE A 243 -42.45 9.88 -1.53
N LEU A 244 -41.51 9.97 -2.47
CA LEU A 244 -41.62 9.27 -3.74
C LEU A 244 -41.01 7.88 -3.61
N GLY A 245 -41.79 6.86 -4.00
CA GLY A 245 -41.32 5.49 -3.96
C GLY A 245 -40.76 5.05 -5.30
N VAL A 246 -40.31 3.79 -5.33
CA VAL A 246 -39.59 3.27 -6.48
C VAL A 246 -40.43 3.38 -7.75
N LYS A 247 -41.72 3.08 -7.65
CA LYS A 247 -42.58 3.10 -8.83
C LYS A 247 -42.64 4.49 -9.45
N GLU A 248 -42.82 5.53 -8.62
CA GLU A 248 -42.85 6.89 -9.15
C GLU A 248 -41.47 7.32 -9.64
N LEU A 249 -40.41 6.88 -8.96
CA LEU A 249 -39.07 7.23 -9.40
C LEU A 249 -38.75 6.61 -10.76
N GLU A 250 -39.26 5.41 -11.01
CA GLU A 250 -39.09 4.79 -12.33
C GLU A 250 -39.83 5.58 -13.40
N GLU A 251 -41.03 6.05 -13.09
CA GLU A 251 -41.80 6.84 -14.05
C GLU A 251 -41.07 8.13 -14.39
N LEU A 252 -40.40 8.74 -13.41
CA LEU A 252 -39.60 9.93 -13.63
C LEU A 252 -38.23 9.61 -14.23
N LYS A 253 -37.89 8.34 -14.42
CA LYS A 253 -36.68 7.90 -15.10
C LYS A 253 -35.42 8.35 -14.36
N MET A 254 -35.45 8.26 -13.03
CA MET A 254 -34.30 8.65 -12.20
C MET A 254 -33.29 7.50 -12.15
N GLY A 255 -32.70 7.22 -13.32
CA GLY A 255 -31.85 6.05 -13.46
C GLY A 255 -30.56 6.12 -12.68
N ALA A 256 -30.00 7.32 -12.51
CA ALA A 256 -28.76 7.45 -11.75
C ALA A 256 -29.01 7.22 -10.26
N TYR A 257 -30.05 7.85 -9.71
CA TYR A 257 -30.39 7.68 -8.31
C TYR A 257 -30.84 6.25 -8.02
N LEU A 258 -31.64 5.65 -8.92
CA LEU A 258 -32.12 4.29 -8.69
C LEU A 258 -30.99 3.28 -8.78
N SER A 259 -30.02 3.51 -9.65
CA SER A 259 -28.91 2.57 -9.80
C SER A 259 -28.12 2.44 -8.50
N VAL A 260 -27.87 3.58 -7.82
CA VAL A 260 -27.09 3.55 -6.58
C VAL A 260 -27.76 2.69 -5.53
N GLY A 261 -29.09 2.82 -5.39
CA GLY A 261 -29.83 2.07 -4.40
C GLY A 261 -30.31 0.70 -4.81
N LYS A 262 -29.93 0.23 -6.01
CA LYS A 262 -30.44 -1.04 -6.52
C LYS A 262 -30.12 -2.20 -5.57
N GLY A 263 -28.90 -2.26 -5.05
CA GLY A 263 -28.49 -3.38 -4.24
C GLY A 263 -28.84 -3.34 -2.78
N SER A 264 -29.70 -2.41 -2.36
CA SER A 264 -30.05 -2.27 -0.96
C SER A 264 -31.30 -3.09 -0.61
N MET A 265 -31.37 -3.52 0.65
CA MET A 265 -32.58 -4.13 1.16
C MET A 265 -33.67 -3.09 1.43
N TYR A 266 -33.29 -1.81 1.57
CA TYR A 266 -34.26 -0.74 1.73
C TYR A 266 -34.50 -0.03 0.40
N PRO A 267 -35.75 0.14 -0.01
CA PRO A 267 -36.00 0.81 -1.29
C PRO A 267 -35.69 2.29 -1.21
N ASN A 268 -35.39 2.88 -2.37
CA ASN A 268 -35.14 4.31 -2.44
C ASN A 268 -36.38 5.08 -1.96
N LYS A 269 -36.13 6.19 -1.28
CA LYS A 269 -37.19 7.10 -0.85
C LYS A 269 -36.73 8.52 -1.13
N PHE A 270 -37.47 9.23 -1.96
CA PHE A 270 -37.17 10.62 -2.30
C PHE A 270 -37.99 11.53 -1.40
N ILE A 271 -37.32 12.31 -0.57
CA ILE A 271 -37.99 13.21 0.37
C ILE A 271 -38.23 14.54 -0.31
N HIS A 272 -39.47 15.05 -0.21
CA HIS A 272 -39.83 16.34 -0.75
C HIS A 272 -40.75 17.02 0.27
N LEU A 273 -40.19 17.92 1.06
CA LEU A 273 -40.94 18.76 1.98
C LEU A 273 -41.09 20.14 1.38
N THR A 274 -42.18 20.82 1.70
CA THR A 274 -42.44 22.14 1.15
C THR A 274 -42.97 23.06 2.24
N TYR A 275 -42.34 24.23 2.36
CA TYR A 275 -42.87 25.34 3.13
C TYR A 275 -43.37 26.39 2.16
N LYS A 276 -44.59 26.88 2.38
CA LYS A 276 -45.18 27.91 1.54
C LYS A 276 -45.68 29.04 2.43
N SER A 277 -45.22 30.25 2.15
CA SER A 277 -45.69 31.42 2.89
C SER A 277 -47.18 31.64 2.63
N LYS A 278 -47.82 32.34 3.57
CA LYS A 278 -49.26 32.57 3.45
C LYS A 278 -49.59 33.62 2.39
N GLY A 279 -48.84 34.71 2.35
CA GLY A 279 -49.12 35.79 1.41
C GLY A 279 -48.64 35.49 0.01
N ASP A 280 -48.29 36.56 -0.72
CA ASP A 280 -47.75 36.40 -2.06
C ASP A 280 -46.37 35.77 -1.99
N VAL A 281 -46.09 34.87 -2.92
CA VAL A 281 -44.78 34.22 -3.02
C VAL A 281 -43.93 34.98 -4.02
N LYS A 282 -42.83 35.57 -3.54
CA LYS A 282 -41.94 36.34 -4.39
C LYS A 282 -40.66 35.59 -4.76
N LYS A 283 -40.32 34.53 -4.02
CA LYS A 283 -39.11 33.77 -4.31
C LYS A 283 -39.34 32.29 -4.02
N LYS A 284 -38.94 31.43 -4.95
CA LYS A 284 -39.03 29.99 -4.80
C LYS A 284 -37.62 29.40 -4.77
N ILE A 285 -37.35 28.57 -3.77
CA ILE A 285 -36.02 28.02 -3.53
C ILE A 285 -36.13 26.52 -3.33
N ALA A 286 -35.20 25.78 -3.93
CA ALA A 286 -35.08 24.34 -3.72
C ALA A 286 -33.76 24.05 -3.02
N LEU A 287 -33.82 23.38 -1.87
CA LEU A 287 -32.64 22.95 -1.13
C LEU A 287 -32.49 21.45 -1.26
N VAL A 288 -31.34 21.00 -1.76
CA VAL A 288 -31.08 19.60 -2.06
C VAL A 288 -29.97 19.09 -1.15
N GLY A 289 -30.24 18.00 -0.43
CA GLY A 289 -29.23 17.41 0.42
C GLY A 289 -28.86 16.00 0.02
N LYS A 290 -27.56 15.69 -0.01
CA LYS A 290 -27.12 14.33 -0.27
C LYS A 290 -27.55 13.42 0.88
N GLY A 291 -28.16 12.28 0.55
CA GLY A 291 -28.69 11.41 1.58
C GLY A 291 -28.39 9.93 1.41
N ILE A 292 -27.14 9.55 1.59
CA ILE A 292 -26.73 8.15 1.57
C ILE A 292 -26.65 7.68 3.02
N THR A 293 -27.62 6.86 3.45
CA THR A 293 -27.66 6.46 4.85
C THR A 293 -26.49 5.54 5.21
N PHE A 294 -25.99 4.76 4.26
CA PHE A 294 -24.72 4.07 4.40
C PHE A 294 -24.10 3.89 3.03
N ASP A 295 -22.82 4.22 2.93
CA ASP A 295 -22.06 4.14 1.68
C ASP A 295 -20.98 3.08 1.87
N SER A 296 -21.25 1.86 1.38
CA SER A 296 -20.26 0.80 1.39
C SER A 296 -19.20 0.97 0.32
N GLY A 297 -19.41 1.87 -0.63
CA GLY A 297 -18.57 1.97 -1.80
C GLY A 297 -19.03 1.14 -2.98
N GLY A 298 -19.89 0.15 -2.74
CA GLY A 298 -20.39 -0.67 -3.81
C GLY A 298 -19.31 -1.54 -4.43
N TYR A 299 -19.51 -1.88 -5.70
CA TYR A 299 -18.58 -2.75 -6.43
C TYR A 299 -17.35 -1.96 -6.89
N ASN A 300 -16.59 -1.49 -5.90
CA ASN A 300 -15.30 -0.87 -6.14
C ASN A 300 -14.21 -1.70 -5.45
N LEU A 301 -14.25 -3.01 -5.66
CA LEU A 301 -13.40 -3.93 -4.90
C LEU A 301 -12.01 -4.08 -5.49
N LYS A 302 -11.79 -3.65 -6.73
CA LYS A 302 -10.48 -3.72 -7.38
C LYS A 302 -10.12 -2.35 -7.94
N ALA A 303 -10.02 -1.36 -7.06
CA ALA A 303 -9.69 -0.02 -7.49
C ALA A 303 -8.22 0.07 -7.86
N ALA A 304 -7.94 0.63 -9.02
CA ALA A 304 -6.57 0.80 -9.44
C ALA A 304 -5.88 1.86 -8.56
N PRO A 305 -4.61 1.69 -8.24
CA PRO A 305 -3.92 2.66 -7.39
C PRO A 305 -3.94 4.06 -8.00
N GLY A 306 -4.09 5.06 -7.13
CA GLY A 306 -4.23 6.44 -7.55
C GLY A 306 -5.66 6.90 -7.75
N SER A 307 -6.61 5.98 -7.81
CA SER A 307 -8.03 6.29 -7.96
C SER A 307 -8.58 6.94 -6.68
N MET A 308 -9.77 7.53 -6.81
CA MET A 308 -10.41 8.23 -5.71
C MET A 308 -10.62 7.32 -4.51
N ILE A 309 -10.19 7.80 -3.34
CA ILE A 309 -10.42 7.13 -2.07
C ILE A 309 -11.50 7.89 -1.33
N ASP A 310 -12.41 7.15 -0.67
CA ASP A 310 -13.48 7.76 0.10
C ASP A 310 -13.37 7.29 1.55
N LEU A 311 -12.93 8.19 2.43
CA LEU A 311 -12.79 7.89 3.85
C LEU A 311 -13.78 8.65 4.73
N MET A 312 -14.72 9.38 4.14
CA MET A 312 -15.69 10.16 4.92
C MET A 312 -17.00 9.39 4.90
N LYS A 313 -17.47 9.00 6.09
CA LYS A 313 -18.58 8.06 6.23
C LYS A 313 -19.87 8.73 6.68
N PHE A 314 -19.94 10.06 6.64
CA PHE A 314 -21.10 10.81 7.10
C PHE A 314 -21.86 11.31 5.87
N ASP A 315 -22.46 10.37 5.16
CA ASP A 315 -22.90 10.55 3.78
C ASP A 315 -24.35 11.01 3.65
N MET A 316 -25.00 11.38 4.75
CA MET A 316 -26.31 12.01 4.69
CA MET A 316 -26.31 12.01 4.69
C MET A 316 -26.33 13.31 5.48
N SER A 317 -25.16 13.92 5.69
CA SER A 317 -25.08 15.18 6.41
C SER A 317 -25.78 16.30 5.68
N GLY A 318 -25.79 16.26 4.34
CA GLY A 318 -26.49 17.28 3.59
C GLY A 318 -28.00 17.18 3.77
N CYS A 319 -28.54 15.97 3.68
CA CYS A 319 -29.96 15.77 3.98
C CYS A 319 -30.28 16.21 5.39
N ALA A 320 -29.41 15.91 6.35
CA ALA A 320 -29.64 16.31 7.74
C ALA A 320 -29.65 17.83 7.87
N ALA A 321 -28.72 18.51 7.18
CA ALA A 321 -28.69 19.97 7.23
C ALA A 321 -29.94 20.56 6.58
N VAL A 322 -30.41 19.95 5.49
CA VAL A 322 -31.60 20.45 4.82
C VAL A 322 -32.83 20.25 5.69
N LEU A 323 -32.93 19.09 6.36
CA LEU A 323 -34.07 18.84 7.24
C LEU A 323 -34.00 19.71 8.49
N GLY A 324 -32.79 19.94 9.01
CA GLY A 324 -32.64 20.90 10.10
C GLY A 324 -33.04 22.30 9.69
N CYS A 325 -32.74 22.67 8.44
CA CYS A 325 -33.21 23.96 7.92
C CYS A 325 -34.74 23.99 7.84
N ALA A 326 -35.35 22.86 7.48
CA ALA A 326 -36.81 22.79 7.43
C ALA A 326 -37.42 23.04 8.81
N TYR A 327 -36.77 22.56 9.87
CA TYR A 327 -37.25 22.84 11.22
C TYR A 327 -37.23 24.34 11.49
N CYS A 328 -36.11 24.99 11.22
CA CYS A 328 -36.00 26.43 11.49
C CYS A 328 -37.00 27.22 10.66
N VAL A 329 -37.10 26.90 9.37
CA VAL A 329 -38.01 27.64 8.48
C VAL A 329 -39.45 27.37 8.89
N GLY A 330 -39.80 26.11 9.15
CA GLY A 330 -41.15 25.79 9.55
C GLY A 330 -41.53 26.38 10.90
N THR A 331 -40.54 26.65 11.75
CA THR A 331 -40.81 27.25 13.05
C THR A 331 -40.89 28.77 12.95
N LEU A 332 -39.92 29.39 12.27
CA LEU A 332 -39.87 30.84 12.20
C LEU A 332 -40.90 31.42 11.24
N LYS A 333 -41.32 30.64 10.25
CA LYS A 333 -42.37 31.01 9.31
C LYS A 333 -42.09 32.33 8.60
N PRO A 334 -41.10 32.37 7.70
CA PRO A 334 -40.85 33.61 6.95
C PRO A 334 -41.95 33.88 5.94
N GLU A 335 -42.00 35.12 5.48
CA GLU A 335 -43.01 35.59 4.53
C GLU A 335 -42.45 35.59 3.12
N ASN A 336 -43.37 35.57 2.14
CA ASN A 336 -43.10 35.84 0.73
C ASN A 336 -42.20 34.80 0.09
N VAL A 337 -42.12 33.59 0.63
CA VAL A 337 -41.17 32.60 0.13
C VAL A 337 -41.82 31.22 0.10
N GLU A 338 -41.35 30.38 -0.82
CA GLU A 338 -41.74 28.98 -0.91
C GLU A 338 -40.47 28.15 -1.02
N ILE A 339 -40.25 27.25 -0.06
CA ILE A 339 -39.02 26.48 0.05
C ILE A 339 -39.34 25.00 -0.13
N HIS A 340 -38.59 24.34 -0.99
CA HIS A 340 -38.67 22.90 -1.19
C HIS A 340 -37.43 22.24 -0.60
N PHE A 341 -37.62 21.29 0.30
CA PHE A 341 -36.53 20.57 0.96
C PHE A 341 -36.47 19.17 0.37
N LEU A 342 -35.40 18.87 -0.36
CA LEU A 342 -35.30 17.67 -1.18
C LEU A 342 -34.09 16.84 -0.79
N SER A 343 -34.24 15.52 -0.89
CA SER A 343 -33.13 14.60 -0.72
C SER A 343 -33.48 13.27 -1.37
N ALA A 344 -32.60 12.81 -2.26
CA ALA A 344 -32.73 11.48 -2.87
C ALA A 344 -32.02 10.49 -1.95
N VAL A 345 -32.78 9.89 -1.04
CA VAL A 345 -32.23 9.04 0.01
C VAL A 345 -32.13 7.61 -0.49
N CYS A 346 -31.01 6.96 -0.19
CA CYS A 346 -30.76 5.59 -0.61
C CYS A 346 -29.60 5.03 0.21
N GLU A 347 -29.25 3.77 -0.07
CA GLU A 347 -28.15 3.09 0.59
C GLU A 347 -27.33 2.39 -0.47
N ASN A 348 -26.01 2.57 -0.43
CA ASN A 348 -25.10 2.08 -1.47
C ASN A 348 -24.43 0.80 -0.97
N MET A 349 -24.99 -0.34 -1.36
CA MET A 349 -24.63 -1.63 -0.79
C MET A 349 -24.03 -2.56 -1.85
N VAL A 350 -23.45 -3.65 -1.37
CA VAL A 350 -22.88 -4.69 -2.21
C VAL A 350 -23.77 -5.92 -2.13
N SER A 351 -24.30 -6.34 -3.27
CA SER A 351 -25.15 -7.52 -3.36
C SER A 351 -25.17 -7.98 -4.81
N LYS A 352 -25.95 -9.04 -5.07
CA LYS A 352 -26.09 -9.51 -6.44
C LYS A 352 -26.86 -8.52 -7.31
N ASN A 353 -27.59 -7.59 -6.69
CA ASN A 353 -28.43 -6.63 -7.40
C ASN A 353 -27.77 -5.27 -7.58
N SER A 354 -26.56 -5.06 -7.06
CA SER A 354 -25.94 -3.75 -7.09
C SER A 354 -25.51 -3.38 -8.50
N TYR A 355 -25.38 -2.07 -8.73
CA TYR A 355 -24.86 -1.62 -10.01
C TYR A 355 -23.34 -1.76 -10.05
N ARG A 356 -22.80 -1.76 -11.26
CA ARG A 356 -21.40 -2.12 -11.47
C ARG A 356 -20.64 -0.98 -12.12
N PRO A 357 -19.33 -0.88 -11.87
CA PRO A 357 -18.50 0.02 -12.69
C PRO A 357 -18.54 -0.43 -14.13
N GLY A 358 -18.64 0.55 -15.04
CA GLY A 358 -18.84 0.25 -16.43
C GLY A 358 -20.30 0.27 -16.87
N ASP A 359 -21.23 0.31 -15.93
CA ASP A 359 -22.63 0.51 -16.28
C ASP A 359 -22.81 1.85 -16.98
N ILE A 360 -23.72 1.88 -17.95
CA ILE A 360 -24.16 3.12 -18.57
C ILE A 360 -25.63 3.30 -18.23
N ILE A 361 -25.94 4.37 -17.50
CA ILE A 361 -27.28 4.60 -16.98
C ILE A 361 -27.79 5.92 -17.55
N THR A 362 -29.12 6.04 -17.61
CA THR A 362 -29.78 7.21 -18.17
C THR A 362 -30.41 8.01 -17.03
N ALA A 363 -29.97 9.25 -16.88
CA ALA A 363 -30.52 10.13 -15.86
C ALA A 363 -31.90 10.64 -16.29
N SER A 364 -32.57 11.32 -15.36
CA SER A 364 -33.93 11.78 -15.59
C SER A 364 -34.01 12.92 -16.61
N ASN A 365 -32.89 13.49 -17.03
CA ASN A 365 -32.86 14.46 -18.11
C ASN A 365 -32.43 13.84 -19.44
N GLY A 366 -32.36 12.52 -19.51
CA GLY A 366 -32.03 11.83 -20.74
C GLY A 366 -30.57 11.61 -21.00
N LYS A 367 -29.69 12.26 -20.25
CA LYS A 367 -28.26 12.10 -20.46
C LYS A 367 -27.78 10.75 -19.95
N THR A 368 -27.00 10.05 -20.76
CA THR A 368 -26.43 8.77 -20.37
C THR A 368 -25.09 8.99 -19.67
N ILE A 369 -24.86 8.21 -18.63
CA ILE A 369 -23.68 8.35 -17.77
C ILE A 369 -22.95 7.02 -17.73
N GLU A 370 -21.64 7.05 -18.00
CA GLU A 370 -20.81 5.86 -17.85
C GLU A 370 -20.25 5.83 -16.43
N VAL A 371 -20.61 4.80 -15.67
CA VAL A 371 -20.14 4.66 -14.30
C VAL A 371 -18.68 4.21 -14.32
N GLY A 372 -17.83 4.98 -13.65
CA GLY A 372 -16.42 4.63 -13.56
C GLY A 372 -16.03 4.14 -12.17
N ASN A 373 -16.85 4.48 -11.17
CA ASN A 373 -16.55 4.13 -9.79
C ASN A 373 -17.84 4.13 -9.00
N THR A 374 -18.26 2.96 -8.52
CA THR A 374 -19.49 2.87 -7.74
C THR A 374 -19.37 3.59 -6.40
N ASP A 375 -18.15 3.91 -5.96
CA ASP A 375 -17.95 4.67 -4.74
C ASP A 375 -18.10 6.17 -4.96
N ALA A 376 -18.27 6.61 -6.20
CA ALA A 376 -18.65 7.99 -6.49
C ALA A 376 -20.16 8.13 -6.62
N GLU A 377 -20.87 7.62 -5.60
CA GLU A 377 -22.32 7.54 -5.65
C GLU A 377 -23.01 8.85 -5.35
N GLY A 378 -22.33 9.77 -4.65
CA GLY A 378 -22.99 11.01 -4.24
C GLY A 378 -23.44 11.84 -5.43
N ARG A 379 -22.56 12.04 -6.41
CA ARG A 379 -22.91 12.88 -7.55
C ARG A 379 -23.99 12.24 -8.41
N LEU A 380 -24.10 10.91 -8.41
CA LEU A 380 -25.14 10.25 -9.19
C LEU A 380 -26.52 10.53 -8.61
N THR A 381 -26.68 10.39 -7.30
CA THR A 381 -27.96 10.67 -6.68
C THR A 381 -28.31 12.15 -6.78
N LEU A 382 -27.30 13.03 -6.65
CA LEU A 382 -27.54 14.46 -6.74
C LEU A 382 -27.96 14.88 -8.15
N ALA A 383 -27.48 14.17 -9.18
CA ALA A 383 -27.83 14.52 -10.55
C ALA A 383 -29.34 14.46 -10.77
N ASP A 384 -29.97 13.36 -10.36
CA ASP A 384 -31.41 13.24 -10.53
C ASP A 384 -32.16 14.16 -9.58
N ALA A 385 -31.62 14.43 -8.39
CA ALA A 385 -32.26 15.36 -7.48
C ALA A 385 -32.25 16.78 -8.05
N LEU A 386 -31.17 17.15 -8.75
CA LEU A 386 -31.10 18.49 -9.34
C LEU A 386 -32.09 18.62 -10.50
N VAL A 387 -32.26 17.57 -11.29
CA VAL A 387 -33.24 17.59 -12.38
C VAL A 387 -34.64 17.75 -11.80
N TYR A 388 -34.95 17.00 -10.74
CA TYR A 388 -36.23 17.16 -10.06
C TYR A 388 -36.42 18.59 -9.54
N ALA A 389 -35.37 19.15 -8.93
CA ALA A 389 -35.48 20.49 -8.35
C ALA A 389 -35.77 21.54 -9.43
N GLU A 390 -35.04 21.48 -10.55
CA GLU A 390 -35.25 22.48 -11.60
C GLU A 390 -36.64 22.36 -12.22
N LYS A 391 -37.17 21.14 -12.31
CA LYS A 391 -38.51 20.95 -12.86
C LYS A 391 -39.58 21.58 -11.99
N LEU A 392 -39.27 21.90 -10.73
CA LEU A 392 -40.21 22.60 -9.87
C LEU A 392 -40.35 24.07 -10.23
N GLY A 393 -39.46 24.61 -11.05
CA GLY A 393 -39.52 26.02 -11.42
C GLY A 393 -39.24 26.96 -10.27
N VAL A 394 -38.00 26.95 -9.77
CA VAL A 394 -37.61 27.77 -8.65
C VAL A 394 -36.63 28.85 -9.13
N ASP A 395 -36.34 29.80 -8.25
CA ASP A 395 -35.37 30.85 -8.58
C ASP A 395 -33.95 30.38 -8.31
N TYR A 396 -33.73 29.67 -7.20
CA TYR A 396 -32.42 29.20 -6.80
C TYR A 396 -32.46 27.72 -6.45
N ILE A 397 -31.43 27.00 -6.86
CA ILE A 397 -31.19 25.63 -6.41
C ILE A 397 -29.86 25.62 -5.67
N VAL A 398 -29.90 25.21 -4.40
CA VAL A 398 -28.71 25.09 -3.58
C VAL A 398 -28.64 23.67 -3.06
N ASP A 399 -27.57 22.96 -3.41
CA ASP A 399 -27.33 21.62 -2.88
C ASP A 399 -26.18 21.67 -1.89
N ILE A 400 -26.22 20.74 -0.92
CA ILE A 400 -25.22 20.65 0.14
C ILE A 400 -24.91 19.18 0.35
N ALA A 401 -23.62 18.84 0.38
CA ALA A 401 -23.23 17.43 0.33
C ALA A 401 -21.80 17.26 0.81
N THR A 402 -21.55 16.15 1.50
CA THR A 402 -20.19 15.70 1.82
C THR A 402 -19.66 14.93 0.61
N LEU A 403 -19.33 15.68 -0.44
CA LEU A 403 -19.17 15.05 -1.76
C LEU A 403 -17.77 14.48 -1.97
N THR A 404 -16.73 15.28 -1.75
CA THR A 404 -15.37 14.88 -2.12
C THR A 404 -14.43 15.04 -0.95
N GLY A 405 -13.70 13.96 -0.64
CA GLY A 405 -12.67 14.01 0.39
C GLY A 405 -11.56 14.99 0.09
N ALA A 406 -11.42 15.41 -1.17
CA ALA A 406 -10.41 16.40 -1.52
C ALA A 406 -10.59 17.72 -0.79
N MET A 407 -11.80 17.98 -0.26
CA MET A 407 -12.02 19.21 0.50
C MET A 407 -11.11 19.29 1.71
N LEU A 408 -10.74 18.14 2.30
CA LEU A 408 -9.80 18.15 3.41
C LEU A 408 -8.44 18.69 3.00
N TYR A 409 -8.11 18.64 1.70
CA TYR A 409 -6.83 19.12 1.20
C TYR A 409 -6.90 20.54 0.66
N SER A 410 -8.10 21.09 0.47
CA SER A 410 -8.27 22.44 -0.06
C SER A 410 -8.59 23.44 1.05
N LEU A 411 -9.69 23.22 1.77
CA LEU A 411 -10.13 24.13 2.82
C LEU A 411 -10.04 23.53 4.22
N GLY A 412 -9.88 22.21 4.34
CA GLY A 412 -9.70 21.61 5.64
C GLY A 412 -10.99 21.29 6.36
N THR A 413 -10.97 21.35 7.68
CA THR A 413 -12.10 20.93 8.50
C THR A 413 -12.94 22.10 9.02
N SER A 414 -12.59 23.34 8.66
CA SER A 414 -13.27 24.51 9.20
C SER A 414 -14.13 25.25 8.20
N TYR A 415 -13.73 25.32 6.93
CA TYR A 415 -14.45 26.06 5.91
C TYR A 415 -15.06 25.10 4.90
N ALA A 416 -16.34 25.29 4.61
CA ALA A 416 -16.93 24.58 3.48
C ALA A 416 -16.64 25.33 2.18
N GLY A 417 -16.77 24.63 1.07
CA GLY A 417 -16.56 25.20 -0.25
C GLY A 417 -17.89 25.33 -0.98
N VAL A 418 -18.04 26.43 -1.71
CA VAL A 418 -19.23 26.67 -2.52
C VAL A 418 -18.81 26.82 -3.98
N PHE A 419 -19.49 26.08 -4.86
CA PHE A 419 -19.36 26.20 -6.30
C PHE A 419 -20.72 26.59 -6.86
N GLY A 420 -20.73 27.16 -8.05
CA GLY A 420 -22.01 27.56 -8.63
C GLY A 420 -21.84 28.10 -10.04
N ASN A 421 -22.99 28.31 -10.68
CA ASN A 421 -23.07 28.85 -12.03
C ASN A 421 -23.57 30.29 -12.05
N ASN A 422 -23.71 30.93 -10.89
CA ASN A 422 -24.35 32.24 -10.81
C ASN A 422 -23.69 33.02 -9.68
N GLU A 423 -23.03 34.13 -10.04
CA GLU A 423 -22.28 34.90 -9.06
C GLU A 423 -23.20 35.52 -8.01
N GLU A 424 -24.38 36.00 -8.42
CA GLU A 424 -25.30 36.61 -7.47
C GLU A 424 -25.74 35.60 -6.41
N LEU A 425 -26.04 34.36 -6.82
CA LEU A 425 -26.40 33.33 -5.86
C LEU A 425 -25.22 32.98 -4.96
N ILE A 426 -24.01 32.89 -5.54
CA ILE A 426 -22.83 32.58 -4.74
C ILE A 426 -22.61 33.64 -3.67
N ASN A 427 -22.75 34.92 -4.04
CA ASN A 427 -22.54 36.00 -3.08
C ASN A 427 -23.57 35.94 -1.95
N LYS A 428 -24.81 35.58 -2.27
CA LYS A 428 -25.82 35.43 -1.23
C LYS A 428 -25.47 34.30 -0.27
N ILE A 429 -24.89 33.22 -0.79
CA ILE A 429 -24.42 32.15 0.07
C ILE A 429 -23.29 32.64 0.96
N LEU A 430 -22.35 33.41 0.38
CA LEU A 430 -21.24 33.95 1.17
C LEU A 430 -21.74 34.94 2.22
N GLN A 431 -22.76 35.74 1.89
CA GLN A 431 -23.33 36.64 2.88
C GLN A 431 -24.04 35.85 3.99
N SER A 432 -24.70 34.75 3.62
CA SER A 432 -25.31 33.89 4.63
C SER A 432 -24.25 33.27 5.52
N SER A 433 -23.08 32.97 4.96
CA SER A 433 -21.97 32.47 5.78
C SER A 433 -21.54 33.51 6.80
N LYS A 434 -21.56 34.78 6.43
CA LYS A 434 -21.14 35.84 7.34
C LYS A 434 -22.12 35.99 8.50
N THR A 435 -23.43 35.98 8.23
CA THR A 435 -24.41 36.22 9.28
C THR A 435 -24.69 34.96 10.10
N SER A 436 -24.56 33.78 9.51
CA SER A 436 -24.71 32.54 10.28
C SER A 436 -23.43 32.17 11.02
N ASN A 437 -22.30 32.75 10.65
CA ASN A 437 -21.00 32.43 11.23
C ASN A 437 -20.61 30.97 10.98
N GLU A 438 -21.14 30.40 9.90
CA GLU A 438 -20.68 29.11 9.41
C GLU A 438 -19.79 29.37 8.20
N PRO A 439 -18.47 29.17 8.31
CA PRO A 439 -17.56 29.69 7.29
C PRO A 439 -17.68 28.93 5.97
N VAL A 440 -17.70 29.70 4.88
CA VAL A 440 -17.78 29.16 3.53
C VAL A 440 -16.81 29.95 2.65
N TRP A 441 -16.15 29.26 1.72
CA TRP A 441 -15.23 29.89 0.79
C TRP A 441 -15.60 29.54 -0.64
N TRP A 442 -15.54 30.54 -1.52
CA TRP A 442 -15.90 30.35 -2.92
C TRP A 442 -14.75 29.68 -3.68
N LEU A 443 -15.07 28.61 -4.39
CA LEU A 443 -14.12 27.87 -5.20
C LEU A 443 -14.60 27.81 -6.65
N PRO A 444 -13.69 27.78 -7.63
CA PRO A 444 -14.09 27.88 -9.03
C PRO A 444 -14.49 26.57 -9.67
N ILE A 445 -15.39 26.68 -10.64
CA ILE A 445 -15.69 25.58 -11.56
C ILE A 445 -14.83 25.82 -12.80
N ILE A 446 -13.72 25.10 -12.90
CA ILE A 446 -12.73 25.34 -13.94
C ILE A 446 -13.14 24.53 -15.18
N ASN A 447 -13.58 25.25 -16.23
CA ASN A 447 -14.16 24.60 -17.39
C ASN A 447 -13.15 23.84 -18.22
N GLU A 448 -11.85 24.17 -18.11
CA GLU A 448 -10.84 23.41 -18.84
C GLU A 448 -10.83 21.94 -18.47
N TYR A 449 -11.32 21.60 -17.28
CA TYR A 449 -11.37 20.20 -16.84
C TYR A 449 -12.59 19.46 -17.37
N ARG A 450 -13.53 20.15 -18.01
CA ARG A 450 -14.76 19.49 -18.46
C ARG A 450 -14.47 18.36 -19.45
N ALA A 451 -13.41 18.50 -20.25
CA ALA A 451 -13.13 17.51 -21.29
C ALA A 451 -12.83 16.13 -20.72
N THR A 452 -12.35 16.05 -19.48
CA THR A 452 -12.06 14.73 -18.91
C THR A 452 -13.32 13.93 -18.62
N LEU A 453 -14.50 14.54 -18.69
CA LEU A 453 -15.75 13.84 -18.52
C LEU A 453 -16.34 13.38 -19.85
N ASN A 454 -15.58 13.51 -20.95
CA ASN A 454 -16.05 13.10 -22.27
C ASN A 454 -15.98 11.58 -22.38
N SER A 455 -17.13 10.92 -22.27
CA SER A 455 -17.18 9.47 -22.39
C SER A 455 -17.08 9.06 -23.86
N LYS A 456 -16.43 7.91 -24.09
CA LYS A 456 -16.34 7.37 -25.44
C LYS A 456 -17.67 6.75 -25.88
N TYR A 457 -18.46 6.24 -24.94
CA TYR A 457 -19.69 5.52 -25.26
C TYR A 457 -20.95 6.18 -24.73
N ALA A 458 -20.90 6.75 -23.52
CA ALA A 458 -22.05 7.44 -22.97
C ALA A 458 -21.97 8.93 -23.29
N ASP A 459 -23.01 9.67 -22.89
CA ASP A 459 -22.98 11.12 -23.07
C ASP A 459 -21.88 11.77 -22.24
N ILE A 460 -21.65 11.25 -21.03
CA ILE A 460 -20.71 11.88 -20.10
C ILE A 460 -20.17 10.81 -19.16
N ASN A 461 -18.93 11.03 -18.70
CA ASN A 461 -18.35 10.17 -17.67
C ASN A 461 -18.86 10.58 -16.28
N GLN A 462 -19.04 9.59 -15.42
CA GLN A 462 -19.34 9.88 -14.02
C GLN A 462 -18.15 10.55 -13.33
N ILE A 463 -16.95 10.05 -13.60
CA ILE A 463 -15.74 10.52 -12.92
C ILE A 463 -14.67 10.81 -13.96
N SER A 464 -13.65 11.56 -13.52
CA SER A 464 -12.44 11.72 -14.30
C SER A 464 -11.49 10.59 -14.00
N SER A 465 -10.81 10.11 -15.04
CA SER A 465 -9.84 9.03 -14.86
C SER A 465 -8.47 9.53 -14.44
N SER A 466 -8.23 10.85 -14.49
CA SER A 466 -6.90 11.39 -14.24
C SER A 466 -6.88 12.67 -13.41
N VAL A 467 -7.87 13.55 -13.52
CA VAL A 467 -7.82 14.83 -12.82
C VAL A 467 -8.05 14.59 -11.33
N LYS A 468 -7.10 15.04 -10.51
CA LYS A 468 -7.16 14.84 -9.07
C LYS A 468 -7.99 15.89 -8.34
N ALA A 469 -8.28 17.02 -8.98
CA ALA A 469 -9.10 18.08 -8.38
C ALA A 469 -10.57 17.63 -8.37
N SER A 470 -10.84 16.66 -7.51
CA SER A 470 -12.13 15.96 -7.55
C SER A 470 -13.29 16.87 -7.18
N SER A 471 -13.09 17.83 -6.27
CA SER A 471 -14.18 18.73 -5.90
C SER A 471 -14.64 19.57 -7.07
N ILE A 472 -13.72 19.96 -7.95
CA ILE A 472 -14.07 20.76 -9.11
C ILE A 472 -14.70 19.89 -10.19
N VAL A 473 -14.14 18.69 -10.42
CA VAL A 473 -14.69 17.79 -11.43
C VAL A 473 -16.12 17.39 -11.07
N ALA A 474 -16.36 17.06 -9.80
CA ALA A 474 -17.71 16.71 -9.36
C ALA A 474 -18.67 17.88 -9.58
N SER A 475 -18.21 19.11 -9.34
CA SER A 475 -19.04 20.27 -9.61
C SER A 475 -19.36 20.38 -11.09
N LEU A 476 -18.38 20.10 -11.95
CA LEU A 476 -18.62 20.13 -13.40
C LEU A 476 -19.65 19.07 -13.80
N PHE A 477 -19.60 17.90 -13.16
CA PHE A 477 -20.59 16.86 -13.44
C PHE A 477 -21.98 17.31 -13.03
N LEU A 478 -22.11 17.85 -11.81
CA LEU A 478 -23.41 18.30 -11.33
C LEU A 478 -23.97 19.43 -12.20
N LYS A 479 -23.09 20.30 -12.70
CA LYS A 479 -23.54 21.43 -13.52
C LYS A 479 -24.25 20.96 -14.78
N GLU A 480 -23.95 19.76 -15.25
CA GLU A 480 -24.60 19.21 -16.44
C GLU A 480 -26.07 18.86 -16.20
N PHE A 481 -26.57 19.01 -14.98
CA PHE A 481 -27.95 18.67 -14.67
C PHE A 481 -28.74 19.86 -14.17
N VAL A 482 -28.25 21.08 -14.42
CA VAL A 482 -28.97 22.32 -14.19
C VAL A 482 -28.92 23.10 -15.50
N GLN A 483 -30.08 23.24 -16.16
CA GLN A 483 -30.10 23.82 -17.50
C GLN A 483 -30.05 25.34 -17.47
N ASN A 484 -30.98 25.98 -16.75
CA ASN A 484 -31.15 27.43 -16.87
C ASN A 484 -31.63 28.02 -15.55
N THR A 485 -31.08 27.56 -14.44
CA THR A 485 -31.46 28.06 -13.13
C THR A 485 -30.21 28.37 -12.32
N ALA A 486 -30.24 29.47 -11.58
CA ALA A 486 -29.16 29.79 -10.67
C ALA A 486 -28.97 28.66 -9.67
N TRP A 487 -27.74 28.14 -9.60
CA TRP A 487 -27.47 26.94 -8.82
C TRP A 487 -26.14 27.09 -8.10
N ALA A 488 -26.10 26.65 -6.84
CA ALA A 488 -24.89 26.64 -6.04
C ALA A 488 -24.75 25.29 -5.35
N HIS A 489 -23.51 24.91 -5.09
CA HIS A 489 -23.20 23.57 -4.58
C HIS A 489 -22.21 23.73 -3.43
N ILE A 490 -22.59 23.27 -2.24
CA ILE A 490 -21.80 23.43 -1.02
C ILE A 490 -21.24 22.08 -0.64
N ASP A 491 -19.93 21.91 -0.80
CA ASP A 491 -19.24 20.68 -0.44
C ASP A 491 -18.80 20.76 1.01
N ILE A 492 -19.45 20.00 1.87
CA ILE A 492 -19.20 20.03 3.31
C ILE A 492 -18.44 18.78 3.78
N ALA A 493 -17.75 18.10 2.86
CA ALA A 493 -17.08 16.85 3.20
C ALA A 493 -16.04 17.03 4.31
N GLY A 494 -15.40 18.19 4.36
CA GLY A 494 -14.35 18.41 5.35
C GLY A 494 -14.83 18.91 6.69
N VAL A 495 -16.00 19.55 6.72
CA VAL A 495 -16.46 20.29 7.89
C VAL A 495 -17.63 19.61 8.59
N SER A 496 -18.12 18.48 8.07
CA SER A 496 -19.36 17.92 8.59
C SER A 496 -19.20 17.35 9.99
N TRP A 497 -18.04 16.78 10.29
CA TRP A 497 -17.83 16.01 11.51
C TRP A 497 -16.76 16.66 12.37
N ASN A 498 -17.04 16.74 13.68
CA ASN A 498 -16.08 17.27 14.66
C ASN A 498 -15.23 16.09 15.12
N PHE A 499 -14.04 15.95 14.53
CA PHE A 499 -13.20 14.80 14.81
C PHE A 499 -12.63 14.83 16.23
N LYS A 500 -12.37 16.03 16.76
CA LYS A 500 -11.85 16.12 18.12
C LYS A 500 -12.88 15.68 19.16
N ALA A 501 -14.13 16.10 18.99
CA ALA A 501 -15.19 15.76 19.92
C ALA A 501 -15.93 14.48 19.55
N ARG A 502 -15.68 13.92 18.36
CA ARG A 502 -16.30 12.67 17.93
C ARG A 502 -17.82 12.80 17.84
N LYS A 503 -18.29 13.89 17.26
CA LYS A 503 -19.71 14.16 17.13
C LYS A 503 -19.93 15.04 15.92
N PRO A 504 -21.15 15.09 15.38
CA PRO A 504 -21.40 15.95 14.22
C PRO A 504 -21.39 17.43 14.60
N LYS A 505 -21.23 18.27 13.59
CA LYS A 505 -21.36 19.70 13.75
C LYS A 505 -22.76 20.22 13.44
N GLY A 506 -23.55 19.46 12.71
CA GLY A 506 -24.79 20.00 12.18
C GLY A 506 -24.55 21.12 11.18
N PHE A 507 -23.43 21.07 10.46
CA PHE A 507 -23.04 22.16 9.57
C PHE A 507 -24.07 22.35 8.45
N GLY A 508 -24.43 23.60 8.21
CA GLY A 508 -25.28 23.97 7.10
C GLY A 508 -26.68 24.42 7.47
N VAL A 509 -27.17 23.99 8.64
CA VAL A 509 -28.55 24.33 9.03
C VAL A 509 -28.70 25.84 9.13
N ARG A 510 -27.84 26.49 9.92
CA ARG A 510 -27.96 27.92 10.13
C ARG A 510 -27.57 28.70 8.87
N LEU A 511 -26.59 28.20 8.12
CA LEU A 511 -26.21 28.83 6.86
C LEU A 511 -27.39 28.88 5.90
N LEU A 512 -28.05 27.74 5.69
CA LEU A 512 -29.16 27.70 4.74
C LEU A 512 -30.38 28.47 5.26
N THR A 513 -30.61 28.47 6.57
CA THR A 513 -31.74 29.20 7.11
C THR A 513 -31.54 30.71 6.96
N GLU A 514 -30.31 31.19 7.24
CA GLU A 514 -30.01 32.59 6.99
C GLU A 514 -30.18 32.94 5.53
N PHE A 515 -29.82 32.01 4.63
CA PHE A 515 -30.02 32.23 3.20
C PHE A 515 -31.50 32.40 2.88
N VAL A 516 -32.35 31.55 3.45
CA VAL A 516 -33.78 31.67 3.23
C VAL A 516 -34.33 32.94 3.87
N LEU A 517 -33.88 33.27 5.09
CA LEU A 517 -34.44 34.42 5.78
C LEU A 517 -33.88 35.75 5.30
N ASN A 518 -32.70 35.75 4.69
CA ASN A 518 -32.11 37.00 4.19
C ASN A 518 -32.69 37.39 2.84
N ASP A 519 -33.35 36.45 2.17
CA ASP A 519 -34.07 36.72 0.93
C ASP A 519 -35.39 37.37 1.29
N ALA A 520 -35.33 38.67 1.57
CA ALA A 520 -36.50 39.43 1.97
C ALA A 520 -36.36 40.90 1.57
N SER B 2 -34.72 -16.62 -23.26
CA SER B 2 -34.69 -16.56 -21.80
C SER B 2 -34.89 -15.11 -21.33
N GLU B 3 -35.70 -14.96 -20.29
CA GLU B 3 -36.02 -13.62 -19.77
C GLU B 3 -34.90 -13.13 -18.87
N VAL B 4 -34.47 -11.89 -19.09
CA VAL B 4 -33.39 -11.28 -18.31
C VAL B 4 -33.97 -10.73 -17.01
N PRO B 5 -33.52 -11.22 -15.85
CA PRO B 5 -34.01 -10.67 -14.59
C PRO B 5 -33.61 -9.20 -14.43
N GLN B 6 -34.41 -8.48 -13.63
CA GLN B 6 -34.18 -7.06 -13.41
C GLN B 6 -34.35 -6.73 -11.93
N VAL B 7 -33.64 -5.69 -11.50
CA VAL B 7 -33.89 -5.10 -10.18
C VAL B 7 -34.85 -3.93 -10.29
N VAL B 8 -34.56 -3.00 -11.19
CA VAL B 8 -35.41 -1.85 -11.47
C VAL B 8 -36.05 -2.05 -12.83
N SER B 9 -37.22 -1.42 -13.03
CA SER B 9 -37.91 -1.52 -14.31
C SER B 9 -37.12 -0.89 -15.44
N LEU B 10 -36.22 0.05 -15.13
CA LEU B 10 -35.39 0.67 -16.15
C LEU B 10 -34.15 -0.16 -16.50
N ASP B 11 -34.07 -1.40 -16.02
CA ASP B 11 -32.95 -2.26 -16.37
C ASP B 11 -33.16 -2.85 -17.75
N PRO B 12 -32.22 -2.68 -18.69
CA PRO B 12 -32.38 -3.26 -20.02
C PRO B 12 -32.28 -4.77 -19.99
N THR B 13 -32.92 -5.41 -20.98
CA THR B 13 -33.01 -6.85 -21.04
C THR B 13 -32.33 -7.46 -22.26
N SER B 14 -31.67 -6.66 -23.08
CA SER B 14 -30.97 -7.19 -24.25
C SER B 14 -29.81 -6.27 -24.61
N ILE B 15 -28.83 -6.83 -25.31
CA ILE B 15 -27.68 -6.09 -25.79
C ILE B 15 -28.03 -5.49 -27.15
N PRO B 16 -28.02 -4.17 -27.30
CA PRO B 16 -28.23 -3.59 -28.63
C PRO B 16 -27.05 -3.92 -29.54
N ILE B 17 -27.36 -4.47 -30.72
CA ILE B 17 -26.35 -4.86 -31.69
C ILE B 17 -26.76 -4.30 -33.05
N GLU B 18 -25.87 -3.54 -33.67
CA GLU B 18 -26.09 -3.07 -35.03
C GLU B 18 -25.41 -4.04 -36.00
N TYR B 19 -26.21 -4.68 -36.85
CA TYR B 19 -25.68 -5.60 -37.84
C TYR B 19 -25.38 -4.91 -39.15
N ASN B 20 -26.23 -3.98 -39.57
CA ASN B 20 -26.04 -3.22 -40.80
C ASN B 20 -25.44 -1.87 -40.42
N THR B 21 -24.13 -1.76 -40.51
CA THR B 21 -23.40 -0.56 -40.14
C THR B 21 -23.21 0.34 -41.34
N PRO B 22 -22.90 1.63 -41.11
CA PRO B 22 -22.62 2.52 -42.26
C PRO B 22 -21.49 2.01 -43.14
N ILE B 23 -20.56 1.23 -42.59
CA ILE B 23 -19.51 0.62 -43.41
C ILE B 23 -20.14 -0.31 -44.45
N HIS B 24 -21.21 -1.00 -44.08
CA HIS B 24 -21.87 -1.90 -45.00
C HIS B 24 -22.55 -1.16 -46.15
N ASP B 25 -22.81 0.14 -45.98
CA ASP B 25 -23.45 0.94 -47.03
C ASP B 25 -22.44 1.59 -47.96
N ILE B 26 -21.14 1.38 -47.74
CA ILE B 26 -20.12 1.94 -48.61
C ILE B 26 -19.97 1.04 -49.82
N LYS B 27 -20.20 1.59 -51.00
CA LYS B 27 -19.98 0.84 -52.23
C LYS B 27 -18.50 0.94 -52.58
N VAL B 28 -17.85 -0.22 -52.73
CA VAL B 28 -16.42 -0.29 -52.98
C VAL B 28 -16.20 -0.77 -54.41
N GLN B 29 -15.37 -0.05 -55.15
CA GLN B 29 -15.01 -0.42 -56.51
C GLN B 29 -13.51 -0.38 -56.65
N VAL B 30 -12.94 -1.45 -57.20
CA VAL B 30 -11.50 -1.55 -57.44
C VAL B 30 -11.28 -1.38 -58.94
N TYR B 31 -10.46 -0.41 -59.30
CA TYR B 31 -10.11 -0.14 -60.69
C TYR B 31 -8.64 -0.42 -60.89
N ASP B 32 -8.28 -0.78 -62.12
CA ASP B 32 -6.88 -1.02 -62.43
C ASP B 32 -6.17 0.31 -62.63
N ILE B 33 -4.99 0.44 -62.01
CA ILE B 33 -4.26 1.69 -62.08
C ILE B 33 -3.77 1.97 -63.49
N LYS B 34 -3.66 0.94 -64.33
CA LYS B 34 -3.15 1.10 -65.68
C LYS B 34 -4.05 1.99 -66.53
N GLY B 35 -5.35 2.05 -66.22
CA GLY B 35 -6.27 2.84 -66.98
C GLY B 35 -6.34 4.31 -66.63
N GLY B 36 -5.51 4.77 -65.71
CA GLY B 36 -5.54 6.16 -65.29
C GLY B 36 -6.58 6.43 -64.22
N CYS B 37 -6.35 7.50 -63.47
CA CYS B 37 -7.19 7.86 -62.33
C CYS B 37 -8.12 9.02 -62.70
N ASN B 38 -9.40 8.84 -62.44
CA ASN B 38 -10.38 9.92 -62.52
C ASN B 38 -10.47 10.62 -61.17
N VAL B 39 -11.04 11.82 -61.18
CA VAL B 39 -11.18 12.59 -59.96
C VAL B 39 -12.66 12.89 -59.72
N GLU B 40 -13.12 14.03 -60.23
CA GLU B 40 -14.50 14.51 -60.02
C GLU B 40 -14.76 14.62 -58.52
N GLU B 41 -15.83 14.06 -57.99
CA GLU B 41 -16.31 14.39 -56.66
C GLU B 41 -15.55 13.63 -55.57
N GLY B 42 -15.67 14.13 -54.34
CA GLY B 42 -15.11 13.49 -53.16
C GLY B 42 -13.66 13.84 -52.89
N LEU B 43 -12.95 12.94 -52.22
CA LEU B 43 -11.55 13.11 -51.89
C LEU B 43 -10.73 12.02 -52.54
N THR B 44 -9.66 12.39 -53.22
CA THR B 44 -8.76 11.44 -53.85
C THR B 44 -7.42 11.52 -53.13
N ILE B 45 -6.97 10.40 -52.58
CA ILE B 45 -5.76 10.34 -51.77
C ILE B 45 -4.79 9.39 -52.43
N PHE B 46 -3.55 9.84 -52.59
CA PHE B 46 -2.47 9.03 -53.16
C PHE B 46 -1.63 8.45 -52.02
N LEU B 47 -1.43 7.15 -52.03
CA LEU B 47 -0.54 6.48 -51.08
C LEU B 47 0.85 6.42 -51.71
N VAL B 48 1.76 7.26 -51.25
CA VAL B 48 3.06 7.42 -51.88
C VAL B 48 4.16 7.15 -50.86
N ASN B 49 5.26 6.57 -51.34
CA ASN B 49 6.46 6.35 -50.55
C ASN B 49 7.67 6.80 -51.36
N ASN B 50 8.84 6.72 -50.74
CA ASN B 50 10.11 7.00 -51.43
C ASN B 50 11.17 6.14 -50.78
N PRO B 51 11.37 4.92 -51.29
CA PRO B 51 12.32 4.00 -50.64
C PRO B 51 13.73 4.56 -50.61
N GLY B 52 14.44 4.26 -49.52
CA GLY B 52 15.81 4.68 -49.36
C GLY B 52 15.95 6.05 -48.74
N LYS B 53 15.52 7.08 -49.47
CA LYS B 53 15.65 8.46 -49.02
C LYS B 53 14.65 8.72 -47.90
N GLU B 54 15.15 8.87 -46.67
CA GLU B 54 14.28 9.23 -45.55
C GLU B 54 13.73 10.62 -45.76
N ASN B 55 12.41 10.75 -45.63
CA ASN B 55 11.69 12.01 -45.88
C ASN B 55 11.91 12.51 -47.32
N GLY B 56 11.99 11.57 -48.26
CA GLY B 56 12.17 11.94 -49.64
C GLY B 56 10.93 12.63 -50.19
N PRO B 57 11.05 13.21 -51.38
CA PRO B 57 9.93 13.99 -51.93
C PRO B 57 8.80 13.09 -52.44
N VAL B 58 7.62 13.68 -52.55
CA VAL B 58 6.46 12.99 -53.09
C VAL B 58 6.45 13.18 -54.61
N LYS B 59 6.24 12.09 -55.33
CA LYS B 59 6.14 12.12 -56.78
C LYS B 59 4.94 11.27 -57.20
N ILE B 60 3.98 11.89 -57.88
CA ILE B 60 2.79 11.16 -58.29
C ILE B 60 3.13 10.40 -59.57
N SER B 61 3.04 9.08 -59.51
CA SER B 61 3.41 8.20 -60.61
C SER B 61 2.23 7.76 -61.47
N SER B 62 1.04 7.70 -60.90
CA SER B 62 -0.11 7.19 -61.63
C SER B 62 -0.55 8.19 -62.68
N LYS B 63 -1.09 7.68 -63.77
CA LYS B 63 -1.67 8.56 -64.77
C LYS B 63 -3.04 9.03 -64.30
N VAL B 64 -3.29 10.33 -64.45
CA VAL B 64 -4.55 10.94 -64.05
C VAL B 64 -5.28 11.37 -65.31
N ASN B 65 -6.55 11.00 -65.42
CA ASN B 65 -7.34 11.29 -66.61
C ASN B 65 -7.95 12.68 -66.55
N ASP B 66 -7.12 13.66 -66.23
CA ASP B 66 -7.55 15.05 -66.19
C ASP B 66 -6.33 15.93 -66.39
N LYS B 67 -6.36 16.79 -67.41
CA LYS B 67 -5.21 17.62 -67.73
C LYS B 67 -4.95 18.66 -66.64
N GLN B 68 -6.01 19.30 -66.15
CA GLN B 68 -5.85 20.34 -65.14
C GLN B 68 -5.30 19.76 -63.83
N VAL B 69 -5.83 18.61 -63.40
CA VAL B 69 -5.35 17.98 -62.18
C VAL B 69 -3.92 17.50 -62.35
N SER B 70 -3.59 16.94 -63.52
CA SER B 70 -2.23 16.46 -63.76
C SER B 70 -1.22 17.59 -63.72
N GLU B 71 -1.62 18.81 -64.09
CA GLU B 71 -0.69 19.94 -64.06
C GLU B 71 -0.36 20.36 -62.63
N PHE B 72 -1.33 20.26 -61.72
CA PHE B 72 -1.06 20.54 -60.31
C PHE B 72 -0.13 19.49 -59.73
N LEU B 73 -0.31 18.22 -60.11
CA LEU B 73 0.47 17.13 -59.55
C LEU B 73 1.80 16.94 -60.25
N LYS B 74 2.25 17.92 -61.02
CA LYS B 74 3.56 17.82 -61.67
C LYS B 74 4.67 17.78 -60.62
N ASP B 75 5.78 17.16 -61.00
CA ASP B 75 6.88 16.96 -60.05
C ASP B 75 7.37 18.27 -59.44
N GLU B 76 7.43 19.33 -60.26
CA GLU B 76 7.90 20.62 -59.74
C GLU B 76 7.03 21.11 -58.60
N ASN B 77 5.72 20.86 -58.66
CA ASN B 77 4.83 21.32 -57.61
C ASN B 77 4.84 20.37 -56.42
N MET B 78 5.04 19.08 -56.65
CA MET B 78 4.95 18.07 -55.59
C MET B 78 6.25 17.89 -54.82
N GLU B 79 7.38 18.37 -55.35
CA GLU B 79 8.65 18.16 -54.69
C GLU B 79 8.80 18.93 -53.39
N LYS B 80 7.93 19.90 -53.13
CA LYS B 80 7.95 20.62 -51.86
C LYS B 80 7.46 19.79 -50.68
N PHE B 81 6.89 18.61 -50.92
CA PHE B 81 6.35 17.75 -49.88
C PHE B 81 7.17 16.48 -49.76
N ASN B 82 7.19 15.91 -48.55
CA ASN B 82 7.93 14.70 -48.26
C ASN B 82 6.99 13.57 -47.88
N VAL B 83 7.54 12.36 -47.82
CA VAL B 83 6.76 11.14 -47.68
C VAL B 83 6.84 10.57 -46.26
N LYS B 84 7.18 11.40 -45.27
CA LYS B 84 7.27 10.95 -43.88
C LYS B 84 6.01 10.20 -43.47
N LEU B 85 6.21 9.01 -42.89
CA LEU B 85 5.11 8.11 -42.53
C LEU B 85 4.09 8.82 -41.65
N GLY B 86 2.84 8.84 -42.11
CA GLY B 86 1.75 9.44 -41.38
C GLY B 86 1.39 10.86 -41.81
N THR B 87 2.31 11.54 -42.50
CA THR B 87 2.04 12.89 -42.97
C THR B 87 0.95 12.89 -44.04
N SER B 88 0.23 14.01 -44.12
CA SER B 88 -0.87 14.14 -45.07
C SER B 88 -1.00 15.60 -45.47
N LYS B 89 -1.51 15.83 -46.67
CA LYS B 89 -1.75 17.16 -47.23
C LYS B 89 -3.05 17.14 -48.02
N HIS B 90 -3.69 18.31 -48.11
CA HIS B 90 -4.89 18.50 -48.90
C HIS B 90 -4.64 19.51 -50.00
N PHE B 91 -5.16 19.22 -51.20
CA PHE B 91 -5.05 20.14 -52.34
C PHE B 91 -6.45 20.47 -52.86
N TYR B 92 -6.64 21.73 -53.25
CA TYR B 92 -7.87 22.19 -53.88
C TYR B 92 -7.55 22.62 -55.31
N MET B 93 -8.40 22.23 -56.27
CA MET B 93 -8.13 22.54 -57.66
C MET B 93 -9.41 22.38 -58.47
N PHE B 94 -9.36 22.84 -59.72
CA PHE B 94 -10.42 22.65 -60.69
C PHE B 94 -10.01 21.58 -61.71
N ASN B 95 -10.96 20.73 -62.07
CA ASN B 95 -10.71 19.67 -63.04
C ASN B 95 -10.98 20.18 -64.45
N ASP B 96 -11.01 19.26 -65.42
CA ASP B 96 -11.23 19.64 -66.82
C ASP B 96 -12.62 20.22 -67.06
N ASN B 97 -13.61 19.88 -66.22
CA ASN B 97 -14.95 20.42 -66.35
C ASN B 97 -15.18 21.64 -65.47
N LYS B 98 -14.11 22.36 -65.12
CA LYS B 98 -14.18 23.61 -64.37
C LYS B 98 -14.90 23.41 -63.02
N ASN B 99 -14.83 22.20 -62.48
CA ASN B 99 -15.41 21.90 -61.18
C ASN B 99 -14.32 21.71 -60.14
N SER B 100 -14.61 22.17 -58.92
CA SER B 100 -13.65 22.08 -57.82
C SER B 100 -13.57 20.64 -57.30
N VAL B 101 -12.34 20.13 -57.18
CA VAL B 101 -12.10 18.79 -56.63
C VAL B 101 -11.06 18.91 -55.53
N ALA B 102 -11.06 17.92 -54.64
CA ALA B 102 -10.12 17.87 -53.52
C ALA B 102 -9.23 16.64 -53.66
N VAL B 103 -7.92 16.86 -53.63
CA VAL B 103 -6.92 15.82 -53.82
C VAL B 103 -5.87 15.93 -52.72
N GLY B 104 -5.23 14.81 -52.41
CA GLY B 104 -4.18 14.82 -51.41
C GLY B 104 -3.40 13.54 -51.42
N TYR B 105 -2.54 13.39 -50.40
CA TYR B 105 -1.69 12.21 -50.29
C TYR B 105 -1.48 11.88 -48.82
N VAL B 106 -1.06 10.65 -48.57
CA VAL B 106 -0.61 10.21 -47.26
C VAL B 106 0.78 9.60 -47.41
N GLY B 107 1.73 10.09 -46.61
CA GLY B 107 3.10 9.58 -46.69
C GLY B 107 3.19 8.17 -46.14
N CYS B 108 3.86 7.28 -46.87
CA CYS B 108 4.02 5.89 -46.49
C CYS B 108 5.46 5.54 -46.11
N GLY B 109 6.28 6.53 -45.81
CA GLY B 109 7.62 6.26 -45.32
C GLY B 109 8.62 5.93 -46.40
N SER B 110 9.68 5.23 -45.99
CA SER B 110 10.80 4.91 -46.86
C SER B 110 11.04 3.41 -47.03
N VAL B 111 10.23 2.56 -46.41
CA VAL B 111 10.34 1.11 -46.61
C VAL B 111 9.42 0.73 -47.78
N ALA B 112 9.97 -0.05 -48.72
CA ALA B 112 9.20 -0.38 -49.93
C ALA B 112 8.02 -1.28 -49.59
N ASP B 113 8.24 -2.27 -48.73
CA ASP B 113 7.19 -3.19 -48.30
C ASP B 113 6.77 -2.76 -46.90
N LEU B 114 5.61 -2.12 -46.80
CA LEU B 114 5.15 -1.60 -45.52
C LEU B 114 4.72 -2.73 -44.59
N SER B 115 5.03 -2.57 -43.31
CA SER B 115 4.60 -3.54 -42.30
C SER B 115 3.15 -3.27 -41.90
N GLU B 116 2.60 -4.20 -41.13
CA GLU B 116 1.23 -4.05 -40.62
C GLU B 116 1.10 -2.82 -39.72
N ALA B 117 2.10 -2.57 -38.88
CA ALA B 117 2.02 -1.42 -37.99
C ALA B 117 2.11 -0.10 -38.76
N ASP B 118 2.96 -0.04 -39.78
CA ASP B 118 3.05 1.16 -40.60
C ASP B 118 1.77 1.39 -41.40
N MET B 119 1.26 0.34 -42.04
CA MET B 119 -0.01 0.45 -42.76
C MET B 119 -1.11 0.92 -41.84
N LYS B 120 -1.10 0.43 -40.59
CA LYS B 120 -2.07 0.84 -39.60
C LYS B 120 -2.00 2.34 -39.36
N ARG B 121 -0.79 2.89 -39.25
CA ARG B 121 -0.61 4.33 -39.07
C ARG B 121 -1.08 5.09 -40.31
N VAL B 122 -0.87 4.53 -41.50
CA VAL B 122 -1.36 5.15 -42.73
C VAL B 122 -2.88 5.24 -42.70
N VAL B 123 -3.53 4.16 -42.27
CA VAL B 123 -4.98 4.14 -42.20
C VAL B 123 -5.49 5.19 -41.24
N LEU B 124 -4.83 5.34 -40.09
CA LEU B 124 -5.25 6.33 -39.10
C LEU B 124 -5.16 7.75 -39.66
N SER B 125 -4.12 8.03 -40.44
CA SER B 125 -4.03 9.32 -41.11
C SER B 125 -5.15 9.49 -42.11
N LEU B 126 -5.52 8.40 -42.81
CA LEU B 126 -6.64 8.45 -43.73
C LEU B 126 -7.95 8.75 -43.01
N VAL B 127 -8.18 8.06 -41.89
CA VAL B 127 -9.42 8.27 -41.14
C VAL B 127 -9.51 9.70 -40.62
N THR B 128 -8.37 10.30 -40.25
CA THR B 128 -8.36 11.70 -39.84
C THR B 128 -8.86 12.60 -40.97
N MET B 129 -8.47 12.30 -42.21
CA MET B 129 -8.97 13.06 -43.34
C MET B 129 -10.47 12.83 -43.55
N LEU B 130 -10.96 11.62 -43.25
CA LEU B 130 -12.37 11.33 -43.41
C LEU B 130 -13.22 12.05 -42.37
N HIS B 131 -12.73 12.13 -41.14
CA HIS B 131 -13.46 12.81 -40.08
C HIS B 131 -13.44 14.32 -40.27
N ASP B 132 -14.48 14.99 -39.73
CA ASP B 132 -14.65 16.43 -39.83
C ASP B 132 -14.66 16.93 -41.27
N ASN B 133 -15.09 16.08 -42.19
CA ASN B 133 -15.21 16.45 -43.59
C ASN B 133 -16.42 15.71 -44.16
N LYS B 134 -17.31 16.46 -44.80
CA LYS B 134 -18.59 15.92 -45.29
C LYS B 134 -18.44 15.40 -46.71
N LEU B 135 -17.62 14.37 -46.85
CA LEU B 135 -17.36 13.76 -48.15
C LEU B 135 -18.37 12.67 -48.46
N SER B 136 -18.73 12.57 -49.74
CA SER B 136 -19.59 11.50 -50.22
C SER B 136 -18.82 10.33 -50.80
N LYS B 137 -17.56 10.55 -51.19
CA LYS B 137 -16.75 9.52 -51.83
C LYS B 137 -15.30 9.69 -51.43
N LEU B 138 -14.61 8.57 -51.21
CA LEU B 138 -13.18 8.55 -51.02
C LEU B 138 -12.55 7.71 -52.12
N THR B 139 -11.47 8.22 -52.70
CA THR B 139 -10.71 7.49 -53.70
C THR B 139 -9.27 7.35 -53.21
N VAL B 140 -8.78 6.11 -53.17
CA VAL B 140 -7.44 5.81 -52.71
C VAL B 140 -6.68 5.19 -53.88
N VAL B 141 -5.56 5.81 -54.25
CA VAL B 141 -4.73 5.35 -55.36
C VAL B 141 -3.47 4.74 -54.78
N PHE B 142 -3.25 3.46 -55.05
CA PHE B 142 -2.12 2.73 -54.48
C PHE B 142 -0.91 2.93 -55.38
N GLU B 143 -0.05 3.88 -55.01
CA GLU B 143 1.26 4.04 -55.64
C GLU B 143 2.37 3.41 -54.81
N ILE B 144 2.03 2.42 -53.98
CA ILE B 144 3.00 1.66 -53.21
C ILE B 144 2.73 0.17 -53.46
N ASN B 145 3.76 -0.63 -53.22
CA ASN B 145 3.66 -2.07 -53.42
C ASN B 145 2.94 -2.70 -52.24
N VAL B 146 1.79 -3.29 -52.49
CA VAL B 146 1.07 -4.05 -51.47
C VAL B 146 0.54 -5.33 -52.09
N ASP B 147 0.66 -6.43 -51.35
CA ASP B 147 0.15 -7.73 -51.77
C ASP B 147 -1.32 -7.88 -51.40
N LYS B 148 -1.86 -9.08 -51.68
CA LYS B 148 -3.28 -9.33 -51.45
C LYS B 148 -3.63 -9.24 -49.97
N ASN B 149 -2.76 -9.76 -49.10
CA ASN B 149 -3.04 -9.76 -47.67
C ASN B 149 -2.98 -8.35 -47.07
N LEU B 150 -1.99 -7.55 -47.49
CA LEU B 150 -1.88 -6.20 -46.95
C LEU B 150 -3.03 -5.31 -47.41
N PHE B 151 -3.53 -5.53 -48.63
CA PHE B 151 -4.71 -4.81 -49.09
C PHE B 151 -5.93 -5.15 -48.24
N ARG B 152 -6.12 -6.44 -47.93
CA ARG B 152 -7.21 -6.83 -47.05
C ARG B 152 -7.06 -6.21 -45.67
N PHE B 153 -5.84 -6.22 -45.12
CA PHE B 153 -5.59 -5.58 -43.84
C PHE B 153 -5.90 -4.09 -43.89
N PHE B 154 -5.57 -3.45 -45.02
CA PHE B 154 -5.89 -2.04 -45.21
C PHE B 154 -7.39 -1.79 -45.09
N LEU B 155 -8.19 -2.61 -45.80
CA LEU B 155 -9.64 -2.43 -45.78
C LEU B 155 -10.22 -2.74 -44.41
N GLU B 156 -9.79 -3.85 -43.79
CA GLU B 156 -10.26 -4.19 -42.45
C GLU B 156 -10.00 -3.06 -41.47
N THR B 157 -8.76 -2.55 -41.45
CA THR B 157 -8.40 -1.51 -40.50
C THR B 157 -9.13 -0.21 -40.80
N LEU B 158 -9.24 0.14 -42.09
CA LEU B 158 -10.01 1.32 -42.47
C LEU B 158 -11.46 1.19 -42.00
N PHE B 159 -12.09 0.05 -42.29
CA PHE B 159 -13.48 -0.15 -41.88
C PHE B 159 -13.63 -0.07 -40.37
N TYR B 160 -12.74 -0.74 -39.63
CA TYR B 160 -12.88 -0.80 -38.17
C TYR B 160 -12.66 0.55 -37.53
N GLU B 161 -11.59 1.25 -37.92
CA GLU B 161 -11.30 2.55 -37.30
C GLU B 161 -12.31 3.62 -37.72
N TYR B 162 -12.86 3.49 -38.92
CA TYR B 162 -13.86 4.46 -39.39
C TYR B 162 -15.15 4.36 -38.60
N MET B 163 -15.57 3.15 -38.25
CA MET B 163 -16.84 2.94 -37.58
C MET B 163 -16.81 3.50 -36.16
N THR B 164 -17.87 4.20 -35.79
CA THR B 164 -18.02 4.80 -34.47
C THR B 164 -19.22 4.19 -33.76
N ASP B 165 -19.00 3.67 -32.56
CA ASP B 165 -20.05 3.02 -31.77
C ASP B 165 -20.82 4.09 -30.99
N GLU B 166 -22.07 4.34 -31.40
CA GLU B 166 -22.93 5.34 -30.77
C GLU B 166 -24.18 4.72 -30.15
N ARG B 167 -24.15 3.42 -29.85
CA ARG B 167 -25.34 2.75 -29.34
C ARG B 167 -25.82 3.36 -28.02
N PHE B 168 -24.92 3.95 -27.25
CA PHE B 168 -25.23 4.42 -25.91
C PHE B 168 -25.13 5.94 -25.77
N LYS B 169 -25.03 6.66 -26.89
CA LYS B 169 -25.20 8.11 -26.88
C LYS B 169 -26.68 8.44 -26.96
N SER B 170 -27.17 9.27 -26.04
CA SER B 170 -28.51 9.84 -26.15
C SER B 170 -28.48 11.28 -26.63
N THR B 171 -27.90 12.18 -25.84
CA THR B 171 -27.88 13.60 -26.14
C THR B 171 -26.53 14.08 -26.67
N ASP B 172 -25.58 13.18 -26.89
CA ASP B 172 -24.22 13.55 -27.29
C ASP B 172 -23.83 12.82 -28.58
N LYS B 173 -24.80 12.54 -29.45
CA LYS B 173 -24.48 11.97 -30.75
C LYS B 173 -23.80 13.02 -31.62
N ASN B 174 -22.77 12.60 -32.35
CA ASN B 174 -22.04 13.50 -33.23
C ASN B 174 -22.96 14.02 -34.33
N VAL B 175 -23.38 15.28 -34.22
CA VAL B 175 -24.29 15.85 -35.20
C VAL B 175 -23.64 16.14 -36.54
N ASN B 176 -22.31 16.12 -36.61
CA ASN B 176 -21.58 16.43 -37.83
C ASN B 176 -20.94 15.21 -38.47
N MET B 177 -21.18 14.01 -37.92
CA MET B 177 -20.57 12.82 -38.48
C MET B 177 -21.40 12.30 -39.65
N GLU B 178 -20.75 12.16 -40.80
CA GLU B 178 -21.35 11.58 -41.99
C GLU B 178 -20.36 10.59 -42.58
N TYR B 179 -20.89 9.56 -43.22
CA TYR B 179 -20.07 8.50 -43.79
C TYR B 179 -20.10 8.59 -45.30
N ILE B 180 -18.95 8.35 -45.93
CA ILE B 180 -18.88 8.30 -47.38
C ILE B 180 -19.79 7.17 -47.86
N LYS B 181 -20.29 7.32 -49.09
CA LYS B 181 -21.12 6.29 -49.69
C LYS B 181 -20.38 5.50 -50.76
N HIS B 182 -19.17 5.92 -51.13
CA HIS B 182 -18.40 5.26 -52.17
C HIS B 182 -16.93 5.26 -51.77
N LEU B 183 -16.27 4.13 -52.04
CA LEU B 183 -14.84 4.01 -51.84
C LEU B 183 -14.23 3.49 -53.13
N GLY B 184 -13.37 4.29 -53.75
CA GLY B 184 -12.66 3.89 -54.96
C GLY B 184 -11.23 3.53 -54.63
N VAL B 185 -10.73 2.49 -55.29
CA VAL B 185 -9.37 2.01 -55.09
C VAL B 185 -8.74 1.83 -56.46
N TYR B 186 -7.61 2.49 -56.68
CA TYR B 186 -6.82 2.32 -57.89
C TYR B 186 -5.57 1.53 -57.52
N ILE B 187 -5.42 0.36 -58.12
CA ILE B 187 -4.31 -0.53 -57.81
C ILE B 187 -3.99 -1.36 -59.04
N ASN B 188 -2.72 -1.75 -59.16
CA ASN B 188 -2.30 -2.59 -60.27
C ASN B 188 -2.86 -4.00 -60.12
N ASN B 189 -3.26 -4.60 -61.25
CA ASN B 189 -3.88 -5.93 -61.27
C ASN B 189 -5.13 -5.96 -60.39
N ALA B 190 -6.04 -5.01 -60.65
CA ALA B 190 -7.19 -4.83 -59.77
C ALA B 190 -8.06 -6.08 -59.70
N ASP B 191 -8.06 -6.89 -60.76
CA ASP B 191 -8.86 -8.12 -60.72
C ASP B 191 -8.41 -9.05 -59.62
N THR B 192 -7.11 -9.02 -59.29
CA THR B 192 -6.56 -9.88 -58.24
C THR B 192 -6.87 -9.38 -56.83
N TYR B 193 -7.36 -8.16 -56.66
CA TYR B 193 -7.66 -7.63 -55.34
C TYR B 193 -9.15 -7.56 -55.02
N LYS B 194 -10.01 -7.64 -56.05
CA LYS B 194 -11.45 -7.57 -55.81
C LYS B 194 -11.91 -8.65 -54.85
N GLU B 195 -11.31 -9.85 -54.95
CA GLU B 195 -11.67 -10.97 -54.10
C GLU B 195 -11.51 -10.65 -52.61
N GLU B 196 -10.60 -9.73 -52.27
CA GLU B 196 -10.35 -9.40 -50.88
C GLU B 196 -11.33 -8.38 -50.30
N VAL B 197 -12.10 -7.68 -51.14
CA VAL B 197 -12.93 -6.58 -50.66
C VAL B 197 -13.99 -7.09 -49.70
N GLU B 198 -14.82 -8.04 -50.15
CA GLU B 198 -15.90 -8.52 -49.30
C GLU B 198 -15.39 -9.39 -48.17
N LYS B 199 -14.25 -10.07 -48.36
CA LYS B 199 -13.63 -10.78 -47.25
C LYS B 199 -13.20 -9.82 -46.16
N ALA B 200 -12.64 -8.67 -46.55
CA ALA B 200 -12.30 -7.64 -45.57
C ALA B 200 -13.55 -7.12 -44.87
N ARG B 201 -14.64 -6.97 -45.61
CA ARG B 201 -15.89 -6.49 -45.00
C ARG B 201 -16.43 -7.50 -44.00
N VAL B 202 -16.31 -8.78 -44.30
CA VAL B 202 -16.73 -9.81 -43.36
C VAL B 202 -15.82 -9.82 -42.14
N TYR B 203 -14.50 -9.77 -42.38
CA TYR B 203 -13.55 -9.75 -41.27
C TYR B 203 -13.73 -8.51 -40.42
N TYR B 204 -14.05 -7.37 -41.04
CA TYR B 204 -14.29 -6.14 -40.29
C TYR B 204 -15.44 -6.31 -39.31
N PHE B 205 -16.59 -6.81 -39.79
CA PHE B 205 -17.77 -6.84 -38.92
C PHE B 205 -17.63 -7.89 -37.83
N GLY B 206 -17.01 -9.03 -38.14
CA GLY B 206 -16.71 -9.99 -37.10
C GLY B 206 -15.89 -9.37 -35.98
N THR B 207 -14.92 -8.54 -36.34
CA THR B 207 -14.16 -7.81 -35.33
C THR B 207 -15.01 -6.75 -34.65
N TYR B 208 -15.82 -6.01 -35.42
CA TYR B 208 -16.67 -5.00 -34.82
C TYR B 208 -17.81 -5.60 -34.00
N TYR B 209 -18.28 -6.79 -34.39
CA TYR B 209 -19.29 -7.48 -33.60
C TYR B 209 -18.73 -7.84 -32.23
N ALA B 210 -17.52 -8.39 -32.20
CA ALA B 210 -16.85 -8.64 -30.92
C ALA B 210 -16.69 -7.35 -30.12
N SER B 211 -16.33 -6.25 -30.81
CA SER B 211 -16.18 -4.96 -30.13
C SER B 211 -17.49 -4.50 -29.51
N GLN B 212 -18.60 -4.70 -30.21
CA GLN B 212 -19.89 -4.27 -29.67
C GLN B 212 -20.25 -5.03 -28.41
N LEU B 213 -19.88 -6.32 -28.34
CA LEU B 213 -20.15 -7.10 -27.13
C LEU B 213 -19.22 -6.67 -25.99
N ILE B 214 -17.95 -6.42 -26.29
CA ILE B 214 -17.00 -6.03 -25.25
C ILE B 214 -17.35 -4.65 -24.70
N ALA B 215 -17.73 -3.72 -25.57
CA ALA B 215 -18.07 -2.37 -25.12
C ALA B 215 -19.46 -2.30 -24.50
N ALA B 216 -20.25 -3.36 -24.56
CA ALA B 216 -21.57 -3.36 -23.94
C ALA B 216 -21.43 -3.28 -22.42
N PRO B 217 -22.09 -2.34 -21.77
CA PRO B 217 -21.96 -2.21 -20.32
C PRO B 217 -22.56 -3.42 -19.60
N SER B 218 -22.13 -3.59 -18.35
CA SER B 218 -22.53 -4.77 -17.58
C SER B 218 -24.01 -4.76 -17.21
N ASN B 219 -24.67 -3.61 -17.25
CA ASN B 219 -26.11 -3.58 -17.02
C ASN B 219 -26.91 -3.87 -18.28
N TYR B 220 -26.24 -4.01 -19.43
CA TYR B 220 -26.84 -4.54 -20.64
C TYR B 220 -26.41 -5.97 -20.92
N CYS B 221 -25.14 -6.28 -20.68
CA CYS B 221 -24.58 -7.59 -20.98
C CYS B 221 -24.54 -8.43 -19.71
N ASN B 222 -25.20 -9.57 -19.75
CA ASN B 222 -25.22 -10.53 -18.65
C ASN B 222 -25.36 -11.91 -19.26
N PRO B 223 -25.18 -12.97 -18.47
CA PRO B 223 -25.23 -14.33 -19.05
C PRO B 223 -26.50 -14.61 -19.84
N VAL B 224 -27.64 -14.07 -19.43
CA VAL B 224 -28.88 -14.32 -20.16
C VAL B 224 -28.92 -13.52 -21.46
N SER B 225 -28.62 -12.22 -21.39
CA SER B 225 -28.68 -11.38 -22.57
C SER B 225 -27.59 -11.73 -23.59
N LEU B 226 -26.42 -12.18 -23.11
CA LEU B 226 -25.35 -12.53 -24.04
C LEU B 226 -25.68 -13.82 -24.78
N SER B 227 -26.21 -14.83 -24.08
CA SER B 227 -26.60 -16.06 -24.74
C SER B 227 -27.78 -15.84 -25.69
N ASN B 228 -28.67 -14.90 -25.36
CA ASN B 228 -29.73 -14.52 -26.30
C ASN B 228 -29.14 -13.96 -27.59
N ALA B 229 -28.13 -13.10 -27.47
CA ALA B 229 -27.48 -12.55 -28.66
C ALA B 229 -26.80 -13.65 -29.48
N ALA B 230 -26.19 -14.62 -28.80
CA ALA B 230 -25.58 -15.74 -29.51
C ALA B 230 -26.61 -16.57 -30.26
N VAL B 231 -27.80 -16.73 -29.68
CA VAL B 231 -28.87 -17.46 -30.35
C VAL B 231 -29.33 -16.70 -31.59
N GLU B 232 -29.56 -15.40 -31.44
CA GLU B 232 -29.88 -14.53 -32.58
C GLU B 232 -28.85 -14.71 -33.69
N LEU B 233 -27.56 -14.65 -33.34
CA LEU B 233 -26.50 -14.79 -34.33
C LEU B 233 -26.57 -16.13 -35.05
N ALA B 234 -26.79 -17.21 -34.30
CA ALA B 234 -26.87 -18.53 -34.92
C ALA B 234 -28.05 -18.64 -35.86
N GLN B 235 -29.19 -18.06 -35.50
CA GLN B 235 -30.37 -18.10 -36.37
C GLN B 235 -30.14 -17.29 -37.63
N LYS B 236 -29.49 -16.14 -37.51
CA LYS B 236 -29.19 -15.32 -38.69
C LYS B 236 -28.30 -16.05 -39.67
N LEU B 237 -27.42 -16.92 -39.18
CA LEU B 237 -26.42 -17.59 -40.02
C LEU B 237 -26.71 -19.07 -40.20
N ASN B 238 -27.88 -19.56 -39.77
CA ASN B 238 -28.27 -20.95 -39.93
C ASN B 238 -27.27 -21.89 -39.25
N LEU B 239 -26.78 -21.49 -38.08
CA LEU B 239 -25.94 -22.35 -37.26
C LEU B 239 -26.79 -23.12 -36.26
N GLU B 240 -26.32 -24.31 -35.91
CA GLU B 240 -26.93 -25.05 -34.81
C GLU B 240 -26.54 -24.39 -33.49
N TYR B 241 -27.47 -24.35 -32.54
CA TYR B 241 -27.21 -23.70 -31.27
C TYR B 241 -27.86 -24.48 -30.13
N LYS B 242 -27.19 -24.43 -28.98
CA LYS B 242 -27.73 -24.98 -27.74
C LYS B 242 -27.22 -24.13 -26.59
N ILE B 243 -28.13 -23.72 -25.70
CA ILE B 243 -27.79 -22.96 -24.50
C ILE B 243 -28.09 -23.84 -23.30
N LEU B 244 -27.05 -24.19 -22.55
CA LEU B 244 -27.20 -25.07 -21.40
C LEU B 244 -27.52 -24.25 -20.16
N GLY B 245 -28.60 -24.61 -19.46
CA GLY B 245 -28.99 -23.96 -18.24
C GLY B 245 -28.46 -24.68 -17.01
N VAL B 246 -28.77 -24.10 -15.85
CA VAL B 246 -28.20 -24.57 -14.59
C VAL B 246 -28.52 -26.04 -14.36
N LYS B 247 -29.75 -26.45 -14.67
CA LYS B 247 -30.15 -27.83 -14.42
C LYS B 247 -29.31 -28.81 -15.22
N GLU B 248 -29.07 -28.51 -16.50
CA GLU B 248 -28.22 -29.39 -17.31
C GLU B 248 -26.76 -29.30 -16.88
N LEU B 249 -26.30 -28.11 -16.48
CA LEU B 249 -24.93 -27.97 -16.01
C LEU B 249 -24.69 -28.75 -14.73
N GLU B 250 -25.70 -28.84 -13.85
CA GLU B 250 -25.57 -29.67 -12.66
C GLU B 250 -25.50 -31.15 -13.04
N GLU B 251 -26.27 -31.57 -14.04
CA GLU B 251 -26.20 -32.96 -14.49
C GLU B 251 -24.82 -33.30 -15.04
N LEU B 252 -24.18 -32.35 -15.72
CA LEU B 252 -22.83 -32.53 -16.21
C LEU B 252 -21.78 -32.30 -15.15
N LYS B 253 -22.18 -31.89 -13.94
CA LYS B 253 -21.28 -31.75 -12.78
C LYS B 253 -20.21 -30.69 -13.02
N MET B 254 -20.60 -29.58 -13.65
CA MET B 254 -19.68 -28.48 -13.91
C MET B 254 -19.53 -27.62 -12.65
N GLY B 255 -18.92 -28.24 -11.63
CA GLY B 255 -18.87 -27.61 -10.32
C GLY B 255 -18.00 -26.37 -10.26
N ALA B 256 -16.93 -26.32 -11.04
CA ALA B 256 -16.08 -25.13 -11.03
C ALA B 256 -16.78 -23.95 -11.69
N TYR B 257 -17.39 -24.17 -12.85
CA TYR B 257 -18.12 -23.12 -13.55
C TYR B 257 -19.34 -22.67 -12.75
N LEU B 258 -20.06 -23.63 -12.15
CA LEU B 258 -21.25 -23.28 -11.37
C LEU B 258 -20.89 -22.51 -10.11
N SER B 259 -19.76 -22.85 -9.49
CA SER B 259 -19.36 -22.17 -8.25
C SER B 259 -19.11 -20.69 -8.49
N VAL B 260 -18.47 -20.35 -9.61
CA VAL B 260 -18.17 -18.96 -9.91
C VAL B 260 -19.45 -18.13 -10.02
N GLY B 261 -20.47 -18.68 -10.67
CA GLY B 261 -21.74 -18.01 -10.87
C GLY B 261 -22.76 -18.17 -9.76
N LYS B 262 -22.38 -18.81 -8.64
CA LYS B 262 -23.33 -19.08 -7.57
C LYS B 262 -23.97 -17.80 -7.04
N GLY B 263 -23.16 -16.76 -6.82
CA GLY B 263 -23.63 -15.53 -6.21
C GLY B 263 -24.27 -14.51 -7.14
N SER B 264 -24.49 -14.85 -8.41
CA SER B 264 -25.01 -13.87 -9.35
C SER B 264 -26.54 -13.86 -9.33
N MET B 265 -27.09 -12.74 -9.80
CA MET B 265 -28.54 -12.65 -10.00
C MET B 265 -28.97 -13.23 -11.34
N TYR B 266 -28.05 -13.33 -12.31
CA TYR B 266 -28.34 -13.98 -13.58
C TYR B 266 -27.75 -15.38 -13.58
N PRO B 267 -28.54 -16.40 -13.93
CA PRO B 267 -28.01 -17.78 -13.89
C PRO B 267 -26.98 -18.03 -14.97
N ASN B 268 -26.13 -19.01 -14.72
CA ASN B 268 -25.14 -19.43 -15.69
C ASN B 268 -25.80 -19.86 -16.99
N LYS B 269 -25.16 -19.53 -18.11
CA LYS B 269 -25.61 -19.97 -19.43
C LYS B 269 -24.40 -20.40 -20.24
N PHE B 270 -24.39 -21.64 -20.68
CA PHE B 270 -23.30 -22.19 -21.48
C PHE B 270 -23.69 -22.10 -22.95
N ILE B 271 -22.90 -21.35 -23.73
CA ILE B 271 -23.17 -21.15 -25.15
C ILE B 271 -22.48 -22.25 -25.93
N HIS B 272 -23.21 -22.87 -26.86
CA HIS B 272 -22.67 -23.91 -27.73
C HIS B 272 -23.25 -23.69 -29.13
N LEU B 273 -22.47 -23.06 -29.99
CA LEU B 273 -22.80 -22.90 -31.39
C LEU B 273 -21.98 -23.89 -32.21
N THR B 274 -22.55 -24.35 -33.32
CA THR B 274 -21.88 -25.33 -34.17
C THR B 274 -22.05 -24.98 -35.64
N TYR B 275 -20.94 -24.93 -36.37
CA TYR B 275 -20.94 -24.88 -37.82
C TYR B 275 -20.49 -26.25 -38.33
N LYS B 276 -21.26 -26.80 -39.28
CA LYS B 276 -20.92 -28.08 -39.88
C LYS B 276 -20.97 -27.97 -41.40
N SER B 277 -19.87 -28.35 -42.06
CA SER B 277 -19.84 -28.35 -43.50
C SER B 277 -20.83 -29.36 -44.07
N LYS B 278 -21.23 -29.14 -45.32
CA LYS B 278 -22.19 -30.04 -45.95
C LYS B 278 -21.55 -31.36 -46.34
N GLY B 279 -20.34 -31.33 -46.90
CA GLY B 279 -19.67 -32.53 -47.35
C GLY B 279 -19.04 -33.33 -46.23
N ASP B 280 -17.94 -34.00 -46.57
CA ASP B 280 -17.19 -34.78 -45.59
C ASP B 280 -16.49 -33.85 -44.59
N VAL B 281 -16.51 -34.24 -43.32
CA VAL B 281 -15.83 -33.49 -42.26
C VAL B 281 -14.48 -34.15 -42.00
N LYS B 282 -13.41 -33.43 -42.31
CA LYS B 282 -12.03 -33.90 -42.11
C LYS B 282 -11.37 -33.27 -40.90
N LYS B 283 -11.95 -32.20 -40.35
CA LYS B 283 -11.37 -31.46 -39.24
C LYS B 283 -12.49 -31.07 -38.28
N LYS B 284 -12.29 -31.38 -37.00
CA LYS B 284 -13.22 -30.97 -35.94
C LYS B 284 -12.47 -30.06 -34.97
N ILE B 285 -13.02 -28.88 -34.72
CA ILE B 285 -12.36 -27.86 -33.92
C ILE B 285 -13.34 -27.32 -32.88
N ALA B 286 -12.87 -27.15 -31.66
CA ALA B 286 -13.63 -26.52 -30.59
C ALA B 286 -12.93 -25.22 -30.19
N LEU B 287 -13.67 -24.11 -30.27
CA LEU B 287 -13.17 -22.80 -29.85
C LEU B 287 -13.87 -22.41 -28.55
N VAL B 288 -13.07 -22.14 -27.52
CA VAL B 288 -13.58 -21.87 -26.18
C VAL B 288 -13.22 -20.44 -25.80
N GLY B 289 -14.22 -19.66 -25.43
CA GLY B 289 -13.98 -18.29 -25.01
C GLY B 289 -14.36 -18.01 -23.57
N LYS B 290 -13.49 -17.32 -22.83
CA LYS B 290 -13.82 -16.90 -21.49
C LYS B 290 -14.96 -15.87 -21.53
N GLY B 291 -15.98 -16.10 -20.73
CA GLY B 291 -17.15 -15.24 -20.78
C GLY B 291 -17.68 -14.80 -19.43
N ILE B 292 -16.93 -13.94 -18.74
CA ILE B 292 -17.38 -13.35 -17.49
C ILE B 292 -17.95 -11.98 -17.81
N THR B 293 -19.27 -11.86 -17.76
CA THR B 293 -19.90 -10.60 -18.15
C THR B 293 -19.60 -9.49 -17.15
N PHE B 294 -19.40 -9.84 -15.88
CA PHE B 294 -18.83 -8.92 -14.91
C PHE B 294 -18.07 -9.70 -13.85
N ASP B 295 -16.86 -9.25 -13.56
CA ASP B 295 -15.98 -9.90 -12.60
C ASP B 295 -15.75 -8.93 -11.44
N SER B 296 -16.50 -9.10 -10.35
CA SER B 296 -16.28 -8.31 -9.15
C SER B 296 -15.07 -8.77 -8.35
N GLY B 297 -14.52 -9.94 -8.66
CA GLY B 297 -13.51 -10.56 -7.84
C GLY B 297 -14.03 -11.50 -6.77
N GLY B 298 -15.32 -11.39 -6.44
CA GLY B 298 -15.90 -12.27 -5.43
C GLY B 298 -15.35 -11.98 -4.05
N TYR B 299 -15.38 -13.01 -3.21
CA TYR B 299 -14.91 -12.90 -1.83
C TYR B 299 -13.37 -12.95 -1.76
N ASN B 300 -12.76 -11.93 -2.35
CA ASN B 300 -11.32 -11.73 -2.25
C ASN B 300 -11.05 -10.39 -1.56
N LEU B 301 -11.73 -10.14 -0.44
CA LEU B 301 -11.70 -8.83 0.19
C LEU B 301 -10.54 -8.65 1.16
N LYS B 302 -9.88 -9.73 1.58
CA LYS B 302 -8.76 -9.64 2.53
C LYS B 302 -7.57 -10.43 1.98
N ALA B 303 -7.08 -10.02 0.82
CA ALA B 303 -5.95 -10.71 0.20
C ALA B 303 -4.66 -10.35 0.91
N ALA B 304 -3.82 -11.36 1.14
CA ALA B 304 -2.49 -11.13 1.69
C ALA B 304 -1.70 -10.23 0.74
N PRO B 305 -0.82 -9.39 1.26
CA PRO B 305 -0.12 -8.44 0.38
C PRO B 305 0.85 -9.16 -0.53
N GLY B 306 0.88 -8.72 -1.79
CA GLY B 306 1.58 -9.45 -2.83
C GLY B 306 0.75 -10.52 -3.50
N SER B 307 -0.52 -10.66 -3.16
CA SER B 307 -1.43 -11.56 -3.84
C SER B 307 -1.69 -11.06 -5.27
N MET B 308 -2.11 -11.99 -6.12
CA MET B 308 -2.38 -11.64 -7.51
C MET B 308 -3.46 -10.58 -7.61
N ILE B 309 -3.19 -9.53 -8.36
CA ILE B 309 -4.11 -8.43 -8.58
C ILE B 309 -4.74 -8.57 -9.96
N ASP B 310 -6.02 -8.25 -10.07
CA ASP B 310 -6.75 -8.29 -11.34
C ASP B 310 -7.26 -6.88 -11.62
N LEU B 311 -6.62 -6.19 -12.56
CA LEU B 311 -7.02 -4.86 -12.97
C LEU B 311 -7.60 -4.81 -14.38
N MET B 312 -7.77 -5.95 -15.04
CA MET B 312 -8.29 -5.98 -16.40
C MET B 312 -9.75 -6.40 -16.33
N LYS B 313 -10.64 -5.53 -16.80
CA LYS B 313 -12.08 -5.67 -16.59
C LYS B 313 -12.83 -6.10 -17.85
N PHE B 314 -12.12 -6.55 -18.88
CA PHE B 314 -12.76 -6.94 -20.14
C PHE B 314 -12.77 -8.46 -20.23
N ASP B 315 -13.61 -9.04 -19.38
CA ASP B 315 -13.52 -10.45 -19.00
C ASP B 315 -14.41 -11.36 -19.83
N MET B 316 -15.02 -10.87 -20.90
CA MET B 316 -15.65 -11.73 -21.89
C MET B 316 -15.13 -11.44 -23.29
N SER B 317 -13.92 -10.89 -23.36
CA SER B 317 -13.29 -10.64 -24.66
C SER B 317 -13.04 -11.94 -25.41
N GLY B 318 -12.78 -13.03 -24.69
CA GLY B 318 -12.60 -14.32 -25.36
C GLY B 318 -13.89 -14.83 -25.97
N CYS B 319 -14.98 -14.76 -25.22
CA CYS B 319 -16.30 -15.12 -25.76
C CYS B 319 -16.65 -14.25 -26.97
N ALA B 320 -16.35 -12.95 -26.89
CA ALA B 320 -16.66 -12.05 -28.00
C ALA B 320 -15.87 -12.42 -29.25
N ALA B 321 -14.58 -12.75 -29.09
CA ALA B 321 -13.78 -13.14 -30.24
C ALA B 321 -14.28 -14.44 -30.85
N VAL B 322 -14.72 -15.38 -30.00
CA VAL B 322 -15.23 -16.66 -30.50
C VAL B 322 -16.53 -16.45 -31.25
N LEU B 323 -17.41 -15.60 -30.72
CA LEU B 323 -18.67 -15.32 -31.42
C LEU B 323 -18.45 -14.52 -32.69
N GLY B 324 -17.49 -13.58 -32.66
CA GLY B 324 -17.13 -12.88 -33.87
C GLY B 324 -16.57 -13.81 -34.93
N CYS B 325 -15.80 -14.81 -34.50
CA CYS B 325 -15.33 -15.83 -35.43
C CYS B 325 -16.51 -16.63 -35.98
N ALA B 326 -17.51 -16.90 -35.13
CA ALA B 326 -18.70 -17.61 -35.59
C ALA B 326 -19.41 -16.83 -36.69
N TYR B 327 -19.42 -15.49 -36.60
CA TYR B 327 -19.98 -14.70 -37.68
C TYR B 327 -19.23 -14.92 -38.98
N CYS B 328 -17.89 -14.81 -38.93
CA CYS B 328 -17.09 -14.95 -40.14
C CYS B 328 -17.24 -16.34 -40.74
N VAL B 329 -17.17 -17.38 -39.91
CA VAL B 329 -17.27 -18.75 -40.40
C VAL B 329 -18.66 -19.02 -40.96
N GLY B 330 -19.70 -18.58 -40.24
CA GLY B 330 -21.05 -18.78 -40.73
C GLY B 330 -21.35 -18.01 -42.00
N THR B 331 -20.62 -16.92 -42.25
CA THR B 331 -20.81 -16.14 -43.47
C THR B 331 -20.01 -16.72 -44.63
N LEU B 332 -18.73 -17.02 -44.40
CA LEU B 332 -17.86 -17.50 -45.48
C LEU B 332 -18.13 -18.96 -45.83
N LYS B 333 -18.63 -19.75 -44.89
CA LYS B 333 -19.00 -21.15 -45.10
C LYS B 333 -17.84 -21.97 -45.63
N PRO B 334 -16.81 -22.23 -44.82
CA PRO B 334 -15.70 -23.07 -45.28
C PRO B 334 -16.13 -24.52 -45.44
N GLU B 335 -15.31 -25.27 -46.17
CA GLU B 335 -15.58 -26.68 -46.46
C GLU B 335 -14.79 -27.60 -45.53
N ASN B 336 -15.31 -28.82 -45.41
CA ASN B 336 -14.60 -29.96 -44.81
C ASN B 336 -14.29 -29.77 -43.33
N VAL B 337 -15.04 -28.92 -42.63
CA VAL B 337 -14.72 -28.61 -41.24
C VAL B 337 -15.99 -28.57 -40.41
N GLU B 338 -15.85 -28.89 -39.12
CA GLU B 338 -16.92 -28.78 -38.14
C GLU B 338 -16.38 -28.02 -36.94
N ILE B 339 -16.97 -26.87 -36.65
CA ILE B 339 -16.48 -25.94 -35.64
C ILE B 339 -17.52 -25.80 -34.54
N HIS B 340 -17.08 -25.93 -33.28
CA HIS B 340 -17.92 -25.69 -32.11
C HIS B 340 -17.45 -24.41 -31.43
N PHE B 341 -18.38 -23.48 -31.23
CA PHE B 341 -18.10 -22.20 -30.59
C PHE B 341 -18.68 -22.25 -29.18
N LEU B 342 -17.80 -22.24 -28.17
CA LEU B 342 -18.17 -22.52 -26.80
C LEU B 342 -17.79 -21.37 -25.88
N SER B 343 -18.62 -21.15 -24.86
CA SER B 343 -18.31 -20.19 -23.81
C SER B 343 -19.15 -20.50 -22.58
N ALA B 344 -18.48 -20.68 -21.44
CA ALA B 344 -19.16 -20.83 -20.16
C ALA B 344 -19.39 -19.44 -19.58
N VAL B 345 -20.55 -18.88 -19.86
CA VAL B 345 -20.86 -17.49 -19.52
C VAL B 345 -21.44 -17.44 -18.12
N CYS B 346 -20.98 -16.46 -17.32
CA CYS B 346 -21.45 -16.31 -15.96
C CYS B 346 -21.03 -14.93 -15.45
N GLU B 347 -21.49 -14.62 -14.23
CA GLU B 347 -21.07 -13.44 -13.48
C GLU B 347 -20.33 -13.90 -12.23
N ASN B 348 -19.41 -13.04 -11.77
CA ASN B 348 -18.65 -13.29 -10.55
C ASN B 348 -19.01 -12.18 -9.57
N MET B 349 -19.98 -12.45 -8.70
CA MET B 349 -20.60 -11.43 -7.86
C MET B 349 -20.28 -11.68 -6.39
N VAL B 350 -20.56 -10.66 -5.58
CA VAL B 350 -20.44 -10.75 -4.13
C VAL B 350 -21.84 -10.74 -3.55
N SER B 351 -22.19 -11.81 -2.84
CA SER B 351 -23.51 -11.91 -2.22
C SER B 351 -23.42 -12.99 -1.14
N LYS B 352 -24.56 -13.25 -0.49
CA LYS B 352 -24.61 -14.31 0.51
C LYS B 352 -24.50 -15.69 -0.11
N ASN B 353 -24.71 -15.80 -1.43
CA ASN B 353 -24.70 -17.07 -2.13
C ASN B 353 -23.38 -17.36 -2.85
N SER B 354 -22.42 -16.43 -2.80
CA SER B 354 -21.19 -16.58 -3.57
C SER B 354 -20.30 -17.68 -2.99
N TYR B 355 -19.44 -18.21 -3.84
CA TYR B 355 -18.44 -19.17 -3.38
C TYR B 355 -17.29 -18.43 -2.70
N ARG B 356 -16.57 -19.15 -1.85
CA ARG B 356 -15.59 -18.55 -0.95
C ARG B 356 -14.20 -19.11 -1.20
N PRO B 357 -13.16 -18.36 -0.83
CA PRO B 357 -11.81 -18.94 -0.78
C PRO B 357 -11.77 -20.03 0.27
N GLY B 358 -11.09 -21.13 -0.08
CA GLY B 358 -11.09 -22.31 0.75
C GLY B 358 -12.15 -23.34 0.38
N ASP B 359 -13.11 -22.98 -0.47
CA ASP B 359 -14.03 -23.96 -1.00
C ASP B 359 -13.28 -25.02 -1.80
N ILE B 360 -13.73 -26.26 -1.70
CA ILE B 360 -13.23 -27.35 -2.53
C ILE B 360 -14.37 -27.81 -3.41
N ILE B 361 -14.20 -27.66 -4.72
CA ILE B 361 -15.26 -27.91 -5.69
C ILE B 361 -14.81 -29.01 -6.63
N THR B 362 -15.78 -29.71 -7.21
CA THR B 362 -15.52 -30.86 -8.08
C THR B 362 -15.87 -30.48 -9.52
N ALA B 363 -14.86 -30.53 -10.39
CA ALA B 363 -15.07 -30.24 -11.80
C ALA B 363 -15.77 -31.42 -12.49
N SER B 364 -16.17 -31.18 -13.74
CA SER B 364 -16.92 -32.17 -14.50
C SER B 364 -16.08 -33.37 -14.92
N ASN B 365 -14.76 -33.33 -14.74
CA ASN B 365 -13.91 -34.49 -14.97
C ASN B 365 -13.56 -35.20 -13.67
N GLY B 366 -14.22 -34.85 -12.57
CA GLY B 366 -14.03 -35.52 -11.29
C GLY B 366 -12.94 -34.97 -10.41
N LYS B 367 -12.07 -34.09 -10.93
CA LYS B 367 -11.00 -33.56 -10.11
C LYS B 367 -11.54 -32.51 -9.14
N THR B 368 -11.12 -32.62 -7.88
CA THR B 368 -11.49 -31.63 -6.87
C THR B 368 -10.48 -30.50 -6.87
N ILE B 369 -10.97 -29.27 -6.70
CA ILE B 369 -10.17 -28.07 -6.80
C ILE B 369 -10.32 -27.28 -5.50
N GLU B 370 -9.20 -26.91 -4.89
CA GLU B 370 -9.21 -26.03 -3.73
C GLU B 370 -9.14 -24.59 -4.19
N VAL B 371 -10.17 -23.82 -3.89
CA VAL B 371 -10.22 -22.40 -4.28
C VAL B 371 -9.30 -21.61 -3.36
N GLY B 372 -8.35 -20.87 -3.97
CA GLY B 372 -7.46 -20.02 -3.21
C GLY B 372 -7.76 -18.55 -3.37
N ASN B 373 -8.45 -18.19 -4.45
CA ASN B 373 -8.74 -16.79 -4.73
C ASN B 373 -9.95 -16.74 -5.65
N THR B 374 -11.06 -16.17 -5.17
CA THR B 374 -12.27 -16.08 -5.97
C THR B 374 -12.09 -15.13 -7.16
N ASP B 375 -11.05 -14.29 -7.15
CA ASP B 375 -10.75 -13.41 -8.27
C ASP B 375 -9.99 -14.12 -9.38
N ALA B 376 -9.57 -15.37 -9.18
CA ALA B 376 -9.03 -16.19 -10.25
C ALA B 376 -10.13 -17.05 -10.86
N GLU B 377 -11.23 -16.40 -11.24
CA GLU B 377 -12.43 -17.10 -11.68
C GLU B 377 -12.34 -17.58 -13.12
N GLY B 378 -11.50 -16.95 -13.94
CA GLY B 378 -11.46 -17.31 -15.36
C GLY B 378 -11.04 -18.75 -15.58
N ARG B 379 -9.97 -19.18 -14.92
CA ARG B 379 -9.48 -20.54 -15.12
C ARG B 379 -10.47 -21.59 -14.60
N LEU B 380 -11.29 -21.24 -13.61
CA LEU B 380 -12.28 -22.18 -13.10
C LEU B 380 -13.37 -22.44 -14.12
N THR B 381 -13.91 -21.38 -14.73
CA THR B 381 -14.92 -21.55 -15.76
C THR B 381 -14.33 -22.21 -17.00
N LEU B 382 -13.09 -21.88 -17.34
CA LEU B 382 -12.44 -22.49 -18.50
C LEU B 382 -12.20 -23.98 -18.28
N ALA B 383 -11.96 -24.40 -17.04
CA ALA B 383 -11.69 -25.80 -16.75
C ALA B 383 -12.87 -26.68 -17.18
N ASP B 384 -14.09 -26.31 -16.77
CA ASP B 384 -15.25 -27.09 -17.15
C ASP B 384 -15.58 -26.95 -18.63
N ALA B 385 -15.31 -25.79 -19.21
CA ALA B 385 -15.53 -25.61 -20.65
C ALA B 385 -14.58 -26.49 -21.46
N LEU B 386 -13.35 -26.67 -20.97
CA LEU B 386 -12.40 -27.53 -21.68
C LEU B 386 -12.80 -29.00 -21.60
N VAL B 387 -13.32 -29.44 -20.44
CA VAL B 387 -13.80 -30.81 -20.32
C VAL B 387 -14.97 -31.04 -21.26
N TYR B 388 -15.90 -30.08 -21.32
CA TYR B 388 -17.00 -30.16 -22.26
C TYR B 388 -16.49 -30.24 -23.70
N ALA B 389 -15.49 -29.43 -24.04
CA ALA B 389 -14.96 -29.42 -25.40
C ALA B 389 -14.35 -30.77 -25.76
N GLU B 390 -13.55 -31.35 -24.86
CA GLU B 390 -12.91 -32.63 -25.16
C GLU B 390 -13.94 -33.75 -25.31
N LYS B 391 -15.02 -33.70 -24.54
CA LYS B 391 -16.05 -34.72 -24.64
C LYS B 391 -16.77 -34.70 -25.99
N LEU B 392 -16.64 -33.61 -26.74
CA LEU B 392 -17.21 -33.55 -28.08
C LEU B 392 -16.41 -34.39 -29.08
N GLY B 393 -15.21 -34.83 -28.72
CA GLY B 393 -14.38 -35.61 -29.62
C GLY B 393 -13.93 -34.81 -30.83
N VAL B 394 -13.10 -33.80 -30.59
CA VAL B 394 -12.63 -32.92 -31.65
C VAL B 394 -11.13 -33.16 -31.86
N ASP B 395 -10.60 -32.59 -32.93
CA ASP B 395 -9.17 -32.68 -33.22
C ASP B 395 -8.37 -31.61 -32.51
N TYR B 396 -8.89 -30.39 -32.43
CA TYR B 396 -8.19 -29.27 -31.81
C TYR B 396 -9.11 -28.56 -30.82
N ILE B 397 -8.56 -28.20 -29.67
CA ILE B 397 -9.23 -27.31 -28.72
C ILE B 397 -8.37 -26.06 -28.58
N VAL B 398 -8.94 -24.90 -28.89
CA VAL B 398 -8.27 -23.63 -28.74
C VAL B 398 -9.14 -22.74 -27.86
N ASP B 399 -8.60 -22.30 -26.72
CA ASP B 399 -9.28 -21.35 -25.87
C ASP B 399 -8.59 -20.00 -25.96
N ILE B 400 -9.37 -18.94 -25.74
CA ILE B 400 -8.89 -17.56 -25.81
C ILE B 400 -9.51 -16.79 -24.65
N ALA B 401 -8.67 -16.06 -23.91
CA ALA B 401 -9.12 -15.50 -22.65
C ALA B 401 -8.20 -14.37 -22.20
N THR B 402 -8.80 -13.35 -21.60
CA THR B 402 -8.04 -12.31 -20.87
C THR B 402 -7.75 -12.84 -19.46
N LEU B 403 -6.81 -13.80 -19.40
CA LEU B 403 -6.70 -14.62 -18.20
C LEU B 403 -5.84 -13.97 -17.13
N THR B 404 -4.62 -13.54 -17.47
CA THR B 404 -3.65 -13.09 -16.47
C THR B 404 -3.12 -11.71 -16.83
N GLY B 405 -3.19 -10.79 -15.85
CA GLY B 405 -2.58 -9.48 -16.03
C GLY B 405 -1.08 -9.52 -16.22
N ALA B 406 -0.44 -10.63 -15.86
CA ALA B 406 1.00 -10.78 -16.06
C ALA B 406 1.41 -10.65 -17.53
N MET B 407 0.47 -10.84 -18.46
CA MET B 407 0.79 -10.66 -19.88
C MET B 407 1.28 -9.25 -20.18
N LEU B 408 0.80 -8.26 -19.42
CA LEU B 408 1.29 -6.89 -19.59
C LEU B 408 2.78 -6.78 -19.30
N TYR B 409 3.34 -7.70 -18.51
CA TYR B 409 4.76 -7.69 -18.18
C TYR B 409 5.59 -8.62 -19.05
N SER B 410 4.96 -9.50 -19.82
CA SER B 410 5.67 -10.44 -20.68
C SER B 410 5.69 -9.98 -22.13
N LEU B 411 4.52 -9.77 -22.73
CA LEU B 411 4.42 -9.35 -24.11
C LEU B 411 3.84 -7.95 -24.29
N GLY B 412 3.22 -7.38 -23.26
CA GLY B 412 2.73 -6.02 -23.37
C GLY B 412 1.35 -5.92 -23.97
N THR B 413 1.08 -4.82 -24.67
CA THR B 413 -0.25 -4.52 -25.19
C THR B 413 -0.39 -4.83 -26.67
N SER B 414 0.64 -5.35 -27.33
CA SER B 414 0.62 -5.56 -28.77
C SER B 414 0.57 -7.03 -29.17
N TYR B 415 1.23 -7.92 -28.44
CA TYR B 415 1.31 -9.33 -28.78
C TYR B 415 0.53 -10.16 -27.77
N ALA B 416 -0.32 -11.05 -28.26
CA ALA B 416 -0.92 -12.04 -27.39
C ALA B 416 0.04 -13.22 -27.22
N GLY B 417 -0.19 -14.00 -26.17
CA GLY B 417 0.61 -15.17 -25.87
C GLY B 417 -0.18 -16.44 -26.13
N VAL B 418 0.50 -17.46 -26.67
CA VAL B 418 -0.11 -18.76 -26.90
C VAL B 418 0.66 -19.82 -26.12
N PHE B 419 -0.06 -20.64 -25.37
CA PHE B 419 0.45 -21.80 -24.67
C PHE B 419 -0.26 -23.03 -25.21
N GLY B 420 0.33 -24.20 -25.05
CA GLY B 420 -0.30 -25.39 -25.55
C GLY B 420 0.46 -26.65 -25.20
N ASN B 421 -0.19 -27.79 -25.50
CA ASN B 421 0.37 -29.11 -25.27
C ASN B 421 0.76 -29.81 -26.56
N ASN B 422 0.74 -29.11 -27.69
CA ASN B 422 0.92 -29.74 -28.99
C ASN B 422 1.64 -28.77 -29.92
N GLU B 423 2.85 -29.13 -30.34
CA GLU B 423 3.66 -28.22 -31.16
C GLU B 423 3.02 -27.96 -32.51
N GLU B 424 2.38 -28.98 -33.11
CA GLU B 424 1.76 -28.81 -34.41
C GLU B 424 0.62 -27.81 -34.34
N LEU B 425 -0.20 -27.88 -33.29
CA LEU B 425 -1.29 -26.93 -33.13
C LEU B 425 -0.77 -25.53 -32.88
N ILE B 426 0.27 -25.40 -32.04
CA ILE B 426 0.85 -24.09 -31.74
C ILE B 426 1.36 -23.43 -33.02
N ASN B 427 2.04 -24.22 -33.88
CA ASN B 427 2.54 -23.67 -35.13
CA ASN B 427 2.54 -23.67 -35.13
C ASN B 427 1.41 -23.20 -36.04
N LYS B 428 0.26 -23.89 -36.00
CA LYS B 428 -0.87 -23.46 -36.80
C LYS B 428 -1.42 -22.13 -36.31
N ILE B 429 -1.45 -21.93 -34.99
CA ILE B 429 -1.88 -20.65 -34.44
C ILE B 429 -0.90 -19.54 -34.83
N LEU B 430 0.40 -19.82 -34.77
CA LEU B 430 1.39 -18.83 -35.15
C LEU B 430 1.30 -18.51 -36.64
N GLN B 431 0.99 -19.50 -37.47
CA GLN B 431 0.81 -19.25 -38.89
C GLN B 431 -0.42 -18.38 -39.14
N SER B 432 -1.54 -18.71 -38.48
CA SER B 432 -2.73 -17.89 -38.59
C SER B 432 -2.48 -16.48 -38.06
N SER B 433 -1.61 -16.33 -37.06
CA SER B 433 -1.25 -15.01 -36.58
C SER B 433 -0.58 -14.18 -37.67
N LYS B 434 0.23 -14.82 -38.51
CA LYS B 434 0.92 -14.08 -39.57
C LYS B 434 -0.07 -13.60 -40.63
N THR B 435 -1.01 -14.45 -41.03
CA THR B 435 -1.93 -14.10 -42.12
C THR B 435 -3.09 -13.23 -41.64
N SER B 436 -3.48 -13.36 -40.37
CA SER B 436 -4.52 -12.50 -39.82
C SER B 436 -3.98 -11.14 -39.39
N ASN B 437 -2.66 -11.01 -39.26
CA ASN B 437 -2.00 -9.78 -38.81
C ASN B 437 -2.39 -9.42 -37.37
N GLU B 438 -2.78 -10.42 -36.58
CA GLU B 438 -2.94 -10.25 -35.14
C GLU B 438 -1.77 -10.94 -34.44
N PRO B 439 -0.84 -10.19 -33.85
CA PRO B 439 0.43 -10.80 -33.41
C PRO B 439 0.26 -11.72 -32.22
N VAL B 440 0.95 -12.86 -32.29
CA VAL B 440 0.94 -13.87 -31.22
C VAL B 440 2.37 -14.37 -31.04
N TRP B 441 2.76 -14.60 -29.79
CA TRP B 441 4.09 -15.12 -29.47
C TRP B 441 3.95 -16.38 -28.61
N TRP B 442 4.76 -17.39 -28.93
CA TRP B 442 4.70 -18.66 -28.23
C TRP B 442 5.44 -18.57 -26.90
N LEU B 443 4.75 -18.97 -25.82
CA LEU B 443 5.32 -19.00 -24.47
C LEU B 443 5.23 -20.41 -23.91
N PRO B 444 6.18 -20.79 -23.04
CA PRO B 444 6.26 -22.18 -22.59
C PRO B 444 5.36 -22.50 -21.41
N ILE B 445 4.92 -23.77 -21.37
CA ILE B 445 4.29 -24.34 -20.19
C ILE B 445 5.40 -25.05 -19.42
N ILE B 446 5.90 -24.41 -18.37
CA ILE B 446 7.06 -24.89 -17.63
C ILE B 446 6.58 -25.86 -16.57
N ASN B 447 6.87 -27.15 -16.77
CA ASN B 447 6.32 -28.20 -15.91
C ASN B 447 6.94 -28.20 -14.52
N GLU B 448 8.09 -27.55 -14.32
CA GLU B 448 8.67 -27.47 -12.99
C GLU B 448 7.77 -26.73 -12.02
N TYR B 449 6.88 -25.87 -12.52
CA TYR B 449 5.99 -25.12 -11.65
C TYR B 449 4.74 -25.90 -11.28
N ARG B 450 4.53 -27.08 -11.87
CA ARG B 450 3.30 -27.83 -11.60
C ARG B 450 3.16 -28.19 -10.13
N ALA B 451 4.28 -28.44 -9.44
CA ALA B 451 4.23 -28.85 -8.05
C ALA B 451 3.61 -27.81 -7.13
N THR B 452 3.63 -26.52 -7.51
CA THR B 452 3.01 -25.49 -6.70
CA THR B 452 3.01 -25.49 -6.70
C THR B 452 1.49 -25.58 -6.67
N LEU B 453 0.90 -26.39 -7.54
CA LEU B 453 -0.54 -26.61 -7.55
C LEU B 453 -0.94 -27.86 -6.77
N ASN B 454 0.00 -28.49 -6.06
CA ASN B 454 -0.27 -29.69 -5.29
C ASN B 454 -1.01 -29.30 -4.00
N SER B 455 -2.32 -29.52 -3.99
CA SER B 455 -3.13 -29.22 -2.82
C SER B 455 -2.94 -30.28 -1.74
N LYS B 456 -2.99 -29.83 -0.48
CA LYS B 456 -2.89 -30.77 0.64
C LYS B 456 -4.17 -31.58 0.82
N TYR B 457 -5.32 -31.01 0.44
CA TYR B 457 -6.60 -31.65 0.68
C TYR B 457 -7.37 -32.00 -0.58
N ALA B 458 -7.33 -31.14 -1.60
CA ALA B 458 -8.00 -31.44 -2.86
C ALA B 458 -7.03 -32.10 -3.83
N ASP B 459 -7.55 -32.49 -5.00
CA ASP B 459 -6.70 -33.06 -6.03
C ASP B 459 -5.69 -32.03 -6.53
N ILE B 460 -6.10 -30.76 -6.63
CA ILE B 460 -5.26 -29.73 -7.21
C ILE B 460 -5.66 -28.37 -6.63
N ASN B 461 -4.68 -27.47 -6.56
CA ASN B 461 -4.92 -26.09 -6.19
C ASN B 461 -5.42 -25.30 -7.39
N GLN B 462 -6.33 -24.35 -7.12
CA GLN B 462 -6.73 -23.41 -8.16
C GLN B 462 -5.58 -22.47 -8.55
N ILE B 463 -4.84 -21.97 -7.55
CA ILE B 463 -3.79 -21.00 -7.79
C ILE B 463 -2.51 -21.43 -7.08
N SER B 464 -1.41 -20.82 -7.49
CA SER B 464 -0.15 -20.91 -6.77
C SER B 464 -0.10 -19.83 -5.70
N SER B 465 0.41 -20.19 -4.52
CA SER B 465 0.52 -19.23 -3.43
C SER B 465 1.79 -18.38 -3.51
N SER B 466 2.74 -18.73 -4.38
CA SER B 466 4.03 -18.06 -4.40
C SER B 466 4.59 -17.77 -5.78
N VAL B 467 4.35 -18.62 -6.78
CA VAL B 467 4.95 -18.43 -8.10
C VAL B 467 4.27 -17.24 -8.79
N LYS B 468 5.08 -16.26 -9.21
CA LYS B 468 4.58 -15.05 -9.83
C LYS B 468 4.32 -15.19 -11.32
N ALA B 469 4.83 -16.24 -11.96
CA ALA B 469 4.60 -16.45 -13.38
C ALA B 469 3.17 -16.92 -13.62
N SER B 470 2.21 -16.00 -13.43
CA SER B 470 0.80 -16.38 -13.38
C SER B 470 0.30 -16.92 -14.71
N SER B 471 0.79 -16.38 -15.83
CA SER B 471 0.32 -16.85 -17.14
C SER B 471 0.70 -18.30 -17.36
N ILE B 472 1.87 -18.72 -16.88
CA ILE B 472 2.31 -20.10 -17.03
C ILE B 472 1.59 -21.02 -16.05
N VAL B 473 1.44 -20.57 -14.80
CA VAL B 473 0.75 -21.38 -13.79
C VAL B 473 -0.70 -21.62 -14.21
N ALA B 474 -1.37 -20.58 -14.70
CA ALA B 474 -2.75 -20.73 -15.16
C ALA B 474 -2.83 -21.74 -16.30
N SER B 475 -1.85 -21.72 -17.21
CA SER B 475 -1.81 -22.70 -18.29
C SER B 475 -1.64 -24.11 -17.73
N LEU B 476 -0.80 -24.27 -16.70
CA LEU B 476 -0.63 -25.58 -16.08
C LEU B 476 -1.93 -26.07 -15.45
N PHE B 477 -2.70 -25.17 -14.85
CA PHE B 477 -3.99 -25.56 -14.29
C PHE B 477 -4.95 -26.02 -15.39
N LEU B 478 -5.04 -25.23 -16.47
CA LEU B 478 -5.94 -25.58 -17.57
C LEU B 478 -5.55 -26.90 -18.20
N LYS B 479 -4.24 -27.18 -18.27
CA LYS B 479 -3.76 -28.42 -18.90
C LYS B 479 -4.30 -29.65 -18.21
N GLU B 480 -4.62 -29.56 -16.91
CA GLU B 480 -5.17 -30.68 -16.15
C GLU B 480 -6.59 -31.04 -16.55
N PHE B 481 -7.21 -30.31 -17.48
CA PHE B 481 -8.59 -30.58 -17.88
C PHE B 481 -8.68 -30.96 -19.36
N VAL B 482 -7.56 -31.35 -19.96
CA VAL B 482 -7.50 -31.92 -21.30
C VAL B 482 -6.64 -33.18 -21.24
N GLN B 483 -7.24 -34.35 -21.48
CA GLN B 483 -6.47 -35.59 -21.40
C GLN B 483 -5.61 -35.81 -22.64
N ASN B 484 -6.24 -35.86 -23.80
CA ASN B 484 -5.63 -36.47 -24.97
C ASN B 484 -6.08 -35.79 -26.24
N THR B 485 -6.14 -34.47 -26.23
CA THR B 485 -6.51 -33.69 -27.41
C THR B 485 -5.52 -32.55 -27.55
N ALA B 486 -5.11 -32.30 -28.79
CA ALA B 486 -4.25 -31.16 -29.05
C ALA B 486 -4.95 -29.88 -28.61
N TRP B 487 -4.30 -29.11 -27.75
CA TRP B 487 -4.94 -27.97 -27.12
C TRP B 487 -3.97 -26.80 -27.07
N ALA B 488 -4.48 -25.60 -27.33
CA ALA B 488 -3.71 -24.38 -27.24
C ALA B 488 -4.51 -23.32 -26.49
N HIS B 489 -3.80 -22.40 -25.85
CA HIS B 489 -4.40 -21.41 -24.96
C HIS B 489 -3.81 -20.04 -25.29
N ILE B 490 -4.68 -19.11 -25.68
CA ILE B 490 -4.27 -17.79 -26.13
C ILE B 490 -4.67 -16.79 -25.05
N ASP B 491 -3.67 -16.24 -24.34
CA ASP B 491 -3.90 -15.26 -23.29
C ASP B 491 -3.87 -13.86 -23.91
N ILE B 492 -5.04 -13.23 -24.00
CA ILE B 492 -5.20 -11.94 -24.64
C ILE B 492 -5.42 -10.82 -23.63
N ALA B 493 -5.03 -11.05 -22.37
CA ALA B 493 -5.30 -10.06 -21.32
C ALA B 493 -4.64 -8.71 -21.62
N GLY B 494 -3.50 -8.71 -22.30
CA GLY B 494 -2.79 -7.49 -22.56
C GLY B 494 -3.21 -6.76 -23.83
N VAL B 495 -3.82 -7.49 -24.77
CA VAL B 495 -4.09 -6.97 -26.10
C VAL B 495 -5.57 -6.74 -26.37
N SER B 496 -6.44 -7.05 -25.42
CA SER B 496 -7.88 -7.03 -25.71
C SER B 496 -8.40 -5.62 -25.91
N TRP B 497 -7.85 -4.64 -25.18
CA TRP B 497 -8.40 -3.30 -25.14
C TRP B 497 -7.40 -2.30 -25.68
N ASN B 498 -7.89 -1.37 -26.51
CA ASN B 498 -7.07 -0.28 -27.04
C ASN B 498 -7.13 0.86 -26.05
N PHE B 499 -6.09 0.97 -25.20
CA PHE B 499 -6.11 1.95 -24.13
C PHE B 499 -6.00 3.39 -24.67
N LYS B 500 -5.29 3.58 -25.78
CA LYS B 500 -5.17 4.92 -26.34
C LYS B 500 -6.49 5.42 -26.90
N ALA B 501 -7.22 4.56 -27.61
CA ALA B 501 -8.49 4.93 -28.22
C ALA B 501 -9.70 4.70 -27.32
N ARG B 502 -9.51 4.04 -26.17
CA ARG B 502 -10.59 3.78 -25.22
C ARG B 502 -11.71 2.94 -25.84
N LYS B 503 -11.33 1.89 -26.57
CA LYS B 503 -12.28 1.03 -27.24
C LYS B 503 -11.66 -0.34 -27.40
N PRO B 504 -12.47 -1.37 -27.64
CA PRO B 504 -11.90 -2.71 -27.84
C PRO B 504 -11.17 -2.82 -29.16
N LYS B 505 -10.30 -3.83 -29.25
CA LYS B 505 -9.65 -4.17 -30.51
C LYS B 505 -10.39 -5.23 -31.28
N GLY B 506 -11.28 -5.99 -30.63
CA GLY B 506 -11.83 -7.17 -31.26
C GLY B 506 -10.79 -8.22 -31.55
N PHE B 507 -9.74 -8.27 -30.73
CA PHE B 507 -8.62 -9.17 -30.98
C PHE B 507 -9.05 -10.62 -30.94
N GLY B 508 -8.62 -11.39 -31.93
CA GLY B 508 -8.84 -12.82 -31.98
C GLY B 508 -9.82 -13.27 -33.05
N VAL B 509 -10.70 -12.40 -33.53
CA VAL B 509 -11.68 -12.79 -34.53
C VAL B 509 -10.97 -13.25 -35.80
N ARG B 510 -10.08 -12.41 -36.34
CA ARG B 510 -9.40 -12.76 -37.58
C ARG B 510 -8.39 -13.88 -37.37
N LEU B 511 -7.73 -13.88 -36.21
CA LEU B 511 -6.81 -14.97 -35.87
C LEU B 511 -7.52 -16.32 -35.89
N LEU B 512 -8.65 -16.42 -35.19
CA LEU B 512 -9.36 -17.69 -35.11
C LEU B 512 -9.99 -18.07 -36.44
N THR B 513 -10.46 -17.08 -37.22
CA THR B 513 -11.06 -17.40 -38.52
C THR B 513 -10.01 -17.89 -39.50
N GLU B 514 -8.85 -17.25 -39.54
CA GLU B 514 -7.76 -17.74 -40.38
C GLU B 514 -7.33 -19.15 -39.98
N PHE B 515 -7.33 -19.44 -38.68
CA PHE B 515 -7.01 -20.78 -38.21
C PHE B 515 -8.03 -21.79 -38.72
N VAL B 516 -9.31 -21.45 -38.66
CA VAL B 516 -10.37 -22.35 -39.13
C VAL B 516 -10.32 -22.51 -40.64
N LEU B 517 -10.05 -21.42 -41.38
CA LEU B 517 -10.14 -21.46 -42.83
C LEU B 517 -8.93 -22.14 -43.47
N ASN B 518 -7.72 -21.85 -42.98
CA ASN B 518 -6.51 -22.38 -43.59
C ASN B 518 -6.20 -23.81 -43.16
N ASP B 519 -6.90 -24.33 -42.16
CA ASP B 519 -6.76 -25.74 -41.78
C ASP B 519 -7.50 -26.63 -42.77
N SER C 2 -31.57 -30.16 11.28
CA SER C 2 -31.66 -28.93 10.52
C SER C 2 -31.24 -29.14 9.07
N GLU C 3 -32.00 -28.56 8.15
CA GLU C 3 -31.73 -28.70 6.72
C GLU C 3 -30.75 -27.62 6.27
N VAL C 4 -29.70 -28.04 5.57
CA VAL C 4 -28.68 -27.13 5.08
C VAL C 4 -29.14 -26.49 3.78
N PRO C 5 -29.34 -25.18 3.74
CA PRO C 5 -29.76 -24.53 2.48
C PRO C 5 -28.63 -24.56 1.46
N GLN C 6 -29.02 -24.49 0.19
CA GLN C 6 -28.09 -24.54 -0.92
C GLN C 6 -28.41 -23.44 -1.92
N VAL C 7 -27.44 -23.15 -2.79
CA VAL C 7 -27.65 -22.32 -3.96
C VAL C 7 -27.91 -23.17 -5.19
N VAL C 8 -27.13 -24.21 -5.39
CA VAL C 8 -27.30 -25.16 -6.48
C VAL C 8 -27.48 -26.54 -5.88
N SER C 9 -27.79 -27.51 -6.75
CA SER C 9 -28.02 -28.87 -6.29
C SER C 9 -26.74 -29.54 -5.82
N LEU C 10 -25.60 -29.16 -6.39
CA LEU C 10 -24.32 -29.78 -6.05
C LEU C 10 -23.76 -29.32 -4.71
N ASP C 11 -24.40 -28.36 -4.05
CA ASP C 11 -23.92 -27.88 -2.76
C ASP C 11 -24.01 -28.99 -1.72
N PRO C 12 -22.93 -29.35 -1.05
CA PRO C 12 -23.00 -30.39 -0.02
C PRO C 12 -23.81 -29.92 1.18
N THR C 13 -24.40 -30.88 1.88
CA THR C 13 -25.29 -30.61 3.00
C THR C 13 -24.78 -31.16 4.32
N SER C 14 -23.58 -31.72 4.36
CA SER C 14 -23.04 -32.25 5.60
C SER C 14 -21.52 -32.22 5.55
N ILE C 15 -20.92 -32.22 6.73
CA ILE C 15 -19.46 -32.27 6.87
C ILE C 15 -19.06 -33.73 6.94
N PRO C 16 -18.28 -34.24 5.98
CA PRO C 16 -17.78 -35.62 6.10
C PRO C 16 -16.81 -35.73 7.27
N ILE C 17 -17.07 -36.68 8.16
CA ILE C 17 -16.24 -36.90 9.34
C ILE C 17 -15.94 -38.39 9.43
N GLU C 18 -14.65 -38.72 9.52
CA GLU C 18 -14.22 -40.10 9.71
C GLU C 18 -14.02 -40.35 11.21
N TYR C 19 -14.82 -41.26 11.77
CA TYR C 19 -14.72 -41.62 13.18
C TYR C 19 -13.84 -42.84 13.40
N ASN C 20 -13.94 -43.84 12.52
CA ASN C 20 -13.15 -45.06 12.62
C ASN C 20 -11.96 -44.89 11.68
N THR C 21 -10.86 -44.42 12.24
CA THR C 21 -9.64 -44.14 11.48
C THR C 21 -8.70 -45.33 11.53
N PRO C 22 -7.74 -45.42 10.60
CA PRO C 22 -6.76 -46.51 10.67
C PRO C 22 -5.98 -46.55 11.97
N ILE C 23 -5.82 -45.40 12.64
CA ILE C 23 -5.14 -45.38 13.94
C ILE C 23 -5.89 -46.24 14.94
N HIS C 24 -7.23 -46.25 14.86
CA HIS C 24 -8.04 -47.03 15.78
C HIS C 24 -7.85 -48.53 15.61
N ASP C 25 -7.32 -48.97 14.47
CA ASP C 25 -7.07 -50.38 14.22
C ASP C 25 -5.68 -50.82 14.66
N ILE C 26 -4.87 -49.92 15.20
CA ILE C 26 -3.52 -50.26 15.64
C ILE C 26 -3.59 -50.87 17.04
N LYS C 27 -3.15 -52.12 17.16
CA LYS C 27 -3.03 -52.75 18.47
C LYS C 27 -1.69 -52.38 19.08
N VAL C 28 -1.73 -51.84 20.30
CA VAL C 28 -0.55 -51.32 20.99
C VAL C 28 -0.20 -52.26 22.13
N GLN C 29 1.08 -52.63 22.22
CA GLN C 29 1.59 -53.44 23.32
C GLN C 29 2.81 -52.76 23.90
N VAL C 30 2.83 -52.59 25.22
CA VAL C 30 3.96 -52.00 25.93
C VAL C 30 4.65 -53.10 26.71
N TYR C 31 5.95 -53.27 26.47
CA TYR C 31 6.76 -54.26 27.16
C TYR C 31 7.83 -53.55 27.98
N ASP C 32 8.28 -54.20 29.05
CA ASP C 32 9.34 -53.63 29.87
C ASP C 32 10.68 -53.86 29.20
N ILE C 33 11.50 -52.80 29.15
CA ILE C 33 12.81 -52.88 28.52
C ILE C 33 13.75 -53.79 29.29
N LYS C 34 13.43 -54.05 30.57
CA LYS C 34 14.30 -54.85 31.42
C LYS C 34 14.47 -56.26 30.89
N GLY C 35 13.45 -56.79 30.21
CA GLY C 35 13.51 -58.13 29.64
C GLY C 35 14.15 -58.25 28.29
N GLY C 36 14.67 -57.16 27.74
CA GLY C 36 15.24 -57.20 26.41
C GLY C 36 14.17 -57.05 25.33
N CYS C 37 14.63 -56.63 24.14
CA CYS C 37 13.74 -56.35 23.03
C CYS C 37 13.75 -57.53 22.06
N ASN C 38 12.57 -58.00 21.70
CA ASN C 38 12.44 -59.01 20.65
C ASN C 38 12.33 -58.33 19.30
N VAL C 39 13.00 -58.91 18.31
CA VAL C 39 12.97 -58.43 16.93
C VAL C 39 12.57 -59.60 16.06
N GLU C 40 11.46 -59.48 15.33
CA GLU C 40 10.90 -60.63 14.63
C GLU C 40 10.23 -60.23 13.32
N GLU C 41 9.80 -58.99 13.19
CA GLU C 41 9.11 -58.54 12.00
C GLU C 41 9.05 -57.03 11.99
N GLY C 42 8.64 -56.46 10.86
CA GLY C 42 8.36 -55.05 10.79
C GLY C 42 9.61 -54.19 10.94
N LEU C 43 9.41 -53.00 11.51
CA LEU C 43 10.46 -52.04 11.72
C LEU C 43 10.62 -51.79 13.22
N THR C 44 11.86 -51.87 13.71
CA THR C 44 12.18 -51.62 15.11
C THR C 44 13.08 -50.39 15.16
N ILE C 45 12.64 -49.36 15.89
CA ILE C 45 13.35 -48.09 15.96
C ILE C 45 13.76 -47.83 17.41
N PHE C 46 15.03 -47.51 17.60
CA PHE C 46 15.56 -47.15 18.90
C PHE C 46 15.64 -45.63 19.01
N LEU C 47 15.06 -45.09 20.07
CA LEU C 47 15.19 -43.66 20.37
C LEU C 47 16.40 -43.49 21.27
N VAL C 48 17.49 -42.97 20.71
CA VAL C 48 18.75 -42.91 21.43
C VAL C 48 19.21 -41.47 21.52
N ASN C 49 19.84 -41.15 22.64
CA ASN C 49 20.48 -39.87 22.87
C ASN C 49 21.87 -40.16 23.42
N ASN C 50 22.66 -39.11 23.64
CA ASN C 50 23.97 -39.27 24.26
C ASN C 50 24.25 -37.97 25.00
N PRO C 51 23.89 -37.91 26.29
CA PRO C 51 23.89 -36.64 27.02
C PRO C 51 25.24 -35.95 27.07
N GLY C 52 25.20 -34.63 26.88
CA GLY C 52 26.39 -33.78 26.94
C GLY C 52 27.23 -33.80 25.70
N LYS C 53 27.56 -34.99 25.20
CA LYS C 53 28.37 -35.15 24.00
C LYS C 53 27.50 -34.82 22.79
N GLU C 54 27.60 -33.57 22.32
CA GLU C 54 26.77 -33.10 21.22
C GLU C 54 27.10 -33.85 19.93
N ASN C 55 26.06 -34.37 19.28
CA ASN C 55 26.20 -35.19 18.07
C ASN C 55 27.11 -36.39 18.32
N GLY C 56 27.04 -36.94 19.53
CA GLY C 56 27.85 -38.07 19.92
C GLY C 56 27.48 -39.33 19.17
N PRO C 57 28.26 -40.38 19.35
CA PRO C 57 28.02 -41.62 18.61
C PRO C 57 26.78 -42.33 19.12
N VAL C 58 26.26 -43.22 18.28
CA VAL C 58 25.09 -44.02 18.64
C VAL C 58 25.58 -45.25 19.41
N LYS C 59 25.00 -45.47 20.59
CA LYS C 59 25.31 -46.64 21.40
C LYS C 59 24.01 -47.22 21.90
N ILE C 60 23.72 -48.45 21.53
CA ILE C 60 22.48 -49.11 21.92
C ILE C 60 22.68 -49.70 23.32
N SER C 61 21.81 -49.29 24.25
CA SER C 61 21.90 -49.75 25.62
C SER C 61 21.04 -50.97 25.89
N SER C 62 19.96 -51.14 25.12
CA SER C 62 19.01 -52.19 25.38
C SER C 62 19.57 -53.55 24.97
N LYS C 63 19.14 -54.58 25.70
CA LYS C 63 19.45 -55.96 25.34
C LYS C 63 18.49 -56.39 24.24
N VAL C 64 19.03 -57.04 23.20
CA VAL C 64 18.23 -57.55 22.10
C VAL C 64 18.30 -59.06 22.13
N ASN C 65 17.14 -59.71 22.06
CA ASN C 65 17.06 -61.17 22.14
C ASN C 65 17.22 -61.81 20.76
N ASP C 66 18.26 -61.41 20.05
CA ASP C 66 18.55 -61.96 18.73
C ASP C 66 20.03 -61.79 18.45
N LYS C 67 20.72 -62.89 18.14
CA LYS C 67 22.16 -62.82 17.94
C LYS C 67 22.54 -62.00 16.72
N GLN C 68 21.81 -62.17 15.61
CA GLN C 68 22.13 -61.44 14.39
C GLN C 68 21.90 -59.94 14.56
N VAL C 69 20.73 -59.57 15.08
CA VAL C 69 20.47 -58.16 15.34
C VAL C 69 21.40 -57.66 16.43
N SER C 70 21.71 -58.51 17.41
CA SER C 70 22.55 -58.06 18.51
C SER C 70 23.89 -57.56 18.05
N GLU C 71 24.51 -58.16 17.07
CA GLU C 71 25.81 -57.50 16.94
C GLU C 71 25.94 -56.78 15.58
N PHE C 72 24.83 -56.69 14.82
CA PHE C 72 24.72 -55.58 13.90
C PHE C 72 24.75 -54.26 14.69
N LEU C 73 24.12 -54.23 15.85
CA LEU C 73 24.02 -53.07 16.70
C LEU C 73 25.23 -52.87 17.58
N LYS C 74 26.34 -53.58 17.32
CA LYS C 74 27.56 -53.38 18.08
C LYS C 74 28.14 -51.99 17.84
N ASP C 75 28.89 -51.49 18.83
CA ASP C 75 29.41 -50.13 18.77
C ASP C 75 30.26 -49.89 17.54
N GLU C 76 31.08 -50.88 17.15
CA GLU C 76 31.94 -50.72 15.98
C GLU C 76 31.14 -50.42 14.72
N ASN C 77 29.94 -51.00 14.59
CA ASN C 77 29.12 -50.79 13.42
C ASN C 77 28.36 -49.47 13.48
N MET C 78 28.00 -49.02 14.68
CA MET C 78 27.16 -47.84 14.88
C MET C 78 27.94 -46.53 14.96
N GLU C 79 29.27 -46.57 15.09
CA GLU C 79 30.02 -45.34 15.34
C GLU C 79 30.03 -44.38 14.15
N LYS C 80 29.69 -44.82 12.94
CA LYS C 80 29.58 -43.87 11.84
C LYS C 80 28.32 -43.01 11.95
N PHE C 81 27.43 -43.29 12.89
CA PHE C 81 26.19 -42.55 13.02
C PHE C 81 26.22 -41.70 14.29
N ASN C 82 25.56 -40.54 14.22
CA ASN C 82 25.46 -39.59 15.31
C ASN C 82 24.01 -39.42 15.73
N VAL C 83 23.81 -38.74 16.84
CA VAL C 83 22.50 -38.65 17.48
C VAL C 83 21.85 -37.27 17.29
N LYS C 84 22.24 -36.47 16.28
CA LYS C 84 21.57 -35.18 16.09
C LYS C 84 20.06 -35.38 16.05
N LEU C 85 19.36 -34.53 16.80
CA LEU C 85 17.91 -34.59 16.90
C LEU C 85 17.28 -34.60 15.52
N GLY C 86 16.51 -35.64 15.23
CA GLY C 86 15.81 -35.78 13.97
C GLY C 86 16.47 -36.68 12.94
N THR C 87 17.77 -36.94 13.06
CA THR C 87 18.43 -37.84 12.12
C THR C 87 17.95 -39.28 12.33
N SER C 88 17.97 -40.06 11.25
CA SER C 88 17.49 -41.43 11.29
C SER C 88 18.25 -42.27 10.27
N LYS C 89 18.30 -43.57 10.53
CA LYS C 89 18.93 -44.55 9.66
C LYS C 89 18.09 -45.81 9.64
N HIS C 90 18.16 -46.54 8.52
CA HIS C 90 17.48 -47.82 8.37
C HIS C 90 18.51 -48.92 8.17
N PHE C 91 18.30 -50.06 8.82
CA PHE C 91 19.16 -51.23 8.66
C PHE C 91 18.31 -52.40 8.20
N TYR C 92 18.87 -53.21 7.30
CA TYR C 92 18.24 -54.44 6.84
C TYR C 92 19.10 -55.63 7.23
N MET C 93 18.45 -56.69 7.73
CA MET C 93 19.20 -57.88 8.14
C MET C 93 18.23 -59.05 8.28
N PHE C 94 18.80 -60.24 8.40
CA PHE C 94 18.05 -61.45 8.73
C PHE C 94 18.32 -61.77 10.19
N ASN C 95 17.27 -62.14 10.92
CA ASN C 95 17.42 -62.42 12.34
C ASN C 95 17.76 -63.90 12.56
N ASP C 96 17.71 -64.32 13.82
CA ASP C 96 18.06 -65.70 14.17
C ASP C 96 17.06 -66.71 13.59
N ASN C 97 15.84 -66.28 13.29
CA ASN C 97 14.86 -67.15 12.67
C ASN C 97 14.85 -67.03 11.15
N LYS C 98 15.97 -66.59 10.58
CA LYS C 98 16.15 -66.51 9.12
C LYS C 98 15.08 -65.66 8.46
N ASN C 99 14.51 -64.70 9.18
CA ASN C 99 13.53 -63.78 8.65
C ASN C 99 14.13 -62.37 8.52
N SER C 100 13.75 -61.68 7.45
CA SER C 100 14.24 -60.34 7.20
C SER C 100 13.54 -59.37 8.14
N VAL C 101 14.31 -58.53 8.84
CA VAL C 101 13.77 -57.52 9.73
C VAL C 101 14.40 -56.18 9.40
N ALA C 102 13.71 -55.12 9.77
CA ALA C 102 14.18 -53.76 9.56
C ALA C 102 14.40 -53.10 10.91
N VAL C 103 15.58 -52.56 11.12
CA VAL C 103 15.99 -51.95 12.38
C VAL C 103 16.57 -50.57 12.07
N GLY C 104 16.42 -49.66 13.03
CA GLY C 104 16.98 -48.33 12.85
C GLY C 104 16.90 -47.53 14.13
N TYR C 105 17.20 -46.24 14.00
CA TYR C 105 17.18 -45.35 15.15
C TYR C 105 16.77 -43.95 14.71
N VAL C 106 16.33 -43.16 15.69
CA VAL C 106 16.10 -41.73 15.50
C VAL C 106 16.90 -40.98 16.55
N GLY C 107 17.71 -40.02 16.13
CA GLY C 107 18.55 -39.28 17.05
C GLY C 107 17.72 -38.34 17.92
N CYS C 108 17.99 -38.36 19.23
CA CYS C 108 17.27 -37.52 20.19
C CYS C 108 18.15 -36.45 20.83
N GLY C 109 19.29 -36.13 20.22
CA GLY C 109 20.10 -35.01 20.68
C GLY C 109 20.97 -35.33 21.89
N SER C 110 21.39 -34.27 22.58
CA SER C 110 22.30 -34.41 23.70
C SER C 110 21.78 -33.86 25.03
N VAL C 111 20.60 -33.23 25.06
CA VAL C 111 19.98 -32.85 26.32
C VAL C 111 19.02 -33.96 26.75
N ALA C 112 19.09 -34.33 28.04
CA ALA C 112 18.33 -35.49 28.52
C ALA C 112 16.84 -35.23 28.51
N ASP C 113 16.41 -34.01 28.82
CA ASP C 113 14.99 -33.68 28.89
C ASP C 113 14.57 -33.01 27.59
N LEU C 114 13.88 -33.76 26.74
CA LEU C 114 13.42 -33.23 25.47
C LEU C 114 12.22 -32.29 25.69
N SER C 115 12.19 -31.20 24.94
CA SER C 115 11.07 -30.29 24.99
C SER C 115 9.93 -30.80 24.10
N GLU C 116 8.79 -30.13 24.19
CA GLU C 116 7.66 -30.48 23.34
C GLU C 116 8.01 -30.31 21.87
N ALA C 117 8.76 -29.27 21.53
CA ALA C 117 9.17 -29.06 20.15
C ALA C 117 10.17 -30.12 19.70
N ASP C 118 11.08 -30.52 20.59
CA ASP C 118 12.04 -31.56 20.26
C ASP C 118 11.37 -32.90 20.02
N MET C 119 10.45 -33.29 20.91
CA MET C 119 9.73 -34.56 20.74
C MET C 119 8.96 -34.58 19.42
N LYS C 120 8.39 -33.44 19.04
CA LYS C 120 7.69 -33.36 17.75
C LYS C 120 8.63 -33.69 16.60
N ARG C 121 9.86 -33.16 16.65
CA ARG C 121 10.83 -33.45 15.59
C ARG C 121 11.19 -34.93 15.57
N VAL C 122 11.29 -35.56 16.74
CA VAL C 122 11.58 -37.00 16.79
C VAL C 122 10.43 -37.78 16.18
N VAL C 123 9.20 -37.43 16.51
CA VAL C 123 8.04 -38.13 15.96
C VAL C 123 7.97 -37.97 14.45
N LEU C 124 8.23 -36.76 13.96
CA LEU C 124 8.14 -36.51 12.52
C LEU C 124 9.16 -37.34 11.74
N SER C 125 10.37 -37.51 12.28
CA SER C 125 11.34 -38.38 11.64
C SER C 125 10.86 -39.82 11.67
N LEU C 126 10.22 -40.24 12.76
CA LEU C 126 9.65 -41.58 12.83
C LEU C 126 8.56 -41.78 11.78
N VAL C 127 7.67 -40.79 11.65
CA VAL C 127 6.59 -40.88 10.68
C VAL C 127 7.14 -40.93 9.26
N THR C 128 8.26 -40.25 9.01
CA THR C 128 8.89 -40.31 7.69
C THR C 128 9.29 -41.73 7.32
N MET C 129 9.80 -42.50 8.29
CA MET C 129 10.11 -43.90 8.02
C MET C 129 8.85 -44.73 7.82
N LEU C 130 7.76 -44.37 8.49
CA LEU C 130 6.52 -45.11 8.32
C LEU C 130 5.90 -44.87 6.95
N HIS C 131 5.99 -43.63 6.46
CA HIS C 131 5.45 -43.32 5.14
C HIS C 131 6.35 -43.91 4.06
N ASP C 132 5.73 -44.16 2.89
CA ASP C 132 6.42 -44.77 1.75
C ASP C 132 7.06 -46.11 2.11
N ASN C 133 6.48 -46.80 3.09
CA ASN C 133 6.96 -48.12 3.50
C ASN C 133 5.78 -48.98 3.91
N LYS C 134 5.72 -50.19 3.35
CA LYS C 134 4.59 -51.11 3.55
C LYS C 134 4.83 -52.02 4.75
N LEU C 135 4.92 -51.41 5.93
CA LEU C 135 5.17 -52.15 7.16
C LEU C 135 3.87 -52.61 7.81
N SER C 136 3.94 -53.79 8.44
CA SER C 136 2.81 -54.30 9.20
C SER C 136 2.91 -54.01 10.69
N LYS C 137 4.11 -53.77 11.21
CA LYS C 137 4.30 -53.54 12.64
C LYS C 137 5.46 -52.57 12.84
N LEU C 138 5.30 -51.66 13.79
CA LEU C 138 6.39 -50.80 14.25
C LEU C 138 6.64 -51.04 15.72
N THR C 139 7.92 -51.15 16.09
CA THR C 139 8.34 -51.29 17.47
C THR C 139 9.30 -50.15 17.81
N VAL C 140 9.02 -49.45 18.90
CA VAL C 140 9.80 -48.30 19.33
C VAL C 140 10.45 -48.62 20.66
N VAL C 141 11.78 -48.51 20.71
CA VAL C 141 12.56 -48.81 21.91
C VAL C 141 13.05 -47.50 22.51
N PHE C 142 12.61 -47.21 23.73
CA PHE C 142 12.92 -45.95 24.42
C PHE C 142 14.23 -46.10 25.19
N GLU C 143 15.33 -45.63 24.59
CA GLU C 143 16.58 -45.48 25.29
C GLU C 143 16.82 -44.04 25.74
N ILE C 144 15.72 -43.30 25.93
CA ILE C 144 15.72 -41.98 26.51
C ILE C 144 14.72 -42.01 27.68
N ASN C 145 14.74 -40.95 28.48
CA ASN C 145 13.87 -40.87 29.64
C ASN C 145 12.74 -39.87 29.38
N VAL C 146 11.51 -40.32 29.53
CA VAL C 146 10.32 -39.49 29.38
C VAL C 146 9.36 -39.83 30.52
N ASP C 147 8.67 -38.83 31.04
CA ASP C 147 7.66 -39.11 32.04
C ASP C 147 6.38 -39.57 31.36
N LYS C 148 5.35 -39.85 32.16
CA LYS C 148 4.12 -40.39 31.61
C LYS C 148 3.43 -39.40 30.67
N ASN C 149 3.49 -38.11 31.00
CA ASN C 149 2.84 -37.12 30.15
C ASN C 149 3.57 -36.98 28.82
N LEU C 150 4.91 -37.02 28.84
CA LEU C 150 5.66 -36.94 27.58
C LEU C 150 5.52 -38.20 26.75
N PHE C 151 5.41 -39.36 27.41
CA PHE C 151 5.16 -40.60 26.67
C PHE C 151 3.81 -40.56 25.97
N ARG C 152 2.78 -40.10 26.69
CA ARG C 152 1.46 -39.92 26.08
C ARG C 152 1.53 -38.93 24.92
N PHE C 153 2.24 -37.82 25.11
CA PHE C 153 2.41 -36.84 24.04
C PHE C 153 3.08 -37.45 22.82
N PHE C 154 4.05 -38.34 23.05
CA PHE C 154 4.70 -39.05 21.95
C PHE C 154 3.68 -39.84 21.14
N LEU C 155 2.82 -40.61 21.81
CA LEU C 155 1.84 -41.44 21.12
C LEU C 155 0.81 -40.58 20.39
N GLU C 156 0.28 -39.56 21.07
CA GLU C 156 -0.68 -38.66 20.44
C GLU C 156 -0.11 -38.05 19.17
N THR C 157 1.12 -37.53 19.26
CA THR C 157 1.74 -36.88 18.11
C THR C 157 2.03 -37.88 17.00
N LEU C 158 2.51 -39.07 17.36
CA LEU C 158 2.70 -40.12 16.37
C LEU C 158 1.40 -40.45 15.66
N PHE C 159 0.33 -40.67 16.43
CA PHE C 159 -0.97 -40.99 15.83
C PHE C 159 -1.45 -39.86 14.94
N TYR C 160 -1.35 -38.61 15.42
CA TYR C 160 -1.90 -37.48 14.69
C TYR C 160 -1.15 -37.21 13.40
N GLU C 161 0.19 -37.20 13.46
CA GLU C 161 0.98 -36.92 12.25
C GLU C 161 0.92 -38.08 11.27
N TYR C 162 0.73 -39.30 11.76
CA TYR C 162 0.62 -40.48 10.91
C TYR C 162 -0.66 -40.41 10.07
N MET C 163 -1.74 -39.91 10.67
CA MET C 163 -3.04 -39.88 10.00
C MET C 163 -3.03 -38.89 8.85
N THR C 164 -3.58 -39.30 7.71
CA THR C 164 -3.68 -38.46 6.52
C THR C 164 -5.15 -38.24 6.17
N ASP C 165 -5.53 -36.98 6.05
CA ASP C 165 -6.91 -36.60 5.76
C ASP C 165 -7.11 -36.63 4.24
N GLU C 166 -7.87 -37.60 3.76
CA GLU C 166 -8.14 -37.77 2.33
C GLU C 166 -9.62 -37.60 1.99
N ARG C 167 -10.38 -36.93 2.85
CA ARG C 167 -11.82 -36.80 2.63
C ARG C 167 -12.15 -36.10 1.33
N PHE C 168 -11.26 -35.24 0.85
CA PHE C 168 -11.55 -34.40 -0.31
C PHE C 168 -10.65 -34.71 -1.50
N LYS C 169 -9.92 -35.82 -1.48
CA LYS C 169 -9.26 -36.32 -2.67
C LYS C 169 -10.23 -37.17 -3.47
N SER C 170 -10.38 -36.86 -4.75
CA SER C 170 -11.13 -37.75 -5.65
C SER C 170 -10.21 -38.57 -6.54
N THR C 171 -9.46 -37.90 -7.41
CA THR C 171 -8.61 -38.56 -8.40
C THR C 171 -7.14 -38.56 -8.02
N ASP C 172 -6.80 -38.06 -6.83
CA ASP C 172 -5.42 -38.00 -6.37
C ASP C 172 -5.26 -38.67 -5.01
N LYS C 173 -6.05 -39.71 -4.75
CA LYS C 173 -5.86 -40.48 -3.53
C LYS C 173 -4.57 -41.27 -3.61
N ASN C 174 -3.80 -41.24 -2.52
CA ASN C 174 -2.52 -41.95 -2.48
C ASN C 174 -2.77 -43.45 -2.57
N VAL C 175 -2.31 -44.07 -3.65
CA VAL C 175 -2.52 -45.50 -3.84
C VAL C 175 -1.55 -46.31 -2.99
N ASN C 176 -0.40 -45.75 -2.65
CA ASN C 176 0.64 -46.46 -1.91
C ASN C 176 0.48 -46.31 -0.39
N MET C 177 -0.65 -45.80 0.08
CA MET C 177 -0.84 -45.61 1.51
C MET C 177 -1.09 -46.96 2.19
N GLU C 178 -0.39 -47.19 3.30
CA GLU C 178 -0.53 -48.41 4.06
C GLU C 178 -0.23 -48.08 5.51
N TYR C 179 -1.09 -48.54 6.43
CA TYR C 179 -0.96 -48.25 7.84
C TYR C 179 -0.58 -49.53 8.59
N ILE C 180 0.33 -49.38 9.56
CA ILE C 180 0.67 -50.51 10.41
C ILE C 180 -0.56 -50.96 11.18
N LYS C 181 -0.59 -52.24 11.54
CA LYS C 181 -1.65 -52.79 12.36
C LYS C 181 -1.22 -53.08 13.80
N HIS C 182 0.07 -52.98 14.10
CA HIS C 182 0.59 -53.28 15.43
C HIS C 182 1.68 -52.28 15.78
N LEU C 183 1.68 -51.84 17.04
CA LEU C 183 2.72 -50.96 17.57
C LEU C 183 3.24 -51.52 18.88
N GLY C 184 4.53 -51.85 18.92
CA GLY C 184 5.18 -52.32 20.13
C GLY C 184 6.04 -51.23 20.74
N VAL C 185 6.05 -51.17 22.07
CA VAL C 185 6.81 -50.16 22.80
C VAL C 185 7.60 -50.85 23.91
N TYR C 186 8.92 -50.64 23.91
CA TYR C 186 9.80 -51.11 24.99
C TYR C 186 10.25 -49.89 25.78
N ILE C 187 9.95 -49.88 27.07
CA ILE C 187 10.27 -48.74 27.94
C ILE C 187 10.50 -49.26 29.34
N ASN C 188 11.36 -48.56 30.09
CA ASN C 188 11.61 -48.93 31.47
C ASN C 188 10.39 -48.62 32.33
N ASN C 189 10.09 -49.53 33.28
CA ASN C 189 8.91 -49.42 34.13
C ASN C 189 7.64 -49.32 33.29
N ALA C 190 7.50 -50.25 32.34
CA ALA C 190 6.46 -50.16 31.34
C ALA C 190 5.05 -50.20 31.94
N ASP C 191 4.88 -50.85 33.09
CA ASP C 191 3.55 -50.98 33.67
C ASP C 191 2.95 -49.63 34.01
N THR C 192 3.77 -48.65 34.37
CA THR C 192 3.26 -47.32 34.71
C THR C 192 2.87 -46.52 33.48
N TYR C 193 3.20 -46.99 32.28
CA TYR C 193 2.92 -46.26 31.04
C TYR C 193 1.74 -46.82 30.26
N LYS C 194 1.29 -48.04 30.59
CA LYS C 194 0.21 -48.68 29.83
C LYS C 194 -1.07 -47.84 29.86
N GLU C 195 -1.41 -47.27 31.01
CA GLU C 195 -2.63 -46.47 31.11
C GLU C 195 -2.62 -45.27 30.17
N GLU C 196 -1.44 -44.84 29.73
CA GLU C 196 -1.36 -43.69 28.83
C GLU C 196 -1.70 -44.05 27.39
N VAL C 197 -1.72 -45.34 27.06
CA VAL C 197 -1.89 -45.75 25.67
C VAL C 197 -3.27 -45.34 25.16
N GLU C 198 -4.32 -45.81 25.84
CA GLU C 198 -5.66 -45.52 25.37
C GLU C 198 -6.05 -44.07 25.63
N LYS C 199 -5.48 -43.44 26.66
CA LYS C 199 -5.67 -42.01 26.84
C LYS C 199 -5.08 -41.23 25.67
N ALA C 200 -3.90 -41.64 25.21
CA ALA C 200 -3.30 -41.03 24.03
C ALA C 200 -4.17 -41.22 22.80
N ARG C 201 -4.77 -42.41 22.65
CA ARG C 201 -5.64 -42.65 21.50
C ARG C 201 -6.88 -41.77 21.56
N VAL C 202 -7.42 -41.55 22.76
CA VAL C 202 -8.56 -40.65 22.91
C VAL C 202 -8.15 -39.22 22.61
N TYR C 203 -7.01 -38.78 23.17
CA TYR C 203 -6.54 -37.43 22.90
C TYR C 203 -6.21 -37.24 21.43
N TYR C 204 -5.71 -38.29 20.77
CA TYR C 204 -5.41 -38.20 19.34
C TYR C 204 -6.66 -37.86 18.54
N PHE C 205 -7.74 -38.60 18.75
CA PHE C 205 -8.90 -38.41 17.87
C PHE C 205 -9.62 -37.11 18.17
N GLY C 206 -9.67 -36.70 19.44
CA GLY C 206 -10.20 -35.38 19.76
C GLY C 206 -9.46 -34.30 19.00
N THR C 207 -8.13 -34.43 18.91
CA THR C 207 -7.34 -33.49 18.13
C THR C 207 -7.59 -33.67 16.64
N TYR C 208 -7.68 -34.92 16.16
CA TYR C 208 -7.93 -35.15 14.75
C TYR C 208 -9.36 -34.77 14.38
N TYR C 209 -10.32 -34.92 15.29
CA TYR C 209 -11.68 -34.48 15.04
C TYR C 209 -11.72 -32.96 14.85
N ALA C 210 -11.05 -32.23 15.75
CA ALA C 210 -10.93 -30.78 15.57
C ALA C 210 -10.26 -30.45 14.25
N SER C 211 -9.22 -31.20 13.88
CA SER C 211 -8.54 -30.97 12.61
C SER C 211 -9.49 -31.19 11.43
N GLN C 212 -10.34 -32.22 11.51
CA GLN C 212 -11.28 -32.49 10.43
C GLN C 212 -12.29 -31.35 10.28
N LEU C 213 -12.69 -30.73 11.39
CA LEU C 213 -13.62 -29.60 11.30
C LEU C 213 -12.94 -28.36 10.75
N ILE C 214 -11.69 -28.10 11.17
CA ILE C 214 -10.99 -26.91 10.71
C ILE C 214 -10.65 -27.03 9.23
N ALA C 215 -10.22 -28.22 8.80
CA ALA C 215 -9.85 -28.42 7.40
C ALA C 215 -11.07 -28.57 6.49
N ALA C 216 -12.27 -28.68 7.06
CA ALA C 216 -13.47 -28.77 6.23
C ALA C 216 -13.70 -27.45 5.50
N PRO C 217 -13.88 -27.48 4.18
CA PRO C 217 -14.07 -26.24 3.43
C PRO C 217 -15.38 -25.55 3.79
N SER C 218 -15.42 -24.25 3.48
CA SER C 218 -16.56 -23.43 3.85
C SER C 218 -17.83 -23.79 3.09
N ASN C 219 -17.72 -24.47 1.95
CA ASN C 219 -18.89 -24.93 1.23
C ASN C 219 -19.40 -26.27 1.74
N TYR C 220 -18.67 -26.92 2.65
CA TYR C 220 -19.16 -28.06 3.40
C TYR C 220 -19.52 -27.69 4.83
N CYS C 221 -18.72 -26.84 5.46
CA CYS C 221 -18.90 -26.46 6.86
C CYS C 221 -19.63 -25.12 6.92
N ASN C 222 -20.77 -25.11 7.58
CA ASN C 222 -21.56 -23.90 7.77
C ASN C 222 -22.27 -24.03 9.10
N PRO C 223 -22.89 -22.95 9.60
CA PRO C 223 -23.53 -23.03 10.92
C PRO C 223 -24.54 -24.17 11.06
N VAL C 224 -25.25 -24.52 9.99
CA VAL C 224 -26.23 -25.60 10.08
C VAL C 224 -25.51 -26.95 10.09
N SER C 225 -24.59 -27.16 9.15
CA SER C 225 -23.89 -28.43 9.06
C SER C 225 -22.97 -28.66 10.26
N LEU C 226 -22.41 -27.58 10.83
CA LEU C 226 -21.53 -27.73 11.98
C LEU C 226 -22.32 -28.13 13.23
N SER C 227 -23.47 -27.48 13.46
CA SER C 227 -24.30 -27.86 14.59
C SER C 227 -24.89 -29.25 14.41
N ASN C 228 -25.14 -29.67 13.16
CA ASN C 228 -25.57 -31.04 12.91
C ASN C 228 -24.49 -32.03 13.34
N ALA C 229 -23.23 -31.73 13.02
CA ALA C 229 -22.14 -32.60 13.44
C ALA C 229 -22.00 -32.63 14.95
N ALA C 230 -22.21 -31.50 15.61
CA ALA C 230 -22.14 -31.46 17.08
C ALA C 230 -23.25 -32.31 17.69
N VAL C 231 -24.43 -32.32 17.08
CA VAL C 231 -25.52 -33.15 17.59
C VAL C 231 -25.18 -34.62 17.42
N GLU C 232 -24.69 -35.01 16.24
CA GLU C 232 -24.21 -36.37 16.02
C GLU C 232 -23.20 -36.77 17.09
N LEU C 233 -22.21 -35.90 17.35
CA LEU C 233 -21.20 -36.21 18.35
C LEU C 233 -21.82 -36.41 19.73
N ALA C 234 -22.76 -35.54 20.10
CA ALA C 234 -23.41 -35.66 21.40
C ALA C 234 -24.20 -36.96 21.50
N GLN C 235 -24.86 -37.36 20.41
CA GLN C 235 -25.64 -38.60 20.42
C GLN C 235 -24.73 -39.82 20.53
N LYS C 236 -23.58 -39.79 19.86
CA LYS C 236 -22.64 -40.91 19.94
C LYS C 236 -22.10 -41.10 21.35
N LEU C 237 -21.96 -40.02 22.12
CA LEU C 237 -21.34 -40.08 23.44
C LEU C 237 -22.35 -39.90 24.56
N ASN C 238 -23.65 -39.89 24.25
CA ASN C 238 -24.71 -39.76 25.26
C ASN C 238 -24.57 -38.45 26.03
N LEU C 239 -24.18 -37.39 25.34
CA LEU C 239 -24.15 -36.06 25.92
C LEU C 239 -25.48 -35.36 25.70
N GLU C 240 -25.87 -34.54 26.67
CA GLU C 240 -27.00 -33.65 26.47
C GLU C 240 -26.63 -32.59 25.44
N TYR C 241 -27.60 -32.20 24.61
CA TYR C 241 -27.32 -31.22 23.57
C TYR C 241 -28.54 -30.33 23.37
N LYS C 242 -28.26 -29.08 23.01
CA LYS C 242 -29.30 -28.12 22.64
C LYS C 242 -28.72 -27.20 21.58
N ILE C 243 -29.47 -27.01 20.49
CA ILE C 243 -29.09 -26.11 19.42
C ILE C 243 -30.10 -24.97 19.39
N LEU C 244 -29.63 -23.75 19.65
CA LEU C 244 -30.50 -22.59 19.70
C LEU C 244 -30.61 -21.96 18.31
N GLY C 245 -31.85 -21.76 17.85
CA GLY C 245 -32.10 -21.13 16.58
C GLY C 245 -32.33 -19.64 16.71
N VAL C 246 -32.55 -19.00 15.55
CA VAL C 246 -32.62 -17.54 15.49
C VAL C 246 -33.72 -17.01 16.40
N LYS C 247 -34.88 -17.67 16.41
CA LYS C 247 -36.00 -17.19 17.22
C LYS C 247 -35.65 -17.18 18.70
N GLU C 248 -35.01 -18.24 19.19
CA GLU C 248 -34.60 -18.29 20.60
C GLU C 248 -33.49 -17.29 20.88
N LEU C 249 -32.59 -17.09 19.92
CA LEU C 249 -31.52 -16.11 20.11
C LEU C 249 -32.07 -14.69 20.19
N GLU C 250 -33.14 -14.40 19.44
CA GLU C 250 -33.78 -13.10 19.54
C GLU C 250 -34.41 -12.89 20.91
N GLU C 251 -35.05 -13.94 21.45
CA GLU C 251 -35.64 -13.84 22.78
C GLU C 251 -34.57 -13.59 23.83
N LEU C 252 -33.40 -14.19 23.65
CA LEU C 252 -32.27 -13.95 24.56
C LEU C 252 -31.54 -12.65 24.26
N LYS C 253 -31.94 -11.92 23.22
CA LYS C 253 -31.41 -10.59 22.91
C LYS C 253 -29.91 -10.63 22.60
N MET C 254 -29.49 -11.66 21.87
CA MET C 254 -28.08 -11.81 21.49
C MET C 254 -27.79 -10.94 20.26
N GLY C 255 -27.88 -9.63 20.46
CA GLY C 255 -27.80 -8.69 19.35
C GLY C 255 -26.44 -8.62 18.68
N ALA C 256 -25.36 -8.81 19.45
CA ALA C 256 -24.03 -8.77 18.86
C ALA C 256 -23.78 -10.00 17.99
N TYR C 257 -24.12 -11.18 18.52
CA TYR C 257 -23.96 -12.42 17.77
C TYR C 257 -24.88 -12.46 16.55
N LEU C 258 -26.12 -11.98 16.70
CA LEU C 258 -27.06 -11.99 15.59
C LEU C 258 -26.65 -11.02 14.49
N SER C 259 -26.07 -9.88 14.88
CA SER C 259 -25.66 -8.88 13.88
C SER C 259 -24.63 -9.43 12.92
N VAL C 260 -23.66 -10.19 13.44
CA VAL C 260 -22.60 -10.74 12.60
C VAL C 260 -23.18 -11.67 11.54
N GLY C 261 -24.16 -12.49 11.92
CA GLY C 261 -24.77 -13.43 11.00
C GLY C 261 -25.91 -12.90 10.17
N LYS C 262 -26.23 -11.61 10.27
CA LYS C 262 -27.38 -11.05 9.57
C LYS C 262 -27.28 -11.26 8.06
N GLY C 263 -26.11 -11.02 7.49
CA GLY C 263 -25.94 -11.11 6.05
C GLY C 263 -25.65 -12.49 5.52
N SER C 264 -25.73 -13.52 6.34
CA SER C 264 -25.39 -14.88 5.93
CA SER C 264 -25.39 -14.88 5.93
C SER C 264 -26.58 -15.56 5.27
N MET C 265 -26.27 -16.55 4.42
CA MET C 265 -27.28 -17.39 3.81
C MET C 265 -27.69 -18.53 4.72
N TYR C 266 -26.84 -18.91 5.69
CA TYR C 266 -27.12 -19.91 6.71
C TYR C 266 -27.46 -19.21 8.02
N PRO C 267 -28.56 -19.58 8.68
CA PRO C 267 -28.92 -18.91 9.93
C PRO C 267 -27.97 -19.27 11.06
N ASN C 268 -27.88 -18.37 12.04
CA ASN C 268 -27.07 -18.63 13.21
C ASN C 268 -27.53 -19.88 13.95
N LYS C 269 -26.58 -20.62 14.50
CA LYS C 269 -26.89 -21.78 15.33
C LYS C 269 -25.95 -21.76 16.53
N PHE C 270 -26.51 -21.71 17.74
CA PHE C 270 -25.74 -21.71 18.97
C PHE C 270 -25.66 -23.13 19.49
N ILE C 271 -24.44 -23.67 19.57
CA ILE C 271 -24.22 -25.05 20.01
C ILE C 271 -24.06 -25.06 21.53
N HIS C 272 -24.78 -25.97 22.19
CA HIS C 272 -24.68 -26.14 23.64
C HIS C 272 -24.71 -27.64 23.94
N LEU C 273 -23.54 -28.23 24.15
CA LEU C 273 -23.41 -29.60 24.62
C LEU C 273 -23.06 -29.60 26.11
N THR C 274 -23.50 -30.64 26.81
CA THR C 274 -23.26 -30.74 28.24
C THR C 274 -22.86 -32.15 28.62
N TYR C 275 -21.74 -32.29 29.33
CA TYR C 275 -21.38 -33.52 30.01
C TYR C 275 -21.59 -33.33 31.51
N LYS C 276 -22.27 -34.28 32.15
CA LYS C 276 -22.50 -34.24 33.58
C LYS C 276 -22.11 -35.57 34.19
N SER C 277 -21.21 -35.54 35.19
CA SER C 277 -20.84 -36.75 35.91
C SER C 277 -22.05 -37.28 36.67
N LYS C 278 -22.01 -38.59 36.96
CA LYS C 278 -23.11 -39.22 37.68
C LYS C 278 -23.09 -38.88 39.17
N GLY C 279 -21.92 -38.91 39.79
CA GLY C 279 -21.79 -38.66 41.22
C GLY C 279 -22.00 -37.22 41.62
N ASP C 280 -21.26 -36.77 42.63
CA ASP C 280 -21.32 -35.39 43.05
C ASP C 280 -20.76 -34.50 41.94
N VAL C 281 -21.40 -33.36 41.71
CA VAL C 281 -20.85 -32.36 40.81
C VAL C 281 -20.14 -31.33 41.67
N LYS C 282 -18.80 -31.30 41.59
CA LYS C 282 -18.01 -30.40 42.41
C LYS C 282 -17.48 -29.19 41.67
N LYS C 283 -17.46 -29.22 40.34
CA LYS C 283 -16.96 -28.11 39.55
C LYS C 283 -17.80 -27.98 38.29
N LYS C 284 -18.24 -26.76 38.00
CA LYS C 284 -19.01 -26.46 36.79
C LYS C 284 -18.17 -25.55 35.91
N ILE C 285 -18.03 -25.94 34.64
CA ILE C 285 -17.14 -25.26 33.70
C ILE C 285 -17.89 -25.00 32.41
N ALA C 286 -17.71 -23.80 31.86
CA ALA C 286 -18.22 -23.46 30.54
C ALA C 286 -17.03 -23.23 29.61
N LEU C 287 -16.98 -23.98 28.51
CA LEU C 287 -15.96 -23.83 27.49
C LEU C 287 -16.60 -23.19 26.27
N VAL C 288 -16.05 -22.05 25.85
CA VAL C 288 -16.61 -21.26 24.76
C VAL C 288 -15.63 -21.23 23.61
N GLY C 289 -16.09 -21.62 22.42
CA GLY C 289 -15.25 -21.60 21.25
C GLY C 289 -15.75 -20.65 20.18
N LYS C 290 -14.86 -19.85 19.61
CA LYS C 290 -15.22 -18.99 18.50
C LYS C 290 -15.58 -19.85 17.29
N GLY C 291 -16.72 -19.56 16.67
CA GLY C 291 -17.18 -20.40 15.58
C GLY C 291 -17.68 -19.64 14.36
N ILE C 292 -16.77 -19.00 13.65
CA ILE C 292 -17.09 -18.34 12.38
C ILE C 292 -16.71 -19.30 11.26
N THR C 293 -17.71 -19.90 10.61
CA THR C 293 -17.43 -20.90 9.59
C THR C 293 -16.80 -20.27 8.35
N PHE C 294 -17.14 -19.02 8.06
CA PHE C 294 -16.39 -18.25 7.08
C PHE C 294 -16.47 -16.77 7.45
N ASP C 295 -15.33 -16.10 7.45
CA ASP C 295 -15.23 -14.70 7.81
C ASP C 295 -14.79 -13.92 6.56
N SER C 296 -15.74 -13.32 5.87
CA SER C 296 -15.45 -12.48 4.72
C SER C 296 -14.90 -11.12 5.13
N GLY C 297 -15.01 -10.75 6.40
CA GLY C 297 -14.72 -9.41 6.85
C GLY C 297 -15.90 -8.47 6.86
N GLY C 298 -16.97 -8.82 6.15
CA GLY C 298 -18.15 -7.97 6.12
C GLY C 298 -17.88 -6.65 5.42
N TYR C 299 -18.64 -5.63 5.81
CA TYR C 299 -18.55 -4.30 5.21
C TYR C 299 -17.35 -3.55 5.79
N ASN C 300 -16.16 -4.09 5.51
CA ASN C 300 -14.92 -3.39 5.83
C ASN C 300 -14.17 -3.09 4.54
N LEU C 301 -14.88 -2.53 3.57
CA LEU C 301 -14.34 -2.35 2.23
C LEU C 301 -13.54 -1.06 2.05
N LYS C 302 -13.68 -0.10 2.98
CA LYS C 302 -12.97 1.17 2.90
C LYS C 302 -12.29 1.46 4.24
N ALA C 303 -11.40 0.56 4.65
CA ALA C 303 -10.70 0.71 5.91
C ALA C 303 -9.65 1.81 5.83
N ALA C 304 -9.45 2.51 6.94
CA ALA C 304 -8.44 3.55 7.00
C ALA C 304 -7.05 2.93 6.88
N PRO C 305 -6.13 3.60 6.16
CA PRO C 305 -4.77 3.08 5.95
C PRO C 305 -3.94 2.98 7.22
N SER C 307 -5.34 0.72 9.92
CA SER C 307 -6.35 -0.11 10.57
C SER C 307 -5.91 -1.57 10.64
N MET C 308 -6.47 -2.29 11.61
CA MET C 308 -6.12 -3.70 11.82
C MET C 308 -6.50 -4.54 10.60
N ILE C 309 -5.55 -5.36 10.16
CA ILE C 309 -5.76 -6.30 9.06
C ILE C 309 -5.93 -7.69 9.64
N ASP C 310 -6.81 -8.48 9.03
CA ASP C 310 -7.08 -9.85 9.47
C ASP C 310 -6.72 -10.80 8.32
N LEU C 311 -5.60 -11.51 8.49
CA LEU C 311 -5.11 -12.46 7.49
C LEU C 311 -5.22 -13.91 7.96
N MET C 312 -5.85 -14.16 9.11
CA MET C 312 -5.97 -15.51 9.64
C MET C 312 -7.37 -16.00 9.32
N LYS C 313 -7.47 -17.08 8.56
CA LYS C 313 -8.71 -17.52 7.95
C LYS C 313 -9.30 -18.76 8.61
N PHE C 314 -8.78 -19.17 9.77
CA PHE C 314 -9.23 -20.38 10.45
C PHE C 314 -10.07 -19.99 11.66
N ASP C 315 -11.26 -19.47 11.37
CA ASP C 315 -12.04 -18.68 12.32
C ASP C 315 -13.07 -19.51 13.09
N MET C 316 -13.00 -20.85 13.03
CA MET C 316 -13.76 -21.68 13.95
C MET C 316 -12.88 -22.75 14.59
N SER C 317 -11.56 -22.50 14.66
CA SER C 317 -10.66 -23.41 15.35
C SER C 317 -10.99 -23.51 16.85
N GLY C 318 -11.49 -22.43 17.43
CA GLY C 318 -11.86 -22.48 18.85
C GLY C 318 -13.05 -23.39 19.09
N CYS C 319 -14.09 -23.24 18.27
CA CYS C 319 -15.22 -24.17 18.33
C CYS C 319 -14.77 -25.60 18.10
N ALA C 320 -13.85 -25.81 17.15
CA ALA C 320 -13.35 -27.14 16.86
C ALA C 320 -12.64 -27.74 18.07
N ALA C 321 -11.83 -26.91 18.76
CA ALA C 321 -11.14 -27.39 19.95
C ALA C 321 -12.12 -27.74 21.06
N VAL C 322 -13.19 -26.96 21.19
CA VAL C 322 -14.19 -27.22 22.23
C VAL C 322 -14.94 -28.51 21.92
N LEU C 323 -15.29 -28.73 20.65
CA LEU C 323 -15.98 -29.96 20.29
C LEU C 323 -15.05 -31.15 20.39
N GLY C 324 -13.77 -30.97 20.03
CA GLY C 324 -12.80 -32.04 20.24
C GLY C 324 -12.62 -32.35 21.72
N CYS C 325 -12.67 -31.33 22.57
CA CYS C 325 -12.64 -31.57 24.01
C CYS C 325 -13.89 -32.32 24.46
N ALA C 326 -15.04 -32.03 23.86
CA ALA C 326 -16.26 -32.75 24.18
C ALA C 326 -16.12 -34.23 23.86
N TYR C 327 -15.42 -34.57 22.78
CA TYR C 327 -15.16 -35.97 22.48
C TYR C 327 -14.34 -36.62 23.59
N CYS C 328 -13.22 -35.99 23.96
CA CYS C 328 -12.34 -36.57 24.97
C CYS C 328 -13.07 -36.72 26.31
N VAL C 329 -13.77 -35.66 26.74
CA VAL C 329 -14.47 -35.71 28.02
C VAL C 329 -15.61 -36.73 27.96
N GLY C 330 -16.39 -36.71 26.87
CA GLY C 330 -17.48 -37.66 26.75
C GLY C 330 -17.02 -39.11 26.66
N THR C 331 -15.80 -39.32 26.19
CA THR C 331 -15.27 -40.69 26.11
C THR C 331 -14.66 -41.13 27.44
N LEU C 332 -13.84 -40.27 28.04
CA LEU C 332 -13.15 -40.64 29.27
C LEU C 332 -14.07 -40.61 30.49
N LYS C 333 -15.11 -39.78 30.44
CA LYS C 333 -16.14 -39.69 31.48
C LYS C 333 -15.54 -39.42 32.85
N PRO C 334 -14.98 -38.24 33.08
CA PRO C 334 -14.44 -37.92 34.41
C PRO C 334 -15.54 -37.74 35.44
N GLU C 335 -15.13 -37.79 36.71
CA GLU C 335 -16.04 -37.66 37.83
C GLU C 335 -16.04 -36.23 38.35
N ASN C 336 -17.09 -35.89 39.08
CA ASN C 336 -17.19 -34.68 39.89
C ASN C 336 -17.24 -33.39 39.08
N VAL C 337 -17.65 -33.44 37.81
CA VAL C 337 -17.61 -32.26 36.94
C VAL C 337 -18.87 -32.18 36.09
N GLU C 338 -19.23 -30.95 35.75
CA GLU C 338 -20.28 -30.66 34.77
C GLU C 338 -19.71 -29.66 33.78
N ILE C 339 -19.62 -30.04 32.51
CA ILE C 339 -18.95 -29.25 31.48
C ILE C 339 -19.96 -28.86 30.43
N HIS C 340 -19.98 -27.58 30.09
CA HIS C 340 -20.81 -27.05 29.01
C HIS C 340 -19.91 -26.64 27.85
N PHE C 341 -20.17 -27.19 26.67
CA PHE C 341 -19.39 -26.91 25.47
C PHE C 341 -20.24 -25.99 24.59
N LEU C 342 -19.78 -24.75 24.42
CA LEU C 342 -20.58 -23.69 23.82
C LEU C 342 -19.87 -23.09 22.61
N SER C 343 -20.67 -22.71 21.61
CA SER C 343 -20.15 -21.98 20.46
C SER C 343 -21.29 -21.24 19.78
N ALA C 344 -21.13 -19.94 19.61
CA ALA C 344 -22.06 -19.12 18.82
C ALA C 344 -21.58 -19.17 17.38
N VAL C 345 -22.12 -20.12 16.62
CA VAL C 345 -21.66 -20.38 15.26
C VAL C 345 -22.44 -19.50 14.28
N CYS C 346 -21.72 -18.92 13.32
CA CYS C 346 -22.34 -18.04 12.34
C CYS C 346 -21.37 -17.84 11.18
N GLU C 347 -21.85 -17.11 10.18
CA GLU C 347 -21.06 -16.68 9.03
C GLU C 347 -21.06 -15.16 8.99
N ASN C 348 -19.95 -14.59 8.53
CA ASN C 348 -19.80 -13.14 8.42
C ASN C 348 -19.66 -12.80 6.94
N MET C 349 -20.77 -12.48 6.30
CA MET C 349 -20.85 -12.36 4.85
C MET C 349 -21.17 -10.93 4.44
N VAL C 350 -21.00 -10.67 3.15
CA VAL C 350 -21.31 -9.39 2.54
C VAL C 350 -22.57 -9.57 1.69
N SER C 351 -23.62 -8.82 2.03
CA SER C 351 -24.86 -8.85 1.29
C SER C 351 -25.65 -7.59 1.64
N LYS C 352 -26.85 -7.49 1.08
CA LYS C 352 -27.71 -6.35 1.42
C LYS C 352 -28.23 -6.43 2.84
N ASN C 353 -28.13 -7.59 3.48
CA ASN C 353 -28.66 -7.80 4.82
C ASN C 353 -27.59 -7.72 5.92
N SER C 354 -26.33 -7.53 5.54
CA SER C 354 -25.24 -7.55 6.53
C SER C 354 -25.26 -6.30 7.40
N TYR C 355 -24.65 -6.43 8.59
CA TYR C 355 -24.49 -5.27 9.46
C TYR C 355 -23.34 -4.41 8.96
N ARG C 356 -23.27 -3.18 9.46
CA ARG C 356 -22.38 -2.17 8.92
C ARG C 356 -21.50 -1.58 10.01
N PRO C 357 -20.34 -1.04 9.64
CA PRO C 357 -19.59 -0.21 10.59
C PRO C 357 -20.39 1.03 10.93
N GLY C 358 -20.39 1.39 12.21
CA GLY C 358 -21.22 2.46 12.71
C GLY C 358 -22.56 2.02 13.26
N ASP C 359 -22.96 0.77 13.03
CA ASP C 359 -24.12 0.22 13.69
C ASP C 359 -23.90 0.20 15.19
N ILE C 360 -24.96 0.46 15.96
CA ILE C 360 -24.93 0.31 17.40
C ILE C 360 -25.90 -0.82 17.77
N ILE C 361 -25.37 -1.87 18.36
CA ILE C 361 -26.12 -3.08 18.64
C ILE C 361 -26.13 -3.33 20.14
N THR C 362 -27.15 -4.04 20.61
CA THR C 362 -27.37 -4.29 22.02
C THR C 362 -27.08 -5.74 22.33
N ALA C 363 -26.10 -5.99 23.19
CA ALA C 363 -25.75 -7.34 23.60
C ALA C 363 -26.79 -7.88 24.58
N SER C 364 -26.65 -9.18 24.89
CA SER C 364 -27.62 -9.87 25.74
C SER C 364 -27.55 -9.43 27.20
N ASN C 365 -26.53 -8.68 27.60
CA ASN C 365 -26.48 -8.10 28.93
C ASN C 365 -26.92 -6.64 28.95
N GLY C 366 -27.49 -6.15 27.85
CA GLY C 366 -28.02 -4.80 27.79
C GLY C 366 -27.05 -3.73 27.35
N LYS C 367 -25.75 -4.04 27.29
CA LYS C 367 -24.77 -3.03 26.90
C LYS C 367 -24.83 -2.79 25.40
N THR C 368 -24.86 -1.52 25.01
CA THR C 368 -24.85 -1.14 23.60
C THR C 368 -23.42 -1.03 23.11
N ILE C 369 -23.19 -1.50 21.88
CA ILE C 369 -21.86 -1.57 21.29
C ILE C 369 -21.86 -0.80 19.98
N GLU C 370 -20.91 0.11 19.82
CA GLU C 370 -20.72 0.79 18.55
C GLU C 370 -19.75 -0.03 17.70
N VAL C 371 -20.23 -0.51 16.57
CA VAL C 371 -19.40 -1.31 15.66
C VAL C 371 -18.46 -0.37 14.91
N GLY C 372 -17.17 -0.64 15.00
CA GLY C 372 -16.18 0.16 14.30
C GLY C 372 -15.57 -0.57 13.11
N ASN C 373 -15.69 -1.90 13.11
CA ASN C 373 -15.08 -2.70 12.06
C ASN C 373 -15.82 -4.04 12.01
N THR C 374 -16.51 -4.30 10.89
CA THR C 374 -17.25 -5.55 10.76
C THR C 374 -16.33 -6.76 10.67
N ASP C 375 -15.03 -6.54 10.41
CA ASP C 375 -14.05 -7.61 10.39
C ASP C 375 -13.56 -7.99 11.78
N ALA C 376 -13.95 -7.24 12.81
CA ALA C 376 -13.71 -7.64 14.19
C ALA C 376 -14.92 -8.39 14.75
N GLU C 377 -15.35 -9.40 14.01
CA GLU C 377 -16.60 -10.11 14.32
C GLU C 377 -16.43 -11.12 15.45
N GLY C 378 -15.21 -11.61 15.68
CA GLY C 378 -15.02 -12.66 16.67
C GLY C 378 -15.43 -12.22 18.06
N ARG C 379 -14.97 -11.04 18.49
CA ARG C 379 -15.28 -10.58 19.84
C ARG C 379 -16.75 -10.27 20.01
N LEU C 380 -17.45 -9.93 18.91
CA LEU C 380 -18.88 -9.68 18.99
C LEU C 380 -19.65 -10.95 19.30
N THR C 381 -19.34 -12.04 18.58
CA THR C 381 -20.01 -13.31 18.83
C THR C 381 -19.64 -13.86 20.21
N LEU C 382 -18.39 -13.67 20.62
CA LEU C 382 -17.96 -14.15 21.94
C LEU C 382 -18.65 -13.40 23.07
N ALA C 383 -18.97 -12.12 22.86
CA ALA C 383 -19.60 -11.33 23.90
C ALA C 383 -20.92 -11.95 24.35
N ASP C 384 -21.78 -12.30 23.40
CA ASP C 384 -23.06 -12.93 23.76
C ASP C 384 -22.87 -14.35 24.27
N ALA C 385 -21.86 -15.06 23.76
CA ALA C 385 -21.59 -16.41 24.25
C ALA C 385 -21.12 -16.38 25.70
N LEU C 386 -20.32 -15.37 26.06
CA LEU C 386 -19.85 -15.26 27.45
C LEU C 386 -21.00 -14.91 28.38
N VAL C 387 -21.91 -14.05 27.94
CA VAL C 387 -23.09 -13.73 28.74
C VAL C 387 -23.94 -14.99 28.92
N TYR C 388 -24.13 -15.75 27.86
CA TYR C 388 -24.83 -17.02 27.96
C TYR C 388 -24.15 -17.96 28.94
N ALA C 389 -22.81 -18.04 28.87
CA ALA C 389 -22.06 -18.93 29.74
C ALA C 389 -22.23 -18.56 31.21
N GLU C 390 -22.11 -17.27 31.52
CA GLU C 390 -22.22 -16.85 32.93
C GLU C 390 -23.61 -17.10 33.49
N LYS C 391 -24.64 -16.97 32.65
CA LYS C 391 -26.00 -17.24 33.11
C LYS C 391 -26.20 -18.70 33.47
N LEU C 392 -25.31 -19.59 33.03
CA LEU C 392 -25.38 -21.00 33.43
C LEU C 392 -24.96 -21.22 34.87
N GLY C 393 -24.33 -20.23 35.51
CA GLY C 393 -23.88 -20.36 36.88
C GLY C 393 -22.78 -21.39 37.04
N VAL C 394 -21.61 -21.11 36.48
CA VAL C 394 -20.48 -22.03 36.50
C VAL C 394 -19.38 -21.46 37.39
N ASP C 395 -18.38 -22.30 37.67
CA ASP C 395 -17.22 -21.86 38.45
C ASP C 395 -16.17 -21.21 37.56
N TYR C 396 -15.96 -21.76 36.36
CA TYR C 396 -14.96 -21.24 35.43
C TYR C 396 -15.58 -21.06 34.05
N ILE C 397 -15.24 -19.95 33.40
CA ILE C 397 -15.54 -19.72 32.00
C ILE C 397 -14.21 -19.60 31.26
N VAL C 398 -13.97 -20.46 30.28
CA VAL C 398 -12.77 -20.41 29.46
C VAL C 398 -13.19 -20.34 28.01
N ASP C 399 -12.79 -19.28 27.32
CA ASP C 399 -13.01 -19.16 25.89
C ASP C 399 -11.70 -19.34 25.14
N ILE C 400 -11.80 -19.83 23.90
CA ILE C 400 -10.64 -20.09 23.06
C ILE C 400 -10.99 -19.64 21.65
N ALA C 401 -10.10 -18.86 21.02
CA ALA C 401 -10.45 -18.17 19.79
C ALA C 401 -9.20 -17.73 19.04
N THR C 402 -9.26 -17.79 17.71
CA THR C 402 -8.27 -17.16 16.84
C THR C 402 -8.66 -15.69 16.67
N LEU C 403 -8.44 -14.92 17.76
CA LEU C 403 -9.08 -13.61 17.85
C LEU C 403 -8.28 -12.52 17.15
N THR C 404 -6.99 -12.39 17.44
CA THR C 404 -6.20 -11.25 16.98
C THR C 404 -4.93 -11.71 16.29
N GLY C 405 -4.70 -11.22 15.07
CA GLY C 405 -3.46 -11.48 14.37
C GLY C 405 -2.24 -10.95 15.07
N ALA C 406 -2.42 -10.03 16.03
CA ALA C 406 -1.30 -9.49 16.79
C ALA C 406 -0.56 -10.56 17.56
N MET C 407 -1.18 -11.72 17.81
CA MET C 407 -0.49 -12.81 18.49
C MET C 407 0.74 -13.26 17.72
N LEU C 408 0.72 -13.13 16.39
CA LEU C 408 1.90 -13.47 15.60
C LEU C 408 3.09 -12.57 15.92
N TYR C 409 2.84 -11.37 16.44
CA TYR C 409 3.90 -10.43 16.78
C TYR C 409 4.30 -10.49 18.25
N SER C 410 3.51 -11.16 19.09
CA SER C 410 3.81 -11.26 20.52
C SER C 410 4.42 -12.61 20.87
N LEU C 411 3.72 -13.71 20.59
CA LEU C 411 4.19 -15.04 20.93
C LEU C 411 4.51 -15.90 19.72
N GLY C 412 4.07 -15.52 18.53
CA GLY C 412 4.42 -16.26 17.33
C GLY C 412 3.51 -17.44 17.03
N THR C 413 4.07 -18.47 16.41
CA THR C 413 3.30 -19.60 15.93
C THR C 413 3.36 -20.82 16.85
N SER C 414 4.07 -20.73 17.98
CA SER C 414 4.28 -21.87 18.86
C SER C 414 3.51 -21.78 20.16
N TYR C 415 3.38 -20.58 20.75
CA TYR C 415 2.75 -20.40 22.05
C TYR C 415 1.44 -19.65 21.89
N ALA C 416 0.39 -20.18 22.50
CA ALA C 416 -0.84 -19.39 22.63
C ALA C 416 -0.72 -18.46 23.83
N GLY C 417 -1.56 -17.42 23.83
CA GLY C 417 -1.62 -16.46 24.92
C GLY C 417 -2.91 -16.65 25.70
N VAL C 418 -2.82 -16.52 27.02
CA VAL C 418 -3.98 -16.61 27.89
C VAL C 418 -4.12 -15.29 28.65
N PHE C 419 -5.33 -14.74 28.63
CA PHE C 419 -5.72 -13.57 29.41
C PHE C 419 -6.83 -13.98 30.35
N GLY C 420 -7.02 -13.22 31.42
CA GLY C 420 -8.08 -13.57 32.36
C GLY C 420 -8.23 -12.54 33.45
N ASN C 421 -9.30 -12.71 34.22
CA ASN C 421 -9.63 -11.85 35.36
C ASN C 421 -9.38 -12.54 36.70
N ASN C 422 -8.77 -13.72 36.69
CA ASN C 422 -8.64 -14.54 37.89
C ASN C 422 -7.32 -15.29 37.82
N GLU C 423 -6.41 -14.97 38.74
CA GLU C 423 -5.07 -15.57 38.68
C GLU C 423 -5.12 -17.07 38.96
N GLU C 424 -6.00 -17.50 39.86
CA GLU C 424 -6.13 -18.93 40.16
C GLU C 424 -6.52 -19.71 38.92
N LEU C 425 -7.48 -19.20 38.15
CA LEU C 425 -7.89 -19.86 36.91
C LEU C 425 -6.77 -19.85 35.89
N ILE C 426 -6.07 -18.71 35.77
CA ILE C 426 -4.95 -18.61 34.82
C ILE C 426 -3.88 -19.64 35.14
N ASN C 427 -3.55 -19.80 36.42
CA ASN C 427 -2.52 -20.76 36.82
C ASN C 427 -2.94 -22.19 36.49
N LYS C 428 -4.24 -22.48 36.55
CA LYS C 428 -4.71 -23.81 36.21
C LYS C 428 -4.59 -24.06 34.71
N ILE C 429 -4.84 -23.03 33.89
CA ILE C 429 -4.60 -23.15 32.45
C ILE C 429 -3.13 -23.37 32.18
N LEU C 430 -2.26 -22.66 32.91
CA LEU C 430 -0.82 -22.82 32.73
C LEU C 430 -0.37 -24.23 33.11
N GLN C 431 -0.92 -24.78 34.20
CA GLN C 431 -0.61 -26.16 34.56
CA GLN C 431 -0.61 -26.16 34.56
C GLN C 431 -1.12 -27.13 33.50
N SER C 432 -2.31 -26.86 32.95
CA SER C 432 -2.83 -27.69 31.88
C SER C 432 -1.94 -27.62 30.64
N SER C 433 -1.34 -26.46 30.39
CA SER C 433 -0.39 -26.35 29.28
C SER C 433 0.82 -27.25 29.48
N LYS C 434 1.28 -27.36 30.73
CA LYS C 434 2.46 -28.19 31.01
C LYS C 434 2.14 -29.67 30.81
N THR C 435 0.99 -30.14 31.29
CA THR C 435 0.69 -31.57 31.23
C THR C 435 0.16 -31.99 29.87
N SER C 436 -0.50 -31.08 29.14
CA SER C 436 -0.92 -31.39 27.78
C SER C 436 0.20 -31.17 26.77
N ASN C 437 1.23 -30.42 27.15
CA ASN C 437 2.35 -30.06 26.28
C ASN C 437 1.89 -29.22 25.09
N GLU C 438 0.81 -28.47 25.26
CA GLU C 438 0.41 -27.44 24.31
C GLU C 438 0.81 -26.09 24.90
N PRO C 439 1.82 -25.40 24.36
CA PRO C 439 2.40 -24.27 25.07
C PRO C 439 1.49 -23.06 25.13
N VAL C 440 1.40 -22.46 26.31
CA VAL C 440 0.59 -21.27 26.56
C VAL C 440 1.41 -20.32 27.43
N TRP C 441 1.30 -19.02 27.16
CA TRP C 441 1.99 -18.00 27.95
C TRP C 441 0.98 -16.96 28.43
N TRP C 442 1.13 -16.56 29.70
CA TRP C 442 0.22 -15.60 30.31
C TRP C 442 0.58 -14.18 29.88
N LEU C 443 -0.43 -13.44 29.40
CA LEU C 443 -0.30 -12.06 28.98
C LEU C 443 -1.28 -11.19 29.77
N PRO C 444 -0.94 -9.92 30.02
CA PRO C 444 -1.75 -9.10 30.92
C PRO C 444 -2.92 -8.41 30.24
N ILE C 445 -3.97 -8.20 31.03
CA ILE C 445 -5.07 -7.31 30.66
C ILE C 445 -4.75 -5.95 31.26
N ILE C 446 -4.26 -5.04 30.43
CA ILE C 446 -3.78 -3.74 30.89
C ILE C 446 -4.95 -2.78 30.94
N ASN C 447 -5.39 -2.44 32.16
CA ASN C 447 -6.59 -1.64 32.34
C ASN C 447 -6.42 -0.20 31.87
N GLU C 448 -5.18 0.28 31.72
CA GLU C 448 -4.99 1.65 31.24
C GLU C 448 -5.53 1.83 29.83
N TYR C 449 -5.62 0.75 29.06
CA TYR C 449 -6.13 0.86 27.70
C TYR C 449 -7.65 0.82 27.63
N ARG C 450 -8.34 0.60 28.75
CA ARG C 450 -9.80 0.48 28.73
C ARG C 450 -10.46 1.75 28.19
N ALA C 451 -9.87 2.92 28.45
CA ALA C 451 -10.49 4.17 28.03
C ALA C 451 -10.61 4.28 26.52
N THR C 452 -9.81 3.53 25.76
CA THR C 452 -9.90 3.59 24.30
C THR C 452 -11.20 3.00 23.78
N LEU C 453 -11.93 2.25 24.60
CA LEU C 453 -13.21 1.67 24.21
C LEU C 453 -14.40 2.54 24.63
N ASN C 454 -14.14 3.75 25.11
CA ASN C 454 -15.21 4.65 25.56
C ASN C 454 -15.90 5.24 24.33
N SER C 455 -17.07 4.71 24.00
CA SER C 455 -17.83 5.23 22.88
C SER C 455 -18.50 6.55 23.23
N LYS C 456 -18.60 7.43 22.23
CA LYS C 456 -19.29 8.70 22.43
C LYS C 456 -20.80 8.52 22.49
N TYR C 457 -21.33 7.51 21.81
CA TYR C 457 -22.78 7.32 21.70
C TYR C 457 -23.28 6.02 22.30
N ALA C 458 -22.54 4.93 22.16
CA ALA C 458 -22.94 3.66 22.74
C ALA C 458 -22.27 3.50 24.11
N ASP C 459 -22.61 2.41 24.80
CA ASP C 459 -21.95 2.11 26.07
C ASP C 459 -20.47 1.86 25.88
N ILE C 460 -20.10 1.19 24.78
CA ILE C 460 -18.72 0.76 24.58
C ILE C 460 -18.44 0.66 23.08
N ASN C 461 -17.18 0.88 22.73
CA ASN C 461 -16.71 0.64 21.37
C ASN C 461 -16.41 -0.83 21.18
N GLN C 462 -16.68 -1.32 19.97
CA GLN C 462 -16.25 -2.68 19.62
C GLN C 462 -14.73 -2.76 19.53
N ILE C 463 -14.10 -1.74 18.93
CA ILE C 463 -12.66 -1.74 18.70
C ILE C 463 -12.07 -0.42 19.15
N SER C 464 -10.75 -0.42 19.31
CA SER C 464 -9.98 0.80 19.49
C SER C 464 -9.62 1.38 18.13
N SER C 465 -9.68 2.70 18.01
CA SER C 465 -9.34 3.35 16.75
C SER C 465 -7.84 3.59 16.60
N SER C 466 -7.05 3.42 17.66
CA SER C 466 -5.64 3.78 17.62
C SER C 466 -4.71 2.80 18.31
N VAL C 467 -5.13 2.14 19.39
CA VAL C 467 -4.23 1.28 20.15
C VAL C 467 -3.94 0.02 19.35
N LYS C 468 -2.65 -0.26 19.12
CA LYS C 468 -2.25 -1.38 18.28
C LYS C 468 -2.18 -2.71 19.04
N ALA C 469 -2.17 -2.69 20.36
CA ALA C 469 -2.14 -3.91 21.16
C ALA C 469 -3.53 -4.56 21.16
N SER C 470 -3.89 -5.09 19.99
CA SER C 470 -5.27 -5.55 19.78
C SER C 470 -5.61 -6.76 20.64
N SER C 471 -4.65 -7.65 20.90
CA SER C 471 -4.94 -8.81 21.74
C SER C 471 -5.34 -8.39 23.14
N ILE C 472 -4.75 -7.32 23.65
CA ILE C 472 -5.12 -6.82 24.98
C ILE C 472 -6.45 -6.06 24.93
N VAL C 473 -6.64 -5.24 23.90
CA VAL C 473 -7.88 -4.48 23.77
C VAL C 473 -9.07 -5.43 23.61
N ALA C 474 -8.92 -6.46 22.77
CA ALA C 474 -9.98 -7.44 22.62
C ALA C 474 -10.29 -8.12 23.94
N SER C 475 -9.26 -8.41 24.73
CA SER C 475 -9.46 -8.99 26.05
C SER C 475 -10.23 -8.04 26.95
N LEU C 476 -9.94 -6.74 26.88
CA LEU C 476 -10.68 -5.75 27.66
C LEU C 476 -12.14 -5.71 27.23
N PHE C 477 -12.40 -5.83 25.93
CA PHE C 477 -13.78 -5.85 25.44
C PHE C 477 -14.53 -7.07 25.97
N LEU C 478 -13.93 -8.25 25.86
CA LEU C 478 -14.58 -9.47 26.33
C LEU C 478 -14.85 -9.41 27.83
N LYS C 479 -13.94 -8.82 28.60
CA LYS C 479 -14.09 -8.75 30.05
C LYS C 479 -15.36 -8.01 30.45
N GLU C 480 -15.84 -7.11 29.60
CA GLU C 480 -17.07 -6.37 29.86
C GLU C 480 -18.32 -7.24 29.79
N PHE C 481 -18.18 -8.52 29.43
CA PHE C 481 -19.32 -9.42 29.30
C PHE C 481 -19.21 -10.61 30.25
N VAL C 482 -18.35 -10.49 31.26
CA VAL C 482 -18.27 -11.43 32.38
C VAL C 482 -18.36 -10.56 33.64
N GLN C 483 -19.47 -10.68 34.36
CA GLN C 483 -19.71 -9.77 35.48
C GLN C 483 -18.96 -10.20 36.73
N ASN C 484 -19.15 -11.44 37.17
CA ASN C 484 -18.66 -11.85 38.49
C ASN C 484 -18.31 -13.33 38.50
N THR C 485 -17.63 -13.80 37.46
CA THR C 485 -17.20 -15.19 37.38
C THR C 485 -15.76 -15.26 36.91
N ALA C 486 -14.99 -16.18 37.50
CA ALA C 486 -13.62 -16.41 37.05
C ALA C 486 -13.62 -16.81 35.58
N TRP C 487 -12.87 -16.06 34.77
CA TRP C 487 -12.90 -16.21 33.32
C TRP C 487 -11.49 -16.09 32.75
N ALA C 488 -11.18 -16.93 31.77
CA ALA C 488 -9.92 -16.89 31.05
C ALA C 488 -10.16 -16.96 29.56
N HIS C 489 -9.24 -16.37 28.79
CA HIS C 489 -9.39 -16.21 27.34
C HIS C 489 -8.09 -16.62 26.68
N ILE C 490 -8.16 -17.63 25.81
CA ILE C 490 -6.99 -18.20 25.15
C ILE C 490 -7.02 -17.79 23.68
N ASP C 491 -6.10 -16.90 23.30
CA ASP C 491 -6.01 -16.43 21.92
C ASP C 491 -5.06 -17.35 21.15
N ILE C 492 -5.62 -18.15 20.25
CA ILE C 492 -4.86 -19.13 19.50
C ILE C 492 -4.66 -18.71 18.04
N ALA C 493 -4.78 -17.42 17.76
CA ALA C 493 -4.70 -16.94 16.38
C ALA C 493 -3.35 -17.29 15.74
N GLY C 494 -2.29 -17.35 16.53
CA GLY C 494 -0.98 -17.63 15.98
C GLY C 494 -0.62 -19.10 15.86
N VAL C 495 -1.28 -19.96 16.65
CA VAL C 495 -0.87 -21.35 16.79
C VAL C 495 -1.84 -22.33 16.17
N SER C 496 -2.97 -21.86 15.61
CA SER C 496 -4.02 -22.79 15.19
C SER C 496 -3.60 -23.63 13.99
N TRP C 497 -2.82 -23.08 13.08
CA TRP C 497 -2.53 -23.70 11.79
C TRP C 497 -1.05 -24.01 11.67
N ASN C 498 -0.74 -25.21 11.16
CA ASN C 498 0.63 -25.63 10.89
C ASN C 498 0.96 -25.17 9.48
N PHE C 499 1.63 -24.02 9.37
CA PHE C 499 1.86 -23.42 8.06
C PHE C 499 2.87 -24.22 7.24
N LYS C 500 3.83 -24.86 7.90
CA LYS C 500 4.81 -25.66 7.17
C LYS C 500 4.16 -26.90 6.57
N ALA C 501 3.29 -27.56 7.32
CA ALA C 501 2.60 -28.76 6.85
C ALA C 501 1.28 -28.46 6.14
N ARG C 502 0.81 -27.22 6.19
CA ARG C 502 -0.42 -26.80 5.49
C ARG C 502 -1.62 -27.57 6.00
N LYS C 503 -1.74 -27.70 7.32
CA LYS C 503 -2.83 -28.44 7.93
C LYS C 503 -3.05 -27.88 9.33
N PRO C 504 -4.22 -28.14 9.92
CA PRO C 504 -4.47 -27.65 11.29
C PRO C 504 -3.63 -28.42 12.31
N LYS C 505 -3.49 -27.81 13.48
CA LYS C 505 -2.87 -28.49 14.61
C LYS C 505 -3.89 -29.13 15.54
N GLY C 506 -5.15 -28.72 15.47
CA GLY C 506 -6.10 -29.11 16.50
C GLY C 506 -5.74 -28.57 17.86
N PHE C 507 -5.12 -27.40 17.89
CA PHE C 507 -4.61 -26.84 19.15
C PHE C 507 -5.75 -26.57 20.11
N GLY C 508 -5.55 -26.98 21.37
CA GLY C 508 -6.47 -26.68 22.45
C GLY C 508 -7.25 -27.87 22.96
N VAL C 509 -7.42 -28.92 22.15
CA VAL C 509 -8.22 -30.07 22.57
C VAL C 509 -7.64 -30.70 23.82
N ARG C 510 -6.35 -31.04 23.78
CA ARG C 510 -5.73 -31.70 24.93
C ARG C 510 -5.54 -30.73 26.08
N LEU C 511 -5.23 -29.47 25.77
CA LEU C 511 -5.11 -28.44 26.81
C LEU C 511 -6.39 -28.32 27.61
N LEU C 512 -7.54 -28.18 26.92
CA LEU C 512 -8.81 -28.03 27.62
C LEU C 512 -9.22 -29.30 28.34
N THR C 513 -8.90 -30.47 27.78
CA THR C 513 -9.26 -31.72 28.45
C THR C 513 -8.46 -31.90 29.73
N GLU C 514 -7.15 -31.60 29.68
CA GLU C 514 -6.36 -31.63 30.90
C GLU C 514 -6.89 -30.63 31.93
N PHE C 515 -7.37 -29.48 31.46
CA PHE C 515 -7.97 -28.50 32.36
C PHE C 515 -9.22 -29.08 33.04
N VAL C 516 -10.04 -29.81 32.29
CA VAL C 516 -11.23 -30.42 32.88
C VAL C 516 -10.81 -31.42 33.95
N LEU C 517 -9.76 -32.19 33.68
CA LEU C 517 -9.22 -33.18 34.60
C LEU C 517 -8.30 -32.57 35.65
N ASN C 518 -8.35 -31.26 35.89
CA ASN C 518 -7.40 -30.64 36.81
C ASN C 518 -7.76 -30.87 38.27
N ASP C 519 -8.99 -31.25 38.57
CA ASP C 519 -9.33 -31.64 39.93
C ASP C 519 -8.89 -33.07 40.21
N ALA C 520 -9.10 -33.98 39.24
CA ALA C 520 -8.63 -35.34 39.41
C ALA C 520 -7.12 -35.43 39.42
N LEU C 521 -6.46 -34.59 38.61
CA LEU C 521 -5.00 -34.59 38.58
C LEU C 521 -4.41 -34.08 39.88
N HIS C 522 -5.15 -33.23 40.60
CA HIS C 522 -4.70 -32.69 41.88
C HIS C 522 -5.54 -33.23 43.04
N HIS C 523 -6.04 -34.45 42.91
CA HIS C 523 -6.80 -35.14 43.94
C HIS C 523 -5.88 -36.10 44.70
N HIS C 524 -6.27 -36.40 45.94
CA HIS C 524 -5.48 -37.34 46.74
C HIS C 524 -5.46 -38.72 46.11
N HIS C 525 -6.47 -39.06 45.30
CA HIS C 525 -6.55 -40.36 44.65
C HIS C 525 -5.57 -40.49 43.49
N HIS C 526 -5.02 -39.40 43.00
CA HIS C 526 -4.12 -39.44 41.85
C HIS C 526 -2.73 -39.91 42.25
N ASP D 11 26.03 24.89 13.86
CA ASP D 11 26.20 23.52 14.34
C ASP D 11 26.60 23.49 15.81
N PRO D 12 25.67 23.09 16.68
CA PRO D 12 25.99 22.99 18.10
C PRO D 12 26.95 21.86 18.38
N THR D 13 27.74 22.02 19.45
CA THR D 13 28.78 21.06 19.81
C THR D 13 28.58 20.42 21.16
N SER D 14 27.49 20.72 21.87
CA SER D 14 27.24 20.11 23.17
C SER D 14 25.74 20.08 23.43
N ILE D 15 25.33 19.18 24.31
CA ILE D 15 23.94 19.03 24.70
C ILE D 15 23.68 19.95 25.89
N PRO D 16 22.80 20.94 25.78
CA PRO D 16 22.44 21.74 26.96
C PRO D 16 21.66 20.88 27.95
N ILE D 17 22.12 20.87 29.20
CA ILE D 17 21.49 20.10 30.26
C ILE D 17 21.34 20.98 31.49
N GLU D 18 20.12 21.06 32.01
CA GLU D 18 19.84 21.80 33.24
C GLU D 18 19.91 20.85 34.43
N TYR D 19 20.84 21.12 35.35
CA TYR D 19 20.98 20.30 36.54
C TYR D 19 20.20 20.84 37.73
N ASN D 20 20.21 22.15 37.92
CA ASN D 20 19.51 22.80 39.02
C ASN D 20 18.17 23.32 38.49
N THR D 21 17.13 22.51 38.64
CA THR D 21 15.79 22.81 38.18
C THR D 21 14.96 23.45 39.29
N PRO D 22 13.86 24.12 38.95
CA PRO D 22 13.01 24.70 40.00
C PRO D 22 12.47 23.68 40.99
N ILE D 23 12.35 22.40 40.59
CA ILE D 23 11.92 21.36 41.52
C ILE D 23 12.87 21.25 42.70
N HIS D 24 14.16 21.49 42.48
CA HIS D 24 15.14 21.39 43.56
C HIS D 24 14.95 22.47 44.62
N ASP D 25 14.24 23.55 44.31
CA ASP D 25 14.00 24.63 45.27
C ASP D 25 12.72 24.44 46.07
N ILE D 26 11.96 23.39 45.83
CA ILE D 26 10.71 23.16 46.54
C ILE D 26 11.00 22.50 47.89
N LYS D 27 10.61 23.15 48.97
CA LYS D 27 10.69 22.56 50.30
C LYS D 27 9.45 21.71 50.55
N VAL D 28 9.67 20.44 50.91
CA VAL D 28 8.60 19.47 51.07
C VAL D 28 8.44 19.14 52.56
N GLN D 29 7.20 19.20 53.04
CA GLN D 29 6.86 18.84 54.41
C GLN D 29 5.69 17.88 54.41
N VAL D 30 5.83 16.77 55.13
CA VAL D 30 4.77 15.78 55.26
C VAL D 30 4.22 15.84 56.68
N TYR D 31 2.91 16.06 56.79
CA TYR D 31 2.21 16.10 58.07
C TYR D 31 1.20 14.97 58.13
N ASP D 32 0.87 14.53 59.35
CA ASP D 32 -0.14 13.49 59.51
C ASP D 32 -1.53 14.09 59.39
N ILE D 33 -2.40 13.42 58.62
CA ILE D 33 -3.74 13.93 58.37
C ILE D 33 -4.61 13.89 59.62
N LYS D 34 -4.28 13.04 60.60
CA LYS D 34 -5.12 12.90 61.78
C LYS D 34 -5.18 14.18 62.61
N GLY D 35 -4.12 15.00 62.56
CA GLY D 35 -4.04 16.23 63.31
C GLY D 35 -4.71 17.44 62.71
N GLY D 36 -5.40 17.28 61.60
CA GLY D 36 -6.02 18.39 60.90
C GLY D 36 -5.06 19.09 59.96
N CYS D 37 -5.63 19.75 58.97
CA CYS D 37 -4.89 20.38 57.88
C CYS D 37 -4.82 21.89 58.06
N ASN D 38 -3.62 22.45 57.89
CA ASN D 38 -3.49 23.90 57.82
C ASN D 38 -3.69 24.31 56.36
N VAL D 39 -4.52 25.33 56.16
CA VAL D 39 -4.83 25.80 54.81
C VAL D 39 -4.65 27.31 54.71
N GLU D 40 -3.85 27.87 55.62
CA GLU D 40 -3.73 29.33 55.71
C GLU D 40 -3.14 29.94 54.44
N GLU D 41 -2.31 29.18 53.72
CA GLU D 41 -1.55 29.74 52.61
C GLU D 41 -1.59 28.83 51.40
N GLY D 42 -1.59 29.43 50.21
CA GLY D 42 -1.35 28.70 48.97
C GLY D 42 -2.56 28.00 48.39
N LEU D 43 -2.31 26.89 47.70
CA LEU D 43 -3.35 26.10 47.04
C LEU D 43 -3.42 24.75 47.73
N THR D 44 -4.62 24.37 48.16
CA THR D 44 -4.86 23.11 48.86
C THR D 44 -5.77 22.22 48.02
N ILE D 45 -5.29 21.01 47.72
CA ILE D 45 -6.03 20.06 46.90
C ILE D 45 -6.26 18.80 47.72
N PHE D 46 -7.51 18.35 47.78
CA PHE D 46 -7.87 17.12 48.46
C PHE D 46 -8.01 15.99 47.45
N LEU D 47 -7.36 14.87 47.72
CA LEU D 47 -7.49 13.67 46.90
C LEU D 47 -8.60 12.82 47.49
N VAL D 48 -9.75 12.80 46.82
CA VAL D 48 -10.96 12.17 47.35
C VAL D 48 -11.45 11.11 46.38
N ASN D 49 -12.04 10.05 46.93
CA ASN D 49 -12.69 8.99 46.17
C ASN D 49 -14.06 8.73 46.78
N ASN D 50 -14.80 7.80 46.18
CA ASN D 50 -16.09 7.38 46.72
C ASN D 50 -16.29 5.91 46.40
N PRO D 51 -15.80 5.01 47.26
CA PRO D 51 -15.90 3.58 46.99
C PRO D 51 -17.34 3.13 46.88
N GLY D 52 -17.63 2.30 45.87
CA GLY D 52 -18.96 1.75 45.69
C GLY D 52 -19.81 2.54 44.72
N LYS D 53 -19.99 3.84 44.99
CA LYS D 53 -20.79 4.70 44.12
C LYS D 53 -19.90 5.19 42.99
N GLU D 54 -20.09 4.64 41.79
CA GLU D 54 -19.32 5.07 40.64
C GLU D 54 -19.65 6.52 40.32
N ASN D 55 -18.61 7.35 40.21
CA ASN D 55 -18.74 8.78 39.98
C ASN D 55 -19.60 9.44 41.07
N GLY D 56 -19.46 8.95 42.30
CA GLY D 56 -20.20 9.47 43.42
C GLY D 56 -19.79 10.88 43.82
N PRO D 57 -20.52 11.48 44.75
CA PRO D 57 -20.23 12.87 45.13
C PRO D 57 -18.96 13.00 45.95
N VAL D 58 -18.46 14.22 46.00
CA VAL D 58 -17.25 14.57 46.75
C VAL D 58 -17.63 14.87 48.19
N LYS D 59 -16.91 14.27 49.14
CA LYS D 59 -17.10 14.53 50.57
C LYS D 59 -15.74 14.70 51.22
N ILE D 60 -15.48 15.88 51.78
CA ILE D 60 -14.21 16.21 52.43
C ILE D 60 -14.26 15.76 53.90
N SER D 61 -13.24 15.00 54.31
CA SER D 61 -13.21 14.44 55.66
C SER D 61 -12.47 15.31 56.68
N SER D 62 -11.38 15.95 56.26
CA SER D 62 -10.46 16.57 57.19
C SER D 62 -10.97 17.90 57.75
N LYS D 63 -10.58 18.17 59.00
CA LYS D 63 -10.79 19.48 59.61
C LYS D 63 -9.67 20.41 59.15
N VAL D 64 -10.05 21.62 58.73
CA VAL D 64 -9.11 22.64 58.28
C VAL D 64 -9.16 23.82 59.24
N ASN D 65 -8.00 24.39 59.55
CA ASN D 65 -7.91 25.46 60.53
C ASN D 65 -8.26 26.82 59.93
N ASP D 66 -9.38 26.91 59.23
CA ASP D 66 -9.83 28.17 58.65
C ASP D 66 -11.34 28.12 58.48
N LYS D 67 -12.04 29.11 59.05
CA LYS D 67 -13.49 29.10 59.03
C LYS D 67 -14.04 29.25 57.61
N GLN D 68 -13.43 30.12 56.81
CA GLN D 68 -13.91 30.33 55.45
C GLN D 68 -13.73 29.07 54.61
N VAL D 69 -12.57 28.43 54.71
CA VAL D 69 -12.33 27.21 53.95
C VAL D 69 -13.19 26.07 54.49
N SER D 70 -13.29 25.95 55.82
CA SER D 70 -14.19 24.96 56.42
C SER D 70 -15.61 25.13 55.90
N GLU D 71 -16.04 26.38 55.70
CA GLU D 71 -17.38 26.64 55.21
C GLU D 71 -17.50 26.30 53.73
N PHE D 72 -16.43 26.51 52.96
CA PHE D 72 -16.43 26.10 51.55
C PHE D 72 -16.50 24.59 51.43
N LEU D 73 -15.83 23.87 52.33
CA LEU D 73 -15.73 22.42 52.27
C LEU D 73 -16.92 21.70 52.88
N LYS D 74 -18.03 22.40 53.13
CA LYS D 74 -19.21 21.73 53.67
C LYS D 74 -19.77 20.74 52.66
N ASP D 75 -20.42 19.69 53.19
CA ASP D 75 -20.93 18.62 52.33
C ASP D 75 -21.90 19.17 51.29
N GLU D 76 -22.74 20.13 51.67
CA GLU D 76 -23.68 20.71 50.73
C GLU D 76 -22.97 21.31 49.52
N ASN D 77 -21.80 21.88 49.73
CA ASN D 77 -21.05 22.50 48.64
C ASN D 77 -20.27 21.47 47.82
N MET D 78 -19.76 20.42 48.45
CA MET D 78 -18.90 19.49 47.74
C MET D 78 -19.67 18.40 47.01
N GLU D 79 -20.93 18.18 47.36
CA GLU D 79 -21.72 17.17 46.68
C GLU D 79 -22.09 17.59 45.26
N LYS D 80 -21.93 18.87 44.92
CA LYS D 80 -22.12 19.33 43.56
C LYS D 80 -21.02 18.82 42.63
N PHE D 81 -19.96 18.26 43.18
CA PHE D 81 -18.84 17.72 42.42
C PHE D 81 -18.79 16.21 42.61
N ASN D 82 -18.28 15.51 41.60
CA ASN D 82 -18.18 14.06 41.64
C ASN D 82 -16.71 13.64 41.61
N VAL D 83 -16.48 12.36 41.87
CA VAL D 83 -15.13 11.84 42.10
C VAL D 83 -14.61 11.06 40.89
N LYS D 84 -15.19 11.27 39.71
CA LYS D 84 -14.70 10.59 38.51
C LYS D 84 -13.20 10.84 38.36
N LEU D 85 -12.45 9.76 38.15
CA LEU D 85 -10.99 9.83 38.13
C LEU D 85 -10.50 10.88 37.15
N GLY D 86 -9.75 11.84 37.67
CA GLY D 86 -9.18 12.92 36.89
C GLY D 86 -9.98 14.21 36.92
N THR D 87 -11.26 14.15 37.30
CA THR D 87 -12.05 15.37 37.40
C THR D 87 -11.54 16.22 38.55
N SER D 88 -11.62 17.54 38.38
CA SER D 88 -11.12 18.44 39.40
C SER D 88 -11.81 19.79 39.29
N LYS D 89 -11.91 20.47 40.44
CA LYS D 89 -12.34 21.85 40.51
C LYS D 89 -11.53 22.53 41.60
N HIS D 90 -11.07 23.75 41.34
CA HIS D 90 -10.44 24.57 42.38
C HIS D 90 -11.02 25.97 42.34
N PHE D 91 -11.23 26.55 43.52
CA PHE D 91 -11.80 27.87 43.67
C PHE D 91 -10.82 28.78 44.38
N TYR D 92 -10.89 30.07 44.05
CA TYR D 92 -10.08 31.09 44.70
C TYR D 92 -10.96 31.84 45.69
N MET D 93 -10.41 32.11 46.86
CA MET D 93 -11.18 32.70 47.95
C MET D 93 -10.21 33.37 48.92
N PHE D 94 -10.79 34.09 49.87
CA PHE D 94 -10.02 34.74 50.94
C PHE D 94 -10.13 33.93 52.22
N ASN D 95 -9.02 33.86 52.95
CA ASN D 95 -8.97 33.08 54.18
C ASN D 95 -9.49 33.94 55.33
N ASP D 96 -9.28 33.51 56.58
CA ASP D 96 -9.88 34.22 57.70
C ASP D 96 -9.33 35.63 57.88
N ASN D 97 -8.08 35.89 57.48
CA ASN D 97 -7.51 37.25 57.50
C ASN D 97 -7.45 37.91 56.12
N LYS D 98 -8.39 37.57 55.24
CA LYS D 98 -8.56 38.24 53.94
C LYS D 98 -7.36 38.09 53.01
N ASN D 99 -6.66 36.96 53.08
CA ASN D 99 -5.58 36.68 52.14
C ASN D 99 -6.06 35.65 51.13
N SER D 100 -5.62 35.80 49.88
CA SER D 100 -6.11 34.94 48.81
C SER D 100 -5.52 33.53 48.91
N VAL D 101 -6.42 32.54 48.93
CA VAL D 101 -6.06 31.13 48.91
C VAL D 101 -6.93 30.43 47.86
N ALA D 102 -6.43 29.31 47.36
CA ALA D 102 -7.14 28.48 46.39
C ALA D 102 -7.34 27.09 46.98
N VAL D 103 -8.58 26.58 46.92
CA VAL D 103 -8.90 25.27 47.45
C VAL D 103 -9.62 24.46 46.38
N GLY D 104 -9.39 23.15 46.40
CA GLY D 104 -10.01 22.30 45.41
C GLY D 104 -9.80 20.83 45.71
N TYR D 105 -10.13 20.00 44.73
CA TYR D 105 -10.03 18.55 44.85
C TYR D 105 -9.66 17.96 43.49
N VAL D 106 -9.17 16.71 43.53
CA VAL D 106 -9.00 15.89 42.35
C VAL D 106 -9.71 14.56 42.58
N GLY D 107 -10.57 14.18 41.65
CA GLY D 107 -11.33 12.94 41.80
C GLY D 107 -10.43 11.73 41.63
N CYS D 108 -10.56 10.77 42.54
CA CYS D 108 -9.77 9.54 42.52
C CYS D 108 -10.61 8.30 42.26
N GLY D 109 -11.82 8.46 41.73
CA GLY D 109 -12.62 7.33 41.32
C GLY D 109 -13.31 6.63 42.48
N SER D 110 -13.68 5.36 42.24
CA SER D 110 -14.41 4.57 43.21
C SER D 110 -13.70 3.29 43.60
N VAL D 111 -12.54 2.99 43.00
CA VAL D 111 -11.73 1.84 43.41
C VAL D 111 -10.73 2.30 44.45
N ALA D 112 -10.63 1.55 45.55
CA ALA D 112 -9.78 1.96 46.67
C ALA D 112 -8.30 1.89 46.31
N ASP D 113 -7.89 0.87 45.56
CA ASP D 113 -6.48 0.67 45.23
C ASP D 113 -6.21 1.25 43.86
N LEU D 114 -5.58 2.42 43.84
CA LEU D 114 -5.22 3.08 42.58
C LEU D 114 -3.98 2.42 41.97
N SER D 115 -4.02 2.24 40.65
CA SER D 115 -2.86 1.74 39.94
C SER D 115 -1.90 2.88 39.62
N GLU D 116 -0.72 2.52 39.09
CA GLU D 116 0.22 3.54 38.65
C GLU D 116 -0.39 4.41 37.56
N ALA D 117 -1.19 3.82 36.68
CA ALA D 117 -1.87 4.59 35.65
C ALA D 117 -2.92 5.51 36.26
N ASP D 118 -3.63 5.05 37.28
CA ASP D 118 -4.60 5.90 37.96
C ASP D 118 -3.92 7.08 38.64
N MET D 119 -2.82 6.81 39.36
CA MET D 119 -2.07 7.88 40.00
C MET D 119 -1.57 8.90 38.98
N LYS D 120 -1.13 8.42 37.81
CA LYS D 120 -0.70 9.32 36.75
C LYS D 120 -1.80 10.28 36.34
N ARG D 121 -3.03 9.76 36.17
CA ARG D 121 -4.15 10.62 35.78
C ARG D 121 -4.45 11.66 36.85
N VAL D 122 -4.33 11.28 38.13
CA VAL D 122 -4.56 12.23 39.22
C VAL D 122 -3.52 13.33 39.18
N VAL D 123 -2.25 12.96 39.00
CA VAL D 123 -1.17 13.94 38.99
C VAL D 123 -1.35 14.93 37.83
N LEU D 124 -1.77 14.43 36.67
CA LEU D 124 -1.93 15.29 35.50
C LEU D 124 -2.99 16.37 35.76
N SER D 125 -4.06 16.02 36.46
CA SER D 125 -5.04 17.03 36.84
C SER D 125 -4.44 18.05 37.80
N LEU D 126 -3.62 17.59 38.74
CA LEU D 126 -2.94 18.49 39.65
C LEU D 126 -1.98 19.41 38.91
N VAL D 127 -1.17 18.84 38.01
CA VAL D 127 -0.20 19.63 37.26
C VAL D 127 -0.89 20.66 36.38
N THR D 128 -2.06 20.32 35.84
CA THR D 128 -2.82 21.28 35.04
C THR D 128 -3.17 22.52 35.85
N MET D 129 -3.52 22.34 37.13
CA MET D 129 -3.74 23.49 38.00
C MET D 129 -2.45 24.23 38.28
N LEU D 130 -1.33 23.50 38.37
CA LEU D 130 -0.06 24.12 38.70
C LEU D 130 0.46 24.99 37.56
N HIS D 131 0.26 24.57 36.31
CA HIS D 131 0.71 25.37 35.17
C HIS D 131 -0.13 26.62 34.96
N ASP D 132 -1.08 26.88 35.87
CA ASP D 132 -1.97 28.04 35.82
C ASP D 132 -2.10 28.64 37.21
N ASN D 133 -1.04 28.54 38.01
CA ASN D 133 -1.09 29.00 39.39
C ASN D 133 0.21 29.69 39.79
N LYS D 134 0.08 30.92 40.29
CA LYS D 134 1.19 31.75 40.72
C LYS D 134 1.47 31.64 42.22
N LEU D 135 0.57 31.02 42.99
CA LEU D 135 0.76 30.89 44.42
C LEU D 135 2.06 30.15 44.73
N SER D 136 2.63 30.45 45.89
CA SER D 136 3.93 29.95 46.30
C SER D 136 3.90 28.58 46.97
N LYS D 137 2.73 28.08 47.35
CA LYS D 137 2.67 26.83 48.09
C LYS D 137 1.51 25.98 47.61
N LEU D 138 1.74 24.68 47.50
CA LEU D 138 0.73 23.69 47.22
C LEU D 138 0.64 22.70 48.37
N THR D 139 -0.58 22.39 48.80
CA THR D 139 -0.82 21.39 49.83
C THR D 139 -1.71 20.30 49.26
N VAL D 140 -1.27 19.05 49.42
CA VAL D 140 -2.00 17.89 48.91
C VAL D 140 -2.43 17.07 50.12
N VAL D 141 -3.73 16.84 50.26
CA VAL D 141 -4.29 16.11 51.39
C VAL D 141 -4.74 14.75 50.87
N PHE D 142 -4.12 13.69 51.39
CA PHE D 142 -4.41 12.33 50.95
C PHE D 142 -5.57 11.78 51.77
N GLU D 143 -6.77 11.87 51.22
CA GLU D 143 -7.93 11.19 51.77
C GLU D 143 -8.20 9.88 51.02
N ILE D 144 -7.14 9.30 50.45
CA ILE D 144 -7.14 8.00 49.81
C ILE D 144 -6.02 7.18 50.43
N ASN D 145 -5.94 5.91 50.04
CA ASN D 145 -4.97 4.98 50.61
C ASN D 145 -3.93 4.61 49.56
N VAL D 146 -2.68 5.03 49.81
CA VAL D 146 -1.55 4.69 48.96
C VAL D 146 -0.42 4.19 49.85
N ASP D 147 0.32 3.19 49.38
CA ASP D 147 1.45 2.68 50.14
C ASP D 147 2.68 3.57 49.92
N LYS D 148 3.79 3.17 50.54
CA LYS D 148 4.99 4.00 50.51
C LYS D 148 5.55 4.14 49.10
N ASN D 149 5.53 3.06 48.32
CA ASN D 149 6.08 3.11 46.97
C ASN D 149 5.21 3.97 46.06
N LEU D 150 3.89 3.84 46.19
CA LEU D 150 2.99 4.65 45.37
C LEU D 150 3.04 6.13 45.75
N PHE D 151 3.25 6.43 47.03
CA PHE D 151 3.41 7.83 47.44
C PHE D 151 4.65 8.43 46.82
N ARG D 152 5.77 7.70 46.83
CA ARG D 152 6.97 8.18 46.16
C ARG D 152 6.73 8.36 44.66
N PHE D 153 6.02 7.41 44.05
CA PHE D 153 5.67 7.54 42.63
C PHE D 153 4.85 8.79 42.38
N PHE D 154 3.95 9.12 43.31
CA PHE D 154 3.19 10.36 43.19
C PHE D 154 4.11 11.58 43.14
N LEU D 155 5.07 11.64 44.06
CA LEU D 155 5.98 12.79 44.10
C LEU D 155 6.86 12.84 42.86
N GLU D 156 7.43 11.69 42.48
CA GLU D 156 8.24 11.63 41.26
C GLU D 156 7.45 12.10 40.04
N THR D 157 6.22 11.60 39.90
CA THR D 157 5.40 11.97 38.74
C THR D 157 5.00 13.43 38.80
N LEU D 158 4.65 13.93 40.00
CA LEU D 158 4.35 15.34 40.15
C LEU D 158 5.54 16.21 39.74
N PHE D 159 6.73 15.88 40.26
CA PHE D 159 7.92 16.65 39.93
C PHE D 159 8.21 16.60 38.43
N TYR D 160 8.14 15.41 37.83
CA TYR D 160 8.51 15.25 36.43
C TYR D 160 7.52 15.97 35.52
N GLU D 161 6.22 15.78 35.74
CA GLU D 161 5.22 16.41 34.88
C GLU D 161 5.15 17.92 35.10
N TYR D 162 5.48 18.38 36.30
CA TYR D 162 5.47 19.82 36.59
C TYR D 162 6.56 20.53 35.80
N MET D 163 7.73 19.92 35.69
CA MET D 163 8.86 20.55 35.03
C MET D 163 8.63 20.65 33.52
N THR D 164 8.96 21.81 32.95
CA THR D 164 8.81 22.08 31.53
C THR D 164 10.19 22.33 30.91
N ASP D 165 10.50 21.57 29.85
CA ASP D 165 11.79 21.68 29.17
C ASP D 165 11.72 22.82 28.17
N GLU D 166 12.42 23.92 28.45
CA GLU D 166 12.41 25.11 27.61
C GLU D 166 13.79 25.41 27.00
N ARG D 167 14.67 24.41 26.93
CA ARG D 167 16.03 24.65 26.46
C ARG D 167 16.07 25.21 25.04
N PHE D 168 15.07 24.90 24.22
CA PHE D 168 15.09 25.25 22.81
C PHE D 168 14.00 26.23 22.42
N LYS D 169 13.33 26.84 23.38
CA LYS D 169 12.44 27.97 23.15
C LYS D 169 13.24 29.27 23.16
N SER D 170 13.03 30.10 22.13
CA SER D 170 13.57 31.46 22.16
C SER D 170 12.90 32.27 23.26
N THR D 171 11.58 32.39 23.22
CA THR D 171 10.86 33.20 24.20
C THR D 171 10.23 32.33 25.29
N VAL D 175 3.86 34.20 30.90
CA VAL D 175 3.22 32.92 31.17
C VAL D 175 2.14 33.09 32.23
N ASN D 176 1.46 32.00 32.56
CA ASN D 176 0.36 32.01 33.51
C ASN D 176 0.72 31.31 34.82
N MET D 177 2.00 31.14 35.11
CA MET D 177 2.42 30.34 36.25
C MET D 177 3.80 30.78 36.73
N GLU D 178 4.02 30.63 38.02
CA GLU D 178 5.36 30.57 38.60
C GLU D 178 5.53 29.19 39.22
N TYR D 179 6.67 28.97 39.86
CA TYR D 179 6.94 27.67 40.44
C TYR D 179 6.79 27.78 41.94
N ILE D 180 6.11 26.78 42.54
CA ILE D 180 5.93 26.78 43.97
C ILE D 180 7.29 26.64 44.66
N LYS D 181 7.38 27.19 45.87
CA LYS D 181 8.55 27.05 46.70
C LYS D 181 8.33 26.11 47.87
N HIS D 182 7.09 25.68 48.11
CA HIS D 182 6.75 24.83 49.24
C HIS D 182 5.70 23.81 48.81
N LEU D 183 5.86 22.58 49.28
CA LEU D 183 4.88 21.53 49.07
C LEU D 183 4.56 20.87 50.40
N GLY D 184 3.30 20.97 50.81
CA GLY D 184 2.83 20.32 52.03
C GLY D 184 2.02 19.08 51.67
N VAL D 185 2.18 18.03 52.46
CA VAL D 185 1.49 16.77 52.23
C VAL D 185 0.88 16.30 53.54
N TYR D 186 -0.43 16.08 53.54
CA TYR D 186 -1.14 15.52 54.68
C TYR D 186 -1.56 14.09 54.33
N ILE D 187 -1.06 13.12 55.11
CA ILE D 187 -1.31 11.71 54.85
C ILE D 187 -1.32 10.97 56.18
N ASN D 188 -2.10 9.89 56.24
CA ASN D 188 -2.15 9.08 57.44
C ASN D 188 -0.82 8.33 57.62
N ASN D 189 -0.38 8.23 58.88
CA ASN D 189 0.90 7.62 59.22
C ASN D 189 2.05 8.30 58.47
N ALA D 190 2.09 9.63 58.59
CA ALA D 190 3.02 10.43 57.80
C ALA D 190 4.48 10.10 58.09
N ASP D 191 4.79 9.62 59.30
CA ASP D 191 6.17 9.37 59.66
C ASP D 191 6.82 8.32 58.76
N THR D 192 6.05 7.35 58.27
CA THR D 192 6.61 6.32 57.41
C THR D 192 6.83 6.78 55.98
N TYR D 193 6.34 7.96 55.60
CA TYR D 193 6.47 8.45 54.24
C TYR D 193 7.55 9.50 54.06
N LYS D 194 8.05 10.08 55.16
CA LYS D 194 9.05 11.14 55.05
C LYS D 194 10.30 10.67 54.32
N GLU D 195 10.74 9.45 54.59
CA GLU D 195 11.93 8.91 53.94
C GLU D 195 11.81 8.86 52.42
N GLU D 196 10.58 8.84 51.88
CA GLU D 196 10.39 8.77 50.44
C GLU D 196 10.57 10.11 49.76
N VAL D 197 10.58 11.21 50.52
CA VAL D 197 10.57 12.55 49.92
C VAL D 197 11.85 12.79 49.12
N GLU D 198 13.00 12.68 49.78
CA GLU D 198 14.26 12.99 49.09
C GLU D 198 14.62 11.93 48.07
N LYS D 199 14.20 10.68 48.28
CA LYS D 199 14.39 9.65 47.26
C LYS D 199 13.59 9.99 46.01
N ALA D 200 12.36 10.48 46.18
CA ALA D 200 11.55 10.90 45.04
C ALA D 200 12.22 12.02 44.27
N ARG D 201 12.86 12.97 44.98
CA ARG D 201 13.54 14.07 44.29
C ARG D 201 14.70 13.56 43.46
N VAL D 202 15.44 12.57 43.97
CA VAL D 202 16.53 11.97 43.20
C VAL D 202 15.98 11.21 42.00
N TYR D 203 14.94 10.39 42.22
CA TYR D 203 14.34 9.65 41.13
C TYR D 203 13.75 10.57 40.08
N TYR D 204 13.20 11.71 40.51
CA TYR D 204 12.66 12.68 39.55
C TYR D 204 13.73 13.15 38.58
N PHE D 205 14.89 13.57 39.09
CA PHE D 205 15.87 14.18 38.21
C PHE D 205 16.54 13.14 37.33
N GLY D 206 16.80 11.95 37.86
CA GLY D 206 17.29 10.88 37.01
C GLY D 206 16.37 10.62 35.84
N THR D 207 15.07 10.63 36.08
CA THR D 207 14.11 10.52 34.99
C THR D 207 14.11 11.76 34.11
N TYR D 208 14.19 12.94 34.72
CA TYR D 208 14.23 14.17 33.92
C TYR D 208 15.54 14.32 33.17
N TYR D 209 16.64 13.82 33.75
CA TYR D 209 17.91 13.84 33.04
C TYR D 209 17.85 12.97 31.79
N ALA D 210 17.32 11.76 31.92
CA ALA D 210 17.09 10.91 30.76
C ALA D 210 16.19 11.60 29.73
N SER D 211 15.15 12.29 30.21
CA SER D 211 14.25 12.99 29.31
C SER D 211 14.97 14.07 28.52
N GLN D 212 15.87 14.82 29.19
CA GLN D 212 16.60 15.87 28.50
C GLN D 212 17.50 15.31 27.40
N LEU D 213 18.07 14.13 27.64
CA LEU D 213 18.92 13.49 26.63
C LEU D 213 18.09 12.98 25.47
N ILE D 214 16.94 12.38 25.74
CA ILE D 214 16.09 11.85 24.68
C ILE D 214 15.51 12.98 23.84
N ALA D 215 15.06 14.05 24.49
CA ALA D 215 14.46 15.19 23.80
C ALA D 215 15.49 16.09 23.12
N ALA D 216 16.78 15.85 23.34
CA ALA D 216 17.80 16.66 22.69
C ALA D 216 17.73 16.47 21.17
N PRO D 217 17.69 17.54 20.39
CA PRO D 217 17.57 17.40 18.94
C PRO D 217 18.79 16.75 18.32
N SER D 218 18.60 16.22 17.11
CA SER D 218 19.63 15.44 16.45
C SER D 218 20.83 16.28 16.03
N ASN D 219 20.68 17.60 15.90
CA ASN D 219 21.82 18.46 15.61
C ASN D 219 22.56 18.90 16.86
N TYR D 220 22.05 18.55 18.05
CA TYR D 220 22.77 18.71 19.30
C TYR D 220 23.34 17.40 19.83
N CYS D 221 22.61 16.30 19.68
CA CYS D 221 22.98 15.01 20.24
C CYS D 221 23.67 14.14 19.19
N ASN D 222 24.90 13.73 19.49
CA ASN D 222 25.67 12.84 18.62
C ASN D 222 26.59 12.03 19.52
N PRO D 223 27.24 10.99 18.98
CA PRO D 223 28.12 10.17 19.83
C PRO D 223 29.18 10.96 20.59
N VAL D 224 29.70 12.03 20.02
CA VAL D 224 30.72 12.82 20.70
C VAL D 224 30.11 13.65 21.82
N SER D 225 29.03 14.38 21.50
CA SER D 225 28.40 15.24 22.50
C SER D 225 27.71 14.43 23.60
N LEU D 226 27.19 13.24 23.26
CA LEU D 226 26.53 12.42 24.27
C LEU D 226 27.55 11.81 25.24
N SER D 227 28.67 11.31 24.72
CA SER D 227 29.71 10.79 25.60
C SER D 227 30.35 11.88 26.44
N ASN D 228 30.45 13.10 25.89
CA ASN D 228 30.91 14.24 26.69
C ASN D 228 29.96 14.50 27.85
N ALA D 229 28.65 14.42 27.60
CA ALA D 229 27.68 14.60 28.68
C ALA D 229 27.82 13.51 29.73
N ALA D 230 28.10 12.27 29.31
CA ALA D 230 28.33 11.18 30.24
C ALA D 230 29.54 11.49 31.11
N VAL D 231 30.52 12.18 30.53
CA VAL D 231 31.67 12.63 31.30
C VAL D 231 31.28 13.70 32.35
N GLU D 232 30.33 14.63 32.03
CA GLU D 232 29.91 15.63 33.04
C GLU D 232 29.70 14.86 34.33
N LEU D 233 28.77 13.93 34.12
CA LEU D 233 28.05 13.25 35.18
C LEU D 233 28.97 12.41 36.03
N ALA D 234 29.88 11.68 35.39
CA ALA D 234 30.82 10.89 36.17
C ALA D 234 31.69 11.83 37.00
N GLN D 235 32.09 12.96 36.41
CA GLN D 235 32.89 13.94 37.15
C GLN D 235 32.06 14.62 38.23
N LYS D 236 30.80 14.97 37.92
CA LYS D 236 29.94 15.59 38.91
C LYS D 236 29.66 14.66 40.08
N LEU D 237 29.60 13.36 39.84
CA LEU D 237 29.26 12.39 40.86
C LEU D 237 30.45 11.54 41.29
N ASN D 238 31.66 11.89 40.84
CA ASN D 238 32.88 11.18 41.20
C ASN D 238 32.81 9.71 40.82
N LEU D 239 32.23 9.44 39.66
CA LEU D 239 32.22 8.11 39.07
C LEU D 239 33.44 7.93 38.18
N GLU D 240 33.93 6.70 38.10
CA GLU D 240 34.96 6.38 37.13
CA GLU D 240 34.96 6.38 37.13
C GLU D 240 34.36 6.31 35.74
N TYR D 241 35.16 6.69 34.73
CA TYR D 241 34.65 6.74 33.38
C TYR D 241 35.75 6.41 32.39
N LYS D 242 35.36 5.80 31.27
CA LYS D 242 36.25 5.55 30.14
C LYS D 242 35.41 5.66 28.87
N ILE D 243 35.91 6.40 27.90
CA ILE D 243 35.28 6.54 26.60
C ILE D 243 36.21 5.90 25.57
N LEU D 244 35.72 4.83 24.94
CA LEU D 244 36.49 4.08 23.97
C LEU D 244 36.28 4.65 22.58
N GLY D 245 37.37 4.97 21.89
CA GLY D 245 37.32 5.48 20.55
C GLY D 245 37.47 4.39 19.49
N VAL D 246 37.40 4.81 18.23
CA VAL D 246 37.37 3.87 17.11
C VAL D 246 38.60 2.97 17.13
N LYS D 247 39.77 3.54 17.43
CA LYS D 247 40.99 2.74 17.41
C LYS D 247 40.93 1.62 18.44
N GLU D 248 40.49 1.92 19.65
CA GLU D 248 40.37 0.88 20.67
C GLU D 248 39.25 -0.10 20.33
N LEU D 249 38.16 0.40 19.74
CA LEU D 249 37.07 -0.49 19.34
C LEU D 249 37.50 -1.46 18.26
N GLU D 250 38.38 -1.00 17.36
CA GLU D 250 38.93 -1.90 16.34
C GLU D 250 39.82 -2.96 16.97
N GLU D 251 40.62 -2.58 17.98
CA GLU D 251 41.46 -3.55 18.67
C GLU D 251 40.62 -4.61 19.37
N LEU D 252 39.47 -4.22 19.91
CA LEU D 252 38.56 -5.17 20.53
C LEU D 252 37.71 -5.92 19.50
N LYS D 253 37.85 -5.60 18.22
CA LYS D 253 37.19 -6.33 17.12
C LYS D 253 35.68 -6.24 17.20
N MET D 254 35.16 -5.04 17.56
CA MET D 254 33.73 -4.81 17.67
C MET D 254 33.14 -4.52 16.28
N GLY D 255 33.19 -5.56 15.43
CA GLY D 255 32.85 -5.37 14.03
C GLY D 255 31.39 -5.03 13.77
N ALA D 256 30.48 -5.55 14.59
CA ALA D 256 29.05 -5.25 14.39
C ALA D 256 28.75 -3.81 14.78
N TYR D 257 29.26 -3.36 15.92
CA TYR D 257 29.05 -1.99 16.37
C TYR D 257 29.73 -1.00 15.44
N LEU D 258 30.95 -1.32 14.97
CA LEU D 258 31.66 -0.42 14.07
C LEU D 258 30.98 -0.33 12.72
N SER D 259 30.39 -1.43 12.24
CA SER D 259 29.74 -1.41 10.93
C SER D 259 28.59 -0.41 10.89
N VAL D 260 27.80 -0.35 11.96
CA VAL D 260 26.65 0.55 12.00
C VAL D 260 27.11 2.00 11.86
N GLY D 261 28.19 2.36 12.54
CA GLY D 261 28.71 3.71 12.51
C GLY D 261 29.67 4.02 11.38
N LYS D 262 29.87 3.08 10.45
CA LYS D 262 30.86 3.26 9.40
C LYS D 262 30.58 4.51 8.57
N GLY D 263 29.33 4.69 8.16
CA GLY D 263 28.95 5.79 7.31
C GLY D 263 28.65 7.09 8.03
N SER D 264 28.95 7.17 9.32
CA SER D 264 28.55 8.30 10.14
C SER D 264 29.56 9.44 10.02
N MET D 265 29.07 10.66 10.25
CA MET D 265 29.94 11.83 10.27
C MET D 265 30.61 11.99 11.64
N TYR D 266 29.98 11.49 12.70
CA TYR D 266 30.55 11.46 14.04
C TYR D 266 31.03 10.06 14.39
N PRO D 267 32.26 9.90 14.86
CA PRO D 267 32.78 8.56 15.13
C PRO D 267 32.10 7.91 16.34
N ASN D 268 32.14 6.58 16.33
CA ASN D 268 31.61 5.80 17.44
C ASN D 268 32.30 6.17 18.75
N LYS D 269 31.53 6.19 19.84
CA LYS D 269 32.05 6.40 21.17
C LYS D 269 31.37 5.42 22.13
N PHE D 270 32.16 4.59 22.79
CA PHE D 270 31.65 3.60 23.74
C PHE D 270 31.74 4.18 25.15
N ILE D 271 30.59 4.34 25.80
CA ILE D 271 30.54 4.91 27.15
C ILE D 271 30.69 3.79 28.16
N HIS D 272 31.57 4.00 29.15
CA HIS D 272 31.75 3.05 30.25
C HIS D 272 31.94 3.85 31.53
N LEU D 273 30.87 3.99 32.31
CA LEU D 273 30.92 4.57 33.64
C LEU D 273 30.87 3.46 34.68
N THR D 274 31.49 3.69 35.82
CA THR D 274 31.52 2.70 36.89
C THR D 274 31.26 3.35 38.24
N TYR D 275 30.32 2.79 38.98
CA TYR D 275 30.14 3.09 40.39
C TYR D 275 30.64 1.91 41.20
N LYS D 276 31.47 2.18 42.21
CA LYS D 276 31.97 1.12 43.09
C LYS D 276 31.73 1.52 44.53
N SER D 277 31.00 0.68 45.26
CA SER D 277 30.74 0.93 46.67
C SER D 277 32.01 0.84 47.50
N LYS D 278 32.01 1.54 48.63
CA LYS D 278 33.12 1.47 49.57
C LYS D 278 33.00 0.19 50.39
N GLY D 279 34.12 -0.49 50.59
CA GLY D 279 34.11 -1.72 51.34
C GLY D 279 34.02 -2.97 50.48
N ASP D 280 33.41 -4.02 51.02
CA ASP D 280 33.25 -5.25 50.25
C ASP D 280 32.23 -5.08 49.13
N VAL D 281 32.59 -5.61 47.96
CA VAL D 281 31.69 -5.66 46.81
C VAL D 281 31.12 -7.07 46.73
N LYS D 282 29.81 -7.20 46.90
CA LYS D 282 29.17 -8.50 46.88
C LYS D 282 28.46 -8.82 45.57
N LYS D 283 28.16 -7.81 44.75
CA LYS D 283 27.46 -8.03 43.50
C LYS D 283 27.97 -7.06 42.45
N LYS D 284 28.27 -7.57 41.26
CA LYS D 284 28.71 -6.75 40.13
C LYS D 284 27.65 -6.81 39.04
N ILE D 285 27.26 -5.64 38.54
CA ILE D 285 26.16 -5.50 37.58
C ILE D 285 26.62 -4.64 36.42
N ALA D 286 26.30 -5.05 35.19
CA ALA D 286 26.53 -4.27 33.99
C ALA D 286 25.19 -3.88 33.40
N LEU D 287 24.97 -2.59 33.22
CA LEU D 287 23.77 -2.05 32.59
C LEU D 287 24.11 -1.56 31.19
N VAL D 288 23.42 -2.09 30.19
CA VAL D 288 23.71 -1.80 28.79
C VAL D 288 22.52 -1.06 28.20
N GLY D 289 22.78 0.11 27.62
CA GLY D 289 21.74 0.88 26.99
C GLY D 289 21.97 1.08 25.50
N LYS D 290 20.93 0.87 24.70
CA LYS D 290 21.02 1.15 23.27
C LYS D 290 21.21 2.65 23.06
N GLY D 291 22.20 3.01 22.24
CA GLY D 291 22.51 4.41 22.05
C GLY D 291 22.73 4.82 20.61
N ILE D 292 21.68 4.82 19.81
CA ILE D 292 21.74 5.31 18.44
C ILE D 292 21.24 6.75 18.47
N THR D 293 22.16 7.71 18.33
CA THR D 293 21.78 9.12 18.45
C THR D 293 20.93 9.57 17.27
N PHE D 294 21.14 8.97 16.09
CA PHE D 294 20.21 9.14 14.99
C PHE D 294 20.23 7.89 14.13
N ASP D 295 19.04 7.37 13.82
CA ASP D 295 18.89 6.15 13.03
C ASP D 295 18.17 6.52 11.74
N SER D 296 18.95 6.69 10.66
CA SER D 296 18.36 6.94 9.35
C SER D 296 17.78 5.69 8.72
N GLY D 297 18.09 4.51 9.26
CA GLY D 297 17.75 3.25 8.63
C GLY D 297 18.84 2.71 7.73
N GLY D 298 19.78 3.54 7.31
CA GLY D 298 20.86 3.08 6.46
C GLY D 298 20.36 2.68 5.08
N TYR D 299 21.11 1.77 4.46
CA TYR D 299 20.79 1.28 3.11
C TYR D 299 19.67 0.24 3.17
N ASN D 300 18.50 0.71 3.60
CA ASN D 300 17.29 -0.09 3.54
C ASN D 300 16.29 0.60 2.62
N LEU D 301 16.77 1.00 1.44
CA LEU D 301 16.00 1.85 0.54
C LEU D 301 15.06 1.05 -0.35
N LYS D 302 15.21 -0.28 -0.41
CA LYS D 302 14.36 -1.14 -1.23
C LYS D 302 13.80 -2.27 -0.35
N ALA D 303 13.06 -1.88 0.68
CA ALA D 303 12.47 -2.86 1.59
C ALA D 303 11.29 -3.54 0.92
N ALA D 304 11.31 -4.86 0.86
CA ALA D 304 10.22 -5.61 0.28
C ALA D 304 8.98 -5.53 1.17
N PRO D 305 7.79 -5.58 0.59
CA PRO D 305 6.57 -5.68 1.41
C PRO D 305 6.63 -6.92 2.30
N GLY D 306 6.42 -6.70 3.59
CA GLY D 306 6.56 -7.74 4.59
C GLY D 306 7.81 -7.61 5.44
N SER D 307 8.76 -6.79 5.04
CA SER D 307 9.95 -6.56 5.84
C SER D 307 9.62 -5.73 7.08
N MET D 308 10.45 -5.89 8.10
CA MET D 308 10.25 -5.17 9.35
C MET D 308 10.32 -3.66 9.13
N ILE D 309 9.32 -2.94 9.63
CA ILE D 309 9.26 -1.49 9.55
C ILE D 309 9.68 -0.89 10.88
N ASP D 310 10.43 0.20 10.82
CA ASP D 310 10.89 0.91 12.02
C ASP D 310 10.35 2.34 11.96
N LEU D 311 9.34 2.62 12.79
CA LEU D 311 8.73 3.94 12.87
C LEU D 311 9.01 4.61 14.21
N MET D 312 9.84 4.01 15.06
CA MET D 312 10.14 4.56 16.37
C MET D 312 11.51 5.21 16.30
N LYS D 313 11.56 6.52 16.59
CA LYS D 313 12.73 7.34 16.33
C LYS D 313 13.51 7.72 17.58
N PHE D 314 13.23 7.08 18.71
CA PHE D 314 13.84 7.43 19.99
C PHE D 314 14.85 6.34 20.35
N ASP D 315 15.95 6.31 19.60
CA ASP D 315 16.83 5.16 19.52
C ASP D 315 18.01 5.22 20.49
N MET D 316 18.04 6.18 21.41
CA MET D 316 19.01 6.19 22.49
CA MET D 316 19.01 6.18 22.49
C MET D 316 18.33 6.31 23.85
N SER D 317 17.03 5.98 23.92
CA SER D 317 16.31 6.01 25.19
C SER D 317 16.91 5.03 26.19
N GLY D 318 17.45 3.92 25.71
CA GLY D 318 18.08 2.97 26.62
C GLY D 318 19.34 3.53 27.25
N CYS D 319 20.20 4.16 26.44
CA CYS D 319 21.37 4.84 26.97
C CYS D 319 20.96 5.92 27.96
N ALA D 320 19.91 6.68 27.66
CA ALA D 320 19.46 7.73 28.55
C ALA D 320 18.99 7.15 29.88
N ALA D 321 18.28 6.03 29.86
CA ALA D 321 17.83 5.40 31.09
C ALA D 321 19.01 4.92 31.92
N VAL D 322 20.05 4.40 31.25
CA VAL D 322 21.23 3.92 31.96
C VAL D 322 21.97 5.09 32.60
N LEU D 323 22.10 6.21 31.87
CA LEU D 323 22.78 7.37 32.43
C LEU D 323 21.94 8.02 33.53
N GLY D 324 20.62 8.06 33.36
CA GLY D 324 19.77 8.54 34.43
C GLY D 324 19.85 7.66 35.67
N CYS D 325 19.99 6.35 35.47
CA CYS D 325 20.24 5.45 36.58
C CYS D 325 21.58 5.74 37.23
N ALA D 326 22.58 6.08 36.41
CA ALA D 326 23.90 6.44 36.95
C ALA D 326 23.81 7.66 37.86
N TYR D 327 22.95 8.62 37.52
CA TYR D 327 22.75 9.76 38.41
C TYR D 327 22.20 9.31 39.75
N CYS D 328 21.14 8.51 39.73
CA CYS D 328 20.50 8.06 40.96
C CYS D 328 21.46 7.24 41.81
N VAL D 329 22.17 6.30 41.19
CA VAL D 329 23.10 5.45 41.94
C VAL D 329 24.27 6.27 42.47
N GLY D 330 24.83 7.14 41.63
CA GLY D 330 25.95 7.96 42.06
C GLY D 330 25.56 8.95 43.16
N THR D 331 24.29 9.34 43.21
CA THR D 331 23.84 10.26 44.25
C THR D 331 23.49 9.51 45.53
N LEU D 332 22.75 8.41 45.42
CA LEU D 332 22.32 7.68 46.60
C LEU D 332 23.44 6.83 47.19
N LYS D 333 24.39 6.41 46.37
CA LYS D 333 25.58 5.68 46.79
C LYS D 333 25.25 4.40 47.57
N PRO D 334 24.71 3.38 46.91
CA PRO D 334 24.42 2.12 47.62
C PRO D 334 25.71 1.40 48.03
N GLU D 335 25.55 0.48 48.96
CA GLU D 335 26.66 -0.29 49.49
C GLU D 335 26.76 -1.66 48.83
N ASN D 336 27.95 -2.24 48.91
CA ASN D 336 28.22 -3.64 48.57
C ASN D 336 27.98 -3.96 47.10
N VAL D 337 28.03 -2.97 46.21
CA VAL D 337 27.69 -3.18 44.81
C VAL D 337 28.69 -2.46 43.92
N GLU D 338 28.88 -3.01 42.71
CA GLU D 338 29.70 -2.41 41.68
C GLU D 338 28.90 -2.41 40.38
N ILE D 339 28.64 -1.23 39.82
CA ILE D 339 27.77 -1.07 38.67
C ILE D 339 28.58 -0.49 37.51
N HIS D 340 28.45 -1.11 36.34
CA HIS D 340 29.04 -0.61 35.11
C HIS D 340 27.93 -0.11 34.19
N PHE D 341 28.03 1.14 33.76
CA PHE D 341 27.03 1.78 32.91
C PHE D 341 27.61 1.86 31.50
N LEU D 342 27.02 1.10 30.57
CA LEU D 342 27.59 0.89 29.25
C LEU D 342 26.62 1.31 28.16
N SER D 343 27.17 1.83 27.07
CA SER D 343 26.39 2.14 25.87
C SER D 343 27.34 2.25 24.69
N ALA D 344 27.07 1.48 23.64
CA ALA D 344 27.80 1.58 22.38
C ALA D 344 27.09 2.63 21.53
N VAL D 345 27.55 3.87 21.62
CA VAL D 345 26.88 5.01 21.00
C VAL D 345 27.40 5.19 19.58
N CYS D 346 26.49 5.44 18.64
CA CYS D 346 26.87 5.62 17.24
C CYS D 346 25.70 6.25 16.49
N GLU D 347 25.97 6.58 15.24
CA GLU D 347 24.96 7.01 14.28
C GLU D 347 24.78 5.92 13.23
N ASN D 348 23.59 5.89 12.62
CA ASN D 348 23.29 4.98 11.52
C ASN D 348 22.90 5.85 10.32
N MET D 349 23.88 6.14 9.48
CA MET D 349 23.74 7.15 8.44
C MET D 349 23.81 6.53 7.05
N VAL D 350 23.41 7.33 6.06
CA VAL D 350 23.48 6.95 4.65
C VAL D 350 24.58 7.77 4.00
N SER D 351 25.59 7.09 3.48
CA SER D 351 26.69 7.73 2.78
C SER D 351 27.39 6.66 1.94
N LYS D 352 28.45 7.07 1.25
CA LYS D 352 29.23 6.12 0.46
C LYS D 352 29.99 5.13 1.33
N ASN D 353 30.14 5.43 2.62
CA ASN D 353 30.91 4.61 3.54
C ASN D 353 30.04 3.70 4.40
N SER D 354 28.72 3.77 4.25
CA SER D 354 27.82 3.04 5.13
C SER D 354 27.89 1.54 4.88
N TYR D 355 27.51 0.76 5.89
CA TYR D 355 27.44 -0.68 5.70
C TYR D 355 26.16 -1.04 4.95
N ARG D 356 26.15 -2.25 4.39
CA ARG D 356 25.14 -2.62 3.42
C ARG D 356 24.43 -3.91 3.83
N PRO D 357 23.19 -4.09 3.40
CA PRO D 357 22.57 -5.41 3.52
C PRO D 357 23.35 -6.42 2.69
N GLY D 358 23.54 -7.61 3.27
CA GLY D 358 24.40 -8.60 2.66
C GLY D 358 25.83 -8.58 3.16
N ASP D 359 26.22 -7.56 3.92
CA ASP D 359 27.52 -7.58 4.58
C ASP D 359 27.58 -8.75 5.55
N ILE D 360 28.76 -9.36 5.65
CA ILE D 360 29.03 -10.36 6.68
C ILE D 360 30.13 -9.79 7.56
N ILE D 361 29.81 -9.56 8.83
CA ILE D 361 30.70 -8.89 9.76
C ILE D 361 31.00 -9.82 10.92
N THR D 362 32.13 -9.58 11.56
CA THR D 362 32.61 -10.41 12.66
C THR D 362 32.47 -9.63 13.98
N ALA D 363 31.68 -10.16 14.89
CA ALA D 363 31.50 -9.55 16.19
C ALA D 363 32.73 -9.80 17.06
N SER D 364 32.76 -9.14 18.23
CA SER D 364 33.92 -9.22 19.11
C SER D 364 34.08 -10.59 19.77
N ASN D 365 33.11 -11.48 19.66
CA ASN D 365 33.26 -12.85 20.13
C ASN D 365 33.57 -13.83 19.00
N GLY D 366 33.89 -13.34 17.81
CA GLY D 366 34.29 -14.17 16.71
C GLY D 366 33.15 -14.67 15.83
N LYS D 367 31.89 -14.51 16.25
CA LYS D 367 30.77 -14.98 15.45
C LYS D 367 30.55 -14.05 14.26
N THR D 368 30.38 -14.65 13.08
CA THR D 368 30.09 -13.88 11.87
C THR D 368 28.59 -13.69 11.72
N ILE D 369 28.19 -12.51 11.27
CA ILE D 369 26.79 -12.11 11.17
C ILE D 369 26.50 -11.67 9.74
N GLU D 370 25.45 -12.23 9.16
CA GLU D 370 24.97 -11.78 7.85
C GLU D 370 23.94 -10.69 8.05
N VAL D 371 24.23 -9.49 7.56
CA VAL D 371 23.31 -8.36 7.67
C VAL D 371 22.18 -8.54 6.67
N GLY D 372 20.95 -8.50 7.17
CA GLY D 372 19.79 -8.61 6.30
C GLY D 372 19.05 -7.30 6.15
N ASN D 373 19.26 -6.37 7.08
CA ASN D 373 18.55 -5.09 7.07
C ASN D 373 19.35 -4.10 7.88
N THR D 374 19.85 -3.05 7.22
CA THR D 374 20.63 -2.03 7.92
C THR D 374 19.80 -1.23 8.90
N ASP D 375 18.47 -1.28 8.80
CA ASP D 375 17.60 -0.61 9.76
C ASP D 375 17.41 -1.43 11.03
N ALA D 376 17.92 -2.66 11.07
CA ALA D 376 17.98 -3.43 12.31
C ALA D 376 19.32 -3.24 13.00
N GLU D 377 19.68 -1.96 13.20
CA GLU D 377 21.01 -1.60 13.70
C GLU D 377 21.14 -1.77 15.21
N GLY D 378 20.02 -1.73 15.95
CA GLY D 378 20.10 -1.76 17.40
C GLY D 378 20.73 -3.03 17.92
N ARG D 379 20.27 -4.18 17.43
CA ARG D 379 20.78 -5.46 17.93
C ARG D 379 22.24 -5.66 17.57
N LEU D 380 22.71 -5.05 16.48
CA LEU D 380 24.12 -5.16 16.12
C LEU D 380 25.01 -4.45 17.13
N THR D 381 24.64 -3.21 17.51
CA THR D 381 25.42 -2.49 18.51
C THR D 381 25.32 -3.16 19.87
N LEU D 382 24.15 -3.70 20.21
CA LEU D 382 24.00 -4.38 21.49
C LEU D 382 24.82 -5.66 21.56
N ALA D 383 25.01 -6.33 20.43
CA ALA D 383 25.77 -7.58 20.43
C ALA D 383 27.19 -7.36 20.95
N ASP D 384 27.88 -6.36 20.41
CA ASP D 384 29.24 -6.08 20.87
C ASP D 384 29.25 -5.50 22.28
N ALA D 385 28.22 -4.73 22.64
CA ALA D 385 28.14 -4.19 24.00
C ALA D 385 27.94 -5.32 25.01
N LEU D 386 27.18 -6.35 24.66
CA LEU D 386 26.97 -7.46 25.59
C LEU D 386 28.24 -8.28 25.77
N VAL D 387 28.99 -8.48 24.69
CA VAL D 387 30.28 -9.18 24.79
C VAL D 387 31.23 -8.40 25.67
N TYR D 388 31.28 -7.07 25.49
CA TYR D 388 32.08 -6.23 26.37
C TYR D 388 31.66 -6.37 27.82
N ALA D 389 30.34 -6.38 28.07
CA ALA D 389 29.82 -6.47 29.43
C ALA D 389 30.23 -7.77 30.10
N GLU D 390 30.10 -8.89 29.38
CA GLU D 390 30.43 -10.18 29.99
C GLU D 390 31.92 -10.29 30.28
N LYS D 391 32.78 -9.68 29.46
CA LYS D 391 34.21 -9.73 29.72
C LYS D 391 34.59 -8.99 30.99
N LEU D 392 33.71 -8.14 31.52
CA LEU D 392 33.96 -7.50 32.81
C LEU D 392 33.81 -8.44 33.98
N GLY D 393 33.23 -9.63 33.77
CA GLY D 393 33.03 -10.57 34.85
C GLY D 393 32.05 -10.07 35.90
N VAL D 394 30.78 -9.93 35.51
CA VAL D 394 29.75 -9.43 36.40
C VAL D 394 28.78 -10.55 36.75
N ASP D 395 27.90 -10.28 37.72
CA ASP D 395 26.89 -11.26 38.10
C ASP D 395 25.67 -11.17 37.21
N TYR D 396 25.25 -9.95 36.86
CA TYR D 396 24.06 -9.73 36.05
C TYR D 396 24.37 -8.78 34.90
N ILE D 397 23.83 -9.09 33.73
CA ILE D 397 23.83 -8.16 32.59
C ILE D 397 22.37 -7.85 32.27
N VAL D 398 22.02 -6.57 32.32
CA VAL D 398 20.68 -6.10 31.97
C VAL D 398 20.83 -5.04 30.90
N ASP D 399 20.24 -5.29 29.74
CA ASP D 399 20.19 -4.30 28.67
C ASP D 399 18.77 -3.77 28.53
N ILE D 400 18.69 -2.52 28.06
CA ILE D 400 17.42 -1.83 27.87
C ILE D 400 17.49 -1.07 26.55
N ALA D 401 16.47 -1.23 25.70
CA ALA D 401 16.58 -0.77 24.33
C ALA D 401 15.19 -0.65 23.71
N THR D 402 15.03 0.37 22.86
CA THR D 402 13.85 0.49 22.00
C THR D 402 14.07 -0.37 20.75
N LEU D 403 14.00 -1.69 20.96
CA LEU D 403 14.53 -2.62 19.97
C LEU D 403 13.54 -2.96 18.85
N THR D 404 12.32 -3.37 19.19
CA THR D 404 11.39 -3.90 18.18
C THR D 404 10.07 -3.16 18.25
N GLY D 405 9.62 -2.65 17.11
CA GLY D 405 8.30 -2.04 17.01
C GLY D 405 7.16 -2.99 17.30
N ALA D 406 7.42 -4.30 17.21
CA ALA D 406 6.40 -5.29 17.52
C ALA D 406 5.88 -5.18 18.96
N MET D 407 6.64 -4.53 19.85
CA MET D 407 6.19 -4.34 21.22
C MET D 407 4.87 -3.59 21.28
N LEU D 408 4.63 -2.69 20.31
CA LEU D 408 3.36 -1.98 20.25
C LEU D 408 2.18 -2.91 20.02
N TYR D 409 2.42 -4.09 19.43
CA TYR D 409 1.36 -5.05 19.17
C TYR D 409 1.26 -6.14 20.23
N SER D 410 2.25 -6.24 21.12
CA SER D 410 2.26 -7.26 22.16
C SER D 410 1.82 -6.70 23.51
N LEU D 411 2.53 -5.69 24.02
CA LEU D 411 2.21 -5.10 25.31
C LEU D 411 1.76 -3.65 25.24
N GLY D 412 1.97 -2.98 24.11
CA GLY D 412 1.48 -1.63 23.93
C GLY D 412 2.40 -0.53 24.44
N THR D 413 1.81 0.57 24.89
CA THR D 413 2.55 1.76 25.26
C THR D 413 2.75 1.92 26.77
N SER D 414 2.24 0.98 27.57
CA SER D 414 2.30 1.12 29.02
C SER D 414 3.25 0.12 29.68
N TYR D 415 3.35 -1.10 29.17
CA TYR D 415 4.18 -2.14 29.77
C TYR D 415 5.36 -2.43 28.84
N ALA D 416 6.56 -2.44 29.41
CA ALA D 416 7.72 -2.95 28.70
C ALA D 416 7.78 -4.46 28.83
N GLY D 417 8.55 -5.08 27.94
CA GLY D 417 8.75 -6.52 27.97
C GLY D 417 10.17 -6.86 28.40
N VAL D 418 10.29 -7.91 29.20
CA VAL D 418 11.60 -8.40 29.64
C VAL D 418 11.77 -9.84 29.17
N PHE D 419 12.91 -10.11 28.55
CA PHE D 419 13.33 -11.44 28.15
C PHE D 419 14.65 -11.74 28.87
N GLY D 420 14.98 -13.03 29.00
CA GLY D 420 16.21 -13.37 29.68
C GLY D 420 16.50 -14.85 29.64
N ASN D 421 17.71 -15.19 30.08
CA ASN D 421 18.18 -16.56 30.16
C ASN D 421 18.25 -17.09 31.58
N ASN D 422 17.73 -16.34 32.55
CA ASN D 422 17.89 -16.68 33.96
C ASN D 422 16.64 -16.23 34.70
N GLU D 423 15.91 -17.21 35.26
CA GLU D 423 14.63 -16.91 35.91
C GLU D 423 14.81 -16.06 37.16
N GLU D 424 15.90 -16.27 37.91
CA GLU D 424 16.10 -15.49 39.13
C GLU D 424 16.34 -14.02 38.81
N LEU D 425 17.12 -13.74 37.76
CA LEU D 425 17.31 -12.35 37.35
C LEU D 425 16.01 -11.73 36.83
N ILE D 426 15.24 -12.49 36.06
CA ILE D 426 13.97 -11.99 35.54
C ILE D 426 13.03 -11.62 36.68
N ASN D 427 12.95 -12.48 37.70
CA ASN D 427 12.07 -12.20 38.83
C ASN D 427 12.53 -10.97 39.60
N LYS D 428 13.85 -10.72 39.65
CA LYS D 428 14.33 -9.50 40.28
C LYS D 428 13.91 -8.26 39.50
N ILE D 429 13.92 -8.36 38.16
CA ILE D 429 13.43 -7.26 37.33
C ILE D 429 11.94 -7.03 37.56
N LEU D 430 11.17 -8.11 37.66
CA LEU D 430 9.74 -7.97 37.91
C LEU D 430 9.47 -7.36 39.27
N GLN D 431 10.29 -7.70 40.27
CA GLN D 431 10.15 -7.08 41.58
C GLN D 431 10.52 -5.61 41.53
N SER D 432 11.56 -5.26 40.76
CA SER D 432 11.92 -3.86 40.59
C SER D 432 10.82 -3.09 39.88
N SER D 433 10.12 -3.73 38.95
CA SER D 433 8.98 -3.08 38.31
C SER D 433 7.88 -2.77 39.31
N LYS D 434 7.67 -3.67 40.28
CA LYS D 434 6.62 -3.46 41.27
C LYS D 434 6.93 -2.29 42.18
N THR D 435 8.17 -2.18 42.66
CA THR D 435 8.50 -1.13 43.62
C THR D 435 8.80 0.21 42.92
N SER D 436 9.27 0.18 41.69
CA SER D 436 9.47 1.41 40.93
C SER D 436 8.19 1.91 40.28
N ASN D 437 7.18 1.04 40.16
CA ASN D 437 5.92 1.36 39.49
C ASN D 437 6.11 1.70 38.01
N GLU D 438 7.17 1.15 37.41
CA GLU D 438 7.32 1.18 35.96
C GLU D 438 6.97 -0.20 35.44
N PRO D 439 5.83 -0.38 34.77
CA PRO D 439 5.32 -1.74 34.51
C PRO D 439 6.16 -2.48 33.49
N VAL D 440 6.44 -3.75 33.81
CA VAL D 440 7.20 -4.65 32.95
C VAL D 440 6.50 -6.01 32.98
N TRP D 441 6.46 -6.68 31.82
CA TRP D 441 5.86 -8.01 31.73
C TRP D 441 6.86 -8.98 31.13
N TRP D 442 6.93 -10.18 31.71
CA TRP D 442 7.87 -11.21 31.26
C TRP D 442 7.34 -11.89 30.02
N LEU D 443 8.19 -11.96 28.99
CA LEU D 443 7.89 -12.62 27.72
C LEU D 443 8.92 -13.70 27.45
N PRO D 444 8.53 -14.78 26.76
CA PRO D 444 9.43 -15.93 26.62
C PRO D 444 10.41 -15.80 25.46
N ILE D 445 11.57 -16.42 25.65
CA ILE D 445 12.52 -16.66 24.57
C ILE D 445 12.24 -18.06 24.05
N ILE D 446 11.51 -18.14 22.93
CA ILE D 446 11.04 -19.42 22.40
C ILE D 446 12.14 -19.99 21.50
N ASN D 447 12.73 -21.10 21.93
CA ASN D 447 13.89 -21.66 21.24
C ASN D 447 13.53 -22.27 19.90
N GLU D 448 12.26 -22.62 19.67
CA GLU D 448 11.87 -23.17 18.37
C GLU D 448 12.11 -22.18 17.24
N TYR D 449 12.15 -20.88 17.53
CA TYR D 449 12.38 -19.87 16.51
C TYR D 449 13.87 -19.66 16.22
N ARG D 450 14.77 -20.29 16.98
CA ARG D 450 16.20 -20.06 16.80
C ARG D 450 16.67 -20.45 15.41
N ALA D 451 16.05 -21.48 14.82
CA ALA D 451 16.49 -21.97 13.51
C ALA D 451 16.35 -20.91 12.42
N THR D 452 15.47 -19.92 12.60
CA THR D 452 15.30 -18.88 11.60
C THR D 452 16.52 -17.98 11.48
N LEU D 453 17.42 -18.02 12.46
CA LEU D 453 18.64 -17.22 12.44
C LEU D 453 19.84 -17.99 11.88
N ASN D 454 19.62 -19.20 11.36
CA ASN D 454 20.69 -20.01 10.80
C ASN D 454 21.03 -19.47 9.41
N SER D 455 22.13 -18.73 9.32
CA SER D 455 22.56 -18.18 8.05
C SER D 455 23.16 -19.26 7.16
N LYS D 456 22.94 -19.11 5.85
CA LYS D 456 23.53 -20.06 4.90
C LYS D 456 25.03 -19.85 4.77
N TYR D 457 25.52 -18.63 4.98
CA TYR D 457 26.92 -18.33 4.76
C TYR D 457 27.65 -17.87 6.01
N ALA D 458 27.01 -17.08 6.87
CA ALA D 458 27.64 -16.65 8.11
C ALA D 458 27.27 -17.61 9.24
N ASP D 459 27.82 -17.35 10.43
CA ASP D 459 27.46 -18.15 11.59
C ASP D 459 25.99 -17.96 11.95
N ILE D 460 25.48 -16.74 11.80
CA ILE D 460 24.14 -16.41 12.26
C ILE D 460 23.58 -15.27 11.42
N ASN D 461 22.26 -15.27 11.26
CA ASN D 461 21.56 -14.16 10.62
C ASN D 461 21.35 -13.02 11.60
N GLN D 462 21.43 -11.79 11.10
CA GLN D 462 21.05 -10.64 11.91
C GLN D 462 19.55 -10.64 12.16
N ILE D 463 18.74 -10.93 11.14
CA ILE D 463 17.29 -10.88 11.23
C ILE D 463 16.68 -12.15 10.65
N SER D 464 15.43 -12.40 11.01
CA SER D 464 14.61 -13.42 10.37
C SER D 464 13.92 -12.85 9.15
N SER D 465 13.85 -13.65 8.09
CA SER D 465 13.19 -13.21 6.86
C SER D 465 11.69 -13.44 6.88
N SER D 466 11.17 -14.21 7.85
CA SER D 466 9.77 -14.60 7.82
C SER D 466 9.07 -14.56 9.17
N VAL D 467 9.75 -14.82 10.29
CA VAL D 467 9.07 -14.88 11.59
C VAL D 467 8.68 -13.48 12.01
N LYS D 468 7.39 -13.29 12.28
CA LYS D 468 6.88 -11.96 12.65
C LYS D 468 7.05 -11.65 14.13
N ALA D 469 7.34 -12.65 14.96
CA ALA D 469 7.58 -12.44 16.39
C ALA D 469 8.97 -11.81 16.56
N SER D 470 9.07 -10.56 16.14
CA SER D 470 10.37 -9.90 16.04
C SER D 470 11.00 -9.68 17.41
N SER D 471 10.20 -9.40 18.43
CA SER D 471 10.76 -9.17 19.76
C SER D 471 11.43 -10.43 20.31
N ILE D 472 10.90 -11.61 19.98
CA ILE D 472 11.50 -12.85 20.43
C ILE D 472 12.74 -13.19 19.61
N VAL D 473 12.66 -12.99 18.29
CA VAL D 473 13.80 -13.28 17.42
C VAL D 473 14.99 -12.41 17.80
N ALA D 474 14.75 -11.12 18.06
CA ALA D 474 15.82 -10.23 18.48
C ALA D 474 16.45 -10.71 19.79
N SER D 475 15.63 -11.19 20.72
CA SER D 475 16.16 -11.74 21.97
C SER D 475 17.03 -12.97 21.71
N LEU D 476 16.60 -13.83 20.78
CA LEU D 476 17.41 -15.01 20.45
C LEU D 476 18.75 -14.59 19.84
N PHE D 477 18.77 -13.53 19.04
CA PHE D 477 20.02 -13.03 18.49
C PHE D 477 20.92 -12.51 19.60
N LEU D 478 20.38 -11.70 20.50
CA LEU D 478 21.16 -11.15 21.60
C LEU D 478 21.72 -12.25 22.50
N LYS D 479 20.94 -13.31 22.70
CA LYS D 479 21.38 -14.40 23.58
C LYS D 479 22.66 -15.05 23.09
N GLU D 480 22.93 -14.99 21.79
CA GLU D 480 24.15 -15.55 21.22
C GLU D 480 25.41 -14.78 21.61
N PHE D 481 25.28 -13.68 22.33
CA PHE D 481 26.43 -12.87 22.73
C PHE D 481 26.56 -12.79 24.25
N VAL D 482 25.89 -13.70 24.96
CA VAL D 482 26.06 -13.89 26.39
C VAL D 482 26.31 -15.38 26.58
N GLN D 483 27.53 -15.75 26.95
CA GLN D 483 27.91 -17.15 27.01
C GLN D 483 27.47 -17.81 28.32
N ASN D 484 27.83 -17.22 29.46
CA ASN D 484 27.69 -17.92 30.74
C ASN D 484 27.42 -16.91 31.86
N THR D 485 26.54 -15.93 31.60
CA THR D 485 26.18 -14.93 32.59
C THR D 485 24.67 -14.74 32.58
N ALA D 486 24.10 -14.59 33.78
CA ALA D 486 22.68 -14.26 33.89
C ALA D 486 22.42 -12.93 33.19
N TRP D 487 21.47 -12.94 32.25
CA TRP D 487 21.25 -11.79 31.38
C TRP D 487 19.75 -11.59 31.19
N ALA D 488 19.34 -10.31 31.19
CA ALA D 488 17.96 -9.93 30.93
C ALA D 488 17.94 -8.76 29.95
N HIS D 489 16.86 -8.68 29.18
CA HIS D 489 16.74 -7.73 28.08
C HIS D 489 15.38 -7.07 28.15
N ILE D 490 15.37 -5.74 28.29
CA ILE D 490 14.14 -4.97 28.47
C ILE D 490 13.89 -4.20 27.19
N ASP D 491 12.85 -4.60 26.45
CA ASP D 491 12.47 -3.94 25.21
C ASP D 491 11.47 -2.84 25.54
N ILE D 492 11.92 -1.58 25.44
CA ILE D 492 11.11 -0.43 25.81
C ILE D 492 10.64 0.34 24.57
N ALA D 493 10.62 -0.33 23.40
CA ALA D 493 10.27 0.35 22.17
C ALA D 493 8.87 0.94 22.20
N GLY D 494 7.95 0.31 22.92
CA GLY D 494 6.58 0.78 22.95
C GLY D 494 6.30 1.82 24.02
N VAL D 495 7.12 1.87 25.06
CA VAL D 495 6.82 2.67 26.24
C VAL D 495 7.74 3.86 26.40
N SER D 496 8.73 4.04 25.52
CA SER D 496 9.75 5.05 25.76
C SER D 496 9.21 6.47 25.62
N TRP D 497 8.27 6.69 24.70
CA TRP D 497 7.83 8.03 24.34
C TRP D 497 6.36 8.20 24.68
N ASN D 498 6.04 9.35 25.29
CA ASN D 498 4.67 9.70 25.63
C ASN D 498 4.06 10.40 24.41
N PHE D 499 3.33 9.64 23.60
CA PHE D 499 2.81 10.18 22.34
C PHE D 499 1.73 11.23 22.57
N LYS D 500 0.95 11.09 23.65
CA LYS D 500 -0.09 12.07 23.94
C LYS D 500 0.51 13.41 24.36
N ALA D 501 1.54 13.39 25.19
CA ALA D 501 2.17 14.61 25.69
C ALA D 501 3.31 15.09 24.81
N ARG D 502 3.72 14.31 23.81
CA ARG D 502 4.78 14.69 22.86
C ARG D 502 6.10 14.94 23.58
N LYS D 503 6.46 14.05 24.49
CA LYS D 503 7.69 14.17 25.26
C LYS D 503 8.12 12.79 25.73
N PRO D 504 9.37 12.63 26.13
CA PRO D 504 9.81 11.32 26.63
C PRO D 504 9.18 11.01 27.99
N LYS D 505 9.21 9.72 28.33
CA LYS D 505 8.82 9.29 29.67
C LYS D 505 10.00 9.16 30.60
N GLY D 506 11.23 9.06 30.08
CA GLY D 506 12.36 8.67 30.90
C GLY D 506 12.22 7.27 31.44
N PHE D 507 11.57 6.38 30.69
CA PHE D 507 11.26 5.04 31.17
C PHE D 507 12.54 4.26 31.42
N GLY D 508 12.60 3.60 32.58
CA GLY D 508 13.67 2.69 32.92
C GLY D 508 14.59 3.18 34.02
N VAL D 509 14.67 4.50 34.23
CA VAL D 509 15.58 5.04 35.23
C VAL D 509 15.24 4.49 36.62
N ARG D 510 13.98 4.63 37.03
CA ARG D 510 13.59 4.20 38.37
C ARG D 510 13.58 2.67 38.48
N LEU D 511 13.17 1.98 37.41
CA LEU D 511 13.20 0.52 37.40
C LEU D 511 14.62 0.00 37.63
N LEU D 512 15.59 0.53 36.88
CA LEU D 512 16.96 0.04 36.99
C LEU D 512 17.58 0.42 38.33
N THR D 513 17.24 1.60 38.86
CA THR D 513 17.79 2.01 40.14
C THR D 513 17.25 1.14 41.28
N GLU D 514 15.94 0.85 41.26
CA GLU D 514 15.37 -0.05 42.26
C GLU D 514 16.02 -1.43 42.18
N PHE D 515 16.36 -1.88 40.97
CA PHE D 515 17.05 -3.15 40.81
C PHE D 515 18.42 -3.12 41.49
N VAL D 516 19.16 -2.02 41.30
CA VAL D 516 20.49 -1.91 41.90
C VAL D 516 20.42 -1.78 43.42
N LEU D 517 19.47 -0.99 43.93
CA LEU D 517 19.46 -0.71 45.37
C LEU D 517 18.86 -1.86 46.18
N ASN D 518 17.87 -2.55 45.63
CA ASN D 518 17.18 -3.60 46.36
C ASN D 518 17.92 -4.93 46.32
N ASP D 519 18.95 -5.05 45.48
CA ASP D 519 19.79 -6.24 45.48
C ASP D 519 20.78 -6.21 46.64
N VAL E 4 42.22 -0.70 -2.82
CA VAL E 4 40.86 -0.80 -2.32
C VAL E 4 40.71 -0.03 -1.00
N PRO E 5 39.97 1.07 -1.04
CA PRO E 5 39.82 1.89 0.17
C PRO E 5 38.98 1.21 1.23
N GLN E 6 39.10 1.73 2.45
CA GLN E 6 38.41 1.19 3.61
C GLN E 6 37.71 2.32 4.36
N VAL E 7 36.54 2.01 4.91
CA VAL E 7 35.77 2.99 5.67
C VAL E 7 36.07 2.84 7.16
N LEU E 10 39.02 -2.48 9.86
CA LEU E 10 38.76 -3.91 9.79
C LEU E 10 37.95 -4.27 8.54
N ASP E 11 38.03 -3.41 7.53
CA ASP E 11 37.32 -3.66 6.28
C ASP E 11 38.15 -4.59 5.40
N PRO E 12 37.60 -5.72 4.95
CA PRO E 12 38.36 -6.63 4.11
C PRO E 12 38.72 -6.02 2.77
N THR E 13 39.82 -6.49 2.19
CA THR E 13 40.37 -5.93 0.97
C THR E 13 40.41 -6.90 -0.22
N SER E 14 39.92 -8.12 -0.07
CA SER E 14 39.94 -9.06 -1.18
C SER E 14 38.82 -10.07 -1.01
N ILE E 15 38.43 -10.69 -2.12
CA ILE E 15 37.40 -11.73 -2.13
C ILE E 15 38.09 -13.08 -1.93
N PRO E 16 37.82 -13.80 -0.84
CA PRO E 16 38.35 -15.16 -0.69
C PRO E 16 37.72 -16.10 -1.71
N ILE E 17 38.57 -16.84 -2.42
CA ILE E 17 38.12 -17.78 -3.45
C ILE E 17 38.80 -19.12 -3.21
N GLU E 18 38.00 -20.18 -3.11
CA GLU E 18 38.53 -21.54 -3.00
C GLU E 18 38.60 -22.14 -4.40
N TYR E 19 39.82 -22.47 -4.84
CA TYR E 19 40.00 -23.09 -6.15
C TYR E 19 40.07 -24.60 -6.07
N ASN E 20 40.74 -25.14 -5.06
CA ASN E 20 40.88 -26.59 -4.88
C ASN E 20 39.86 -27.06 -3.85
N THR E 21 38.71 -27.52 -4.34
CA THR E 21 37.59 -27.97 -3.53
C THR E 21 37.64 -29.47 -3.33
N PRO E 22 36.94 -30.00 -2.32
CA PRO E 22 36.89 -31.46 -2.14
C PRO E 22 36.35 -32.21 -3.35
N ILE E 23 35.51 -31.56 -4.17
CA ILE E 23 35.00 -32.19 -5.38
C ILE E 23 36.14 -32.61 -6.30
N HIS E 24 37.21 -31.82 -6.34
CA HIS E 24 38.35 -32.15 -7.19
C HIS E 24 39.06 -33.42 -6.75
N ASP E 25 38.86 -33.86 -5.51
CA ASP E 25 39.49 -35.07 -5.00
C ASP E 25 38.66 -36.33 -5.22
N ILE E 26 37.48 -36.21 -5.83
CA ILE E 26 36.64 -37.38 -6.06
C ILE E 26 37.12 -38.09 -7.32
N LYS E 27 37.54 -39.34 -7.16
CA LYS E 27 37.90 -40.17 -8.31
C LYS E 27 36.64 -40.81 -8.89
N VAL E 28 36.43 -40.61 -10.18
CA VAL E 28 35.22 -41.06 -10.86
C VAL E 28 35.57 -42.21 -11.81
N GLN E 29 34.79 -43.29 -11.73
CA GLN E 29 34.93 -44.42 -12.64
C GLN E 29 33.56 -44.77 -13.20
N VAL E 30 33.49 -44.91 -14.53
CA VAL E 30 32.25 -45.30 -15.21
C VAL E 30 32.42 -46.74 -15.68
N TYR E 31 31.49 -47.59 -15.27
CA TYR E 31 31.48 -49.00 -15.67
C TYR E 31 30.24 -49.28 -16.49
N ASP E 32 30.34 -50.28 -17.37
CA ASP E 32 29.19 -50.67 -18.17
C ASP E 32 28.26 -51.54 -17.33
N ILE E 33 26.95 -51.22 -17.37
CA ILE E 33 25.97 -51.92 -16.56
C ILE E 33 25.75 -53.36 -17.00
N LYS E 34 26.09 -53.69 -18.25
CA LYS E 34 25.81 -55.04 -18.76
C LYS E 34 26.58 -56.12 -17.99
N GLY E 35 27.73 -55.77 -17.43
CA GLY E 35 28.52 -56.73 -16.71
C GLY E 35 28.11 -56.99 -15.27
N GLY E 36 27.04 -56.37 -14.81
CA GLY E 36 26.61 -56.50 -13.43
C GLY E 36 27.33 -55.53 -12.51
N CYS E 37 26.68 -55.24 -11.38
CA CYS E 37 27.15 -54.27 -10.43
C CYS E 37 27.78 -54.96 -9.22
N ASN E 38 28.98 -54.54 -8.86
CA ASN E 38 29.59 -55.00 -7.62
C ASN E 38 29.20 -54.07 -6.47
N VAL E 39 28.93 -54.65 -5.32
CA VAL E 39 28.60 -53.90 -4.10
C VAL E 39 29.55 -54.44 -3.03
N GLU E 40 30.38 -53.55 -2.49
CA GLU E 40 31.45 -53.99 -1.59
C GLU E 40 31.75 -52.95 -0.53
N GLU E 41 31.40 -51.69 -0.78
CA GLU E 41 31.70 -50.61 0.14
CA GLU E 41 31.71 -50.61 0.14
C GLU E 41 30.87 -49.39 -0.22
N GLY E 42 30.67 -48.53 0.76
CA GLY E 42 30.00 -47.27 0.54
C GLY E 42 28.49 -47.40 0.35
N LEU E 43 27.95 -46.48 -0.44
CA LEU E 43 26.52 -46.41 -0.72
C LEU E 43 26.29 -46.64 -2.20
N THR E 44 25.38 -47.56 -2.52
CA THR E 44 25.01 -47.86 -3.90
C THR E 44 23.55 -47.49 -4.11
N ILE E 45 23.30 -46.61 -5.07
CA ILE E 45 21.96 -46.08 -5.34
C ILE E 45 21.57 -46.43 -6.76
N PHE E 46 20.38 -47.01 -6.93
CA PHE E 46 19.83 -47.32 -8.24
C PHE E 46 18.84 -46.24 -8.64
N LEU E 47 19.01 -45.69 -9.84
CA LEU E 47 18.06 -44.73 -10.39
C LEU E 47 17.03 -45.51 -11.21
N VAL E 48 15.82 -45.64 -10.67
CA VAL E 48 14.79 -46.49 -11.26
C VAL E 48 13.56 -45.65 -11.54
N ASN E 49 12.84 -46.05 -12.58
CA ASN E 49 11.56 -45.44 -12.93
C ASN E 49 10.54 -46.56 -13.15
N ASN E 50 9.31 -46.15 -13.44
CA ASN E 50 8.24 -47.11 -13.76
C ASN E 50 7.32 -46.45 -14.76
N PRO E 51 7.61 -46.57 -16.06
CA PRO E 51 6.79 -45.87 -17.06
C PRO E 51 5.33 -46.27 -17.05
N GLY E 52 5.00 -47.41 -16.44
CA GLY E 52 3.62 -47.82 -16.33
C GLY E 52 2.87 -47.04 -15.26
N LYS E 53 2.78 -47.61 -14.06
CA LYS E 53 1.99 -47.00 -13.00
C LYS E 53 2.67 -45.75 -12.46
N GLU E 54 1.95 -44.63 -12.50
CA GLU E 54 2.38 -43.45 -11.75
C GLU E 54 2.53 -43.83 -10.28
N ASN E 55 3.68 -43.49 -9.70
CA ASN E 55 4.03 -43.90 -8.34
C ASN E 55 4.05 -45.43 -8.22
N GLY E 56 4.43 -46.10 -9.30
CA GLY E 56 4.48 -47.55 -9.33
C GLY E 56 5.60 -48.10 -8.47
N PRO E 57 5.64 -49.42 -8.31
CA PRO E 57 6.65 -50.02 -7.43
C PRO E 57 8.03 -50.00 -8.04
N VAL E 58 9.02 -50.15 -7.18
CA VAL E 58 10.42 -50.17 -7.57
C VAL E 58 10.81 -51.59 -7.98
N LYS E 59 11.45 -51.72 -9.14
CA LYS E 59 11.95 -53.00 -9.61
C LYS E 59 13.38 -52.82 -10.11
N ILE E 60 14.32 -53.49 -9.45
CA ILE E 60 15.74 -53.42 -9.81
C ILE E 60 16.02 -54.47 -10.87
N SER E 61 16.57 -54.03 -12.00
CA SER E 61 16.87 -54.94 -13.10
C SER E 61 18.29 -55.48 -13.07
N SER E 62 19.23 -54.73 -12.52
CA SER E 62 20.63 -55.13 -12.59
C SER E 62 20.93 -56.28 -11.65
N LYS E 63 21.82 -57.17 -12.08
CA LYS E 63 22.32 -58.24 -11.24
C LYS E 63 23.45 -57.72 -10.37
N VAL E 64 23.42 -58.09 -9.09
CA VAL E 64 24.44 -57.71 -8.12
C VAL E 64 25.20 -58.95 -7.71
N ASN E 65 26.53 -58.86 -7.70
CA ASN E 65 27.39 -60.01 -7.40
C ASN E 65 27.53 -60.19 -5.90
N ASP E 66 26.41 -60.23 -5.18
CA ASP E 66 26.38 -60.45 -3.75
C ASP E 66 25.02 -61.05 -3.40
N LYS E 67 25.03 -62.21 -2.74
CA LYS E 67 23.77 -62.91 -2.48
C LYS E 67 22.90 -62.13 -1.51
N GLN E 68 23.48 -61.60 -0.44
CA GLN E 68 22.69 -60.86 0.55
C GLN E 68 22.10 -59.59 -0.06
N VAL E 69 22.90 -58.84 -0.83
CA VAL E 69 22.36 -57.64 -1.47
C VAL E 69 21.33 -58.03 -2.52
N SER E 70 21.53 -59.18 -3.17
CA SER E 70 20.54 -59.65 -4.15
C SER E 70 19.21 -59.97 -3.48
N GLU E 71 19.26 -60.62 -2.31
CA GLU E 71 18.03 -60.92 -1.58
C GLU E 71 17.28 -59.65 -1.21
N PHE E 72 18.02 -58.58 -0.88
CA PHE E 72 17.38 -57.29 -0.60
C PHE E 72 16.74 -56.71 -1.85
N LEU E 73 17.39 -56.82 -3.00
CA LEU E 73 16.92 -56.22 -4.23
C LEU E 73 15.93 -57.09 -5.00
N LYS E 74 15.43 -58.17 -4.41
CA LYS E 74 14.44 -58.99 -5.08
C LYS E 74 13.13 -58.23 -5.25
N ASP E 75 12.39 -58.59 -6.30
CA ASP E 75 11.14 -57.89 -6.61
C ASP E 75 10.17 -57.93 -5.44
N GLU E 76 10.07 -59.09 -4.78
CA GLU E 76 9.15 -59.24 -3.65
C GLU E 76 9.46 -58.24 -2.54
N ASN E 77 10.74 -57.94 -2.32
CA ASN E 77 11.12 -57.01 -1.27
C ASN E 77 11.03 -55.55 -1.71
N MET E 78 11.24 -55.27 -3.00
CA MET E 78 11.34 -53.90 -3.47
C MET E 78 10.00 -53.24 -3.74
N GLU E 79 8.91 -54.00 -3.84
CA GLU E 79 7.61 -53.38 -4.12
C GLU E 79 7.08 -52.58 -2.94
N LYS E 80 7.69 -52.68 -1.76
CA LYS E 80 7.28 -51.84 -0.64
C LYS E 80 7.62 -50.38 -0.88
N PHE E 81 8.41 -50.07 -1.91
CA PHE E 81 8.80 -48.73 -2.26
C PHE E 81 8.25 -48.38 -3.64
N ASN E 82 8.00 -47.09 -3.85
CA ASN E 82 7.47 -46.60 -5.12
C ASN E 82 8.48 -45.67 -5.77
N VAL E 83 8.20 -45.31 -7.03
CA VAL E 83 9.16 -44.61 -7.87
C VAL E 83 8.82 -43.12 -8.00
N LYS E 84 8.02 -42.58 -7.09
CA LYS E 84 7.68 -41.16 -7.13
C LYS E 84 8.93 -40.31 -7.23
N LEU E 85 8.94 -39.38 -8.20
CA LEU E 85 10.12 -38.58 -8.49
C LEU E 85 10.63 -37.88 -7.24
N GLY E 86 11.87 -38.18 -6.88
CA GLY E 86 12.52 -37.59 -5.73
C GLY E 86 12.46 -38.46 -4.48
N THR E 87 11.54 -39.41 -4.43
CA THR E 87 11.46 -40.31 -3.28
C THR E 87 12.69 -41.22 -3.27
N SER E 88 13.16 -41.56 -2.07
CA SER E 88 14.34 -42.38 -1.94
C SER E 88 14.30 -43.14 -0.63
N LYS E 89 14.96 -44.30 -0.62
CA LYS E 89 15.20 -45.07 0.58
C LYS E 89 16.58 -45.69 0.45
N HIS E 90 17.34 -45.69 1.54
CA HIS E 90 18.60 -46.43 1.57
C HIS E 90 18.69 -47.18 2.90
N PHE E 91 19.20 -48.41 2.82
CA PHE E 91 19.35 -49.28 3.99
C PHE E 91 20.81 -49.67 4.17
N TYR E 92 21.20 -49.89 5.42
CA TYR E 92 22.53 -50.36 5.76
C TYR E 92 22.43 -51.83 6.10
N MET E 93 23.41 -52.60 5.65
CA MET E 93 23.36 -54.05 5.80
C MET E 93 24.78 -54.61 5.68
N PHE E 94 24.90 -55.90 5.95
CA PHE E 94 26.15 -56.61 5.77
C PHE E 94 26.10 -57.36 4.44
N ASN E 95 27.20 -57.30 3.69
CA ASN E 95 27.28 -57.98 2.40
C ASN E 95 27.83 -59.39 2.62
N ASP E 96 28.23 -60.05 1.53
CA ASP E 96 28.70 -61.42 1.65
C ASP E 96 29.99 -61.52 2.46
N ASN E 97 30.78 -60.44 2.50
CA ASN E 97 32.01 -60.42 3.28
C ASN E 97 31.81 -59.78 4.65
N LYS E 98 30.58 -59.73 5.15
CA LYS E 98 30.29 -59.20 6.48
C LYS E 98 30.76 -57.76 6.63
N ASN E 99 30.78 -57.02 5.53
CA ASN E 99 31.19 -55.62 5.53
C ASN E 99 29.94 -54.74 5.43
N SER E 100 29.95 -53.63 6.15
CA SER E 100 28.79 -52.75 6.16
C SER E 100 28.71 -51.98 4.85
N VAL E 101 27.58 -52.10 4.16
CA VAL E 101 27.30 -51.36 2.95
C VAL E 101 25.90 -50.78 3.05
N ALA E 102 25.66 -49.72 2.28
CA ALA E 102 24.37 -49.07 2.21
C ALA E 102 23.86 -49.18 0.78
N VAL E 103 22.61 -49.65 0.62
CA VAL E 103 22.02 -49.83 -0.69
C VAL E 103 20.67 -49.13 -0.70
N GLY E 104 20.30 -48.60 -1.85
CA GLY E 104 19.04 -47.88 -1.95
C GLY E 104 18.71 -47.52 -3.37
N TYR E 105 17.70 -46.66 -3.50
CA TYR E 105 17.22 -46.21 -4.80
C TYR E 105 16.77 -44.75 -4.70
N VAL E 106 16.68 -44.11 -5.86
CA VAL E 106 16.04 -42.81 -6.01
C VAL E 106 14.99 -42.93 -7.09
N GLY E 107 13.76 -42.54 -6.77
CA GLY E 107 12.67 -42.64 -7.73
C GLY E 107 12.83 -41.61 -8.84
N CYS E 108 12.67 -42.06 -10.09
CA CYS E 108 12.78 -41.19 -11.25
C CYS E 108 11.44 -41.02 -11.97
N GLY E 109 10.33 -41.32 -11.30
CA GLY E 109 9.02 -41.05 -11.86
C GLY E 109 8.58 -42.08 -12.87
N SER E 110 7.65 -41.66 -13.72
CA SER E 110 7.05 -42.53 -14.73
C SER E 110 7.25 -42.05 -16.15
N VAL E 111 7.87 -40.89 -16.35
CA VAL E 111 8.21 -40.40 -17.68
C VAL E 111 9.61 -40.87 -18.03
N ALA E 112 9.78 -41.42 -19.23
CA ALA E 112 11.05 -42.01 -19.63
C ALA E 112 12.14 -40.95 -19.80
N ASP E 113 11.79 -39.80 -20.38
CA ASP E 113 12.77 -38.75 -20.67
C ASP E 113 12.68 -37.69 -19.58
N LEU E 114 13.66 -37.69 -18.68
CA LEU E 114 13.71 -36.71 -17.60
C LEU E 114 14.16 -35.36 -18.12
N SER E 115 13.52 -34.31 -17.63
CA SER E 115 13.96 -32.96 -17.94
C SER E 115 15.10 -32.55 -17.00
N GLU E 116 15.70 -31.40 -17.28
CA GLU E 116 16.73 -30.88 -16.39
C GLU E 116 16.16 -30.64 -15.00
N ALA E 117 14.89 -30.21 -14.91
CA ALA E 117 14.25 -30.01 -13.63
C ALA E 117 14.05 -31.34 -12.91
N ASP E 118 13.69 -32.39 -13.64
CA ASP E 118 13.55 -33.71 -13.04
C ASP E 118 14.90 -34.21 -12.53
N MET E 119 15.94 -34.08 -13.36
CA MET E 119 17.28 -34.50 -12.96
C MET E 119 17.74 -33.76 -11.71
N LYS E 120 17.41 -32.47 -11.60
CA LYS E 120 17.75 -31.70 -10.40
C LYS E 120 17.11 -32.33 -9.16
N ARG E 121 15.83 -32.73 -9.27
CA ARG E 121 15.16 -33.34 -8.13
C ARG E 121 15.81 -34.67 -7.75
N VAL E 122 16.25 -35.44 -8.76
CA VAL E 122 16.94 -36.69 -8.49
C VAL E 122 18.27 -36.42 -7.80
N VAL E 123 19.02 -35.44 -8.29
CA VAL E 123 20.31 -35.11 -7.70
C VAL E 123 20.15 -34.63 -6.27
N LEU E 124 19.12 -33.82 -6.01
CA LEU E 124 18.91 -33.30 -4.66
C LEU E 124 18.65 -34.42 -3.66
N SER E 125 17.94 -35.47 -4.08
CA SER E 125 17.75 -36.63 -3.21
C SER E 125 19.08 -37.32 -2.92
N LEU E 126 19.94 -37.43 -3.94
CA LEU E 126 21.26 -38.03 -3.73
C LEU E 126 22.09 -37.20 -2.76
N VAL E 127 22.11 -35.88 -2.95
CA VAL E 127 22.91 -35.00 -2.10
C VAL E 127 22.42 -35.05 -0.66
N THR E 128 21.11 -35.18 -0.46
CA THR E 128 20.58 -35.29 0.90
C THR E 128 21.15 -36.51 1.63
N MET E 129 21.25 -37.64 0.93
CA MET E 129 21.87 -38.81 1.52
C MET E 129 23.37 -38.62 1.71
N LEU E 130 24.01 -37.87 0.83
CA LEU E 130 25.44 -37.65 0.95
C LEU E 130 25.76 -36.76 2.14
N HIS E 131 24.93 -35.75 2.40
CA HIS E 131 25.14 -34.86 3.53
C HIS E 131 24.80 -35.52 4.86
N ASP E 132 24.07 -36.64 4.87
CA ASP E 132 23.66 -37.28 6.11
C ASP E 132 24.22 -38.70 6.24
N ASN E 133 25.32 -38.98 5.56
CA ASN E 133 25.96 -40.30 5.65
C ASN E 133 27.46 -40.15 5.49
N LYS E 134 28.22 -40.75 6.40
CA LYS E 134 29.68 -40.68 6.36
C LYS E 134 30.14 -41.83 5.48
N LEU E 135 30.39 -41.55 4.21
CA LEU E 135 30.75 -42.55 3.23
C LEU E 135 32.06 -42.22 2.55
N SER E 136 32.80 -43.27 2.19
CA SER E 136 34.01 -43.12 1.40
C SER E 136 33.75 -43.26 -0.10
N LYS E 137 32.65 -43.88 -0.49
CA LYS E 137 32.35 -44.11 -1.90
C LYS E 137 30.85 -44.05 -2.13
N LEU E 138 30.47 -43.46 -3.26
CA LEU E 138 29.10 -43.50 -3.77
C LEU E 138 29.10 -44.18 -5.13
N THR E 139 28.16 -45.10 -5.34
CA THR E 139 27.96 -45.76 -6.62
C THR E 139 26.54 -45.52 -7.09
N VAL E 140 26.40 -45.03 -8.31
CA VAL E 140 25.10 -44.70 -8.91
C VAL E 140 24.88 -45.62 -10.11
N VAL E 141 23.78 -46.37 -10.09
CA VAL E 141 23.46 -47.32 -11.16
C VAL E 141 22.30 -46.75 -11.96
N PHE E 142 22.54 -46.49 -13.24
CA PHE E 142 21.56 -45.87 -14.13
C PHE E 142 20.69 -46.94 -14.76
N GLU E 143 19.51 -47.17 -14.18
CA GLU E 143 18.48 -47.98 -14.82
C GLU E 143 17.43 -47.10 -15.49
N ILE E 144 17.84 -45.89 -15.88
CA ILE E 144 17.05 -44.96 -16.68
C ILE E 144 17.91 -44.57 -17.88
N ASN E 145 17.27 -43.95 -18.87
CA ASN E 145 17.95 -43.56 -20.10
C ASN E 145 18.24 -42.07 -20.09
N VAL E 146 19.51 -41.72 -20.28
CA VAL E 146 19.95 -40.32 -20.37
C VAL E 146 21.00 -40.23 -21.47
N ASP E 147 20.97 -39.13 -22.23
CA ASP E 147 21.99 -38.94 -23.24
C ASP E 147 23.26 -38.36 -22.60
N LYS E 148 24.27 -38.11 -23.44
CA LYS E 148 25.58 -37.69 -22.93
C LYS E 148 25.51 -36.32 -22.26
N ASN E 149 24.73 -35.40 -22.83
CA ASN E 149 24.64 -34.06 -22.25
C ASN E 149 23.92 -34.09 -20.90
N LEU E 150 22.85 -34.89 -20.80
CA LEU E 150 22.13 -34.99 -19.53
C LEU E 150 22.96 -35.72 -18.48
N PHE E 151 23.78 -36.69 -18.89
CA PHE E 151 24.67 -37.35 -17.96
C PHE E 151 25.70 -36.38 -17.40
N ARG E 152 26.30 -35.56 -18.26
CA ARG E 152 27.21 -34.52 -17.78
C ARG E 152 26.49 -33.55 -16.85
N PHE E 153 25.27 -33.16 -17.21
CA PHE E 153 24.48 -32.29 -16.34
C PHE E 153 24.24 -32.95 -14.99
N PHE E 154 24.03 -34.26 -14.97
CA PHE E 154 23.87 -34.99 -13.71
C PHE E 154 25.12 -34.82 -12.85
N LEU E 155 26.30 -35.03 -13.43
CA LEU E 155 27.54 -34.93 -12.66
C LEU E 155 27.79 -33.49 -12.20
N GLU E 156 27.64 -32.52 -13.10
CA GLU E 156 27.82 -31.12 -12.74
C GLU E 156 26.92 -30.73 -11.57
N THR E 157 25.64 -31.08 -11.66
CA THR E 157 24.69 -30.70 -10.62
C THR E 157 24.99 -31.44 -9.32
N LEU E 158 25.35 -32.72 -9.41
CA LEU E 158 25.77 -33.45 -8.22
C LEU E 158 26.95 -32.78 -7.55
N PHE E 159 27.98 -32.45 -8.33
CA PHE E 159 29.16 -31.78 -7.78
C PHE E 159 28.81 -30.44 -7.16
N TYR E 160 28.01 -29.63 -7.87
CA TYR E 160 27.72 -28.27 -7.40
C TYR E 160 26.89 -28.28 -6.14
N GLU E 161 25.82 -29.07 -6.11
CA GLU E 161 24.95 -29.10 -4.94
C GLU E 161 25.64 -29.76 -3.75
N TYR E 162 26.56 -30.69 -4.02
CA TYR E 162 27.32 -31.35 -2.95
C TYR E 162 28.25 -30.36 -2.25
N MET E 163 28.85 -29.45 -3.02
CA MET E 163 29.82 -28.51 -2.48
C MET E 163 29.14 -27.53 -1.53
N THR E 164 29.77 -27.29 -0.38
CA THR E 164 29.25 -26.37 0.62
C THR E 164 30.22 -25.22 0.81
N ASP E 165 29.72 -23.99 0.66
CA ASP E 165 30.54 -22.79 0.77
C ASP E 165 30.65 -22.40 2.23
N GLU E 166 31.85 -22.55 2.80
CA GLU E 166 32.08 -22.26 4.22
C GLU E 166 33.06 -21.11 4.43
N ARG E 167 33.24 -20.25 3.42
CA ARG E 167 34.23 -19.18 3.52
C ARG E 167 33.96 -18.23 4.69
N PHE E 168 32.71 -18.08 5.13
CA PHE E 168 32.36 -16.99 6.05
C PHE E 168 31.85 -17.42 7.42
N LYS E 169 31.92 -18.69 7.74
CA LYS E 169 31.82 -19.17 9.11
C LYS E 169 33.21 -19.31 9.70
N SER E 170 33.42 -18.81 10.92
CA SER E 170 34.57 -19.26 11.71
C SER E 170 34.14 -20.18 12.85
N THR E 171 33.01 -19.91 13.48
CA THR E 171 32.62 -20.75 14.62
C THR E 171 31.50 -21.74 14.30
N ASP E 172 30.87 -21.60 13.14
CA ASP E 172 29.85 -22.54 12.68
C ASP E 172 30.39 -23.40 11.56
N LYS E 173 31.63 -23.87 11.68
CA LYS E 173 32.26 -24.67 10.65
C LYS E 173 31.81 -26.13 10.72
N GLU E 178 33.98 -36.69 5.60
CA GLU E 178 33.01 -35.66 5.24
C GLU E 178 32.56 -35.81 3.78
N TYR E 179 33.52 -35.80 2.87
CA TYR E 179 33.26 -35.90 1.44
C TYR E 179 33.74 -37.25 0.94
N ILE E 180 32.95 -37.87 0.06
CA ILE E 180 33.37 -39.13 -0.55
C ILE E 180 34.64 -38.89 -1.37
N LYS E 181 35.45 -39.95 -1.49
CA LYS E 181 36.66 -39.90 -2.30
C LYS E 181 36.51 -40.67 -3.61
N HIS E 182 35.42 -41.40 -3.79
CA HIS E 182 35.22 -42.21 -4.99
C HIS E 182 33.78 -42.14 -5.43
N LEU E 183 33.58 -42.05 -6.75
CA LEU E 183 32.25 -42.07 -7.34
C LEU E 183 32.23 -43.10 -8.46
N GLY E 184 31.40 -44.13 -8.32
CA GLY E 184 31.22 -45.13 -9.34
C GLY E 184 29.89 -44.93 -10.06
N VAL E 185 29.90 -45.16 -11.37
CA VAL E 185 28.72 -44.99 -12.21
C VAL E 185 28.58 -46.22 -13.09
N TYR E 186 27.42 -46.88 -13.00
CA TYR E 186 27.08 -48.00 -13.88
C TYR E 186 26.02 -47.54 -14.86
N ILE E 187 26.34 -47.59 -16.16
CA ILE E 187 25.44 -47.10 -17.19
C ILE E 187 25.68 -47.89 -18.47
N ASN E 188 24.63 -48.02 -19.29
CA ASN E 188 24.75 -48.68 -20.58
C ASN E 188 25.58 -47.82 -21.53
N ASN E 189 26.41 -48.48 -22.35
CA ASN E 189 27.33 -47.80 -23.27
C ASN E 189 28.25 -46.85 -22.50
N ALA E 190 28.87 -47.38 -21.44
CA ALA E 190 29.63 -46.53 -20.52
C ALA E 190 30.80 -45.86 -21.21
N ASP E 191 31.35 -46.48 -22.25
CA ASP E 191 32.51 -45.89 -22.94
C ASP E 191 32.17 -44.54 -23.57
N THR E 192 30.93 -44.36 -24.00
CA THR E 192 30.52 -43.11 -24.63
C THR E 192 30.32 -41.98 -23.63
N TYR E 193 30.30 -42.27 -22.33
CA TYR E 193 30.07 -41.26 -21.31
C TYR E 193 31.32 -40.83 -20.57
N LYS E 194 32.42 -41.58 -20.70
CA LYS E 194 33.63 -41.29 -19.94
C LYS E 194 34.16 -39.89 -20.23
N GLU E 195 34.12 -39.47 -21.50
CA GLU E 195 34.62 -38.14 -21.85
C GLU E 195 33.86 -37.01 -21.16
N GLU E 196 32.64 -37.28 -20.67
CA GLU E 196 31.84 -36.25 -20.02
C GLU E 196 32.28 -35.99 -18.58
N VAL E 197 33.07 -36.89 -17.99
CA VAL E 197 33.39 -36.79 -16.56
C VAL E 197 34.20 -35.53 -16.28
N GLU E 198 35.35 -35.38 -16.95
CA GLU E 198 36.21 -34.25 -16.67
C GLU E 198 35.64 -32.94 -17.20
N LYS E 199 34.84 -33.01 -18.27
CA LYS E 199 34.13 -31.81 -18.71
C LYS E 199 33.13 -31.36 -17.66
N ALA E 200 32.45 -32.31 -17.02
CA ALA E 200 31.54 -31.97 -15.93
C ALA E 200 32.28 -31.32 -14.76
N ARG E 201 33.49 -31.80 -14.46
CA ARG E 201 34.27 -31.21 -13.37
C ARG E 201 34.67 -29.78 -13.68
N VAL E 202 35.01 -29.49 -14.95
CA VAL E 202 35.33 -28.12 -15.34
C VAL E 202 34.07 -27.25 -15.27
N TYR E 203 32.97 -27.75 -15.81
CA TYR E 203 31.72 -27.00 -15.78
C TYR E 203 31.24 -26.77 -14.35
N TYR E 204 31.47 -27.76 -13.47
CA TYR E 204 31.09 -27.59 -12.07
C TYR E 204 31.80 -26.40 -11.45
N PHE E 205 33.11 -26.31 -11.60
CA PHE E 205 33.84 -25.26 -10.89
C PHE E 205 33.57 -23.89 -11.48
N GLY E 206 33.45 -23.82 -12.81
CA GLY E 206 33.02 -22.57 -13.41
C GLY E 206 31.71 -22.08 -12.83
N THR E 207 30.77 -23.00 -12.61
CA THR E 207 29.52 -22.65 -11.96
C THR E 207 29.73 -22.31 -10.49
N TYR E 208 30.55 -23.08 -9.79
CA TYR E 208 30.81 -22.79 -8.39
C TYR E 208 31.64 -21.54 -8.20
N TYR E 209 32.53 -21.24 -9.16
CA TYR E 209 33.28 -19.99 -9.10
C TYR E 209 32.36 -18.78 -9.21
N ALA E 210 31.42 -18.82 -10.17
CA ALA E 210 30.41 -17.78 -10.25
C ALA E 210 29.61 -17.67 -8.97
N SER E 211 29.25 -18.83 -8.38
CA SER E 211 28.52 -18.81 -7.12
C SER E 211 29.31 -18.16 -6.00
N GLN E 212 30.62 -18.43 -5.96
CA GLN E 212 31.46 -17.82 -4.92
C GLN E 212 31.50 -16.30 -5.07
N LEU E 213 31.48 -15.80 -6.30
CA LEU E 213 31.48 -14.36 -6.51
C LEU E 213 30.13 -13.75 -6.15
N ILE E 214 29.04 -14.42 -6.53
CA ILE E 214 27.71 -13.88 -6.24
C ILE E 214 27.43 -13.88 -4.75
N ALA E 215 27.83 -14.96 -4.06
CA ALA E 215 27.60 -15.07 -2.63
C ALA E 215 28.57 -14.24 -1.80
N ALA E 216 29.58 -13.64 -2.43
CA ALA E 216 30.53 -12.81 -1.69
C ALA E 216 29.81 -11.58 -1.14
N PRO E 217 29.94 -11.29 0.14
CA PRO E 217 29.23 -10.14 0.73
C PRO E 217 29.72 -8.81 0.15
N SER E 218 28.86 -7.80 0.29
CA SER E 218 29.13 -6.50 -0.31
C SER E 218 30.29 -5.78 0.35
N ASN E 219 30.66 -6.13 1.58
CA ASN E 219 31.83 -5.55 2.22
C ASN E 219 33.12 -6.28 1.85
N TYR E 220 33.01 -7.39 1.12
CA TYR E 220 34.14 -8.06 0.49
C TYR E 220 34.23 -7.79 -1.00
N CYS E 221 33.08 -7.76 -1.68
CA CYS E 221 33.01 -7.60 -3.13
C CYS E 221 32.75 -6.14 -3.48
N ASN E 222 33.67 -5.56 -4.23
CA ASN E 222 33.53 -4.19 -4.71
C ASN E 222 34.26 -4.11 -6.05
N PRO E 223 34.10 -3.00 -6.79
CA PRO E 223 34.75 -2.93 -8.11
C PRO E 223 36.24 -3.18 -8.10
N VAL E 224 36.95 -2.79 -7.04
CA VAL E 224 38.39 -3.02 -6.99
C VAL E 224 38.69 -4.49 -6.70
N SER E 225 38.05 -5.05 -5.67
CA SER E 225 38.32 -6.44 -5.31
C SER E 225 37.82 -7.41 -6.37
N LEU E 226 36.73 -7.06 -7.06
CA LEU E 226 36.22 -7.95 -8.11
C LEU E 226 37.13 -7.96 -9.33
N SER E 227 37.59 -6.79 -9.75
CA SER E 227 38.54 -6.73 -10.87
C SER E 227 39.87 -7.36 -10.50
N ASN E 228 40.27 -7.26 -9.22
CA ASN E 228 41.46 -7.96 -8.76
C ASN E 228 41.29 -9.48 -8.89
N ALA E 229 40.12 -9.99 -8.53
CA ALA E 229 39.86 -11.42 -8.67
C ALA E 229 39.89 -11.84 -10.13
N ALA E 230 39.36 -10.99 -11.02
CA ALA E 230 39.40 -11.30 -12.44
C ALA E 230 40.83 -11.36 -12.96
N VAL E 231 41.71 -10.51 -12.46
CA VAL E 231 43.11 -10.53 -12.87
C VAL E 231 43.79 -11.82 -12.42
N GLU E 232 43.60 -12.19 -11.15
CA GLU E 232 44.10 -13.47 -10.66
C GLU E 232 43.65 -14.62 -11.54
N LEU E 233 42.36 -14.66 -11.88
CA LEU E 233 41.84 -15.74 -12.72
C LEU E 233 42.54 -15.75 -14.08
N ALA E 234 42.72 -14.57 -14.68
CA ALA E 234 43.39 -14.50 -15.98
C ALA E 234 44.84 -14.94 -15.87
N GLN E 235 45.52 -14.58 -14.78
CA GLN E 235 46.91 -15.00 -14.60
C GLN E 235 47.01 -16.50 -14.38
N LYS E 236 46.07 -17.08 -13.62
CA LYS E 236 46.08 -18.52 -13.41
C LYS E 236 45.87 -19.30 -14.70
N LEU E 237 45.12 -18.73 -15.65
CA LEU E 237 44.76 -19.44 -16.88
C LEU E 237 45.47 -18.87 -18.10
N ASN E 238 46.45 -17.98 -17.91
CA ASN E 238 47.22 -17.40 -19.01
C ASN E 238 46.34 -16.69 -20.02
N LEU E 239 45.31 -16.01 -19.52
CA LEU E 239 44.49 -15.15 -20.36
C LEU E 239 45.05 -13.73 -20.36
N GLU E 240 44.90 -13.05 -21.49
CA GLU E 240 45.18 -11.62 -21.52
C GLU E 240 44.14 -10.87 -20.72
N TYR E 241 44.56 -9.77 -20.08
CA TYR E 241 43.64 -9.02 -19.24
C TYR E 241 44.01 -7.55 -19.26
N LYS E 242 42.99 -6.71 -19.13
CA LYS E 242 43.16 -5.28 -18.99
C LYS E 242 42.04 -4.75 -18.10
N ILE E 243 42.40 -3.94 -17.11
CA ILE E 243 41.43 -3.31 -16.21
C ILE E 243 41.47 -1.82 -16.48
N LEU E 244 40.35 -1.27 -16.94
CA LEU E 244 40.25 0.14 -17.29
C LEU E 244 39.82 0.94 -16.08
N GLY E 245 40.58 1.99 -15.76
CA GLY E 245 40.26 2.87 -14.67
C GLY E 245 39.48 4.09 -15.12
N VAL E 246 39.14 4.94 -14.14
CA VAL E 246 38.26 6.08 -14.40
C VAL E 246 38.84 6.99 -15.48
N LYS E 247 40.14 7.22 -15.43
CA LYS E 247 40.77 8.12 -16.41
C LYS E 247 40.60 7.61 -17.84
N GLU E 248 40.83 6.32 -18.05
CA GLU E 248 40.63 5.76 -19.39
C GLU E 248 39.15 5.74 -19.76
N LEU E 249 38.27 5.49 -18.79
CA LEU E 249 36.85 5.49 -19.07
C LEU E 249 36.37 6.89 -19.46
N GLU E 250 36.94 7.92 -18.85
CA GLU E 250 36.62 9.29 -19.25
C GLU E 250 37.10 9.58 -20.66
N GLU E 251 38.29 9.09 -21.02
CA GLU E 251 38.78 9.28 -22.39
C GLU E 251 37.87 8.60 -23.39
N LEU E 252 37.32 7.45 -23.04
CA LEU E 252 36.35 6.76 -23.88
C LEU E 252 34.95 7.34 -23.76
N LYS E 253 34.75 8.32 -22.87
CA LYS E 253 33.49 9.06 -22.75
C LYS E 253 32.34 8.15 -22.34
N MET E 254 32.61 7.23 -21.42
CA MET E 254 31.58 6.29 -20.93
C MET E 254 30.72 6.99 -19.88
N GLY E 255 29.98 8.01 -20.33
CA GLY E 255 29.26 8.86 -19.41
C GLY E 255 28.13 8.17 -18.69
N ALA E 256 27.49 7.18 -19.34
CA ALA E 256 26.40 6.46 -18.68
C ALA E 256 26.95 5.53 -17.60
N TYR E 257 28.01 4.79 -17.92
CA TYR E 257 28.64 3.91 -16.94
C TYR E 257 29.28 4.71 -15.81
N LEU E 258 29.94 5.82 -16.13
CA LEU E 258 30.59 6.63 -15.10
C LEU E 258 29.57 7.28 -14.17
N SER E 259 28.41 7.66 -14.71
CA SER E 259 27.40 8.32 -13.90
C SER E 259 26.90 7.42 -12.78
N VAL E 260 26.69 6.13 -13.07
CA VAL E 260 26.18 5.21 -12.06
C VAL E 260 27.15 5.10 -10.88
N GLY E 261 28.44 5.03 -11.17
CA GLY E 261 29.46 4.91 -10.15
C GLY E 261 29.96 6.20 -9.56
N LYS E 262 29.36 7.34 -9.94
CA LYS E 262 29.84 8.65 -9.50
C LYS E 262 29.85 8.76 -7.98
N GLY E 263 28.79 8.32 -7.31
CA GLY E 263 28.66 8.48 -5.88
C GLY E 263 29.30 7.42 -5.03
N SER E 264 30.01 6.47 -5.62
CA SER E 264 30.58 5.36 -4.86
C SER E 264 31.90 5.77 -4.20
N MET E 265 32.25 5.04 -3.14
CA MET E 265 33.57 5.16 -2.54
C MET E 265 34.60 4.31 -3.27
N TYR E 266 34.17 3.27 -3.99
CA TYR E 266 35.08 2.49 -4.82
C TYR E 266 34.93 2.91 -6.27
N PRO E 267 36.02 3.26 -6.95
CA PRO E 267 35.91 3.73 -8.33
C PRO E 267 35.53 2.62 -9.31
N ASN E 268 34.96 3.04 -10.44
CA ASN E 268 34.62 2.11 -11.51
C ASN E 268 35.86 1.37 -11.99
N LYS E 269 35.66 0.09 -12.32
CA LYS E 269 36.71 -0.73 -12.92
C LYS E 269 36.09 -1.56 -14.03
N PHE E 270 36.60 -1.40 -15.25
CA PHE E 270 36.10 -2.13 -16.41
C PHE E 270 36.98 -3.36 -16.64
N ILE E 271 36.38 -4.54 -16.55
CA ILE E 271 37.10 -5.81 -16.70
C ILE E 271 37.11 -6.19 -18.18
N HIS E 272 38.29 -6.56 -18.68
CA HIS E 272 38.44 -7.01 -20.07
C HIS E 272 39.44 -8.17 -20.06
N LEU E 273 38.93 -9.40 -20.09
CA LEU E 273 39.74 -10.60 -20.25
C LEU E 273 39.60 -11.10 -21.68
N THR E 274 40.66 -11.75 -22.18
CA THR E 274 40.64 -12.26 -23.55
C THR E 274 41.26 -13.64 -23.60
N TYR E 275 40.53 -14.59 -24.18
CA TYR E 275 41.08 -15.88 -24.58
C TYR E 275 41.23 -15.89 -26.09
N LYS E 276 42.41 -16.28 -26.56
CA LYS E 276 42.70 -16.36 -27.99
C LYS E 276 43.28 -17.73 -28.30
N SER E 277 42.67 -18.44 -29.25
CA SER E 277 43.18 -19.73 -29.67
C SER E 277 44.55 -19.57 -30.33
N LYS E 278 45.32 -20.66 -30.32
CA LYS E 278 46.66 -20.62 -30.91
C LYS E 278 46.61 -20.63 -32.43
N GLY E 279 45.75 -21.47 -33.01
CA GLY E 279 45.63 -21.60 -34.45
C GLY E 279 44.91 -20.44 -35.10
N ASP E 280 44.18 -20.75 -36.17
CA ASP E 280 43.38 -19.73 -36.85
C ASP E 280 42.27 -19.26 -35.93
N VAL E 281 41.99 -17.97 -35.94
CA VAL E 281 40.84 -17.42 -35.24
C VAL E 281 39.73 -17.25 -36.27
N LYS E 282 38.68 -18.05 -36.14
CA LYS E 282 37.58 -18.02 -37.10
C LYS E 282 36.32 -17.32 -36.58
N LYS E 283 36.21 -17.13 -35.27
CA LYS E 283 35.03 -16.51 -34.67
C LYS E 283 35.47 -15.63 -33.51
N LYS E 284 34.97 -14.40 -33.49
CA LYS E 284 35.24 -13.45 -32.41
C LYS E 284 33.96 -13.16 -31.66
N ILE E 285 34.00 -13.30 -30.33
CA ILE E 285 32.82 -13.19 -29.49
C ILE E 285 33.14 -12.28 -28.31
N ALA E 286 32.20 -11.39 -27.98
CA ALA E 286 32.28 -10.56 -26.79
C ALA E 286 31.16 -10.97 -25.85
N LEU E 287 31.51 -11.38 -24.64
CA LEU E 287 30.54 -11.72 -23.60
C LEU E 287 30.55 -10.60 -22.57
N VAL E 288 29.38 -10.01 -22.34
CA VAL E 288 29.25 -8.84 -21.47
C VAL E 288 28.39 -9.23 -20.28
N GLY E 289 28.92 -9.00 -19.08
CA GLY E 289 28.17 -9.31 -17.88
C GLY E 289 27.89 -8.08 -17.04
N LYS E 290 26.65 -7.94 -16.58
CA LYS E 290 26.30 -6.86 -15.67
C LYS E 290 27.04 -7.04 -14.35
N GLY E 291 27.71 -5.99 -13.89
CA GLY E 291 28.53 -6.10 -12.70
C GLY E 291 28.35 -4.96 -11.72
N ILE E 292 27.18 -4.90 -11.08
CA ILE E 292 26.92 -3.94 -10.02
C ILE E 292 27.17 -4.67 -8.70
N THR E 293 28.29 -4.36 -8.04
CA THR E 293 28.65 -5.08 -6.83
C THR E 293 27.72 -4.75 -5.67
N PHE E 294 27.15 -3.55 -5.65
CA PHE E 294 26.05 -3.26 -4.75
C PHE E 294 25.17 -2.19 -5.38
N ASP E 295 23.87 -2.43 -5.40
CA ASP E 295 22.89 -1.52 -6.00
C ASP E 295 21.97 -1.01 -4.89
N SER E 296 22.25 0.19 -4.40
CA SER E 296 21.39 0.83 -3.41
C SER E 296 20.12 1.40 -4.01
N GLY E 297 20.04 1.52 -5.33
CA GLY E 297 18.97 2.21 -6.00
C GLY E 297 19.24 3.67 -6.27
N GLY E 298 20.23 4.26 -5.59
CA GLY E 298 20.56 5.66 -5.82
C GLY E 298 19.46 6.59 -5.34
N TYR E 299 19.40 7.77 -5.97
CA TYR E 299 18.42 8.78 -5.62
C TYR E 299 17.05 8.46 -6.25
N ASN E 300 16.49 7.33 -5.80
CA ASN E 300 15.12 6.96 -6.15
C ASN E 300 14.30 6.88 -4.88
N LEU E 301 14.39 7.92 -4.05
CA LEU E 301 13.81 7.90 -2.71
C LEU E 301 12.33 8.27 -2.68
N LYS E 302 11.78 8.80 -3.78
CA LYS E 302 10.36 9.15 -3.85
C LYS E 302 9.75 8.51 -5.09
N ALA E 303 9.81 7.19 -5.14
CA ALA E 303 9.27 6.43 -6.27
C ALA E 303 7.75 6.38 -6.22
N SER E 307 5.02 2.71 -10.96
CA SER E 307 6.46 2.88 -10.92
C SER E 307 7.17 1.52 -10.83
N MET E 308 8.18 1.33 -11.67
CA MET E 308 8.92 0.07 -11.68
C MET E 308 9.62 -0.14 -10.34
N ILE E 309 9.47 -1.34 -9.79
CA ILE E 309 10.13 -1.71 -8.54
C ILE E 309 11.33 -2.58 -8.88
N ASP E 310 12.45 -2.34 -8.18
CA ASP E 310 13.64 -3.16 -8.28
C ASP E 310 13.90 -3.67 -6.86
N LEU E 311 13.62 -4.94 -6.63
CA LEU E 311 13.76 -5.48 -5.28
C LEU E 311 14.88 -6.49 -5.09
N MET E 312 15.55 -6.96 -6.13
CA MET E 312 16.49 -8.05 -5.95
C MET E 312 17.95 -7.65 -6.23
N LYS E 313 18.80 -8.13 -5.33
CA LYS E 313 20.13 -7.63 -5.01
C LYS E 313 21.28 -8.43 -5.61
N PHE E 314 21.03 -9.30 -6.59
CA PHE E 314 22.10 -10.13 -7.14
C PHE E 314 22.51 -9.54 -8.48
N ASP E 315 23.12 -8.36 -8.38
CA ASP E 315 23.28 -7.44 -9.49
C ASP E 315 24.64 -7.55 -10.18
N MET E 316 25.46 -8.51 -9.81
CA MET E 316 26.66 -8.85 -10.58
C MET E 316 26.65 -10.32 -10.98
N SER E 317 25.46 -10.93 -11.06
CA SER E 317 25.37 -12.32 -11.48
C SER E 317 25.80 -12.51 -12.92
N GLY E 318 25.57 -11.50 -13.77
CA GLY E 318 26.03 -11.61 -15.16
C GLY E 318 27.54 -11.59 -15.26
N CYS E 319 28.18 -10.66 -14.55
CA CYS E 319 29.64 -10.65 -14.50
C CYS E 319 30.19 -11.97 -13.96
N ALA E 320 29.56 -12.52 -12.92
CA ALA E 320 30.02 -13.79 -12.37
C ALA E 320 29.89 -14.92 -13.38
N ALA E 321 28.78 -14.94 -14.13
CA ALA E 321 28.61 -15.96 -15.15
C ALA E 321 29.64 -15.82 -16.26
N VAL E 322 29.98 -14.58 -16.62
CA VAL E 322 30.99 -14.35 -17.65
C VAL E 322 32.37 -14.79 -17.17
N LEU E 323 32.70 -14.48 -15.91
CA LEU E 323 33.99 -14.89 -15.37
C LEU E 323 34.04 -16.40 -15.16
N GLY E 324 32.93 -17.00 -14.74
CA GLY E 324 32.89 -18.45 -14.65
C GLY E 324 33.05 -19.12 -16.00
N CYS E 325 32.49 -18.50 -17.05
CA CYS E 325 32.73 -18.99 -18.40
C CYS E 325 34.20 -18.85 -18.79
N ALA E 326 34.84 -17.77 -18.35
CA ALA E 326 36.26 -17.58 -18.63
C ALA E 326 37.09 -18.70 -18.01
N TYR E 327 36.69 -19.19 -16.83
CA TYR E 327 37.39 -20.33 -16.25
C TYR E 327 37.28 -21.55 -17.15
N CYS E 328 36.05 -21.89 -17.56
CA CYS E 328 35.85 -23.07 -18.39
C CYS E 328 36.57 -22.95 -19.71
N VAL E 329 36.46 -21.80 -20.37
CA VAL E 329 37.11 -21.60 -21.66
C VAL E 329 38.63 -21.62 -21.51
N GLY E 330 39.14 -20.92 -20.50
CA GLY E 330 40.57 -20.92 -20.26
C GLY E 330 41.13 -22.27 -19.88
N THR E 331 40.27 -23.13 -19.29
CA THR E 331 40.72 -24.47 -18.93
C THR E 331 40.61 -25.42 -20.10
N LEU E 332 39.48 -25.41 -20.82
CA LEU E 332 39.27 -26.34 -21.91
C LEU E 332 40.06 -25.94 -23.16
N LYS E 333 40.33 -24.64 -23.32
CA LYS E 333 41.14 -24.10 -24.41
C LYS E 333 40.59 -24.52 -25.77
N PRO E 334 39.42 -24.02 -26.18
CA PRO E 334 38.90 -24.38 -27.50
C PRO E 334 39.72 -23.75 -28.62
N GLU E 335 39.53 -24.28 -29.82
CA GLU E 335 40.23 -23.83 -31.00
C GLU E 335 39.38 -22.85 -31.80
N ASN E 336 40.04 -22.07 -32.65
CA ASN E 336 39.43 -21.25 -33.69
C ASN E 336 38.57 -20.12 -33.14
N VAL E 337 38.80 -19.66 -31.91
CA VAL E 337 37.94 -18.65 -31.31
C VAL E 337 38.78 -17.61 -30.58
N GLU E 338 38.24 -16.39 -30.52
CA GLU E 338 38.77 -15.31 -29.71
C GLU E 338 37.62 -14.75 -28.90
N ILE E 339 37.71 -14.85 -27.59
CA ILE E 339 36.60 -14.52 -26.69
C ILE E 339 37.05 -13.37 -25.81
N HIS E 340 36.20 -12.34 -25.73
CA HIS E 340 36.41 -11.20 -24.83
C HIS E 340 35.40 -11.28 -23.70
N PHE E 341 35.89 -11.26 -22.47
CA PHE E 341 35.05 -11.32 -21.28
C PHE E 341 35.02 -9.92 -20.67
N LEU E 342 33.86 -9.28 -20.71
CA LEU E 342 33.73 -7.86 -20.39
C LEU E 342 32.71 -7.65 -19.27
N SER E 343 32.98 -6.65 -18.44
CA SER E 343 32.03 -6.24 -17.42
C SER E 343 32.37 -4.82 -16.97
N ALA E 344 31.39 -3.93 -17.04
CA ALA E 344 31.53 -2.57 -16.52
C ALA E 344 31.12 -2.60 -15.05
N VAL E 345 32.11 -2.79 -14.17
CA VAL E 345 31.87 -3.01 -12.76
C VAL E 345 31.81 -1.67 -12.03
N CYS E 346 30.83 -1.53 -11.14
CA CYS E 346 30.67 -0.29 -10.38
C CYS E 346 29.74 -0.54 -9.20
N GLU E 347 29.59 0.49 -8.38
CA GLU E 347 28.60 0.55 -7.32
C GLU E 347 27.57 1.62 -7.65
N ASN E 348 26.38 1.47 -7.09
CA ASN E 348 25.32 2.47 -7.25
C ASN E 348 24.92 2.92 -5.85
N MET E 349 25.53 4.01 -5.39
CA MET E 349 25.44 4.44 -4.00
C MET E 349 24.72 5.79 -3.90
N VAL E 350 24.36 6.13 -2.66
CA VAL E 350 23.73 7.39 -2.33
C VAL E 350 24.72 8.26 -1.58
N SER E 351 25.02 9.42 -2.15
CA SER E 351 25.93 10.40 -1.54
C SER E 351 25.65 11.74 -2.19
N LYS E 352 26.40 12.76 -1.78
CA LYS E 352 26.23 14.07 -2.39
C LYS E 352 26.73 14.12 -3.82
N ASN E 353 27.54 13.14 -4.23
CA ASN E 353 28.12 13.10 -5.57
C ASN E 353 27.36 12.18 -6.52
N SER E 354 26.31 11.51 -6.06
CA SER E 354 25.62 10.53 -6.89
C SER E 354 24.87 11.23 -8.03
N TYR E 355 24.62 10.46 -9.09
CA TYR E 355 23.83 11.00 -10.18
C TYR E 355 22.35 11.00 -9.80
N ARG E 356 21.58 11.81 -10.51
CA ARG E 356 20.23 12.16 -10.07
C ARG E 356 19.22 11.88 -11.17
N PRO E 357 17.96 11.62 -10.80
CA PRO E 357 16.91 11.57 -11.81
C PRO E 357 16.75 12.94 -12.47
N GLY E 358 16.57 12.93 -13.78
CA GLY E 358 16.56 14.16 -14.54
C GLY E 358 17.90 14.53 -15.14
N ASP E 359 18.98 13.87 -14.74
CA ASP E 359 20.27 14.06 -15.40
C ASP E 359 20.18 13.68 -16.86
N ILE E 360 20.87 14.44 -17.71
CA ILE E 360 21.05 14.09 -19.11
C ILE E 360 22.55 13.87 -19.34
N ILE E 361 22.91 12.64 -19.68
CA ILE E 361 24.30 12.24 -19.80
C ILE E 361 24.55 11.74 -21.22
N THR E 362 25.82 11.78 -21.63
CA THR E 362 26.24 11.41 -22.97
C THR E 362 26.99 10.08 -22.90
N ALA E 363 26.47 9.08 -23.59
CA ALA E 363 27.10 7.76 -23.66
C ALA E 363 28.32 7.81 -24.59
N SER E 364 29.07 6.71 -24.59
CA SER E 364 30.31 6.65 -25.35
C SER E 364 30.08 6.60 -26.85
N ASN E 365 28.84 6.42 -27.31
CA ASN E 365 28.52 6.52 -28.73
C ASN E 365 27.88 7.87 -29.08
N GLY E 366 27.92 8.83 -28.16
CA GLY E 366 27.42 10.16 -28.44
C GLY E 366 25.95 10.39 -28.15
N LYS E 367 25.18 9.34 -27.91
CA LYS E 367 23.76 9.49 -27.65
C LYS E 367 23.53 10.05 -26.25
N THR E 368 22.66 11.05 -26.15
CA THR E 368 22.30 11.62 -24.85
C THR E 368 21.11 10.86 -24.28
N ILE E 369 21.16 10.62 -22.96
CA ILE E 369 20.17 9.81 -22.26
C ILE E 369 19.59 10.63 -21.12
N GLU E 370 18.27 10.69 -21.05
CA GLU E 370 17.59 11.32 -19.92
C GLU E 370 17.34 10.27 -18.85
N VAL E 371 17.94 10.47 -17.68
CA VAL E 371 17.77 9.54 -16.56
C VAL E 371 16.39 9.77 -15.94
N GLY E 372 15.59 8.70 -15.87
CA GLY E 372 14.28 8.78 -15.26
C GLY E 372 14.21 8.09 -13.92
N ASN E 373 15.15 7.18 -13.66
CA ASN E 373 15.15 6.41 -12.42
C ASN E 373 16.57 5.92 -12.17
N THR E 374 17.18 6.39 -11.08
CA THR E 374 18.54 5.98 -10.76
C THR E 374 18.62 4.51 -10.38
N ASP E 375 17.49 3.88 -10.07
CA ASP E 375 17.46 2.46 -9.77
C ASP E 375 17.43 1.59 -11.02
N ALA E 376 17.30 2.19 -12.19
CA ALA E 376 17.47 1.47 -13.46
C ALA E 376 18.91 1.59 -13.96
N GLU E 377 19.86 1.27 -13.06
CA GLU E 377 21.27 1.48 -13.33
C GLU E 377 21.88 0.41 -14.23
N GLY E 378 21.28 -0.78 -14.28
CA GLY E 378 21.88 -1.87 -15.04
C GLY E 378 22.03 -1.54 -16.51
N ARG E 379 20.96 -1.03 -17.13
CA ARG E 379 21.00 -0.75 -18.56
C ARG E 379 21.96 0.38 -18.90
N LEU E 380 22.20 1.30 -17.97
CA LEU E 380 23.15 2.38 -18.24
C LEU E 380 24.58 1.86 -18.34
N THR E 381 24.98 1.00 -17.40
CA THR E 381 26.32 0.43 -17.46
C THR E 381 26.47 -0.50 -18.66
N LEU E 382 25.41 -1.24 -19.00
CA LEU E 382 25.45 -2.12 -20.15
C LEU E 382 25.56 -1.36 -21.46
N ALA E 383 24.97 -0.16 -21.52
CA ALA E 383 25.02 0.64 -22.74
C ALA E 383 26.45 0.93 -23.17
N ASP E 384 27.27 1.44 -22.23
CA ASP E 384 28.66 1.74 -22.56
C ASP E 384 29.48 0.47 -22.78
N ALA E 385 29.16 -0.61 -22.06
CA ALA E 385 29.85 -1.87 -22.26
C ALA E 385 29.57 -2.44 -23.66
N LEU E 386 28.35 -2.27 -24.15
CA LEU E 386 28.01 -2.76 -25.49
C LEU E 386 28.73 -1.96 -26.56
N VAL E 387 28.85 -0.65 -26.38
CA VAL E 387 29.61 0.18 -27.33
C VAL E 387 31.07 -0.25 -27.34
N TYR E 388 31.65 -0.48 -26.16
CA TYR E 388 33.01 -0.99 -26.07
C TYR E 388 33.14 -2.33 -26.78
N ALA E 389 32.16 -3.23 -26.58
CA ALA E 389 32.22 -4.55 -27.19
C ALA E 389 32.22 -4.47 -28.71
N GLU E 390 31.34 -3.63 -29.28
CA GLU E 390 31.26 -3.53 -30.72
C GLU E 390 32.53 -2.96 -31.33
N LYS E 391 33.20 -2.04 -30.62
CA LYS E 391 34.45 -1.49 -31.12
C LYS E 391 35.57 -2.52 -31.21
N LEU E 392 35.42 -3.67 -30.55
CA LEU E 392 36.40 -4.74 -30.66
C LEU E 392 36.32 -5.46 -32.01
N GLY E 393 35.27 -5.24 -32.78
CA GLY E 393 35.11 -5.90 -34.06
C GLY E 393 34.93 -7.40 -33.90
N VAL E 394 33.80 -7.81 -33.32
CA VAL E 394 33.53 -9.21 -33.07
C VAL E 394 32.37 -9.65 -33.96
N ASP E 395 32.15 -10.97 -34.01
CA ASP E 395 31.04 -11.54 -34.77
C ASP E 395 29.75 -11.56 -33.97
N TYR E 396 29.82 -11.89 -32.68
CA TYR E 396 28.66 -11.96 -31.81
C TYR E 396 28.93 -11.18 -30.54
N ILE E 397 27.93 -10.43 -30.08
CA ILE E 397 27.94 -9.82 -28.76
C ILE E 397 26.79 -10.41 -27.97
N VAL E 398 27.11 -11.02 -26.83
CA VAL E 398 26.11 -11.61 -25.95
C VAL E 398 26.28 -11.00 -24.58
N ASP E 399 25.24 -10.34 -24.08
CA ASP E 399 25.24 -9.81 -22.72
C ASP E 399 24.29 -10.64 -21.86
N ILE E 400 24.60 -10.70 -20.56
CA ILE E 400 23.81 -11.46 -19.60
C ILE E 400 23.69 -10.62 -18.33
N ALA E 401 22.48 -10.48 -17.81
CA ALA E 401 22.23 -9.52 -16.77
C ALA E 401 20.92 -9.83 -16.06
N THR E 402 20.89 -9.57 -14.74
CA THR E 402 19.66 -9.58 -13.96
C THR E 402 18.98 -8.21 -14.13
N LEU E 403 18.41 -8.01 -15.31
CA LEU E 403 18.06 -6.65 -15.73
C LEU E 403 16.69 -6.21 -15.20
N THR E 404 15.65 -7.00 -15.41
CA THR E 404 14.29 -6.56 -15.13
C THR E 404 13.57 -7.58 -14.25
N GLY E 405 13.02 -7.09 -13.14
CA GLY E 405 12.21 -7.94 -12.27
C GLY E 405 10.96 -8.48 -12.94
N ALA E 406 10.54 -7.88 -14.05
CA ALA E 406 9.37 -8.37 -14.78
C ALA E 406 9.56 -9.79 -15.28
N MET E 407 10.80 -10.27 -15.38
CA MET E 407 11.05 -11.64 -15.80
C MET E 407 10.39 -12.65 -14.86
N LEU E 408 10.25 -12.31 -13.59
CA LEU E 408 9.55 -13.18 -12.65
C LEU E 408 8.10 -13.39 -13.03
N TYR E 409 7.50 -12.47 -13.79
CA TYR E 409 6.11 -12.58 -14.21
C TYR E 409 5.93 -13.14 -15.61
N SER E 410 7.02 -13.26 -16.39
CA SER E 410 6.94 -13.78 -17.75
C SER E 410 7.37 -15.23 -17.82
N LEU E 411 8.60 -15.53 -17.41
CA LEU E 411 9.13 -16.89 -17.47
C LEU E 411 9.37 -17.50 -16.10
N GLY E 412 9.38 -16.69 -15.04
CA GLY E 412 9.52 -17.24 -13.70
C GLY E 412 10.95 -17.44 -13.24
N THR E 413 11.15 -18.44 -12.38
CA THR E 413 12.43 -18.68 -11.73
C THR E 413 13.25 -19.79 -12.37
N SER E 414 12.76 -20.41 -13.43
CA SER E 414 13.43 -21.55 -14.05
C SER E 414 14.01 -21.25 -15.42
N TYR E 415 13.34 -20.43 -16.23
CA TYR E 415 13.76 -20.14 -17.59
C TYR E 415 14.24 -18.70 -17.68
N ALA E 416 15.42 -18.50 -18.26
CA ALA E 416 15.84 -17.17 -18.62
C ALA E 416 15.25 -16.77 -19.97
N GLY E 417 15.23 -15.47 -20.22
CA GLY E 417 14.73 -14.93 -21.48
C GLY E 417 15.89 -14.39 -22.31
N VAL E 418 15.82 -14.62 -23.62
CA VAL E 418 16.82 -14.11 -24.55
C VAL E 418 16.13 -13.20 -25.57
N PHE E 419 16.68 -12.01 -25.74
CA PHE E 419 16.28 -11.06 -26.77
C PHE E 419 17.48 -10.83 -27.67
N GLY E 420 17.23 -10.34 -28.89
CA GLY E 420 18.35 -10.11 -29.79
C GLY E 420 17.90 -9.46 -31.08
N ASN E 421 18.89 -9.06 -31.87
CA ASN E 421 18.67 -8.43 -33.16
C ASN E 421 19.03 -9.35 -34.33
N ASN E 422 19.32 -10.62 -34.06
CA ASN E 422 19.84 -11.52 -35.08
C ASN E 422 19.34 -12.92 -34.80
N GLU E 423 18.51 -13.45 -35.70
CA GLU E 423 17.90 -14.75 -35.46
C GLU E 423 18.92 -15.89 -35.45
N GLU E 424 19.97 -15.77 -36.26
CA GLU E 424 21.02 -16.80 -36.26
C GLU E 424 21.67 -16.91 -34.90
N LEU E 425 22.00 -15.76 -34.29
CA LEU E 425 22.62 -15.77 -32.97
C LEU E 425 21.65 -16.28 -31.90
N ILE E 426 20.39 -15.85 -31.98
CA ILE E 426 19.40 -16.31 -31.00
C ILE E 426 19.25 -17.82 -31.05
N ASN E 427 19.18 -18.39 -32.25
CA ASN E 427 19.05 -19.84 -32.37
C ASN E 427 20.27 -20.58 -31.83
N LYS E 428 21.45 -19.97 -31.93
CA LYS E 428 22.64 -20.59 -31.35
C LYS E 428 22.57 -20.56 -29.82
N ILE E 429 22.01 -19.50 -29.25
CA ILE E 429 21.79 -19.46 -27.80
C ILE E 429 20.82 -20.55 -27.39
N LEU E 430 19.75 -20.74 -28.18
CA LEU E 430 18.78 -21.79 -27.87
C LEU E 430 19.41 -23.17 -27.98
N GLN E 431 20.29 -23.37 -28.96
CA GLN E 431 21.05 -24.61 -29.04
C GLN E 431 21.89 -24.80 -27.78
N SER E 432 22.59 -23.76 -27.35
CA SER E 432 23.42 -23.85 -26.15
C SER E 432 22.59 -24.14 -24.92
N SER E 433 21.36 -23.61 -24.87
CA SER E 433 20.46 -23.93 -23.77
C SER E 433 20.12 -25.41 -23.74
N LYS E 434 19.95 -26.02 -24.92
CA LYS E 434 19.60 -27.43 -24.99
C LYS E 434 20.76 -28.31 -24.52
N THR E 435 21.98 -28.00 -24.96
CA THR E 435 23.13 -28.85 -24.64
C THR E 435 23.69 -28.56 -23.25
N SER E 436 23.57 -27.33 -22.75
CA SER E 436 23.98 -27.03 -21.39
C SER E 436 22.92 -27.42 -20.37
N ASN E 437 21.68 -27.61 -20.80
CA ASN E 437 20.54 -27.91 -19.93
C ASN E 437 20.27 -26.77 -18.95
N GLU E 438 20.64 -25.54 -19.34
CA GLU E 438 20.20 -24.35 -18.63
C GLU E 438 19.10 -23.69 -19.46
N PRO E 439 17.85 -23.73 -19.01
CA PRO E 439 16.73 -23.40 -19.91
C PRO E 439 16.66 -21.91 -20.24
N VAL E 440 16.43 -21.63 -21.52
CA VAL E 440 16.28 -20.27 -22.05
C VAL E 440 15.14 -20.26 -23.04
N TRP E 441 14.34 -19.19 -23.03
CA TRP E 441 13.22 -19.04 -23.96
C TRP E 441 13.35 -17.72 -24.70
N TRP E 442 13.08 -17.75 -26.01
CA TRP E 442 13.20 -16.58 -26.86
C TRP E 442 11.99 -15.67 -26.69
N LEU E 443 12.24 -14.39 -26.42
CA LEU E 443 11.22 -13.36 -26.28
C LEU E 443 11.44 -12.25 -27.29
N PRO E 444 10.38 -11.60 -27.77
CA PRO E 444 10.51 -10.65 -28.87
C PRO E 444 10.88 -9.25 -28.42
N ILE E 445 11.60 -8.56 -29.32
CA ILE E 445 11.83 -7.13 -29.20
C ILE E 445 10.74 -6.45 -30.02
N ILE E 446 9.70 -5.96 -29.36
CA ILE E 446 8.53 -5.41 -30.02
C ILE E 446 8.80 -3.94 -30.31
N ASN E 447 9.03 -3.63 -31.59
CA ASN E 447 9.44 -2.29 -31.94
CA ASN E 447 9.42 -2.30 -32.02
C ASN E 447 8.33 -1.26 -31.78
N GLU E 448 7.08 -1.69 -31.65
CA GLU E 448 5.99 -0.73 -31.43
C GLU E 448 6.18 0.04 -30.12
N TYR E 449 6.90 -0.53 -29.16
CA TYR E 449 7.14 0.13 -27.88
C TYR E 449 8.32 1.10 -27.92
N ARG E 450 9.06 1.15 -29.03
CA ARG E 450 10.24 2.01 -29.10
C ARG E 450 9.90 3.48 -28.87
N ALA E 451 8.71 3.91 -29.32
CA ALA E 451 8.35 5.32 -29.19
C ALA E 451 8.28 5.78 -27.74
N THR E 452 8.06 4.86 -26.79
CA THR E 452 7.98 5.25 -25.38
C THR E 452 9.32 5.74 -24.85
N LEU E 453 10.41 5.47 -25.54
CA LEU E 453 11.73 5.92 -25.12
C LEU E 453 12.14 7.24 -25.77
N ASN E 454 11.22 7.90 -26.47
CA ASN E 454 11.50 9.17 -27.14
C ASN E 454 11.51 10.27 -26.09
N SER E 455 12.71 10.71 -25.72
CA SER E 455 12.83 11.78 -24.73
C SER E 455 12.46 13.12 -25.35
N LYS E 456 11.85 13.98 -24.52
CA LYS E 456 11.50 15.31 -24.99
C LYS E 456 12.73 16.20 -25.12
N TYR E 457 13.77 15.94 -24.33
CA TYR E 457 14.96 16.79 -24.30
C TYR E 457 16.23 16.08 -24.72
N ALA E 458 16.41 14.81 -24.34
CA ALA E 458 17.57 14.05 -24.74
C ALA E 458 17.28 13.25 -26.01
N ASP E 459 18.31 12.55 -26.52
CA ASP E 459 18.11 11.68 -27.67
C ASP E 459 17.16 10.53 -27.34
N ILE E 460 17.25 10.00 -26.13
CA ILE E 460 16.49 8.82 -25.75
C ILE E 460 16.25 8.84 -24.25
N ASN E 461 15.13 8.26 -23.83
CA ASN E 461 14.84 8.07 -22.42
C ASN E 461 15.56 6.84 -21.89
N GLN E 462 16.00 6.92 -20.63
CA GLN E 462 16.51 5.73 -19.96
C GLN E 462 15.41 4.70 -19.72
N ILE E 463 14.23 5.15 -19.30
CA ILE E 463 13.13 4.27 -18.95
C ILE E 463 11.85 4.75 -19.62
N SER E 464 10.88 3.86 -19.69
CA SER E 464 9.51 4.20 -20.04
C SER E 464 8.75 4.60 -18.79
N SER E 465 7.91 5.62 -18.91
CA SER E 465 7.11 6.09 -17.78
C SER E 465 5.82 5.31 -17.59
N SER E 466 5.42 4.49 -18.57
CA SER E 466 4.10 3.85 -18.51
C SER E 466 4.07 2.40 -18.97
N VAL E 467 4.91 1.99 -19.94
CA VAL E 467 4.81 0.65 -20.48
C VAL E 467 5.32 -0.36 -19.46
N LYS E 468 4.49 -1.34 -19.12
CA LYS E 468 4.81 -2.32 -18.10
C LYS E 468 5.67 -3.47 -18.62
N ALA E 469 5.79 -3.63 -19.94
CA ALA E 469 6.63 -4.68 -20.52
C ALA E 469 8.09 -4.24 -20.40
N SER E 470 8.57 -4.24 -19.15
CA SER E 470 9.87 -3.64 -18.85
C SER E 470 11.02 -4.42 -19.47
N SER E 471 10.90 -5.75 -19.54
CA SER E 471 11.96 -6.54 -20.14
C SER E 471 12.15 -6.22 -21.62
N ILE E 472 11.06 -5.91 -22.33
CA ILE E 472 11.15 -5.56 -23.74
C ILE E 472 11.68 -4.15 -23.92
N VAL E 473 11.20 -3.22 -23.08
CA VAL E 473 11.65 -1.83 -23.18
C VAL E 473 13.15 -1.75 -22.92
N ALA E 474 13.63 -2.47 -21.91
CA ALA E 474 15.07 -2.48 -21.62
C ALA E 474 15.86 -3.03 -22.81
N SER E 475 15.33 -4.05 -23.47
CA SER E 475 15.99 -4.59 -24.67
C SER E 475 16.03 -3.55 -25.77
N LEU E 476 14.95 -2.78 -25.94
CA LEU E 476 14.94 -1.72 -26.95
C LEU E 476 15.97 -0.65 -26.63
N PHE E 477 16.16 -0.34 -25.34
CA PHE E 477 17.18 0.62 -24.94
C PHE E 477 18.58 0.10 -25.28
N LEU E 478 18.85 -1.16 -24.91
CA LEU E 478 20.16 -1.75 -25.18
C LEU E 478 20.45 -1.79 -26.68
N LYS E 479 19.43 -2.05 -27.49
CA LYS E 479 19.62 -2.16 -28.94
C LYS E 479 20.16 -0.87 -29.54
N GLU E 480 19.88 0.27 -28.90
CA GLU E 480 20.39 1.56 -29.37
C GLU E 480 21.90 1.71 -29.20
N PHE E 481 22.57 0.73 -28.59
CA PHE E 481 24.01 0.81 -28.35
C PHE E 481 24.75 -0.33 -29.05
N VAL E 482 24.10 -0.98 -30.00
CA VAL E 482 24.72 -1.95 -30.91
C VAL E 482 24.31 -1.52 -32.31
N GLN E 483 25.28 -1.03 -33.09
CA GLN E 483 24.95 -0.43 -34.38
C GLN E 483 24.74 -1.47 -35.47
N ASN E 484 25.72 -2.36 -35.67
CA ASN E 484 25.70 -3.23 -36.85
C ASN E 484 26.40 -4.56 -36.55
N THR E 485 26.12 -5.13 -35.39
CA THR E 485 26.70 -6.42 -35.01
C THR E 485 25.60 -7.31 -34.44
N ALA E 486 25.66 -8.61 -34.78
CA ALA E 486 24.75 -9.57 -34.21
C ALA E 486 24.86 -9.57 -32.69
N TRP E 487 23.74 -9.37 -32.00
CA TRP E 487 23.74 -9.16 -30.57
C TRP E 487 22.55 -9.87 -29.95
N ALA E 488 22.79 -10.48 -28.78
CA ALA E 488 21.74 -11.13 -28.01
C ALA E 488 21.85 -10.71 -26.55
N HIS E 489 20.71 -10.73 -25.86
CA HIS E 489 20.60 -10.22 -24.50
C HIS E 489 19.83 -11.23 -23.66
N ILE E 490 20.48 -11.75 -22.62
CA ILE E 490 19.92 -12.80 -21.77
C ILE E 490 19.57 -12.19 -20.42
N ASP E 491 18.27 -12.08 -20.14
CA ASP E 491 17.79 -11.53 -18.88
C ASP E 491 17.63 -12.66 -17.87
N ILE E 492 18.51 -12.70 -16.87
CA ILE E 492 18.54 -13.77 -15.88
C ILE E 492 18.02 -13.29 -14.53
N ALA E 493 17.24 -12.20 -14.51
CA ALA E 493 16.79 -11.64 -13.23
C ALA E 493 15.96 -12.62 -12.43
N GLY E 494 15.23 -13.51 -13.09
CA GLY E 494 14.37 -14.45 -12.38
C GLY E 494 15.04 -15.74 -11.96
N VAL E 495 16.14 -16.11 -12.63
CA VAL E 495 16.74 -17.42 -12.49
C VAL E 495 18.08 -17.39 -11.77
N SER E 496 18.58 -16.21 -11.40
CA SER E 496 19.96 -16.11 -10.91
C SER E 496 20.13 -16.76 -9.54
N TRP E 497 19.12 -16.66 -8.67
CA TRP E 497 19.25 -17.04 -7.27
C TRP E 497 18.30 -18.17 -6.94
N ASN E 498 18.80 -19.17 -6.22
CA ASN E 498 17.98 -20.29 -5.75
C ASN E 498 17.37 -19.88 -4.42
N PHE E 499 16.12 -19.43 -4.46
CA PHE E 499 15.48 -18.89 -3.28
C PHE E 499 15.16 -19.96 -2.24
N LYS E 500 14.86 -21.18 -2.70
CA LYS E 500 14.57 -22.26 -1.75
C LYS E 500 15.83 -22.67 -0.99
N ALA E 501 16.96 -22.76 -1.68
CA ALA E 501 18.22 -23.16 -1.05
C ALA E 501 19.01 -21.99 -0.50
N ARG E 502 18.60 -20.75 -0.77
CA ARG E 502 19.25 -19.54 -0.26
C ARG E 502 20.70 -19.45 -0.72
N LYS E 503 20.93 -19.71 -2.00
CA LYS E 503 22.27 -19.68 -2.58
C LYS E 503 22.16 -19.39 -4.06
N PRO E 504 23.25 -18.95 -4.69
CA PRO E 504 23.20 -18.71 -6.13
C PRO E 504 23.09 -20.01 -6.92
N LYS E 505 22.65 -19.87 -8.17
CA LYS E 505 22.67 -20.99 -9.10
C LYS E 505 23.91 -21.03 -9.97
N GLY E 506 24.62 -19.91 -10.09
CA GLY E 506 25.66 -19.81 -11.10
C GLY E 506 25.12 -19.92 -12.52
N PHE E 507 23.89 -19.45 -12.73
CA PHE E 507 23.24 -19.61 -14.02
C PHE E 507 24.00 -18.86 -15.12
N GLY E 508 24.20 -19.55 -16.24
CA GLY E 508 24.76 -18.94 -17.43
C GLY E 508 26.17 -19.41 -17.77
N VAL E 509 26.93 -19.91 -16.78
CA VAL E 509 28.30 -20.33 -17.04
C VAL E 509 28.34 -21.43 -18.09
N ARG E 510 27.57 -22.50 -17.89
CA ARG E 510 27.59 -23.61 -18.82
C ARG E 510 26.91 -23.24 -20.13
N LEU E 511 25.86 -22.43 -20.06
CA LEU E 511 25.21 -21.94 -21.27
C LEU E 511 26.19 -21.17 -22.15
N LEU E 512 26.93 -20.23 -21.55
CA LEU E 512 27.86 -19.41 -22.33
C LEU E 512 29.04 -20.24 -22.83
N THR E 513 29.49 -21.22 -22.04
CA THR E 513 30.61 -22.05 -22.48
C THR E 513 30.22 -22.94 -23.66
N GLU E 514 29.02 -23.54 -23.59
CA GLU E 514 28.52 -24.30 -24.73
C GLU E 514 28.38 -23.42 -25.96
N PHE E 515 28.00 -22.16 -25.76
CA PHE E 515 27.91 -21.22 -26.87
C PHE E 515 29.28 -20.99 -27.51
N VAL E 516 30.33 -20.86 -26.68
CA VAL E 516 31.67 -20.69 -27.23
C VAL E 516 32.06 -21.94 -28.01
N LEU E 517 31.72 -23.13 -27.48
CA LEU E 517 32.01 -24.40 -28.12
C LEU E 517 31.00 -24.75 -29.21
N ASN E 518 30.24 -23.78 -29.73
CA ASN E 518 29.21 -24.09 -30.70
C ASN E 518 29.75 -24.30 -32.11
N ASP E 519 30.97 -23.84 -32.39
CA ASP E 519 31.60 -24.18 -33.65
C ASP E 519 32.21 -25.58 -33.60
N ALA E 520 32.73 -25.98 -32.44
CA ALA E 520 33.29 -27.32 -32.29
C ALA E 520 32.19 -28.38 -32.31
N LEU E 521 31.08 -28.12 -31.61
CA LEU E 521 29.97 -29.06 -31.59
C LEU E 521 29.28 -29.15 -32.94
N HIS E 522 29.40 -28.13 -33.79
CA HIS E 522 28.89 -28.15 -35.15
C HIS E 522 30.04 -28.14 -36.16
N HIS E 523 31.09 -28.90 -35.85
CA HIS E 523 32.23 -29.10 -36.73
C HIS E 523 32.26 -30.54 -37.20
N HIS E 524 32.93 -30.77 -38.34
CA HIS E 524 33.03 -32.12 -38.88
C HIS E 524 33.82 -33.04 -37.96
N HIS E 525 34.70 -32.48 -37.14
CA HIS E 525 35.53 -33.28 -36.24
C HIS E 525 34.72 -33.81 -35.06
N PRO F 12 28.98 18.93 -16.23
CA PRO F 12 28.90 20.28 -16.77
C PRO F 12 29.00 21.36 -15.70
N THR F 13 29.47 22.54 -16.07
CA THR F 13 29.73 23.61 -15.12
C THR F 13 28.88 24.85 -15.34
N SER F 14 27.97 24.84 -16.31
CA SER F 14 27.13 26.00 -16.56
C SER F 14 25.83 25.53 -17.22
N ILE F 15 24.80 26.35 -17.08
CA ILE F 15 23.51 26.10 -17.72
C ILE F 15 23.53 26.71 -19.10
N PRO F 16 23.43 25.93 -20.17
CA PRO F 16 23.31 26.50 -21.51
C PRO F 16 21.97 27.23 -21.66
N ILE F 17 22.04 28.47 -22.12
CA ILE F 17 20.86 29.31 -22.27
C ILE F 17 20.86 29.90 -23.67
N GLU F 18 19.77 29.71 -24.40
CA GLU F 18 19.59 30.29 -25.72
C GLU F 18 18.87 31.63 -25.57
N TYR F 19 19.56 32.71 -25.90
CA TYR F 19 18.99 34.06 -25.85
C TYR F 19 18.43 34.52 -27.19
N ASN F 20 19.11 34.23 -28.28
CA ASN F 20 18.66 34.62 -29.62
C ASN F 20 17.97 33.40 -30.23
N THR F 21 16.66 33.35 -30.08
CA THR F 21 15.84 32.23 -30.54
C THR F 21 15.27 32.54 -31.92
N PRO F 22 14.85 31.51 -32.66
CA PRO F 22 14.22 31.76 -33.97
C PRO F 22 12.99 32.65 -33.89
N ILE F 23 12.28 32.66 -32.75
CA ILE F 23 11.14 33.54 -32.60
C ILE F 23 11.54 35.01 -32.74
N HIS F 24 12.74 35.36 -32.29
CA HIS F 24 13.20 36.74 -32.40
C HIS F 24 13.44 37.16 -33.84
N ASP F 25 13.57 36.20 -34.76
CA ASP F 25 13.79 36.50 -36.17
C ASP F 25 12.48 36.62 -36.96
N ILE F 26 11.34 36.42 -36.33
CA ILE F 26 10.05 36.51 -37.02
C ILE F 26 9.63 37.97 -37.10
N LYS F 27 9.46 38.46 -38.32
CA LYS F 27 8.92 39.80 -38.53
C LYS F 27 7.40 39.76 -38.49
N VAL F 28 6.80 40.58 -37.64
CA VAL F 28 5.36 40.57 -37.40
C VAL F 28 4.75 41.84 -37.97
N GLN F 29 3.67 41.69 -38.73
CA GLN F 29 2.91 42.81 -39.27
C GLN F 29 1.43 42.63 -38.95
N VAL F 30 0.81 43.66 -38.40
CA VAL F 30 -0.61 43.66 -38.09
C VAL F 30 -1.32 44.57 -39.09
N TYR F 31 -2.31 44.02 -39.79
CA TYR F 31 -3.09 44.76 -40.77
C TYR F 31 -4.55 44.82 -40.33
N ASP F 32 -5.24 45.87 -40.77
CA ASP F 32 -6.66 46.01 -40.49
C ASP F 32 -7.47 45.14 -41.44
N ILE F 33 -8.44 44.41 -40.88
CA ILE F 33 -9.25 43.50 -41.68
C ILE F 33 -10.15 44.23 -42.67
N LYS F 34 -10.44 45.52 -42.41
CA LYS F 34 -11.38 46.26 -43.26
C LYS F 34 -10.87 46.39 -44.70
N GLY F 35 -9.56 46.39 -44.89
CA GLY F 35 -9.00 46.52 -46.22
C GLY F 35 -8.90 45.24 -47.01
N GLY F 36 -9.37 44.13 -46.47
CA GLY F 36 -9.26 42.85 -47.14
C GLY F 36 -7.92 42.19 -46.89
N CYS F 37 -7.90 40.88 -47.04
CA CYS F 37 -6.72 40.08 -46.77
C CYS F 37 -6.04 39.70 -48.08
N ASN F 38 -4.74 39.94 -48.16
CA ASN F 38 -3.95 39.48 -49.29
C ASN F 38 -3.43 38.08 -49.01
N VAL F 39 -3.43 37.23 -50.04
CA VAL F 39 -2.96 35.86 -49.91
C VAL F 39 -1.88 35.63 -50.97
N GLU F 40 -0.68 36.12 -50.70
CA GLU F 40 0.41 36.09 -51.67
C GLU F 40 1.37 34.93 -51.46
N GLU F 41 1.56 34.49 -50.21
CA GLU F 41 2.53 33.44 -49.92
C GLU F 41 2.18 32.81 -48.59
N GLY F 42 2.81 31.66 -48.32
CA GLY F 42 2.73 31.04 -47.02
C GLY F 42 1.39 30.39 -46.72
N LEU F 43 1.04 30.38 -45.44
CA LEU F 43 -0.19 29.78 -44.94
C LEU F 43 -1.06 30.86 -44.33
N THR F 44 -2.33 30.90 -44.75
CA THR F 44 -3.29 31.87 -44.24
C THR F 44 -4.37 31.11 -43.48
N ILE F 45 -4.55 31.43 -42.20
CA ILE F 45 -5.49 30.73 -41.34
C ILE F 45 -6.52 31.71 -40.82
N PHE F 46 -7.79 31.35 -40.95
CA PHE F 46 -8.89 32.15 -40.42
C PHE F 46 -9.37 31.55 -39.11
N LEU F 47 -9.45 32.39 -38.07
CA LEU F 47 -10.03 31.98 -36.80
C LEU F 47 -11.51 32.32 -36.81
N VAL F 48 -12.36 31.29 -36.96
CA VAL F 48 -13.78 31.47 -37.17
C VAL F 48 -14.56 30.74 -36.07
N ASN F 49 -15.72 31.28 -35.73
CA ASN F 49 -16.64 30.67 -34.79
C ASN F 49 -18.03 30.62 -35.40
N ASN F 50 -18.97 30.00 -34.68
CA ASN F 50 -20.36 29.95 -35.11
C ASN F 50 -21.25 29.91 -33.88
N PRO F 51 -21.68 31.07 -33.39
CA PRO F 51 -22.48 31.10 -32.14
C PRO F 51 -23.77 30.31 -32.22
N GLY F 52 -24.27 30.01 -33.42
CA GLY F 52 -25.49 29.23 -33.56
C GLY F 52 -25.99 29.11 -34.98
N GLU F 54 -24.01 25.06 -32.01
CA GLU F 54 -22.86 24.30 -31.55
C GLU F 54 -22.31 23.40 -32.65
N ASN F 55 -21.00 23.49 -32.89
CA ASN F 55 -20.32 22.76 -33.96
C ASN F 55 -20.91 23.07 -35.32
N GLY F 56 -21.37 24.30 -35.52
CA GLY F 56 -21.94 24.73 -36.77
C GLY F 56 -20.91 24.81 -37.89
N PRO F 57 -21.37 25.06 -39.11
CA PRO F 57 -20.45 25.09 -40.25
C PRO F 57 -19.58 26.34 -40.24
N VAL F 58 -18.51 26.27 -41.03
CA VAL F 58 -17.57 27.38 -41.16
C VAL F 58 -18.10 28.38 -42.19
N LYS F 59 -18.11 29.66 -41.82
CA LYS F 59 -18.50 30.73 -42.71
C LYS F 59 -17.48 31.84 -42.62
N ILE F 60 -16.82 32.14 -43.74
CA ILE F 60 -15.78 33.17 -43.79
C ILE F 60 -16.42 34.53 -43.99
N SER F 61 -16.11 35.46 -43.08
CA SER F 61 -16.68 36.80 -43.15
C SER F 61 -15.78 37.79 -43.87
N SER F 62 -14.46 37.60 -43.82
CA SER F 62 -13.54 38.58 -44.36
C SER F 62 -13.46 38.46 -45.89
N LYS F 63 -13.27 39.61 -46.54
CA LYS F 63 -12.99 39.65 -47.96
C LYS F 63 -11.50 39.44 -48.19
N VAL F 64 -11.17 38.59 -49.16
CA VAL F 64 -9.78 38.33 -49.53
C VAL F 64 -9.53 38.88 -50.93
N ASN F 65 -8.41 39.58 -51.08
CA ASN F 65 -8.10 40.26 -52.34
C ASN F 65 -7.44 39.32 -53.33
N ASP F 66 -8.08 38.17 -53.57
CA ASP F 66 -7.61 37.19 -54.55
C ASP F 66 -8.83 36.42 -55.01
N LYS F 67 -9.10 36.46 -56.31
CA LYS F 67 -10.32 35.86 -56.85
C LYS F 67 -10.29 34.34 -56.72
N GLN F 68 -9.14 33.72 -56.99
CA GLN F 68 -9.05 32.27 -56.95
C GLN F 68 -9.29 31.75 -55.53
N VAL F 69 -8.64 32.36 -54.54
CA VAL F 69 -8.84 31.95 -53.15
C VAL F 69 -10.24 32.33 -52.67
N SER F 70 -10.78 33.45 -53.18
CA SER F 70 -12.14 33.86 -52.79
CA SER F 70 -12.14 33.86 -52.79
C SER F 70 -13.14 32.76 -53.11
N GLU F 71 -12.96 32.06 -54.23
CA GLU F 71 -13.86 30.97 -54.59
C GLU F 71 -13.69 29.78 -53.65
N PHE F 72 -12.47 29.55 -53.17
CA PHE F 72 -12.25 28.46 -52.22
C PHE F 72 -13.00 28.71 -50.91
N LEU F 73 -13.04 29.96 -50.46
CA LEU F 73 -13.68 30.33 -49.21
C LEU F 73 -15.18 30.54 -49.33
N LYS F 74 -15.79 30.12 -50.45
CA LYS F 74 -17.23 30.27 -50.60
C LYS F 74 -17.98 29.42 -49.58
N ASP F 75 -19.18 29.89 -49.23
CA ASP F 75 -19.97 29.21 -48.19
C ASP F 75 -20.23 27.76 -48.55
N GLU F 76 -20.52 27.49 -49.82
CA GLU F 76 -20.79 26.12 -50.25
C GLU F 76 -19.61 25.21 -49.99
N ASN F 77 -18.38 25.72 -50.13
CA ASN F 77 -17.21 24.90 -49.90
C ASN F 77 -16.85 24.79 -48.42
N MET F 78 -17.13 25.85 -47.65
CA MET F 78 -16.71 25.89 -46.26
C MET F 78 -17.71 25.23 -45.31
N GLU F 79 -18.95 24.99 -45.76
CA GLU F 79 -19.96 24.38 -44.90
C GLU F 79 -19.68 22.91 -44.63
N LYS F 80 -18.78 22.28 -45.40
CA LYS F 80 -18.38 20.91 -45.12
C LYS F 80 -17.52 20.79 -43.87
N PHE F 81 -17.07 21.91 -43.30
CA PHE F 81 -16.25 21.93 -42.12
C PHE F 81 -17.01 22.60 -40.98
N ASN F 82 -16.71 22.20 -39.75
CA ASN F 82 -17.38 22.72 -38.58
C ASN F 82 -16.37 23.48 -37.71
N VAL F 83 -16.90 24.22 -36.73
CA VAL F 83 -16.11 25.16 -35.95
C VAL F 83 -15.80 24.61 -34.55
N LYS F 84 -15.89 23.29 -34.36
CA LYS F 84 -15.55 22.70 -33.07
C LYS F 84 -14.16 23.17 -32.64
N LEU F 85 -14.06 23.62 -31.39
CA LEU F 85 -12.82 24.20 -30.88
C LEU F 85 -11.63 23.28 -31.12
N GLY F 86 -10.66 23.78 -31.87
CA GLY F 86 -9.45 23.05 -32.16
C GLY F 86 -9.43 22.35 -33.51
N THR F 87 -10.59 22.11 -34.10
CA THR F 87 -10.63 21.47 -35.41
C THR F 87 -10.05 22.40 -36.47
N SER F 88 -9.40 21.81 -37.46
CA SER F 88 -8.76 22.60 -38.50
C SER F 88 -8.63 21.81 -39.79
N LYS F 89 -8.63 22.54 -40.90
CA LYS F 89 -8.32 21.98 -42.22
C LYS F 89 -7.55 23.06 -42.98
N HIS F 90 -6.50 22.65 -43.69
CA HIS F 90 -5.80 23.55 -44.60
C HIS F 90 -5.61 22.87 -45.94
N PHE F 91 -5.79 23.65 -47.01
CA PHE F 91 -5.66 23.17 -48.38
C PHE F 91 -4.58 23.96 -49.11
N TYR F 92 -3.95 23.30 -50.08
CA TYR F 92 -2.91 23.93 -50.90
C TYR F 92 -3.49 24.23 -52.28
N MET F 93 -3.17 25.42 -52.80
CA MET F 93 -3.74 25.88 -54.06
C MET F 93 -2.86 26.99 -54.62
N PHE F 94 -3.17 27.38 -55.86
CA PHE F 94 -2.51 28.50 -56.51
C PHE F 94 -3.41 29.72 -56.51
N ASN F 95 -2.81 30.89 -56.27
CA ASN F 95 -3.54 32.15 -56.17
C ASN F 95 -3.68 32.79 -57.56
N ASP F 96 -4.09 34.06 -57.57
CA ASP F 96 -4.33 34.76 -58.84
C ASP F 96 -3.04 34.94 -59.63
N ASN F 97 -1.88 34.98 -58.95
CA ASN F 97 -0.60 35.11 -59.62
C ASN F 97 0.10 33.77 -59.82
N LYS F 98 -0.67 32.68 -59.86
CA LYS F 98 -0.14 31.34 -60.13
C LYS F 98 0.95 30.93 -59.14
N ASN F 99 0.88 31.45 -57.92
CA ASN F 99 1.80 31.11 -56.84
C ASN F 99 1.09 30.22 -55.83
N SER F 100 1.84 29.26 -55.28
CA SER F 100 1.25 28.32 -54.34
C SER F 100 1.01 28.96 -52.99
N VAL F 101 -0.23 28.86 -52.52
CA VAL F 101 -0.63 29.32 -51.20
C VAL F 101 -1.42 28.21 -50.53
N ALA F 102 -1.39 28.23 -49.20
CA ALA F 102 -2.18 27.33 -48.38
C ALA F 102 -3.08 28.16 -47.48
N VAL F 103 -4.37 27.84 -47.47
CA VAL F 103 -5.26 28.63 -46.65
C VAL F 103 -6.06 27.64 -45.84
N GLY F 104 -6.56 28.09 -44.70
CA GLY F 104 -7.26 27.16 -43.86
C GLY F 104 -7.97 27.87 -42.75
N TYR F 105 -8.47 27.09 -41.79
CA TYR F 105 -9.22 27.66 -40.67
C TYR F 105 -8.90 26.83 -39.43
N VAL F 106 -9.14 27.47 -38.28
CA VAL F 106 -9.14 26.80 -36.98
C VAL F 106 -10.47 27.11 -36.30
N GLY F 107 -11.15 26.07 -35.85
CA GLY F 107 -12.45 26.26 -35.21
C GLY F 107 -12.31 26.89 -33.84
N CYS F 108 -13.12 27.90 -33.57
CA CYS F 108 -13.10 28.60 -32.29
C CYS F 108 -14.39 28.41 -31.48
N GLY F 109 -15.18 27.39 -31.82
CA GLY F 109 -16.33 27.06 -31.01
C GLY F 109 -17.52 27.99 -31.27
N SER F 110 -18.40 28.05 -30.29
CA SER F 110 -19.63 28.83 -30.37
C SER F 110 -19.77 29.88 -29.28
N VAL F 111 -18.80 29.97 -28.37
CA VAL F 111 -18.82 30.97 -27.30
C VAL F 111 -18.13 32.25 -27.78
N ALA F 112 -18.77 33.39 -27.54
CA ALA F 112 -18.25 34.66 -28.04
C ALA F 112 -16.97 35.06 -27.32
N ASP F 113 -16.90 34.84 -26.01
CA ASP F 113 -15.75 35.23 -25.20
C ASP F 113 -14.86 34.01 -24.97
N LEU F 114 -13.74 33.94 -25.67
CA LEU F 114 -12.81 32.84 -25.50
C LEU F 114 -12.01 33.01 -24.21
N SER F 115 -11.84 31.91 -23.49
CA SER F 115 -11.00 31.92 -22.31
C SER F 115 -9.54 31.71 -22.71
N GLU F 116 -8.64 31.87 -21.74
CA GLU F 116 -7.23 31.58 -21.98
C GLU F 116 -7.04 30.13 -22.37
N ALA F 117 -7.82 29.23 -21.76
CA ALA F 117 -7.73 27.81 -22.09
C ALA F 117 -8.23 27.55 -23.51
N ASP F 118 -9.29 28.24 -23.92
CA ASP F 118 -9.78 28.10 -25.29
C ASP F 118 -8.75 28.60 -26.29
N MET F 119 -8.17 29.79 -26.03
CA MET F 119 -7.14 30.32 -26.91
C MET F 119 -5.95 29.37 -27.00
N LYS F 120 -5.61 28.72 -25.88
CA LYS F 120 -4.53 27.73 -25.90
C LYS F 120 -4.82 26.62 -26.91
N ARG F 121 -6.05 26.11 -26.91
CA ARG F 121 -6.39 25.04 -27.84
C ARG F 121 -6.30 25.50 -29.28
N VAL F 122 -6.68 26.75 -29.54
CA VAL F 122 -6.56 27.31 -30.89
C VAL F 122 -5.09 27.42 -31.30
N VAL F 123 -4.25 27.92 -30.38
CA VAL F 123 -2.84 28.10 -30.69
C VAL F 123 -2.17 26.76 -30.97
N LEU F 124 -2.49 25.74 -30.18
CA LEU F 124 -1.87 24.43 -30.37
C LEU F 124 -2.24 23.84 -31.72
N SER F 125 -3.47 24.07 -32.18
CA SER F 125 -3.84 23.66 -33.53
C SER F 125 -3.02 24.42 -34.56
N LEU F 126 -2.79 25.71 -34.31
CA LEU F 126 -1.94 26.50 -35.19
C LEU F 126 -0.51 25.96 -35.21
N VAL F 127 0.04 25.67 -34.03
CA VAL F 127 1.41 25.16 -33.93
C VAL F 127 1.52 23.79 -34.59
N THR F 128 0.47 22.98 -34.50
CA THR F 128 0.49 21.67 -35.16
C THR F 128 0.67 21.83 -36.66
N MET F 129 0.02 22.83 -37.26
CA MET F 129 0.24 23.09 -38.67
C MET F 129 1.64 23.60 -38.93
N LEU F 130 2.21 24.38 -38.01
CA LEU F 130 3.54 24.93 -38.26
C LEU F 130 4.59 23.83 -38.30
N HIS F 131 4.45 22.83 -37.44
CA HIS F 131 5.30 21.67 -37.54
C HIS F 131 4.84 20.82 -38.73
N ASP F 132 5.74 19.98 -39.23
CA ASP F 132 5.50 19.15 -40.42
C ASP F 132 5.11 19.99 -41.63
N ASN F 133 5.54 21.25 -41.67
CA ASN F 133 4.99 22.11 -42.71
C ASN F 133 6.02 23.20 -43.00
N LYS F 134 6.48 23.32 -44.25
CA LYS F 134 7.64 24.18 -44.57
C LYS F 134 7.27 25.59 -45.05
N LEU F 135 6.63 26.40 -44.21
CA LEU F 135 6.26 27.76 -44.61
C LEU F 135 7.33 28.79 -44.28
N SER F 136 7.38 29.84 -45.13
CA SER F 136 8.19 31.02 -44.87
C SER F 136 7.38 32.11 -44.16
N LYS F 137 6.05 32.06 -44.24
CA LYS F 137 5.18 33.07 -43.67
C LYS F 137 3.89 32.44 -43.19
N LEU F 138 3.40 32.91 -42.04
CA LEU F 138 2.08 32.56 -41.53
C LEU F 138 1.24 33.84 -41.42
N THR F 139 0.00 33.76 -41.87
CA THR F 139 -0.95 34.87 -41.76
C THR F 139 -2.18 34.40 -40.99
N VAL F 140 -2.54 35.14 -39.94
CA VAL F 140 -3.68 34.80 -39.08
C VAL F 140 -4.71 35.90 -39.22
N VAL F 141 -5.93 35.54 -39.59
CA VAL F 141 -7.03 36.47 -39.78
C VAL F 141 -8.01 36.27 -38.64
N PHE F 142 -8.22 37.32 -37.84
CA PHE F 142 -9.06 37.25 -36.64
C PHE F 142 -10.51 37.56 -37.04
N GLU F 143 -11.32 36.52 -37.22
CA GLU F 143 -12.75 36.67 -37.35
C GLU F 143 -13.49 36.39 -36.04
N ILE F 144 -12.80 36.59 -34.92
CA ILE F 144 -13.38 36.52 -33.59
C ILE F 144 -13.04 37.82 -32.86
N ASN F 145 -13.66 38.01 -31.70
CA ASN F 145 -13.46 39.21 -30.89
C ASN F 145 -12.54 38.89 -29.73
N VAL F 146 -11.41 39.61 -29.65
CA VAL F 146 -10.46 39.48 -28.56
C VAL F 146 -10.01 40.87 -28.16
N ASP F 147 -9.83 41.09 -26.86
CA ASP F 147 -9.32 42.37 -26.41
C ASP F 147 -7.79 42.40 -26.55
N LYS F 148 -7.19 43.52 -26.15
CA LYS F 148 -5.75 43.69 -26.36
C LYS F 148 -4.96 42.67 -25.55
N ASN F 149 -5.40 42.38 -24.32
CA ASN F 149 -4.67 41.43 -23.48
C ASN F 149 -4.76 40.02 -24.03
N LEU F 150 -5.93 39.61 -24.52
CA LEU F 150 -6.07 38.27 -25.07
C LEU F 150 -5.33 38.13 -26.41
N PHE F 151 -5.28 39.19 -27.21
CA PHE F 151 -4.50 39.15 -28.44
C PHE F 151 -3.02 38.98 -28.14
N ARG F 152 -2.52 39.71 -27.14
CA ARG F 152 -1.13 39.54 -26.71
C ARG F 152 -0.90 38.13 -26.20
N PHE F 153 -1.84 37.59 -25.42
CA PHE F 153 -1.73 36.21 -24.94
C PHE F 153 -1.66 35.24 -26.10
N PHE F 154 -2.40 35.50 -27.17
CA PHE F 154 -2.31 34.66 -28.37
C PHE F 154 -0.90 34.64 -28.92
N LEU F 155 -0.28 35.82 -29.04
CA LEU F 155 1.08 35.89 -29.59
C LEU F 155 2.09 35.22 -28.67
N GLU F 156 2.03 35.51 -27.37
CA GLU F 156 2.92 34.86 -26.42
C GLU F 156 2.81 33.35 -26.49
N THR F 157 1.59 32.83 -26.47
CA THR F 157 1.39 31.38 -26.47
C THR F 157 1.85 30.78 -27.80
N LEU F 158 1.55 31.45 -28.91
CA LEU F 158 2.04 30.99 -30.21
C LEU F 158 3.56 30.91 -30.21
N PHE F 159 4.22 32.00 -29.79
CA PHE F 159 5.68 32.02 -29.75
C PHE F 159 6.23 30.93 -28.83
N TYR F 160 5.64 30.80 -27.64
CA TYR F 160 6.18 29.85 -26.66
C TYR F 160 6.00 28.41 -27.13
N GLU F 161 4.80 28.07 -27.62
CA GLU F 161 4.56 26.70 -28.06
C GLU F 161 5.31 26.37 -29.34
N TYR F 162 5.56 27.38 -30.19
CA TYR F 162 6.29 27.14 -31.43
C TYR F 162 7.74 26.77 -31.16
N MET F 163 8.37 27.41 -30.18
CA MET F 163 9.78 27.19 -29.90
C MET F 163 10.03 25.81 -29.33
N THR F 164 11.08 25.15 -29.84
CA THR F 164 11.46 23.80 -29.41
C THR F 164 12.84 23.84 -28.78
N ASP F 165 12.94 23.31 -27.57
CA ASP F 165 14.20 23.29 -26.81
C ASP F 165 15.03 22.09 -27.24
N GLU F 166 16.14 22.34 -27.95
CA GLU F 166 17.01 21.29 -28.45
C GLU F 166 18.41 21.37 -27.82
N ARG F 167 18.54 22.01 -26.66
CA ARG F 167 19.87 22.22 -26.07
C ARG F 167 20.58 20.90 -25.78
N PHE F 168 19.83 19.83 -25.52
CA PHE F 168 20.43 18.58 -25.07
C PHE F 168 20.22 17.44 -26.05
N LYS F 169 19.76 17.73 -27.27
CA LYS F 169 19.80 16.75 -28.35
C LYS F 169 21.14 16.86 -29.06
N SER F 170 21.84 15.73 -29.19
CA SER F 170 23.02 15.70 -30.04
C SER F 170 22.78 15.01 -31.37
N THR F 171 22.46 13.71 -31.33
CA THR F 171 22.30 12.89 -32.52
C THR F 171 20.83 12.62 -32.85
N ASP F 172 19.92 13.48 -32.42
CA ASP F 172 18.51 13.29 -32.71
C ASP F 172 17.82 14.62 -32.99
N GLU F 178 11.85 23.92 -40.66
CA GLU F 178 12.41 25.22 -40.33
C GLU F 178 11.37 26.11 -39.66
N TYR F 179 11.74 27.37 -39.42
CA TYR F 179 10.89 28.34 -38.76
C TYR F 179 10.47 29.42 -39.76
N ILE F 180 9.21 29.84 -39.65
CA ILE F 180 8.75 30.95 -40.48
C ILE F 180 9.56 32.20 -40.16
N LYS F 181 9.69 33.08 -41.15
CA LYS F 181 10.40 34.34 -40.96
C LYS F 181 9.47 35.54 -40.88
N HIS F 182 8.18 35.36 -41.17
CA HIS F 182 7.23 36.47 -41.19
C HIS F 182 5.90 35.99 -40.62
N LEU F 183 5.25 36.87 -39.86
CA LEU F 183 3.92 36.61 -39.31
C LEU F 183 3.01 37.79 -39.62
N GLY F 184 1.95 37.54 -40.38
CA GLY F 184 0.96 38.55 -40.69
C GLY F 184 -0.31 38.35 -39.86
N VAL F 185 -0.90 39.46 -39.43
CA VAL F 185 -2.09 39.43 -38.59
C VAL F 185 -3.12 40.40 -39.18
N TYR F 186 -4.30 39.88 -39.48
CA TYR F 186 -5.44 40.69 -39.90
C TYR F 186 -6.47 40.71 -38.77
N ILE F 187 -6.76 41.90 -38.25
CA ILE F 187 -7.66 42.04 -37.11
C ILE F 187 -8.36 43.39 -37.21
N ASN F 188 -9.58 43.45 -36.68
CA ASN F 188 -10.32 44.70 -36.66
C ASN F 188 -9.68 45.68 -35.68
N ASN F 189 -9.64 46.96 -36.07
CA ASN F 189 -9.00 48.01 -35.28
C ASN F 189 -7.55 47.64 -34.98
N ALA F 190 -6.82 47.28 -36.04
CA ALA F 190 -5.47 46.73 -35.88
C ALA F 190 -4.51 47.71 -35.23
N ASP F 191 -4.73 49.01 -35.41
CA ASP F 191 -3.81 50.00 -34.85
C ASP F 191 -3.73 49.92 -33.34
N THR F 192 -4.83 49.53 -32.68
CA THR F 192 -4.84 49.43 -31.22
C THR F 192 -4.13 48.18 -30.70
N TYR F 193 -3.77 47.25 -31.58
CA TYR F 193 -3.14 46.01 -31.18
C TYR F 193 -1.64 45.97 -31.46
N LYS F 194 -1.13 46.91 -32.27
CA LYS F 194 0.28 46.90 -32.64
C LYS F 194 1.20 46.98 -31.42
N GLU F 195 0.83 47.81 -30.44
CA GLU F 195 1.67 47.95 -29.24
C GLU F 195 1.84 46.63 -28.49
N GLU F 196 0.95 45.66 -28.69
CA GLU F 196 1.04 44.38 -27.99
C GLU F 196 2.07 43.44 -28.61
N VAL F 197 2.52 43.72 -29.83
CA VAL F 197 3.36 42.76 -30.56
C VAL F 197 4.69 42.55 -29.85
N GLU F 198 5.45 43.64 -29.65
CA GLU F 198 6.78 43.50 -29.06
C GLU F 198 6.70 43.20 -27.58
N LYS F 199 5.64 43.65 -26.90
CA LYS F 199 5.44 43.24 -25.51
C LYS F 199 5.23 41.74 -25.42
N ALA F 200 4.46 41.18 -26.35
CA ALA F 200 4.28 39.73 -26.40
C ALA F 200 5.61 39.02 -26.63
N ARG F 201 6.47 39.57 -27.48
CA ARG F 201 7.77 38.96 -27.74
C ARG F 201 8.62 38.97 -26.48
N VAL F 202 8.55 40.05 -25.71
CA VAL F 202 9.27 40.11 -24.44
C VAL F 202 8.69 39.11 -23.45
N TYR F 203 7.36 39.08 -23.33
CA TYR F 203 6.72 38.14 -22.40
C TYR F 203 7.00 36.70 -22.81
N TYR F 204 7.07 36.43 -24.12
CA TYR F 204 7.37 35.08 -24.58
C TYR F 204 8.73 34.61 -24.07
N PHE F 205 9.77 35.43 -24.23
CA PHE F 205 11.10 34.95 -23.88
C PHE F 205 11.27 34.87 -22.37
N GLY F 206 10.69 35.81 -21.63
CA GLY F 206 10.69 35.69 -20.18
C GLY F 206 10.08 34.37 -19.73
N THR F 207 9.00 33.96 -20.38
CA THR F 207 8.41 32.66 -20.11
C THR F 207 9.31 31.53 -20.61
N TYR F 208 9.88 31.69 -21.80
CA TYR F 208 10.77 30.66 -22.32
C TYR F 208 12.09 30.60 -21.57
N TYR F 209 12.55 31.74 -21.04
CA TYR F 209 13.76 31.73 -20.21
C TYR F 209 13.53 30.93 -18.94
N ALA F 210 12.40 31.14 -18.28
CA ALA F 210 12.05 30.33 -17.13
C ALA F 210 11.95 28.85 -17.50
N SER F 211 11.38 28.55 -18.67
CA SER F 211 11.27 27.16 -19.11
C SER F 211 12.64 26.51 -19.29
N GLN F 212 13.60 27.26 -19.84
CA GLN F 212 14.94 26.71 -20.03
C GLN F 212 15.60 26.40 -18.70
N LEU F 213 15.34 27.21 -17.67
CA LEU F 213 15.91 26.95 -16.35
C LEU F 213 15.25 25.75 -15.70
N ILE F 214 13.92 25.63 -15.84
CA ILE F 214 13.21 24.51 -15.23
C ILE F 214 13.59 23.20 -15.91
N ALA F 215 13.70 23.22 -17.24
CA ALA F 215 14.04 22.02 -18.01
C ALA F 215 15.52 21.69 -17.96
N ALA F 216 16.35 22.54 -17.38
CA ALA F 216 17.77 22.24 -17.27
C ALA F 216 17.99 21.02 -16.39
N PRO F 217 18.75 20.02 -16.85
CA PRO F 217 18.95 18.81 -16.06
C PRO F 217 19.73 19.08 -14.78
N SER F 218 19.59 18.14 -13.84
CA SER F 218 20.16 18.32 -12.51
C SER F 218 21.68 18.28 -12.51
N ASN F 219 22.31 17.71 -13.53
CA ASN F 219 23.76 17.74 -13.65
C ASN F 219 24.28 19.00 -14.34
N TYR F 220 23.37 19.84 -14.83
CA TYR F 220 23.70 21.18 -15.32
C TYR F 220 23.30 22.27 -14.34
N CYS F 221 22.14 22.14 -13.70
CA CYS F 221 21.58 23.17 -12.84
C CYS F 221 21.90 22.87 -11.38
N ASN F 222 22.59 23.80 -10.73
CA ASN F 222 22.90 23.70 -9.31
C ASN F 222 22.98 25.12 -8.77
N PRO F 223 23.05 25.29 -7.44
CA PRO F 223 23.08 26.65 -6.88
C PRO F 223 24.16 27.54 -7.46
N VAL F 224 25.32 26.98 -7.81
CA VAL F 224 26.40 27.80 -8.36
C VAL F 224 26.10 28.20 -9.79
N SER F 225 25.71 27.22 -10.62
CA SER F 225 25.43 27.53 -12.03
C SER F 225 24.18 28.38 -12.19
N LEU F 226 23.20 28.22 -11.31
CA LEU F 226 21.98 29.02 -11.41
C LEU F 226 22.23 30.47 -11.03
N SER F 227 22.95 30.71 -9.93
CA SER F 227 23.29 32.08 -9.55
C SER F 227 24.22 32.73 -10.58
N ASN F 228 25.09 31.93 -11.21
CA ASN F 228 25.90 32.45 -12.30
C ASN F 228 25.02 32.92 -13.46
N ALA F 229 23.98 32.15 -13.79
CA ALA F 229 23.06 32.56 -14.84
C ALA F 229 22.32 33.83 -14.46
N ALA F 230 21.96 33.97 -13.19
CA ALA F 230 21.30 35.18 -12.73
C ALA F 230 22.20 36.40 -12.87
N VAL F 231 23.50 36.23 -12.61
CA VAL F 231 24.44 37.33 -12.77
C VAL F 231 24.56 37.72 -14.23
N GLU F 232 24.73 36.73 -15.11
CA GLU F 232 24.73 36.98 -16.55
C GLU F 232 23.50 37.77 -16.99
N LEU F 233 22.32 37.34 -16.56
CA LEU F 233 21.09 38.03 -16.93
C LEU F 233 21.09 39.48 -16.44
N ALA F 234 21.51 39.69 -15.19
CA ALA F 234 21.54 41.04 -14.65
C ALA F 234 22.54 41.91 -15.39
N GLN F 235 23.69 41.35 -15.79
CA GLN F 235 24.67 42.12 -16.52
C GLN F 235 24.16 42.48 -17.91
N LYS F 236 23.45 41.56 -18.57
CA LYS F 236 22.89 41.85 -19.89
C LYS F 236 21.86 42.96 -19.84
N LEU F 237 21.12 43.09 -18.73
CA LEU F 237 20.02 44.03 -18.62
C LEU F 237 20.32 45.18 -17.67
N ASN F 238 21.57 45.33 -17.24
CA ASN F 238 21.99 46.43 -16.36
C ASN F 238 21.20 46.45 -15.05
N LEU F 239 20.95 45.27 -14.50
CA LEU F 239 20.35 45.15 -13.18
C LEU F 239 21.45 45.05 -12.13
N GLU F 240 21.22 45.69 -10.98
CA GLU F 240 22.08 45.49 -9.82
C GLU F 240 21.94 44.05 -9.34
N TYR F 241 23.07 43.44 -8.97
CA TYR F 241 23.07 42.05 -8.56
C TYR F 241 24.00 41.84 -7.37
N LYS F 242 23.63 40.89 -6.52
CA LYS F 242 24.46 40.46 -5.40
C LYS F 242 24.19 38.99 -5.14
N ILE F 243 25.26 38.20 -5.01
CA ILE F 243 25.14 36.77 -4.70
C ILE F 243 25.75 36.53 -3.33
N LEU F 244 24.92 36.09 -2.39
CA LEU F 244 25.36 35.82 -1.03
C LEU F 244 25.83 34.38 -0.89
N GLY F 245 27.04 34.19 -0.38
CA GLY F 245 27.58 32.87 -0.14
C GLY F 245 27.35 32.41 1.29
N VAL F 246 27.81 31.18 1.56
CA VAL F 246 27.53 30.53 2.85
C VAL F 246 28.05 31.39 4.00
N LYS F 247 29.23 31.98 3.84
CA LYS F 247 29.82 32.77 4.92
C LYS F 247 28.93 33.97 5.26
N GLU F 248 28.43 34.68 4.25
CA GLU F 248 27.55 35.81 4.51
C GLU F 248 26.20 35.34 5.05
N LEU F 249 25.70 34.21 4.55
CA LEU F 249 24.44 33.67 5.04
C LEU F 249 24.54 33.26 6.51
N GLU F 250 25.70 32.75 6.92
CA GLU F 250 25.90 32.44 8.34
C GLU F 250 25.87 33.70 9.18
N GLU F 251 26.44 34.79 8.67
CA GLU F 251 26.41 36.07 9.41
C GLU F 251 24.98 36.57 9.58
N LEU F 252 24.13 36.36 8.57
CA LEU F 252 22.73 36.73 8.67
C LEU F 252 21.90 35.71 9.44
N LYS F 253 22.51 34.60 9.85
CA LYS F 253 21.86 33.59 10.70
C LYS F 253 20.67 32.95 10.01
N MET F 254 20.81 32.67 8.71
CA MET F 254 19.75 32.02 7.93
C MET F 254 19.79 30.51 8.18
N GLY F 255 19.48 30.15 9.42
CA GLY F 255 19.65 28.76 9.85
C GLY F 255 18.74 27.77 9.17
N ALA F 256 17.52 28.20 8.81
CA ALA F 256 16.60 27.28 8.13
C ALA F 256 17.05 27.02 6.71
N TYR F 257 17.41 28.07 5.98
CA TYR F 257 17.90 27.93 4.60
C TYR F 257 19.22 27.17 4.56
N LEU F 258 20.12 27.48 5.50
CA LEU F 258 21.43 26.81 5.52
C LEU F 258 21.30 25.33 5.87
N SER F 259 20.36 24.99 6.76
CA SER F 259 20.20 23.59 7.17
C SER F 259 19.84 22.70 5.99
N VAL F 260 18.96 23.19 5.10
CA VAL F 260 18.53 22.39 3.96
C VAL F 260 19.73 22.04 3.07
N GLY F 261 20.62 23.00 2.84
CA GLY F 261 21.79 22.82 2.01
C GLY F 261 23.01 22.26 2.72
N LYS F 262 22.89 21.87 3.99
CA LYS F 262 24.06 21.42 4.75
C LYS F 262 24.73 20.23 4.10
N GLY F 263 23.95 19.24 3.67
CA GLY F 263 24.48 18.02 3.09
C GLY F 263 24.74 18.09 1.60
N SER F 264 24.70 19.27 1.00
CA SER F 264 24.77 19.41 -0.44
C SER F 264 26.22 19.37 -0.94
N MET F 265 26.36 18.98 -2.20
CA MET F 265 27.66 19.03 -2.85
C MET F 265 27.98 20.43 -3.37
N TYR F 266 26.94 21.20 -3.71
CA TYR F 266 27.06 22.58 -4.12
C TYR F 266 26.59 23.50 -3.01
N PRO F 267 27.36 24.51 -2.63
CA PRO F 267 26.96 25.38 -1.52
C PRO F 267 25.79 26.27 -1.87
N ASN F 268 25.08 26.70 -0.82
CA ASN F 268 23.96 27.62 -0.97
C ASN F 268 24.41 28.92 -1.64
N LYS F 269 23.54 29.46 -2.49
CA LYS F 269 23.76 30.77 -3.12
C LYS F 269 22.44 31.53 -3.10
N PHE F 270 22.43 32.70 -2.47
CA PHE F 270 21.24 33.54 -2.39
C PHE F 270 21.31 34.60 -3.48
N ILE F 271 20.33 34.57 -4.39
CA ILE F 271 20.28 35.49 -5.51
C ILE F 271 19.51 36.75 -5.09
N HIS F 272 20.08 37.92 -5.40
CA HIS F 272 19.44 39.20 -5.12
C HIS F 272 19.73 40.13 -6.29
N LEU F 273 18.76 40.26 -7.19
CA LEU F 273 18.81 41.25 -8.26
C LEU F 273 17.90 42.41 -7.90
N THR F 274 18.26 43.61 -8.36
CA THR F 274 17.48 44.80 -8.05
C THR F 274 17.31 45.66 -9.30
N TYR F 275 16.07 45.99 -9.62
CA TYR F 275 15.73 47.00 -10.62
C TYR F 275 15.22 48.24 -9.91
N LYS F 276 15.73 49.40 -10.32
CA LYS F 276 15.28 50.68 -9.78
C LYS F 276 14.89 51.58 -10.96
N SER F 277 13.63 52.01 -10.97
CA SER F 277 13.12 52.89 -12.01
C SER F 277 13.76 54.27 -11.99
N LYS F 278 13.70 54.93 -13.14
CA LYS F 278 14.19 56.30 -13.25
C LYS F 278 13.18 57.26 -12.63
N GLY F 279 13.69 58.20 -11.85
CA GLY F 279 12.88 59.19 -11.16
C GLY F 279 12.46 58.78 -9.76
N ASP F 280 11.33 59.29 -9.29
CA ASP F 280 10.84 58.91 -7.97
C ASP F 280 10.27 57.49 -8.00
N VAL F 281 10.57 56.73 -6.94
CA VAL F 281 10.04 55.39 -6.75
C VAL F 281 8.84 55.49 -5.81
N LYS F 282 7.66 55.10 -6.31
CA LYS F 282 6.43 55.17 -5.54
C LYS F 282 6.03 53.85 -4.93
N LYS F 283 6.58 52.73 -5.41
CA LYS F 283 6.25 51.41 -4.90
C LYS F 283 7.51 50.53 -4.91
N LYS F 284 7.76 49.86 -3.79
CA LYS F 284 8.87 48.93 -3.66
C LYS F 284 8.33 47.52 -3.47
N ILE F 285 8.84 46.58 -4.27
CA ILE F 285 8.31 45.22 -4.32
C ILE F 285 9.47 44.23 -4.20
N ALA F 286 9.26 43.18 -3.40
CA ALA F 286 10.19 42.06 -3.30
C ALA F 286 9.51 40.81 -3.84
N LEU F 287 10.12 40.19 -4.84
CA LEU F 287 9.64 38.94 -5.43
C LEU F 287 10.56 37.80 -5.00
N VAL F 288 9.98 36.79 -4.37
CA VAL F 288 10.73 35.68 -3.80
C VAL F 288 10.34 34.40 -4.53
N GLY F 289 11.33 33.69 -5.06
CA GLY F 289 11.07 32.43 -5.74
C GLY F 289 11.75 31.25 -5.06
N LYS F 290 11.02 30.15 -4.88
CA LYS F 290 11.62 28.94 -4.35
C LYS F 290 12.64 28.39 -5.33
N GLY F 291 13.83 28.08 -4.83
CA GLY F 291 14.90 27.64 -5.70
C GLY F 291 15.67 26.43 -5.20
N ILE F 292 15.03 25.26 -5.20
CA ILE F 292 15.68 24.01 -4.88
C ILE F 292 16.07 23.34 -6.19
N THR F 293 17.36 23.36 -6.51
CA THR F 293 17.81 22.85 -7.81
C THR F 293 17.67 21.34 -7.89
N PHE F 294 17.79 20.64 -6.77
CA PHE F 294 17.42 19.23 -6.71
C PHE F 294 16.94 18.90 -5.31
N ASP F 295 15.79 18.25 -5.22
CA ASP F 295 15.18 17.87 -3.94
C ASP F 295 15.12 16.35 -3.87
N SER F 296 16.08 15.75 -3.18
CA SER F 296 16.07 14.32 -2.95
C SER F 296 15.09 13.91 -1.86
N GLY F 297 14.59 14.87 -1.07
CA GLY F 297 13.81 14.59 0.10
C GLY F 297 14.61 14.50 1.39
N GLY F 298 15.93 14.32 1.28
CA GLY F 298 16.75 14.24 2.47
C GLY F 298 16.47 12.98 3.28
N TYR F 299 16.74 13.07 4.58
CA TYR F 299 16.56 11.94 5.50
C TYR F 299 15.08 11.77 5.86
N ASN F 300 14.29 11.43 4.85
CA ASN F 300 12.90 11.06 5.04
C ASN F 300 12.69 9.62 4.59
N LEU F 301 13.56 8.72 5.06
CA LEU F 301 13.59 7.36 4.56
C LEU F 301 12.59 6.44 5.25
N LYS F 302 11.99 6.86 6.36
CA LYS F 302 11.00 6.05 7.09
C LYS F 302 9.74 6.89 7.32
N ALA F 303 9.12 7.31 6.24
CA ALA F 303 7.91 8.12 6.33
C ALA F 303 6.72 7.27 6.75
N PRO F 305 3.45 5.77 7.46
CA PRO F 305 2.36 5.96 6.50
C PRO F 305 1.45 7.13 6.87
N GLY F 306 0.82 7.73 5.86
CA GLY F 306 0.02 8.92 6.07
C GLY F 306 0.80 10.21 6.12
N SER F 307 2.12 10.15 6.01
CA SER F 307 3.00 11.31 6.00
C SER F 307 2.92 12.03 4.67
N MET F 308 3.31 13.31 4.68
CA MET F 308 3.27 14.13 3.48
C MET F 308 4.15 13.53 2.39
N ILE F 309 3.57 13.38 1.19
CA ILE F 309 4.27 12.85 0.03
C ILE F 309 4.60 14.00 -0.93
N ASP F 310 5.81 13.95 -1.51
CA ASP F 310 6.27 14.94 -2.49
C ASP F 310 6.62 14.22 -3.78
N LEU F 311 5.77 14.34 -4.81
CA LEU F 311 6.01 13.69 -6.09
C LEU F 311 6.34 14.62 -7.26
N MET F 312 6.54 15.93 -7.03
CA MET F 312 6.79 16.91 -8.08
C MET F 312 8.26 17.32 -8.04
N LYS F 313 9.02 17.19 -9.12
CA LYS F 313 10.39 17.46 -8.76
C LYS F 313 10.80 18.84 -9.37
N PHE F 314 9.81 19.67 -9.73
CA PHE F 314 10.13 20.95 -10.38
C PHE F 314 10.21 22.05 -9.31
N ASP F 315 11.27 21.92 -8.50
CA ASP F 315 11.40 22.62 -7.23
C ASP F 315 12.17 23.93 -7.31
N MET F 316 12.50 24.41 -8.51
CA MET F 316 13.00 25.79 -8.64
C MET F 316 12.20 26.56 -9.68
N SER F 317 10.93 26.14 -9.89
CA SER F 317 10.07 26.84 -10.83
C SER F 317 9.77 28.26 -10.37
N GLY F 318 9.70 28.48 -9.06
CA GLY F 318 9.45 29.83 -8.56
C GLY F 318 10.62 30.76 -8.82
N CYS F 319 11.83 30.30 -8.55
CA CYS F 319 13.02 31.08 -8.90
C CYS F 319 13.06 31.37 -10.39
N ALA F 320 12.72 30.38 -11.21
CA ALA F 320 12.72 30.57 -12.66
C ALA F 320 11.71 31.63 -13.08
N ALA F 321 10.52 31.60 -12.47
CA ALA F 321 9.51 32.62 -12.78
C ALA F 321 9.97 34.00 -12.35
N VAL F 322 10.66 34.08 -11.20
CA VAL F 322 11.17 35.37 -10.72
C VAL F 322 12.26 35.90 -11.65
N LEU F 323 13.15 35.00 -12.12
CA LEU F 323 14.20 35.43 -13.03
C LEU F 323 13.64 35.79 -14.40
N GLY F 324 12.63 35.05 -14.86
CA GLY F 324 11.95 35.43 -16.09
C GLY F 324 11.26 36.77 -15.97
N CYS F 325 10.70 37.06 -14.80
CA CYS F 325 10.13 38.38 -14.55
C CYS F 325 11.22 39.45 -14.56
N ALA F 326 12.40 39.13 -14.01
CA ALA F 326 13.50 40.08 -14.03
C ALA F 326 13.90 40.43 -15.47
N TYR F 327 13.84 39.45 -16.37
CA TYR F 327 14.11 39.73 -17.78
C TYR F 327 13.10 40.71 -18.34
N CYS F 328 11.80 40.43 -18.13
CA CYS F 328 10.76 41.29 -18.67
C CYS F 328 10.84 42.71 -18.11
N VAL F 329 11.01 42.82 -16.80
CA VAL F 329 11.08 44.15 -16.17
C VAL F 329 12.32 44.89 -16.63
N GLY F 330 13.47 44.20 -16.67
CA GLY F 330 14.70 44.83 -17.11
C GLY F 330 14.68 45.25 -18.57
N THR F 331 13.86 44.57 -19.38
CA THR F 331 13.78 44.93 -20.80
C THR F 331 12.79 46.07 -21.02
N LEU F 332 11.60 45.96 -20.42
CA LEU F 332 10.56 46.97 -20.65
C LEU F 332 10.83 48.25 -19.88
N LYS F 333 11.57 48.16 -18.77
CA LYS F 333 11.99 49.31 -17.97
C LYS F 333 10.80 50.14 -17.50
N PRO F 334 9.97 49.62 -16.58
CA PRO F 334 8.85 50.43 -16.07
C PRO F 334 9.33 51.57 -15.18
N GLU F 335 8.46 52.55 -14.99
CA GLU F 335 8.76 53.73 -14.20
C GLU F 335 8.18 53.62 -12.80
N ASN F 336 8.76 54.42 -11.89
CA ASN F 336 8.22 54.70 -10.56
C ASN F 336 8.17 53.47 -9.67
N VAL F 337 8.98 52.45 -9.92
CA VAL F 337 8.91 51.20 -9.18
C VAL F 337 10.32 50.71 -8.87
N GLU F 338 10.45 49.98 -7.76
CA GLU F 338 11.71 49.34 -7.39
C GLU F 338 11.43 47.87 -7.05
N ILE F 339 12.05 46.96 -7.79
CA ILE F 339 11.79 45.54 -7.70
C ILE F 339 13.04 44.81 -7.24
N HIS F 340 12.89 43.95 -6.24
CA HIS F 340 13.95 43.05 -5.78
C HIS F 340 13.59 41.62 -6.17
N PHE F 341 14.49 40.95 -6.87
CA PHE F 341 14.29 39.58 -7.32
C PHE F 341 15.15 38.67 -6.46
N LEU F 342 14.52 37.84 -5.63
CA LEU F 342 15.19 37.08 -4.59
C LEU F 342 14.92 35.59 -4.74
N SER F 343 15.93 34.79 -4.39
CA SER F 343 15.76 33.34 -4.33
C SER F 343 16.88 32.74 -3.48
N ALA F 344 16.49 31.98 -2.46
CA ALA F 344 17.44 31.23 -1.64
C ALA F 344 17.67 29.88 -2.30
N VAL F 345 18.71 29.80 -3.13
CA VAL F 345 18.96 28.62 -3.95
C VAL F 345 19.84 27.64 -3.18
N CYS F 346 19.49 26.35 -3.25
CA CYS F 346 20.21 25.30 -2.56
C CYS F 346 19.81 23.96 -3.14
N GLU F 347 20.52 22.91 -2.73
CA GLU F 347 20.11 21.54 -2.96
C GLU F 347 19.70 20.90 -1.64
N ASN F 348 18.90 19.84 -1.74
CA ASN F 348 18.46 19.05 -0.59
C ASN F 348 18.92 17.62 -0.82
N MET F 349 20.09 17.27 -0.27
CA MET F 349 20.76 16.03 -0.60
C MET F 349 20.83 15.10 0.62
N VAL F 350 21.19 13.86 0.34
CA VAL F 350 21.38 12.83 1.37
C VAL F 350 22.87 12.55 1.49
N SER F 351 23.42 12.79 2.67
CA SER F 351 24.82 12.52 2.95
C SER F 351 24.99 12.46 4.46
N LYS F 352 26.23 12.25 4.90
CA LYS F 352 26.50 12.22 6.34
C LYS F 352 26.36 13.60 6.98
N ASN F 353 26.37 14.67 6.19
CA ASN F 353 26.31 16.03 6.70
C ASN F 353 24.92 16.65 6.63
N SER F 354 23.94 15.94 6.08
CA SER F 354 22.62 16.52 5.87
C SER F 354 21.90 16.74 7.20
N TYR F 355 20.94 17.66 7.18
CA TYR F 355 20.12 17.87 8.36
C TYR F 355 19.09 16.77 8.51
N ARG F 356 18.63 16.57 9.73
CA ARG F 356 17.85 15.40 10.08
C ARG F 356 16.49 15.78 10.63
N PRO F 357 15.49 14.90 10.53
CA PRO F 357 14.25 15.12 11.29
C PRO F 357 14.54 15.12 12.78
N GLY F 358 13.89 16.04 13.48
CA GLY F 358 14.18 16.26 14.88
C GLY F 358 15.19 17.36 15.15
N ASP F 359 15.86 17.88 14.13
CA ASP F 359 16.71 19.04 14.31
C ASP F 359 15.88 20.24 14.76
N ILE F 360 16.45 21.05 15.65
CA ILE F 360 15.88 22.34 16.02
C ILE F 360 16.86 23.41 15.59
N ILE F 361 16.43 24.26 14.66
CA ILE F 361 17.28 25.26 14.04
C ILE F 361 16.68 26.63 14.27
N THR F 362 17.53 27.65 14.19
CA THR F 362 17.15 29.03 14.45
C THR F 362 17.10 29.81 13.14
N ALA F 363 15.93 30.35 12.81
CA ALA F 363 15.79 31.15 11.60
C ALA F 363 16.41 32.53 11.81
N SER F 364 16.49 33.29 10.71
CA SER F 364 17.16 34.59 10.75
C SER F 364 16.36 35.65 11.52
N ASN F 365 15.12 35.35 11.90
CA ASN F 365 14.35 36.24 12.76
C ASN F 365 14.35 35.77 14.21
N GLY F 366 15.20 34.81 14.56
CA GLY F 366 15.34 34.35 15.93
C GLY F 366 14.41 33.23 16.34
N LYS F 367 13.39 32.92 15.53
CA LYS F 367 12.45 31.86 15.88
C LYS F 367 13.08 30.49 15.66
N THR F 368 12.94 29.61 16.64
CA THR F 368 13.42 28.24 16.53
C THR F 368 12.37 27.35 15.89
N ILE F 369 12.83 26.45 15.01
CA ILE F 369 11.95 25.60 14.22
C ILE F 369 12.32 24.15 14.48
N GLU F 370 11.31 23.33 14.81
CA GLU F 370 11.50 21.89 14.93
C GLU F 370 11.24 21.23 13.58
N VAL F 371 12.27 20.60 13.03
CA VAL F 371 12.15 19.91 11.74
C VAL F 371 11.41 18.61 11.96
N GLY F 372 10.32 18.41 11.22
CA GLY F 372 9.57 17.18 11.30
C GLY F 372 9.74 16.30 10.09
N ASN F 373 10.17 16.89 8.97
CA ASN F 373 10.32 16.14 7.73
C ASN F 373 11.29 16.90 6.83
N THR F 374 12.43 16.29 6.52
CA THR F 374 13.41 16.95 5.67
C THR F 374 12.93 17.14 4.24
N ASP F 375 11.85 16.45 3.83
CA ASP F 375 11.28 16.64 2.51
C ASP F 375 10.35 17.85 2.43
N ALA F 376 10.05 18.49 3.54
CA ALA F 376 9.34 19.78 3.52
C ALA F 376 10.34 20.93 3.54
N GLU F 377 11.28 20.89 2.60
CA GLU F 377 12.40 21.82 2.57
C GLU F 377 12.04 23.18 1.99
N GLY F 378 10.99 23.26 1.18
CA GLY F 378 10.66 24.51 0.51
C GLY F 378 10.36 25.63 1.49
N ARG F 379 9.49 25.36 2.46
CA ARG F 379 9.08 26.41 3.39
C ARG F 379 10.23 26.87 4.28
N LEU F 380 11.21 26.01 4.52
CA LEU F 380 12.36 26.40 5.33
C LEU F 380 13.21 27.45 4.61
N THR F 381 13.51 27.21 3.32
CA THR F 381 14.28 28.18 2.56
C THR F 381 13.49 29.48 2.37
N LEU F 382 12.18 29.37 2.17
CA LEU F 382 11.36 30.57 2.00
C LEU F 382 11.29 31.38 3.29
N ALA F 383 11.34 30.73 4.45
CA ALA F 383 11.26 31.44 5.72
C ALA F 383 12.39 32.45 5.84
N ASP F 384 13.63 32.03 5.59
CA ASP F 384 14.75 32.95 5.67
C ASP F 384 14.73 33.94 4.52
N ALA F 385 14.25 33.53 3.35
CA ALA F 385 14.13 34.45 2.22
C ALA F 385 13.10 35.54 2.50
N LEU F 386 12.01 35.19 3.19
CA LEU F 386 10.99 36.18 3.53
C LEU F 386 11.51 37.17 4.56
N VAL F 387 12.28 36.69 5.54
CA VAL F 387 12.89 37.60 6.52
C VAL F 387 13.84 38.57 5.83
N TYR F 388 14.66 38.06 4.90
CA TYR F 388 15.54 38.92 4.11
C TYR F 388 14.74 39.96 3.34
N ALA F 389 13.63 39.54 2.73
CA ALA F 389 12.83 40.46 1.91
C ALA F 389 12.27 41.60 2.76
N GLU F 390 11.71 41.29 3.93
CA GLU F 390 11.12 42.33 4.76
C GLU F 390 12.16 43.31 5.28
N LYS F 391 13.39 42.83 5.55
CA LYS F 391 14.44 43.73 6.00
C LYS F 391 14.83 44.75 4.95
N LEU F 392 14.48 44.52 3.68
CA LEU F 392 14.71 45.50 2.63
C LEU F 392 13.76 46.69 2.70
N GLY F 393 12.68 46.60 3.48
CA GLY F 393 11.72 47.68 3.58
C GLY F 393 10.96 47.95 2.30
N VAL F 394 10.11 47.01 1.89
CA VAL F 394 9.35 47.12 0.66
C VAL F 394 7.87 47.29 1.00
N ASP F 395 7.08 47.62 -0.02
CA ASP F 395 5.64 47.76 0.17
C ASP F 395 4.93 46.42 0.07
N TYR F 396 5.35 45.56 -0.86
CA TYR F 396 4.74 44.26 -1.08
C TYR F 396 5.81 43.19 -1.14
N ILE F 397 5.53 42.05 -0.51
CA ILE F 397 6.34 40.84 -0.67
C ILE F 397 5.46 39.79 -1.31
N VAL F 398 5.88 39.29 -2.47
CA VAL F 398 5.15 38.23 -3.18
C VAL F 398 6.13 37.10 -3.41
N ASP F 399 5.82 35.92 -2.85
CA ASP F 399 6.59 34.73 -3.10
C ASP F 399 5.81 33.78 -4.00
N ILE F 400 6.54 32.96 -4.75
CA ILE F 400 5.95 32.01 -5.68
C ILE F 400 6.75 30.71 -5.60
N ALA F 401 6.05 29.59 -5.45
CA ALA F 401 6.73 28.35 -5.11
C ALA F 401 5.82 27.16 -5.43
N THR F 402 6.44 26.06 -5.89
CA THR F 402 5.76 24.77 -5.99
C THR F 402 5.81 24.09 -4.61
N LEU F 403 4.99 24.62 -3.70
CA LEU F 403 5.18 24.31 -2.29
C LEU F 403 4.51 23.00 -1.87
N THR F 404 3.22 22.85 -2.17
CA THR F 404 2.46 21.73 -1.63
C THR F 404 1.75 20.97 -2.74
N GLY F 405 1.95 19.65 -2.78
CA GLY F 405 1.26 18.81 -3.73
C GLY F 405 -0.25 18.79 -3.58
N ALA F 406 -0.76 19.22 -2.42
CA ALA F 406 -2.21 19.29 -2.22
C ALA F 406 -2.89 20.22 -3.20
N MET F 407 -2.15 21.13 -3.85
CA MET F 407 -2.74 22.01 -4.85
C MET F 407 -3.40 21.23 -5.97
N LEU F 408 -2.88 20.04 -6.29
CA LEU F 408 -3.50 19.20 -7.31
C LEU F 408 -4.91 18.76 -6.93
N TYR F 409 -5.23 18.74 -5.63
CA TYR F 409 -6.54 18.34 -5.16
C TYR F 409 -7.46 19.52 -4.88
N SER F 410 -6.93 20.74 -4.86
CA SER F 410 -7.74 21.93 -4.59
C SER F 410 -8.10 22.68 -5.87
N LEU F 411 -7.09 23.13 -6.62
CA LEU F 411 -7.32 23.88 -7.85
C LEU F 411 -6.89 23.16 -9.11
N GLY F 412 -6.09 22.10 -9.00
CA GLY F 412 -5.72 21.32 -10.16
C GLY F 412 -4.50 21.83 -10.90
N THR F 413 -4.47 21.60 -12.21
CA THR F 413 -3.31 21.89 -13.03
C THR F 413 -3.42 23.18 -13.82
N SER F 414 -4.53 23.92 -13.69
CA SER F 414 -4.75 25.12 -14.49
C SER F 414 -4.70 26.40 -13.68
N TYR F 415 -5.17 26.39 -12.44
CA TYR F 415 -5.23 27.59 -11.61
C TYR F 415 -4.23 27.47 -10.48
N ALA F 416 -3.41 28.50 -10.29
CA ALA F 416 -2.59 28.59 -9.09
C ALA F 416 -3.40 29.17 -7.94
N GLY F 417 -2.91 28.96 -6.74
CA GLY F 417 -3.53 29.49 -5.54
C GLY F 417 -2.68 30.60 -4.95
N VAL F 418 -3.34 31.65 -4.46
CA VAL F 418 -2.67 32.76 -3.79
C VAL F 418 -3.21 32.86 -2.37
N PHE F 419 -2.29 32.92 -1.40
CA PHE F 419 -2.60 33.17 -0.01
C PHE F 419 -1.90 34.46 0.39
N GLY F 420 -2.38 35.11 1.44
CA GLY F 420 -1.76 36.36 1.84
C GLY F 420 -2.36 36.91 3.11
N ASN F 421 -1.71 37.96 3.62
CA ASN F 421 -2.14 38.65 4.84
C ASN F 421 -2.73 40.02 4.55
N ASN F 422 -2.96 40.36 3.28
CA ASN F 422 -3.38 41.71 2.91
C ASN F 422 -4.31 41.62 1.71
N GLU F 423 -5.56 42.02 1.91
CA GLU F 423 -6.56 41.89 0.86
C GLU F 423 -6.25 42.79 -0.34
N GLU F 424 -5.64 43.95 -0.10
CA GLU F 424 -5.30 44.86 -1.20
CA GLU F 424 -5.31 44.85 -1.21
C GLU F 424 -4.24 44.25 -2.10
N LEU F 425 -3.20 43.66 -1.52
CA LEU F 425 -2.16 43.01 -2.31
C LEU F 425 -2.73 41.80 -3.05
N ILE F 426 -3.57 41.02 -2.37
CA ILE F 426 -4.19 39.85 -3.01
C ILE F 426 -5.01 40.28 -4.21
N ASN F 427 -5.76 41.37 -4.08
CA ASN F 427 -6.61 41.84 -5.18
C ASN F 427 -5.76 42.29 -6.37
N LYS F 428 -4.58 42.85 -6.12
CA LYS F 428 -3.70 43.24 -7.21
C LYS F 428 -3.18 42.02 -7.97
N ILE F 429 -2.89 40.93 -7.25
CA ILE F 429 -2.48 39.70 -7.90
C ILE F 429 -3.60 39.15 -8.78
N LEU F 430 -4.83 39.19 -8.27
CA LEU F 430 -5.97 38.70 -9.05
C LEU F 430 -6.19 39.54 -10.30
N GLN F 431 -6.04 40.85 -10.19
CA GLN F 431 -6.12 41.71 -11.38
C GLN F 431 -4.98 41.41 -12.33
N SER F 432 -3.78 41.15 -11.81
CA SER F 432 -2.66 40.74 -12.64
C SER F 432 -2.93 39.40 -13.31
N SER F 433 -3.66 38.51 -12.62
CA SER F 433 -4.06 37.25 -13.23
C SER F 433 -4.96 37.47 -14.43
N LYS F 434 -5.85 38.46 -14.34
CA LYS F 434 -6.77 38.74 -15.45
C LYS F 434 -6.04 39.27 -16.67
N THR F 435 -5.10 40.20 -16.47
CA THR F 435 -4.45 40.85 -17.61
C THR F 435 -3.32 40.00 -18.18
N SER F 436 -2.68 39.16 -17.35
CA SER F 436 -1.67 38.23 -17.86
C SER F 436 -2.30 36.96 -18.43
N ASN F 437 -3.56 36.69 -18.09
CA ASN F 437 -4.26 35.47 -18.50
C ASN F 437 -3.58 34.21 -17.95
N GLU F 438 -2.90 34.34 -16.82
CA GLU F 438 -2.43 33.19 -16.06
C GLU F 438 -3.35 33.02 -14.87
N PRO F 439 -4.19 31.98 -14.83
CA PRO F 439 -5.28 31.95 -13.84
C PRO F 439 -4.77 31.72 -12.43
N VAL F 440 -5.33 32.49 -11.50
CA VAL F 440 -5.01 32.40 -10.07
C VAL F 440 -6.32 32.51 -9.30
N TRP F 441 -6.44 31.74 -8.22
CA TRP F 441 -7.61 31.79 -7.36
C TRP F 441 -7.19 32.03 -5.93
N TRP F 442 -7.93 32.91 -5.25
CA TRP F 442 -7.62 33.29 -3.88
C TRP F 442 -8.09 32.20 -2.91
N LEU F 443 -7.19 31.76 -2.04
CA LEU F 443 -7.49 30.76 -1.03
C LEU F 443 -7.19 31.32 0.36
N PRO F 444 -7.93 30.88 1.38
CA PRO F 444 -7.82 31.52 2.70
C PRO F 444 -6.70 30.96 3.57
N ILE F 445 -6.18 31.83 4.41
CA ILE F 445 -5.30 31.44 5.51
C ILE F 445 -6.18 31.29 6.75
N ILE F 446 -6.52 30.05 7.09
CA ILE F 446 -7.46 29.77 8.17
C ILE F 446 -6.68 29.71 9.47
N ASN F 447 -6.87 30.72 10.32
CA ASN F 447 -6.09 30.84 11.55
C ASN F 447 -6.37 29.73 12.55
N GLU F 448 -7.54 29.08 12.47
CA GLU F 448 -7.85 28.00 13.39
C GLU F 448 -6.85 26.85 13.30
N TYR F 449 -6.18 26.70 12.18
CA TYR F 449 -5.19 25.63 12.01
C TYR F 449 -3.82 25.99 12.57
N ARG F 450 -3.60 27.24 13.00
CA ARG F 450 -2.27 27.67 13.44
C ARG F 450 -1.77 26.84 14.62
N ALA F 451 -2.67 26.41 15.50
CA ALA F 451 -2.25 25.68 16.69
C ALA F 451 -1.55 24.36 16.36
N THR F 452 -1.77 23.82 15.17
CA THR F 452 -1.11 22.59 14.76
C THR F 452 0.40 22.75 14.60
N LEU F 453 0.91 23.98 14.56
CA LEU F 453 2.34 24.25 14.44
C LEU F 453 2.98 24.57 15.77
N ASN F 454 2.25 24.42 16.88
CA ASN F 454 2.79 24.71 18.21
C ASN F 454 3.71 23.57 18.62
N SER F 455 5.02 23.79 18.52
CA SER F 455 6.00 22.79 18.89
C SER F 455 6.12 22.66 20.41
N LYS F 456 6.38 21.44 20.86
CA LYS F 456 6.58 21.20 22.28
C LYS F 456 7.92 21.73 22.77
N TYR F 457 8.94 21.74 21.91
CA TYR F 457 10.29 22.12 22.29
C TYR F 457 10.80 23.36 21.58
N ALA F 458 10.49 23.54 20.31
CA ALA F 458 10.89 24.73 19.58
C ALA F 458 9.78 25.77 19.64
N ASP F 459 10.04 26.95 19.06
CA ASP F 459 9.01 27.98 18.99
C ASP F 459 7.85 27.53 18.10
N ILE F 460 8.16 26.81 17.02
CA ILE F 460 7.15 26.48 16.02
C ILE F 460 7.55 25.17 15.35
N ASN F 461 6.55 24.40 14.92
CA ASN F 461 6.79 23.21 14.12
C ASN F 461 7.00 23.58 12.66
N GLN F 462 7.89 22.84 12.00
CA GLN F 462 8.02 22.98 10.55
C GLN F 462 6.76 22.51 9.83
N ILE F 463 6.20 21.38 10.27
CA ILE F 463 5.05 20.78 9.61
C ILE F 463 3.97 20.45 10.64
N SER F 464 2.76 20.24 10.14
CA SER F 464 1.69 19.66 10.93
C SER F 464 1.76 18.14 10.85
N SER F 465 1.50 17.49 11.98
CA SER F 465 1.54 16.03 12.02
C SER F 465 0.23 15.39 11.57
N SER F 466 -0.85 16.16 11.44
CA SER F 466 -2.16 15.57 11.17
C SER F 466 -3.02 16.34 10.17
N VAL F 467 -2.93 17.67 10.12
CA VAL F 467 -3.84 18.44 9.27
C VAL F 467 -3.47 18.22 7.81
N LYS F 468 -4.44 17.80 7.01
CA LYS F 468 -4.20 17.48 5.60
C LYS F 468 -4.23 18.71 4.70
N ALA F 469 -4.76 19.83 5.18
CA ALA F 469 -4.79 21.07 4.39
C ALA F 469 -3.39 21.69 4.39
N SER F 470 -2.47 21.01 3.71
CA SER F 470 -1.05 21.35 3.78
C SER F 470 -0.77 22.71 3.15
N SER F 471 -1.49 23.08 2.09
CA SER F 471 -1.26 24.37 1.47
C SER F 471 -1.56 25.52 2.42
N ILE F 472 -2.57 25.35 3.27
CA ILE F 472 -2.91 26.38 4.24
C ILE F 472 -1.93 26.37 5.42
N VAL F 473 -1.56 25.17 5.89
CA VAL F 473 -0.60 25.08 6.99
C VAL F 473 0.74 25.67 6.59
N ALA F 474 1.20 25.37 5.38
CA ALA F 474 2.44 25.96 4.90
C ALA F 474 2.36 27.48 4.84
N SER F 475 1.21 28.01 4.42
CA SER F 475 1.02 29.46 4.41
C SER F 475 1.07 30.03 5.81
N LEU F 476 0.49 29.32 6.78
CA LEU F 476 0.56 29.76 8.17
C LEU F 476 2.00 29.78 8.67
N PHE F 477 2.79 28.79 8.25
CA PHE F 477 4.20 28.76 8.62
C PHE F 477 4.94 29.95 8.02
N LEU F 478 4.76 30.20 6.73
CA LEU F 478 5.44 31.32 6.08
C LEU F 478 5.02 32.65 6.68
N LYS F 479 3.74 32.77 7.06
CA LYS F 479 3.23 34.03 7.62
C LYS F 479 3.99 34.42 8.89
N GLU F 480 4.54 33.43 9.61
CA GLU F 480 5.31 33.70 10.82
C GLU F 480 6.63 34.40 10.54
N PHE F 481 6.99 34.63 9.28
CA PHE F 481 8.26 35.25 8.92
C PHE F 481 8.06 36.55 8.16
N VAL F 482 6.85 37.11 8.21
CA VAL F 482 6.56 38.45 7.71
C VAL F 482 5.85 39.18 8.86
N GLN F 483 6.53 40.17 9.44
CA GLN F 483 6.02 40.80 10.66
C GLN F 483 4.94 41.84 10.36
N ASN F 484 5.25 42.80 9.49
CA ASN F 484 4.38 43.97 9.34
C ASN F 484 4.44 44.51 7.92
N THR F 485 4.43 43.62 6.94
CA THR F 485 4.47 44.01 5.53
C THR F 485 3.42 43.21 4.77
N ALA F 486 2.74 43.88 3.84
CA ALA F 486 1.79 43.19 2.97
C ALA F 486 2.50 42.09 2.20
N TRP F 487 1.98 40.86 2.31
CA TRP F 487 2.65 39.70 1.76
C TRP F 487 1.63 38.76 1.14
N ALA F 488 1.99 38.19 -0.01
CA ALA F 488 1.16 37.20 -0.69
C ALA F 488 2.02 36.03 -1.11
N HIS F 489 1.40 34.86 -1.21
CA HIS F 489 2.11 33.60 -1.45
C HIS F 489 1.38 32.83 -2.54
N ILE F 490 2.07 32.56 -3.65
CA ILE F 490 1.48 31.92 -4.81
C ILE F 490 2.01 30.49 -4.88
N ASP F 491 1.13 29.52 -4.61
CA ASP F 491 1.50 28.11 -4.67
C ASP F 491 1.22 27.59 -6.08
N ILE F 492 2.30 27.33 -6.83
CA ILE F 492 2.19 26.91 -8.23
C ILE F 492 2.52 25.43 -8.40
N ALA F 493 2.41 24.64 -7.32
CA ALA F 493 2.80 23.23 -7.39
C ALA F 493 2.00 22.46 -8.44
N GLY F 494 0.74 22.85 -8.67
CA GLY F 494 -0.09 22.13 -9.60
C GLY F 494 0.02 22.57 -11.04
N VAL F 495 0.47 23.81 -11.27
CA VAL F 495 0.41 24.43 -12.59
C VAL F 495 1.77 24.59 -13.23
N SER F 496 2.86 24.21 -12.54
CA SER F 496 4.20 24.54 -13.04
C SER F 496 4.57 23.76 -14.29
N TRP F 497 4.13 22.50 -14.39
CA TRP F 497 4.60 21.59 -15.42
C TRP F 497 3.45 21.14 -16.32
N ASN F 498 3.70 21.15 -17.64
CA ASN F 498 2.74 20.64 -18.61
C ASN F 498 2.99 19.15 -18.78
N PHE F 499 2.20 18.34 -18.09
CA PHE F 499 2.44 16.89 -18.08
C PHE F 499 2.11 16.25 -19.43
N LYS F 500 1.12 16.80 -20.14
CA LYS F 500 0.78 16.24 -21.44
C LYS F 500 1.88 16.49 -22.46
N ALA F 501 2.46 17.69 -22.45
CA ALA F 501 3.53 18.04 -23.39
C ALA F 501 4.91 17.70 -22.86
N ARG F 502 5.02 17.31 -21.59
CA ARG F 502 6.29 16.91 -20.98
C ARG F 502 7.31 18.05 -21.01
N LYS F 503 6.86 19.25 -20.65
CA LYS F 503 7.71 20.43 -20.67
C LYS F 503 7.17 21.43 -19.66
N PRO F 504 7.99 22.40 -19.24
CA PRO F 504 7.50 23.41 -18.30
C PRO F 504 6.52 24.36 -18.98
N LYS F 505 5.74 25.05 -18.15
CA LYS F 505 4.87 26.11 -18.63
C LYS F 505 5.50 27.50 -18.51
N GLY F 506 6.54 27.64 -17.68
CA GLY F 506 7.02 28.97 -17.35
C GLY F 506 6.01 29.80 -16.59
N PHE F 507 5.16 29.15 -15.78
CA PHE F 507 4.06 29.82 -15.11
C PHE F 507 4.58 30.87 -14.14
N GLY F 508 3.99 32.06 -14.19
CA GLY F 508 4.25 33.12 -13.23
C GLY F 508 5.01 34.31 -13.79
N VAL F 509 5.76 34.12 -14.88
CA VAL F 509 6.55 35.22 -15.43
C VAL F 509 5.64 36.38 -15.83
N ARG F 510 4.63 36.10 -16.65
CA ARG F 510 3.74 37.16 -17.12
C ARG F 510 2.84 37.66 -16.00
N LEU F 511 2.40 36.76 -15.11
CA LEU F 511 1.61 37.17 -13.95
C LEU F 511 2.38 38.18 -13.10
N LEU F 512 3.62 37.86 -12.74
CA LEU F 512 4.40 38.76 -11.90
C LEU F 512 4.79 40.03 -12.63
N THR F 513 5.04 39.94 -13.94
CA THR F 513 5.40 41.14 -14.70
C THR F 513 4.20 42.08 -14.81
N GLU F 514 3.01 41.53 -15.07
CA GLU F 514 1.80 42.34 -15.07
C GLU F 514 1.57 42.98 -13.70
N PHE F 515 1.89 42.25 -12.62
CA PHE F 515 1.77 42.82 -11.29
C PHE F 515 2.68 44.03 -11.12
N VAL F 516 3.92 43.92 -11.59
CA VAL F 516 4.86 45.04 -11.49
C VAL F 516 4.41 46.20 -12.36
N LEU F 517 3.95 45.90 -13.59
CA LEU F 517 3.59 46.96 -14.52
C LEU F 517 2.22 47.58 -14.26
N ASN F 518 1.34 46.88 -13.54
CA ASN F 518 0.00 47.43 -13.32
C ASN F 518 -0.03 48.40 -12.16
N ASP F 519 0.99 48.39 -11.29
CA ASP F 519 1.13 49.38 -10.23
C ASP F 519 1.73 50.67 -10.79
N ALA F 520 1.05 51.21 -11.79
CA ALA F 520 1.53 52.39 -12.50
C ALA F 520 0.37 53.33 -12.83
ZN ZN G . -18.59 7.19 -1.75
C CO3 H . -19.09 11.23 -5.19
O1 CO3 H . -19.83 11.58 -6.19
O2 CO3 H . -19.60 10.50 -4.23
O3 CO3 H . -17.84 11.58 -5.13
C ACT I . -13.44 12.81 -10.04
O ACT I . -14.07 12.60 -11.10
OXT ACT I . -13.87 13.23 -8.92
CH3 ACT I . -11.90 12.51 -10.07
CA CA J . -23.86 14.32 2.69
C1 EDO K . -27.82 31.04 -14.63
O1 EDO K . -28.96 31.86 -14.36
C2 EDO K . -27.84 30.56 -16.07
O2 EDO K . -26.77 29.64 -16.29
ZN ZN L . -18.51 8.56 1.76
ZN ZN M . -10.67 -12.07 -11.88
C CO3 N . -7.96 -16.24 -13.60
O1 CO3 N . -9.04 -15.52 -13.74
O2 CO3 N . -8.04 -17.53 -13.57
O3 CO3 N . -6.80 -15.66 -13.50
C ACT O . -1.48 -18.18 -10.16
O ACT O . -2.02 -17.50 -11.08
OXT ACT O . -1.78 -19.33 -9.74
CH3 ACT O . -0.25 -17.50 -9.47
P PO4 P . -27.68 -10.73 -1.58
O1 PO4 P . -29.09 -11.27 -1.66
O2 PO4 P . -27.70 -9.42 -0.84
O3 PO4 P . -26.80 -11.71 -0.84
O4 PO4 P . -27.14 -10.50 -2.97
CA CA Q . -11.99 -12.94 -21.73
CA CA R . -28.11 0.68 -40.03
ZN ZN S . -10.63 -9.45 -14.73
ZN ZN T . -12.28 -11.02 11.19
C CO3 U . -12.10 -9.89 16.33
O1 CO3 U . -12.87 -9.53 17.32
O2 CO3 U . -12.52 -10.74 15.46
O3 CO3 U . -10.91 -9.38 16.23
C ACT V . -8.75 -3.43 18.77
O ACT V . -9.75 -2.81 19.24
OXT ACT V . -8.56 -4.68 18.71
CH3 ACT V . -7.63 -2.52 18.18
CA CA W . -11.48 -19.60 16.22
CA CA X . -17.03 -1.27 33.06
CA CA Y . -7.39 -31.17 45.41
CA CA Z . 19.95 -42.61 27.15
C1 EDO AA . -16.37 -35.95 -2.91
O1 EDO AA . -14.97 -35.63 -2.92
C2 EDO AA . -16.80 -36.22 -1.47
O2 EDO AA . -16.60 -35.05 -0.68
C1 EDO BA . -9.85 -24.63 5.15
O1 EDO BA . -10.13 -23.28 4.76
C2 EDO BA . -9.56 -25.46 3.91
O2 EDO BA . -8.90 -26.68 4.28
C1 EDO CA . -9.10 -33.16 46.78
O1 EDO CA . -9.94 -32.93 47.91
C2 EDO CA . -7.76 -33.70 47.24
O2 EDO CA . -7.96 -35.01 47.79
C ACT DA . 4.48 -14.53 33.73
O ACT DA . 4.18 -15.73 33.96
OXT ACT DA . 4.90 -13.66 34.54
CH3 ACT DA . 4.29 -14.03 32.27
ZN ZN EA . -10.23 -14.20 10.60
ZN ZN FA . 16.36 0.91 13.13
C CO3 GA . 16.89 -3.74 15.69
O1 CO3 GA . 15.67 -4.14 15.48
O2 CO3 GA . 17.17 -2.47 15.65
O3 CO3 GA . 17.83 -4.60 15.94
C ACT HA . 13.45 -10.14 13.27
O ACT HA . 13.42 -9.13 14.02
OXT ACT HA . 14.44 -10.77 12.82
CH3 ACT HA . 12.06 -10.70 12.81
CA CA IA . 17.01 2.88 22.87
C1 EDO JA . 15.30 -6.83 43.50
O1 EDO JA . 14.64 -5.58 43.27
C2 EDO JA . 16.81 -6.63 43.42
O2 EDO JA . 17.48 -7.79 43.89
C ACT KA . 23.30 -18.64 33.34
O ACT KA . 22.06 -18.44 33.41
OXT ACT KA . 24.00 -18.94 32.32
CH3 ACT KA . 24.07 -18.51 34.69
ZN ZN LA . 14.31 3.20 15.40
ZN ZN MA . 18.47 -1.34 -9.78
C CO3 NA . 17.81 -1.63 -15.10
O1 CO3 NA . 16.58 -2.02 -14.95
O2 CO3 NA . 18.63 -1.66 -14.10
O3 CO3 NA . 18.21 -1.20 -16.25
C ACT OA . 11.30 0.32 -18.46
O ACT OA . 11.87 1.33 -18.97
OXT ACT OA . 11.81 -0.75 -18.03
CH3 ACT OA . 9.75 0.41 -18.32
CA CA PA . 23.69 -9.18 -13.13
CA CA QA . 31.78 -59.37 -2.16
CA CA RA . 32.74 -35.79 -28.10
C1 GOL SA . 25.81 -12.78 1.23
O1 GOL SA . 25.68 -13.87 0.36
C2 GOL SA . 25.07 -11.58 0.57
O2 GOL SA . 25.89 -10.90 -0.33
C3 GOL SA . 23.84 -12.19 -0.11
O3 GOL SA . 23.26 -11.17 -0.87
ZN ZN TA . 18.82 -5.00 -8.55
ZN ZN UA . 10.29 18.30 -0.94
C CO3 VA . 7.50 22.23 1.72
O1 CO3 VA . 6.37 21.60 1.60
O2 CO3 VA . 8.54 21.86 1.02
O3 CO3 VA . 7.60 23.24 2.52
P PO4 WA . 28.82 11.36 1.57
O1 PO4 WA . 28.13 12.28 0.60
O2 PO4 WA . 28.64 9.92 1.15
O3 PO4 WA . 28.25 11.56 2.96
O4 PO4 WA . 30.30 11.67 1.59
CA CA XA . 9.50 26.21 -7.01
C1 EDO YA . -0.32 44.18 6.70
O1 EDO YA . -1.59 43.57 6.47
C2 EDO YA . 0.02 44.07 8.19
O2 EDO YA . 0.24 42.71 8.55
C ACT ZA . 1.93 20.58 6.50
O ACT ZA . 2.16 21.12 5.38
OXT ACT ZA . 2.62 20.65 7.56
CH3 ACT ZA . 0.65 19.70 6.60
ZN ZN AB . 9.26 18.68 -4.64
#